data_1K0U
#
_entry.id   1K0U
#
_cell.length_a   89.87
_cell.length_b   177.37
_cell.length_c   112.16
_cell.angle_alpha   90
_cell.angle_beta   107.6
_cell.angle_gamma   90
#
_symmetry.space_group_name_H-M   'P 1 21 1'
#
loop_
_entity.id
_entity.type
_entity.pdbx_description
1 polymer 'S-ADENOSYL-L-HOMOCYSTEINE HYDROLASE'
2 non-polymer NICOTINAMIDE-ADENINE-DINUCLEOTIDE
3 non-polymer D-ERITADENINE
4 water water
#
_entity_poly.entity_id   1
_entity_poly.type   'polypeptide(L)'
_entity_poly.pdbx_seq_one_letter_code
;ADKLPYKVADIGLAAWGRKALDIAENEMPGLMRMREMYSASKPLKGARIAGCLHMTVETAVLIETLVALGAEVRWSSCNI
FSTQDHAAAAIAKAGIPVFAWKGETDEEYLWCIEQTLHFKDGPLNMILDDGGDLTNLIHTKHPQLLSGIRGISEETTTGV
HNLYKMMANGILKVPAINVNDSVTKSKFDNLYGCRESLIDGIKRATDVMIAGKVAVVAGYGDVGKGCAQALRGFGARVII
TEIDPINALQAAMEGYEVTTMDEACKEGNIFVTTTGCVDIILGRHFEQMKDDAIVCNIGHFDVEIDVKWLNENAVEKVNI
KPQVDRYLLKNGHRIILLAEGRLVNLGCAMGHPSFVMSNSFTNQVMAQIELWTHPDKYPVGVHFLPKKLDEAVAEAHLGK
LNVKLTKLTEKQAQYLGMPINGPFKPDHYRY
;
_entity_poly.pdbx_strand_id   A,B,C,D,E,F,G,H
#
# COMPACT_ATOMS: atom_id res chain seq x y z
N ASP A 2 -22.68 -25.95 -16.99
CA ASP A 2 -23.21 -25.85 -18.39
C ASP A 2 -22.60 -26.89 -19.34
N LYS A 3 -22.41 -26.49 -20.60
CA LYS A 3 -21.83 -27.34 -21.63
C LYS A 3 -20.31 -27.15 -21.60
N LEU A 4 -19.66 -27.27 -22.76
CA LEU A 4 -18.21 -27.10 -22.86
C LEU A 4 -17.64 -26.13 -21.83
N PRO A 5 -16.42 -26.39 -21.35
CA PRO A 5 -15.78 -25.52 -20.34
C PRO A 5 -15.72 -24.08 -20.78
N TYR A 6 -15.59 -23.88 -22.09
CA TYR A 6 -15.50 -22.55 -22.66
C TYR A 6 -15.45 -22.76 -24.17
N LYS A 7 -15.20 -21.68 -24.89
CA LYS A 7 -15.07 -21.77 -26.34
C LYS A 7 -14.50 -20.45 -26.83
N VAL A 8 -13.40 -20.54 -27.58
CA VAL A 8 -12.75 -19.34 -28.11
C VAL A 8 -12.20 -19.59 -29.51
N ALA A 9 -11.59 -18.55 -30.08
CA ALA A 9 -11.01 -18.64 -31.42
C ALA A 9 -9.81 -19.57 -31.46
N ASP A 10 -8.86 -19.36 -30.56
CA ASP A 10 -7.66 -20.18 -30.50
C ASP A 10 -7.04 -20.15 -29.09
N ILE A 11 -6.97 -21.30 -28.43
CA ILE A 11 -6.37 -21.38 -27.10
C ILE A 11 -4.85 -21.26 -27.20
N GLY A 12 -4.31 -21.49 -28.39
CA GLY A 12 -2.87 -21.38 -28.57
C GLY A 12 -2.42 -19.94 -28.54
N LEU A 13 -3.38 -19.05 -28.33
CA LEU A 13 -3.13 -17.62 -28.28
C LEU A 13 -2.96 -17.16 -26.83
N ALA A 14 -3.26 -18.05 -25.90
CA ALA A 14 -3.17 -17.74 -24.48
C ALA A 14 -1.77 -17.29 -24.06
N ALA A 15 -0.75 -18.07 -24.42
CA ALA A 15 0.63 -17.75 -24.07
C ALA A 15 0.93 -16.29 -24.37
N TRP A 16 0.40 -15.80 -25.49
CA TRP A 16 0.61 -14.41 -25.88
C TRP A 16 -0.26 -13.51 -25.02
N GLY A 17 -1.53 -13.86 -24.92
CA GLY A 17 -2.46 -13.09 -24.13
C GLY A 17 -1.99 -12.83 -22.69
N ARG A 18 -1.32 -13.82 -22.11
CA ARG A 18 -0.82 -13.67 -20.75
C ARG A 18 0.24 -12.58 -20.70
N LYS A 19 0.99 -12.43 -21.79
CA LYS A 19 2.00 -11.39 -21.83
C LYS A 19 1.28 -10.05 -21.87
N ALA A 20 0.23 -9.97 -22.70
CA ALA A 20 -0.55 -8.75 -22.80
C ALA A 20 -1.13 -8.43 -21.44
N LEU A 21 -1.65 -9.46 -20.78
CA LEU A 21 -2.26 -9.32 -19.46
C LEU A 21 -1.21 -8.85 -18.47
N ASP A 22 -0.02 -9.42 -18.58
CA ASP A 22 1.09 -9.07 -17.71
C ASP A 22 1.41 -7.58 -17.83
N ILE A 23 1.53 -7.11 -19.05
CA ILE A 23 1.82 -5.70 -19.28
C ILE A 23 0.62 -4.83 -18.88
N ALA A 24 -0.58 -5.32 -19.17
CA ALA A 24 -1.81 -4.60 -18.86
C ALA A 24 -1.98 -4.39 -17.35
N GLU A 25 -1.68 -5.42 -16.57
CA GLU A 25 -1.84 -5.36 -15.13
C GLU A 25 -1.04 -4.23 -14.52
N ASN A 26 0.19 -4.07 -14.98
CA ASN A 26 1.05 -3.03 -14.45
C ASN A 26 0.56 -1.63 -14.84
N GLU A 27 -0.44 -1.55 -15.73
CA GLU A 27 -0.97 -0.25 -16.13
C GLU A 27 -2.34 0.05 -15.55
N MET A 28 -2.86 -0.86 -14.74
CA MET A 28 -4.17 -0.69 -14.13
C MET A 28 -4.04 -0.72 -12.60
N PRO A 29 -3.54 0.37 -12.01
CA PRO A 29 -3.35 0.49 -10.56
C PRO A 29 -4.62 0.28 -9.76
N GLY A 30 -5.76 0.60 -10.35
CA GLY A 30 -7.01 0.43 -9.64
C GLY A 30 -7.32 -1.03 -9.34
N LEU A 31 -7.37 -1.84 -10.38
CA LEU A 31 -7.66 -3.27 -10.23
C LEU A 31 -6.63 -3.97 -9.36
N MET A 32 -5.35 -3.68 -9.59
CA MET A 32 -4.30 -4.30 -8.81
C MET A 32 -4.41 -3.85 -7.36
N ARG A 33 -4.94 -2.66 -7.16
CA ARG A 33 -5.11 -2.12 -5.81
C ARG A 33 -6.21 -2.89 -5.09
N MET A 34 -7.31 -3.15 -5.80
CA MET A 34 -8.43 -3.90 -5.25
C MET A 34 -7.97 -5.31 -4.91
N ARG A 35 -6.96 -5.79 -5.63
CA ARG A 35 -6.42 -7.11 -5.42
C ARG A 35 -5.65 -7.25 -4.11
N GLU A 36 -4.73 -6.32 -3.87
CA GLU A 36 -3.93 -6.36 -2.65
C GLU A 36 -4.77 -6.32 -1.37
N MET A 37 -5.76 -5.42 -1.34
CA MET A 37 -6.58 -5.29 -0.14
C MET A 37 -7.72 -6.28 -0.01
N TYR A 38 -8.06 -6.96 -1.09
CA TYR A 38 -9.17 -7.89 -1.03
C TYR A 38 -8.87 -9.35 -1.41
N SER A 39 -7.65 -9.60 -1.89
CA SER A 39 -7.26 -10.94 -2.27
C SER A 39 -7.52 -11.90 -1.10
N ALA A 40 -7.08 -11.51 0.08
CA ALA A 40 -7.27 -12.31 1.29
C ALA A 40 -8.71 -12.26 1.78
N SER A 41 -9.21 -11.05 2.00
CA SER A 41 -10.58 -10.87 2.47
C SER A 41 -11.56 -11.69 1.62
N LYS A 42 -11.42 -11.60 0.30
CA LYS A 42 -12.31 -12.32 -0.62
C LYS A 42 -13.78 -11.95 -0.39
N PRO A 43 -14.09 -10.64 -0.43
CA PRO A 43 -15.46 -10.19 -0.21
C PRO A 43 -16.49 -10.78 -1.18
N LEU A 44 -16.01 -11.17 -2.36
CA LEU A 44 -16.86 -11.72 -3.40
C LEU A 44 -17.05 -13.21 -3.27
N LYS A 45 -16.47 -13.80 -2.23
CA LYS A 45 -16.61 -15.24 -2.01
C LYS A 45 -18.09 -15.63 -2.00
N GLY A 46 -18.41 -16.72 -2.68
CA GLY A 46 -19.79 -17.17 -2.74
C GLY A 46 -20.58 -16.56 -3.88
N ALA A 47 -20.02 -15.53 -4.51
CA ALA A 47 -20.70 -14.87 -5.62
C ALA A 47 -20.46 -15.58 -6.93
N ARG A 48 -21.49 -15.59 -7.77
CA ARG A 48 -21.40 -16.21 -9.10
C ARG A 48 -21.75 -15.13 -10.13
N ILE A 49 -20.73 -14.38 -10.54
CA ILE A 49 -20.90 -13.30 -11.50
C ILE A 49 -20.95 -13.79 -12.94
N ALA A 50 -21.96 -13.32 -13.66
CA ALA A 50 -22.14 -13.66 -15.07
C ALA A 50 -21.96 -12.35 -15.81
N GLY A 51 -20.82 -12.16 -16.45
CA GLY A 51 -20.56 -10.93 -17.16
C GLY A 51 -20.78 -10.91 -18.66
N CYS A 52 -21.10 -9.73 -19.15
CA CYS A 52 -21.32 -9.49 -20.57
C CYS A 52 -20.61 -8.16 -20.89
N LEU A 53 -19.30 -8.23 -21.05
CA LEU A 53 -18.48 -7.06 -21.34
C LEU A 53 -17.47 -7.49 -22.40
N HIS A 54 -17.13 -6.58 -23.31
CA HIS A 54 -16.19 -6.91 -24.38
C HIS A 54 -15.04 -7.71 -23.79
N MET A 55 -14.69 -8.82 -24.43
CA MET A 55 -13.62 -9.68 -23.92
C MET A 55 -12.27 -9.22 -24.43
N THR A 56 -11.70 -8.23 -23.75
CA THR A 56 -10.41 -7.69 -24.11
C THR A 56 -9.39 -8.00 -23.02
N VAL A 57 -8.15 -7.60 -23.23
CA VAL A 57 -7.09 -7.84 -22.26
C VAL A 57 -7.40 -7.10 -20.96
N GLU A 58 -7.94 -5.89 -21.05
CA GLU A 58 -8.25 -5.12 -19.86
C GLU A 58 -9.35 -5.83 -19.08
N THR A 59 -10.36 -6.28 -19.80
CA THR A 59 -11.47 -6.99 -19.16
C THR A 59 -10.93 -8.25 -18.51
N ALA A 60 -9.86 -8.79 -19.08
CA ALA A 60 -9.25 -10.01 -18.56
C ALA A 60 -8.73 -9.76 -17.16
N VAL A 61 -8.19 -8.58 -16.94
CA VAL A 61 -7.65 -8.22 -15.63
C VAL A 61 -8.81 -8.04 -14.66
N LEU A 62 -9.95 -7.58 -15.18
CA LEU A 62 -11.12 -7.39 -14.32
C LEU A 62 -11.60 -8.75 -13.85
N ILE A 63 -11.73 -9.69 -14.79
CA ILE A 63 -12.17 -11.04 -14.47
C ILE A 63 -11.24 -11.72 -13.48
N GLU A 64 -9.94 -11.61 -13.71
CA GLU A 64 -8.95 -12.21 -12.82
C GLU A 64 -8.96 -11.53 -11.46
N THR A 65 -9.43 -10.29 -11.41
CA THR A 65 -9.50 -9.55 -10.15
C THR A 65 -10.72 -10.05 -9.37
N LEU A 66 -11.85 -10.13 -10.06
CA LEU A 66 -13.08 -10.61 -9.45
C LEU A 66 -12.85 -11.99 -8.84
N VAL A 67 -12.15 -12.84 -9.58
CA VAL A 67 -11.86 -14.18 -9.10
C VAL A 67 -10.94 -14.10 -7.87
N ALA A 68 -9.95 -13.20 -7.92
CA ALA A 68 -9.02 -13.03 -6.82
C ALA A 68 -9.79 -12.68 -5.54
N LEU A 69 -10.93 -12.02 -5.73
CA LEU A 69 -11.79 -11.61 -4.61
C LEU A 69 -12.69 -12.76 -4.20
N GLY A 70 -12.40 -13.94 -4.71
CA GLY A 70 -13.19 -15.12 -4.38
C GLY A 70 -14.47 -15.33 -5.17
N ALA A 71 -14.72 -14.51 -6.18
CA ALA A 71 -15.93 -14.66 -6.98
C ALA A 71 -15.81 -15.85 -7.94
N GLU A 72 -16.94 -16.26 -8.52
CA GLU A 72 -17.00 -17.35 -9.49
C GLU A 72 -17.46 -16.68 -10.77
N VAL A 73 -16.63 -16.71 -11.82
CA VAL A 73 -17.00 -16.03 -13.06
C VAL A 73 -17.15 -16.85 -14.33
N ARG A 74 -18.14 -16.46 -15.14
CA ARG A 74 -18.43 -17.09 -16.43
C ARG A 74 -18.66 -15.89 -17.33
N TRP A 75 -17.73 -15.66 -18.27
CA TRP A 75 -17.80 -14.48 -19.12
C TRP A 75 -18.23 -14.68 -20.55
N SER A 76 -18.47 -13.55 -21.22
CA SER A 76 -18.88 -13.51 -22.63
C SER A 76 -18.72 -12.05 -23.07
N SER A 77 -18.44 -11.83 -24.36
CA SER A 77 -18.27 -10.48 -24.85
C SER A 77 -19.63 -9.87 -25.20
N CYS A 78 -19.77 -8.56 -25.03
CA CYS A 78 -21.02 -7.89 -25.33
C CYS A 78 -21.03 -7.27 -26.72
N ASN A 79 -20.17 -7.80 -27.60
CA ASN A 79 -20.08 -7.35 -28.99
C ASN A 79 -19.49 -8.48 -29.83
N ILE A 80 -20.07 -8.71 -31.01
CA ILE A 80 -19.61 -9.78 -31.89
C ILE A 80 -18.23 -9.55 -32.49
N PHE A 81 -17.68 -8.34 -32.34
CA PHE A 81 -16.36 -8.02 -32.89
C PHE A 81 -15.38 -7.49 -31.85
N SER A 82 -15.91 -7.08 -30.69
CA SER A 82 -15.09 -6.51 -29.61
C SER A 82 -14.17 -7.48 -28.88
N THR A 83 -14.34 -8.77 -29.11
CA THR A 83 -13.51 -9.77 -28.46
C THR A 83 -12.06 -9.75 -28.94
N GLN A 84 -11.15 -9.97 -28.00
CA GLN A 84 -9.72 -10.05 -28.28
C GLN A 84 -9.39 -11.53 -28.06
N ASP A 85 -9.12 -12.25 -29.14
CA ASP A 85 -8.86 -13.69 -29.08
C ASP A 85 -7.67 -14.19 -28.25
N HIS A 86 -6.62 -13.37 -28.11
CA HIS A 86 -5.48 -13.81 -27.31
C HIS A 86 -5.80 -13.59 -25.83
N ALA A 87 -6.56 -12.55 -25.54
CA ALA A 87 -6.96 -12.23 -24.17
C ALA A 87 -7.92 -13.29 -23.66
N ALA A 88 -8.93 -13.61 -24.46
CA ALA A 88 -9.92 -14.63 -24.12
C ALA A 88 -9.25 -15.99 -23.96
N ALA A 89 -8.23 -16.24 -24.78
CA ALA A 89 -7.51 -17.51 -24.72
C ALA A 89 -6.77 -17.67 -23.40
N ALA A 90 -6.16 -16.58 -22.91
CA ALA A 90 -5.43 -16.62 -21.64
C ALA A 90 -6.39 -16.88 -20.48
N ILE A 91 -7.60 -16.33 -20.59
CA ILE A 91 -8.61 -16.49 -19.55
C ILE A 91 -9.15 -17.91 -19.51
N ALA A 92 -9.49 -18.46 -20.67
CA ALA A 92 -10.01 -19.83 -20.74
C ALA A 92 -8.92 -20.80 -20.27
N LYS A 93 -7.73 -20.63 -20.81
CA LYS A 93 -6.59 -21.48 -20.44
C LYS A 93 -6.39 -21.39 -18.93
N ALA A 94 -6.81 -20.27 -18.35
CA ALA A 94 -6.68 -20.04 -16.92
C ALA A 94 -7.77 -20.79 -16.14
N GLY A 95 -8.73 -21.36 -16.85
CA GLY A 95 -9.79 -22.09 -16.17
C GLY A 95 -11.10 -21.34 -16.02
N ILE A 96 -11.11 -20.07 -16.41
CA ILE A 96 -12.31 -19.27 -16.32
C ILE A 96 -13.18 -19.55 -17.54
N PRO A 97 -14.42 -20.01 -17.32
CA PRO A 97 -15.32 -20.30 -18.45
C PRO A 97 -15.67 -19.04 -19.24
N VAL A 98 -14.96 -18.85 -20.33
CA VAL A 98 -15.20 -17.69 -21.19
C VAL A 98 -15.69 -18.18 -22.54
N PHE A 99 -16.77 -17.59 -23.02
CA PHE A 99 -17.32 -17.97 -24.31
C PHE A 99 -17.42 -16.72 -25.15
N ALA A 100 -16.32 -16.36 -25.78
CA ALA A 100 -16.24 -15.18 -26.63
C ALA A 100 -15.09 -15.30 -27.62
N TRP A 101 -15.34 -14.84 -28.83
CA TRP A 101 -14.35 -14.89 -29.89
C TRP A 101 -14.67 -13.79 -30.89
N LYS A 102 -13.64 -13.17 -31.45
CA LYS A 102 -13.84 -12.09 -32.41
C LYS A 102 -14.59 -12.57 -33.65
N GLY A 103 -15.66 -11.87 -33.99
CA GLY A 103 -16.44 -12.24 -35.17
C GLY A 103 -17.49 -13.32 -35.00
N GLU A 104 -18.36 -13.19 -33.99
CA GLU A 104 -19.41 -14.17 -33.76
C GLU A 104 -20.61 -13.82 -34.62
N THR A 105 -21.63 -14.65 -34.59
CA THR A 105 -22.85 -14.37 -35.34
C THR A 105 -23.92 -14.02 -34.31
N ASP A 106 -24.97 -13.33 -34.75
CA ASP A 106 -26.03 -12.97 -33.82
C ASP A 106 -26.44 -14.19 -33.01
N GLU A 107 -26.49 -15.34 -33.69
CA GLU A 107 -26.86 -16.60 -33.04
C GLU A 107 -25.81 -17.05 -32.05
N GLU A 108 -24.55 -17.09 -32.48
CA GLU A 108 -23.47 -17.50 -31.60
C GLU A 108 -23.32 -16.55 -30.43
N TYR A 109 -23.60 -15.27 -30.68
CA TYR A 109 -23.50 -14.25 -29.65
C TYR A 109 -24.45 -14.54 -28.50
N LEU A 110 -25.70 -14.86 -28.80
CA LEU A 110 -26.68 -15.15 -27.77
C LEU A 110 -26.34 -16.45 -27.03
N TRP A 111 -25.89 -17.46 -27.78
CA TRP A 111 -25.52 -18.73 -27.17
C TRP A 111 -24.46 -18.46 -26.11
N CYS A 112 -23.46 -17.68 -26.48
CA CYS A 112 -22.39 -17.32 -25.57
C CYS A 112 -22.94 -16.70 -24.29
N ILE A 113 -23.93 -15.82 -24.42
CA ILE A 113 -24.52 -15.17 -23.24
C ILE A 113 -25.26 -16.16 -22.35
N GLU A 114 -26.06 -17.02 -22.96
CA GLU A 114 -26.81 -18.01 -22.20
C GLU A 114 -25.85 -18.97 -21.51
N GLN A 115 -24.69 -19.15 -22.11
CA GLN A 115 -23.67 -20.04 -21.56
C GLN A 115 -23.19 -19.62 -20.18
N THR A 116 -23.38 -18.35 -19.85
CA THR A 116 -22.90 -17.83 -18.56
C THR A 116 -23.93 -17.80 -17.43
N LEU A 117 -25.16 -18.22 -17.71
CA LEU A 117 -26.21 -18.19 -16.71
C LEU A 117 -26.11 -19.24 -15.61
N HIS A 118 -25.65 -20.45 -15.95
CA HIS A 118 -25.56 -21.52 -14.96
C HIS A 118 -24.18 -21.98 -14.50
N PHE A 119 -23.99 -21.95 -13.19
CA PHE A 119 -22.73 -22.35 -12.58
C PHE A 119 -22.75 -23.74 -11.96
N LYS A 120 -21.58 -24.17 -11.50
CA LYS A 120 -21.43 -25.49 -10.88
C LYS A 120 -22.41 -25.64 -9.72
N ASP A 121 -22.27 -24.78 -8.72
CA ASP A 121 -23.10 -24.83 -7.54
C ASP A 121 -24.42 -24.06 -7.65
N GLY A 122 -24.86 -23.74 -8.86
CA GLY A 122 -26.10 -23.01 -9.02
C GLY A 122 -26.05 -21.96 -10.13
N PRO A 123 -27.18 -21.28 -10.41
CA PRO A 123 -27.25 -20.24 -11.44
C PRO A 123 -26.60 -18.94 -10.99
N LEU A 124 -26.46 -17.99 -11.91
CA LEU A 124 -25.85 -16.69 -11.61
C LEU A 124 -26.62 -15.96 -10.52
N ASN A 125 -25.87 -15.43 -9.56
CA ASN A 125 -26.44 -14.69 -8.44
C ASN A 125 -25.98 -13.23 -8.52
N MET A 126 -25.34 -12.91 -9.63
CA MET A 126 -24.83 -11.56 -9.87
C MET A 126 -24.70 -11.30 -11.36
N ILE A 127 -24.75 -10.02 -11.73
CA ILE A 127 -24.64 -9.63 -13.13
C ILE A 127 -23.67 -8.46 -13.32
N LEU A 128 -22.75 -8.58 -14.26
CA LEU A 128 -21.83 -7.50 -14.57
C LEU A 128 -22.04 -7.28 -16.07
N ASP A 129 -22.99 -6.41 -16.39
CA ASP A 129 -23.35 -6.14 -17.78
C ASP A 129 -22.72 -4.88 -18.37
N ASP A 130 -22.68 -4.86 -19.70
CA ASP A 130 -22.16 -3.74 -20.46
C ASP A 130 -23.01 -3.60 -21.71
N GLY A 131 -24.06 -2.78 -21.61
CA GLY A 131 -24.97 -2.59 -22.73
C GLY A 131 -26.38 -3.00 -22.37
N GLY A 132 -26.52 -3.76 -21.29
CA GLY A 132 -27.83 -4.22 -20.85
C GLY A 132 -28.30 -5.53 -21.45
N ASP A 133 -27.57 -6.04 -22.44
CA ASP A 133 -27.92 -7.28 -23.12
C ASP A 133 -28.16 -8.45 -22.18
N LEU A 134 -27.32 -8.59 -21.16
CA LEU A 134 -27.46 -9.69 -20.22
C LEU A 134 -28.66 -9.51 -19.30
N THR A 135 -28.75 -8.34 -18.67
CA THR A 135 -29.86 -8.02 -17.77
C THR A 135 -31.20 -8.04 -18.49
N ASN A 136 -31.18 -7.74 -19.79
CA ASN A 136 -32.39 -7.73 -20.58
C ASN A 136 -32.79 -9.15 -20.93
N LEU A 137 -31.81 -9.96 -21.34
CA LEU A 137 -32.09 -11.34 -21.70
C LEU A 137 -32.79 -12.03 -20.54
N ILE A 138 -32.19 -11.91 -19.36
CA ILE A 138 -32.72 -12.51 -18.14
C ILE A 138 -34.10 -12.02 -17.77
N HIS A 139 -34.28 -10.70 -17.76
CA HIS A 139 -35.57 -10.12 -17.39
C HIS A 139 -36.72 -10.53 -18.29
N THR A 140 -36.43 -10.71 -19.58
CA THR A 140 -37.46 -11.08 -20.55
C THR A 140 -37.48 -12.54 -20.98
N LYS A 141 -36.40 -13.27 -20.72
CA LYS A 141 -36.33 -14.68 -21.13
C LYS A 141 -36.12 -15.69 -20.00
N HIS A 142 -35.42 -15.30 -18.94
CA HIS A 142 -35.17 -16.19 -17.81
C HIS A 142 -35.65 -15.67 -16.45
N PRO A 143 -36.84 -15.03 -16.41
CA PRO A 143 -37.37 -14.49 -15.16
C PRO A 143 -37.17 -15.39 -13.95
N GLN A 144 -37.26 -16.69 -14.16
CA GLN A 144 -37.08 -17.66 -13.08
C GLN A 144 -35.80 -17.37 -12.28
N LEU A 145 -34.73 -16.99 -12.98
CA LEU A 145 -33.46 -16.71 -12.32
C LEU A 145 -33.37 -15.33 -11.68
N LEU A 146 -34.29 -14.44 -12.03
CA LEU A 146 -34.33 -13.07 -11.50
C LEU A 146 -34.18 -12.97 -9.99
N SER A 147 -35.13 -13.58 -9.29
CA SER A 147 -35.16 -13.56 -7.82
C SER A 147 -33.89 -14.05 -7.14
N GLY A 148 -32.97 -14.59 -7.92
CA GLY A 148 -31.74 -15.10 -7.32
C GLY A 148 -30.53 -14.21 -7.52
N ILE A 149 -30.66 -13.25 -8.43
CA ILE A 149 -29.57 -12.32 -8.71
C ILE A 149 -29.54 -11.21 -7.65
N ARG A 150 -28.44 -11.12 -6.92
CA ARG A 150 -28.31 -10.11 -5.88
C ARG A 150 -28.10 -8.70 -6.44
N GLY A 151 -27.70 -8.59 -7.70
CA GLY A 151 -27.51 -7.27 -8.26
C GLY A 151 -27.01 -7.17 -9.70
N ILE A 152 -27.08 -5.96 -10.24
CA ILE A 152 -26.63 -5.69 -11.59
C ILE A 152 -25.53 -4.63 -11.57
N SER A 153 -24.67 -4.68 -12.59
CA SER A 153 -23.56 -3.76 -12.74
C SER A 153 -23.48 -3.29 -14.19
N GLU A 154 -24.13 -2.18 -14.50
CA GLU A 154 -24.11 -1.66 -15.85
C GLU A 154 -22.94 -0.70 -16.02
N GLU A 155 -22.21 -0.85 -17.11
CA GLU A 155 -21.03 -0.03 -17.33
C GLU A 155 -21.12 1.02 -18.41
N THR A 156 -22.09 0.90 -19.30
CA THR A 156 -22.19 1.87 -20.37
C THR A 156 -23.44 2.73 -20.34
N THR A 157 -23.31 3.92 -20.90
CA THR A 157 -24.40 4.88 -20.95
C THR A 157 -25.64 4.24 -21.54
N THR A 158 -25.54 3.73 -22.75
CA THR A 158 -26.66 3.08 -23.41
C THR A 158 -27.40 2.11 -22.48
N GLY A 159 -26.65 1.24 -21.81
CA GLY A 159 -27.25 0.27 -20.91
C GLY A 159 -27.92 0.92 -19.71
N VAL A 160 -27.17 1.79 -19.03
CA VAL A 160 -27.70 2.50 -17.88
C VAL A 160 -28.95 3.26 -18.29
N HIS A 161 -28.94 3.80 -19.50
CA HIS A 161 -30.08 4.51 -20.07
C HIS A 161 -31.28 3.57 -19.98
N ASN A 162 -31.11 2.36 -20.48
CA ASN A 162 -32.17 1.36 -20.49
C ASN A 162 -32.49 0.91 -19.07
N LEU A 163 -31.50 0.88 -18.20
CA LEU A 163 -31.71 0.47 -16.82
C LEU A 163 -32.80 1.34 -16.18
N TYR A 164 -32.73 2.64 -16.46
CA TYR A 164 -33.69 3.59 -15.93
C TYR A 164 -35.05 3.38 -16.58
N LYS A 165 -35.02 3.15 -17.90
CA LYS A 165 -36.23 2.92 -18.67
C LYS A 165 -37.03 1.79 -18.01
N MET A 166 -36.35 0.69 -17.69
CA MET A 166 -37.00 -0.43 -17.06
C MET A 166 -37.70 0.02 -15.80
N MET A 167 -36.95 0.70 -14.93
CA MET A 167 -37.49 1.20 -13.68
C MET A 167 -38.70 2.07 -13.96
N ALA A 168 -38.56 2.93 -14.97
CA ALA A 168 -39.64 3.85 -15.34
C ALA A 168 -40.94 3.09 -15.59
N ASN A 169 -40.82 1.80 -15.85
CA ASN A 169 -41.98 0.95 -16.10
C ASN A 169 -42.01 -0.21 -15.13
N GLY A 170 -41.37 -0.02 -13.98
CA GLY A 170 -41.35 -1.07 -12.97
C GLY A 170 -40.98 -2.42 -13.53
N ILE A 171 -40.14 -2.41 -14.56
CA ILE A 171 -39.69 -3.64 -15.20
C ILE A 171 -38.46 -4.16 -14.45
N LEU A 172 -37.54 -3.26 -14.12
CA LEU A 172 -36.35 -3.63 -13.38
C LEU A 172 -36.81 -4.43 -12.16
N LYS A 173 -36.30 -5.65 -12.02
CA LYS A 173 -36.69 -6.53 -10.92
C LYS A 173 -35.54 -6.87 -9.96
N VAL A 174 -34.39 -6.22 -10.15
CA VAL A 174 -33.24 -6.46 -9.29
C VAL A 174 -32.43 -5.17 -9.19
N PRO A 175 -31.96 -4.84 -7.97
CA PRO A 175 -31.17 -3.62 -7.73
C PRO A 175 -29.95 -3.50 -8.62
N ALA A 176 -29.80 -2.34 -9.25
CA ALA A 176 -28.66 -2.11 -10.13
C ALA A 176 -27.82 -0.94 -9.65
N ILE A 177 -26.55 -0.96 -10.03
CA ILE A 177 -25.64 0.13 -9.68
C ILE A 177 -25.19 0.67 -11.03
N ASN A 178 -25.35 1.98 -11.19
CA ASN A 178 -24.98 2.66 -12.42
C ASN A 178 -23.53 3.08 -12.37
N VAL A 179 -22.66 2.24 -12.91
CA VAL A 179 -21.22 2.48 -12.91
C VAL A 179 -20.75 3.51 -13.94
N ASN A 180 -21.34 3.47 -15.13
CA ASN A 180 -20.99 4.39 -16.21
C ASN A 180 -21.05 5.85 -15.76
N ASP A 181 -21.95 6.15 -14.84
CA ASP A 181 -22.14 7.52 -14.38
C ASP A 181 -21.34 7.93 -13.16
N SER A 182 -20.17 7.32 -13.00
CA SER A 182 -19.29 7.67 -11.89
C SER A 182 -18.37 8.73 -12.48
N VAL A 183 -17.98 9.72 -11.67
CA VAL A 183 -17.10 10.77 -12.18
C VAL A 183 -15.85 10.16 -12.79
N THR A 184 -15.23 9.24 -12.06
CA THR A 184 -14.02 8.58 -12.54
C THR A 184 -14.30 7.67 -13.74
N LYS A 185 -15.58 7.38 -13.98
CA LYS A 185 -15.93 6.54 -15.11
C LYS A 185 -16.23 7.37 -16.36
N SER A 186 -17.34 8.09 -16.34
CA SER A 186 -17.76 8.88 -17.48
C SER A 186 -16.79 9.93 -18.00
N LYS A 187 -16.31 10.79 -17.11
CA LYS A 187 -15.38 11.85 -17.48
C LYS A 187 -13.98 11.37 -17.85
N PHE A 188 -13.68 10.09 -17.59
CA PHE A 188 -12.36 9.57 -17.91
C PHE A 188 -12.33 8.50 -18.98
N ASP A 189 -13.27 7.56 -18.91
CA ASP A 189 -13.34 6.47 -19.87
C ASP A 189 -13.91 6.93 -21.22
N ASN A 190 -15.17 7.35 -21.23
CA ASN A 190 -15.82 7.80 -22.46
C ASN A 190 -15.06 8.96 -23.11
N LEU A 191 -14.63 9.91 -22.30
CA LEU A 191 -13.93 11.08 -22.81
C LEU A 191 -12.47 10.87 -23.20
N TYR A 192 -11.66 10.47 -22.23
CA TYR A 192 -10.24 10.24 -22.46
C TYR A 192 -9.94 8.97 -23.26
N GLY A 193 -10.74 7.93 -23.03
CA GLY A 193 -10.52 6.69 -23.75
C GLY A 193 -10.78 6.82 -25.24
N CYS A 194 -11.98 7.28 -25.57
CA CYS A 194 -12.37 7.45 -26.98
C CYS A 194 -11.44 8.39 -27.71
N ARG A 195 -10.90 9.36 -27.01
CA ARG A 195 -9.96 10.32 -27.59
C ARG A 195 -8.78 9.57 -28.19
N GLU A 196 -8.32 8.54 -27.48
CA GLU A 196 -7.18 7.74 -27.91
C GLU A 196 -7.57 6.50 -28.71
N SER A 197 -8.72 5.91 -28.37
CA SER A 197 -9.18 4.71 -29.07
C SER A 197 -9.93 4.95 -30.39
N LEU A 198 -10.51 6.14 -30.57
CA LEU A 198 -11.23 6.41 -31.80
C LEU A 198 -10.27 6.38 -33.00
N ILE A 199 -9.34 7.33 -33.04
CA ILE A 199 -8.37 7.43 -34.13
C ILE A 199 -7.73 6.09 -34.43
N ASP A 200 -7.56 5.27 -33.40
CA ASP A 200 -6.96 3.95 -33.56
C ASP A 200 -7.84 3.10 -34.48
N GLY A 201 -9.10 2.96 -34.10
CA GLY A 201 -10.00 2.16 -34.90
C GLY A 201 -9.95 2.64 -36.34
N ILE A 202 -10.02 3.95 -36.54
CA ILE A 202 -9.98 4.51 -37.88
C ILE A 202 -8.69 4.14 -38.61
N LYS A 203 -7.56 4.52 -38.05
CA LYS A 203 -6.26 4.26 -38.67
C LYS A 203 -6.00 2.78 -38.95
N ARG A 204 -6.05 1.95 -37.92
CA ARG A 204 -5.81 0.54 -38.11
C ARG A 204 -6.72 0.01 -39.23
N ALA A 205 -7.91 0.58 -39.35
CA ALA A 205 -8.86 0.17 -40.36
C ALA A 205 -8.50 0.71 -41.74
N THR A 206 -8.62 2.04 -41.90
CA THR A 206 -8.35 2.70 -43.17
C THR A 206 -6.93 3.24 -43.33
N ASP A 207 -6.27 3.54 -42.23
CA ASP A 207 -4.91 4.06 -42.26
C ASP A 207 -4.89 5.44 -42.96
N VAL A 208 -6.01 6.14 -42.87
CA VAL A 208 -6.15 7.44 -43.48
C VAL A 208 -5.45 8.52 -42.67
N MET A 209 -5.12 9.65 -43.32
CA MET A 209 -4.48 10.77 -42.63
C MET A 209 -5.63 11.68 -42.17
N ILE A 210 -5.62 12.05 -40.90
CA ILE A 210 -6.66 12.91 -40.35
C ILE A 210 -6.44 14.37 -40.72
N ALA A 211 -5.18 14.80 -40.70
CA ALA A 211 -4.82 16.19 -41.00
C ALA A 211 -5.43 16.73 -42.30
N GLY A 212 -5.98 17.94 -42.20
CA GLY A 212 -6.57 18.59 -43.36
C GLY A 212 -7.91 18.03 -43.82
N LYS A 213 -8.47 17.10 -43.05
CA LYS A 213 -9.75 16.50 -43.42
C LYS A 213 -10.89 17.04 -42.57
N VAL A 214 -12.06 17.17 -43.18
CA VAL A 214 -13.24 17.66 -42.46
C VAL A 214 -13.96 16.47 -41.85
N ALA A 215 -13.83 16.30 -40.54
CA ALA A 215 -14.47 15.19 -39.86
C ALA A 215 -15.77 15.64 -39.24
N VAL A 216 -16.80 14.82 -39.36
CA VAL A 216 -18.11 15.15 -38.80
C VAL A 216 -18.43 14.23 -37.62
N VAL A 217 -18.74 14.83 -36.48
CA VAL A 217 -19.06 14.07 -35.28
C VAL A 217 -20.49 14.33 -34.84
N ALA A 218 -21.31 13.28 -34.83
CA ALA A 218 -22.70 13.40 -34.41
C ALA A 218 -22.82 13.11 -32.92
N GLY A 219 -23.21 14.13 -32.16
CA GLY A 219 -23.35 13.95 -30.72
C GLY A 219 -22.17 14.57 -29.98
N TYR A 220 -22.45 15.35 -28.94
CA TYR A 220 -21.39 15.97 -28.16
C TYR A 220 -21.34 15.55 -26.69
N GLY A 221 -21.50 14.27 -26.44
CA GLY A 221 -21.41 13.81 -25.07
C GLY A 221 -19.94 13.63 -24.74
N ASP A 222 -19.64 12.79 -23.75
CA ASP A 222 -18.26 12.55 -23.36
C ASP A 222 -17.51 11.85 -24.48
N VAL A 223 -18.19 10.97 -25.20
CA VAL A 223 -17.57 10.25 -26.31
C VAL A 223 -17.43 11.21 -27.48
N GLY A 224 -18.46 12.01 -27.73
CA GLY A 224 -18.38 12.97 -28.82
C GLY A 224 -17.30 13.98 -28.53
N LYS A 225 -17.18 14.37 -27.26
CA LYS A 225 -16.17 15.34 -26.82
C LYS A 225 -14.76 14.78 -26.95
N GLY A 226 -14.60 13.52 -26.58
CA GLY A 226 -13.30 12.88 -26.67
C GLY A 226 -12.88 12.67 -28.12
N CYS A 227 -13.84 12.27 -28.96
CA CYS A 227 -13.59 12.03 -30.37
C CYS A 227 -13.20 13.32 -31.07
N ALA A 228 -14.07 14.31 -30.96
CA ALA A 228 -13.86 15.60 -31.57
C ALA A 228 -12.45 16.08 -31.26
N GLN A 229 -12.16 16.22 -29.97
CA GLN A 229 -10.85 16.67 -29.54
C GLN A 229 -9.75 15.94 -30.28
N ALA A 230 -9.89 14.62 -30.40
CA ALA A 230 -8.88 13.78 -31.07
C ALA A 230 -8.60 14.19 -32.51
N LEU A 231 -9.66 14.18 -33.33
CA LEU A 231 -9.54 14.54 -34.74
C LEU A 231 -9.00 15.96 -34.87
N ARG A 232 -9.61 16.87 -34.13
CA ARG A 232 -9.22 18.27 -34.11
C ARG A 232 -7.73 18.42 -33.79
N GLY A 233 -7.23 17.56 -32.93
CA GLY A 233 -5.83 17.63 -32.55
C GLY A 233 -4.83 17.12 -33.59
N PHE A 234 -5.33 16.45 -34.63
CA PHE A 234 -4.46 15.92 -35.67
C PHE A 234 -4.51 16.81 -36.91
N GLY A 235 -5.32 17.86 -36.85
CA GLY A 235 -5.42 18.77 -37.97
C GLY A 235 -6.69 18.65 -38.80
N ALA A 236 -7.70 18.00 -38.25
CA ALA A 236 -8.94 17.85 -39.00
C ALA A 236 -9.95 18.90 -38.55
N ARG A 237 -10.80 19.32 -39.47
CA ARG A 237 -11.83 20.30 -39.15
C ARG A 237 -13.05 19.51 -38.68
N VAL A 238 -13.30 19.57 -37.37
CA VAL A 238 -14.41 18.85 -36.77
C VAL A 238 -15.70 19.65 -36.76
N ILE A 239 -16.75 19.08 -37.35
CA ILE A 239 -18.06 19.72 -37.34
C ILE A 239 -18.93 18.85 -36.44
N ILE A 240 -19.70 19.49 -35.56
CA ILE A 240 -20.55 18.74 -34.64
C ILE A 240 -22.04 18.94 -34.90
N THR A 241 -22.81 17.89 -34.65
CA THR A 241 -24.26 17.92 -34.81
C THR A 241 -24.84 17.53 -33.45
N GLU A 242 -25.87 18.22 -33.00
CA GLU A 242 -26.46 17.92 -31.69
C GLU A 242 -27.92 18.28 -31.58
N ILE A 243 -28.57 17.69 -30.58
CA ILE A 243 -29.99 17.92 -30.31
C ILE A 243 -30.14 18.66 -28.98
N ASP A 244 -29.09 18.62 -28.17
CA ASP A 244 -29.09 19.29 -26.87
C ASP A 244 -28.47 20.67 -27.02
N PRO A 245 -29.23 21.73 -26.73
CA PRO A 245 -28.70 23.10 -26.85
C PRO A 245 -27.51 23.36 -25.94
N ILE A 246 -27.49 22.73 -24.77
CA ILE A 246 -26.41 22.91 -23.81
C ILE A 246 -25.14 22.25 -24.32
N ASN A 247 -25.29 21.07 -24.90
CA ASN A 247 -24.15 20.32 -25.42
C ASN A 247 -23.73 20.98 -26.73
N ALA A 248 -24.65 21.70 -27.35
CA ALA A 248 -24.39 22.39 -28.60
C ALA A 248 -23.56 23.64 -28.33
N LEU A 249 -23.89 24.34 -27.24
CA LEU A 249 -23.18 25.55 -26.87
C LEU A 249 -21.73 25.23 -26.48
N GLN A 250 -21.53 24.17 -25.71
CA GLN A 250 -20.19 23.80 -25.30
C GLN A 250 -19.32 23.65 -26.52
N ALA A 251 -19.82 22.96 -27.54
CA ALA A 251 -19.10 22.75 -28.79
C ALA A 251 -18.77 24.07 -29.46
N ALA A 252 -19.78 24.92 -29.62
CA ALA A 252 -19.60 26.23 -30.24
C ALA A 252 -18.59 27.03 -29.45
N MET A 253 -18.67 26.94 -28.13
CA MET A 253 -17.74 27.64 -27.26
C MET A 253 -16.32 27.11 -27.40
N GLU A 254 -16.20 25.91 -27.95
CA GLU A 254 -14.89 25.27 -28.13
C GLU A 254 -14.36 25.49 -29.55
N GLY A 255 -15.10 26.29 -30.33
CA GLY A 255 -14.69 26.58 -31.69
C GLY A 255 -15.13 25.59 -32.75
N TYR A 256 -16.06 24.71 -32.42
CA TYR A 256 -16.55 23.72 -33.37
C TYR A 256 -17.81 24.25 -34.04
N GLU A 257 -17.98 23.93 -35.32
CA GLU A 257 -19.18 24.36 -36.02
C GLU A 257 -20.26 23.31 -35.72
N VAL A 258 -21.44 23.77 -35.30
CA VAL A 258 -22.53 22.87 -35.00
C VAL A 258 -23.63 23.02 -36.05
N THR A 259 -23.91 21.94 -36.78
CA THR A 259 -24.93 21.93 -37.81
C THR A 259 -25.75 20.64 -37.79
N THR A 260 -26.53 20.44 -38.83
CA THR A 260 -27.35 19.25 -39.00
C THR A 260 -26.63 18.31 -39.96
N MET A 261 -26.79 17.00 -39.75
CA MET A 261 -26.13 16.05 -40.64
C MET A 261 -26.63 16.27 -42.06
N ASP A 262 -27.85 16.81 -42.18
CA ASP A 262 -28.45 17.10 -43.47
C ASP A 262 -27.59 18.09 -44.24
N GLU A 263 -26.82 18.87 -43.50
CA GLU A 263 -25.92 19.86 -44.08
C GLU A 263 -24.50 19.32 -44.12
N ALA A 264 -24.05 18.79 -42.99
CA ALA A 264 -22.69 18.28 -42.84
C ALA A 264 -22.32 17.14 -43.80
N CYS A 265 -23.27 16.25 -44.06
CA CYS A 265 -23.02 15.12 -44.93
C CYS A 265 -22.39 15.54 -46.25
N LYS A 266 -22.60 16.78 -46.66
CA LYS A 266 -22.06 17.24 -47.91
C LYS A 266 -20.64 17.78 -47.77
N GLU A 267 -20.17 17.93 -46.54
CA GLU A 267 -18.84 18.48 -46.33
C GLU A 267 -17.88 17.51 -45.64
N GLY A 268 -18.42 16.61 -44.83
CA GLY A 268 -17.59 15.66 -44.12
C GLY A 268 -16.75 14.69 -44.94
N ASN A 269 -15.56 14.39 -44.44
CA ASN A 269 -14.62 13.46 -45.08
C ASN A 269 -14.56 12.21 -44.20
N ILE A 270 -14.90 12.40 -42.93
CA ILE A 270 -14.88 11.34 -41.94
C ILE A 270 -16.12 11.50 -41.07
N PHE A 271 -16.98 10.49 -41.04
CA PHE A 271 -18.18 10.55 -40.23
C PHE A 271 -18.17 9.61 -39.04
N VAL A 272 -18.25 10.20 -37.85
CA VAL A 272 -18.26 9.44 -36.60
C VAL A 272 -19.54 9.70 -35.81
N THR A 273 -20.24 8.62 -35.45
CA THR A 273 -21.47 8.76 -34.69
C THR A 273 -21.22 8.32 -33.26
N THR A 274 -21.23 9.29 -32.36
CA THR A 274 -21.00 9.05 -30.94
C THR A 274 -22.33 9.12 -30.21
N THR A 275 -23.40 9.09 -30.99
CA THR A 275 -24.76 9.14 -30.48
C THR A 275 -25.19 7.74 -30.06
N GLY A 276 -26.32 7.65 -29.36
CA GLY A 276 -26.83 6.35 -28.94
C GLY A 276 -28.23 6.21 -29.54
N CYS A 277 -28.47 7.02 -30.56
CA CYS A 277 -29.75 7.09 -31.25
C CYS A 277 -29.73 6.50 -32.66
N VAL A 278 -30.91 6.20 -33.17
CA VAL A 278 -31.08 5.62 -34.49
C VAL A 278 -31.24 6.67 -35.58
N ASP A 279 -31.02 6.25 -36.83
CA ASP A 279 -31.14 7.11 -38.01
C ASP A 279 -30.27 8.36 -37.98
N ILE A 280 -28.99 8.20 -37.63
CA ILE A 280 -28.07 9.32 -37.58
C ILE A 280 -27.45 9.56 -38.96
N ILE A 281 -27.10 8.48 -39.65
CA ILE A 281 -26.53 8.58 -41.00
C ILE A 281 -27.35 7.69 -41.94
N LEU A 282 -28.20 8.31 -42.75
CA LEU A 282 -29.05 7.59 -43.69
C LEU A 282 -28.53 7.68 -45.12
N GLY A 283 -29.28 7.05 -46.04
CA GLY A 283 -28.91 7.08 -47.45
C GLY A 283 -29.03 8.47 -48.01
N ARG A 284 -29.92 9.27 -47.41
CA ARG A 284 -30.12 10.63 -47.84
C ARG A 284 -28.82 11.40 -47.62
N HIS A 285 -27.98 10.91 -46.71
CA HIS A 285 -26.69 11.54 -46.43
C HIS A 285 -25.62 10.83 -47.25
N PHE A 286 -25.73 9.50 -47.31
CA PHE A 286 -24.77 8.69 -48.08
C PHE A 286 -24.73 9.18 -49.52
N GLU A 287 -25.89 9.42 -50.10
CA GLU A 287 -26.02 9.88 -51.47
C GLU A 287 -25.42 11.27 -51.64
N GLN A 288 -25.04 11.88 -50.51
CA GLN A 288 -24.48 13.23 -50.49
C GLN A 288 -23.02 13.30 -50.10
N MET A 289 -22.47 12.19 -49.60
CA MET A 289 -21.08 12.16 -49.14
C MET A 289 -20.03 12.20 -50.22
N LYS A 290 -18.88 12.80 -49.89
CA LYS A 290 -17.77 12.93 -50.82
C LYS A 290 -17.17 11.56 -51.12
N ASP A 291 -16.56 11.43 -52.30
CA ASP A 291 -15.96 10.16 -52.70
C ASP A 291 -15.03 9.64 -51.61
N ASP A 292 -15.05 8.33 -51.39
CA ASP A 292 -14.19 7.70 -50.39
C ASP A 292 -14.37 8.25 -48.97
N ALA A 293 -15.61 8.59 -48.61
CA ALA A 293 -15.89 9.11 -47.27
C ALA A 293 -15.82 7.98 -46.25
N ILE A 294 -15.09 8.22 -45.16
CA ILE A 294 -14.93 7.22 -44.11
C ILE A 294 -16.07 7.34 -43.08
N VAL A 295 -16.96 6.36 -43.06
CA VAL A 295 -18.09 6.38 -42.14
C VAL A 295 -17.93 5.28 -41.10
N CYS A 296 -18.11 5.63 -39.84
CA CYS A 296 -17.99 4.66 -38.76
C CYS A 296 -18.75 5.13 -37.52
N ASN A 297 -19.09 4.18 -36.67
CA ASN A 297 -19.83 4.48 -35.46
C ASN A 297 -19.04 4.05 -34.23
N ILE A 298 -19.24 4.75 -33.12
CA ILE A 298 -18.54 4.41 -31.88
C ILE A 298 -19.55 4.23 -30.73
N GLY A 299 -20.81 4.53 -31.01
CA GLY A 299 -21.84 4.38 -30.00
C GLY A 299 -22.04 2.90 -29.76
N HIS A 300 -22.20 2.51 -28.51
CA HIS A 300 -22.37 1.10 -28.15
C HIS A 300 -23.10 0.25 -29.19
N PHE A 301 -24.41 0.42 -29.29
CA PHE A 301 -25.19 -0.37 -30.24
C PHE A 301 -25.08 0.24 -31.63
N ASP A 302 -25.03 -0.60 -32.65
CA ASP A 302 -24.94 -0.08 -34.01
C ASP A 302 -26.37 0.16 -34.52
N VAL A 303 -26.89 1.34 -34.23
CA VAL A 303 -28.23 1.70 -34.62
C VAL A 303 -28.25 3.10 -35.25
N GLU A 304 -27.08 3.72 -35.32
CA GLU A 304 -26.94 5.06 -35.87
C GLU A 304 -26.76 5.15 -37.38
N ILE A 305 -25.91 4.29 -37.93
CA ILE A 305 -25.67 4.29 -39.37
C ILE A 305 -26.56 3.30 -40.10
N ASP A 306 -27.13 3.72 -41.23
CA ASP A 306 -28.00 2.83 -41.99
C ASP A 306 -27.20 2.05 -43.03
N VAL A 307 -26.61 0.92 -42.59
CA VAL A 307 -25.80 0.09 -43.45
C VAL A 307 -26.63 -0.72 -44.45
N LYS A 308 -27.83 -1.09 -44.05
CA LYS A 308 -28.71 -1.84 -44.94
C LYS A 308 -28.85 -1.08 -46.25
N TRP A 309 -29.07 0.24 -46.14
CA TRP A 309 -29.22 1.11 -47.29
C TRP A 309 -28.01 1.00 -48.20
N LEU A 310 -26.83 1.04 -47.59
CA LEU A 310 -25.59 0.93 -48.33
C LEU A 310 -25.58 -0.39 -49.11
N ASN A 311 -25.96 -1.47 -48.42
CA ASN A 311 -26.00 -2.79 -49.01
C ASN A 311 -27.15 -2.97 -50.02
N GLU A 312 -28.21 -2.20 -49.85
CA GLU A 312 -29.36 -2.30 -50.76
C GLU A 312 -29.38 -1.25 -51.85
N ASN A 313 -28.49 -0.26 -51.78
CA ASN A 313 -28.47 0.77 -52.80
C ASN A 313 -27.11 1.00 -53.45
N ALA A 314 -26.08 0.32 -52.96
CA ALA A 314 -24.76 0.50 -53.54
C ALA A 314 -24.75 -0.17 -54.90
N VAL A 315 -23.87 0.30 -55.78
CA VAL A 315 -23.74 -0.28 -57.11
C VAL A 315 -22.81 -1.48 -56.99
N GLU A 316 -21.96 -1.44 -55.98
CA GLU A 316 -21.03 -2.54 -55.75
C GLU A 316 -20.44 -2.46 -54.36
N LYS A 317 -20.21 -3.62 -53.75
CA LYS A 317 -19.64 -3.70 -52.40
C LYS A 317 -18.38 -4.55 -52.43
N VAL A 318 -17.26 -3.95 -52.03
CA VAL A 318 -15.98 -4.65 -52.01
C VAL A 318 -15.38 -4.57 -50.61
N ASN A 319 -14.88 -5.71 -50.13
CA ASN A 319 -14.29 -5.77 -48.81
C ASN A 319 -12.78 -5.62 -48.89
N ILE A 320 -12.26 -4.55 -48.30
CA ILE A 320 -10.82 -4.29 -48.31
C ILE A 320 -10.13 -5.32 -47.41
N LYS A 321 -10.64 -5.47 -46.21
CA LYS A 321 -10.08 -6.41 -45.24
C LYS A 321 -11.11 -6.54 -44.13
N PRO A 322 -10.85 -7.43 -43.17
CA PRO A 322 -11.82 -7.59 -42.08
C PRO A 322 -12.28 -6.25 -41.48
N GLN A 323 -13.60 -6.09 -41.39
CA GLN A 323 -14.22 -4.88 -40.86
C GLN A 323 -13.96 -3.63 -41.68
N VAL A 324 -13.68 -3.80 -42.97
CA VAL A 324 -13.45 -2.67 -43.85
C VAL A 324 -14.04 -2.96 -45.22
N ASP A 325 -15.13 -2.27 -45.53
CA ASP A 325 -15.82 -2.44 -46.80
C ASP A 325 -15.91 -1.13 -47.57
N ARG A 326 -15.61 -1.20 -48.85
CA ARG A 326 -15.65 -0.04 -49.71
C ARG A 326 -16.77 -0.19 -50.71
N TYR A 327 -17.85 0.56 -50.49
CA TYR A 327 -19.01 0.54 -51.36
C TYR A 327 -18.82 1.52 -52.51
N LEU A 328 -19.62 1.34 -53.56
CA LEU A 328 -19.59 2.24 -54.71
C LEU A 328 -21.02 2.65 -54.96
N LEU A 329 -21.32 3.94 -54.79
CA LEU A 329 -22.67 4.42 -54.99
C LEU A 329 -22.97 4.70 -56.46
N LYS A 330 -24.27 4.70 -56.78
CA LYS A 330 -24.73 4.93 -58.15
C LYS A 330 -24.30 6.30 -58.68
N ASN A 331 -23.77 7.14 -57.80
CA ASN A 331 -23.34 8.47 -58.21
C ASN A 331 -21.85 8.48 -58.53
N GLY A 332 -21.22 7.31 -58.41
CA GLY A 332 -19.80 7.20 -58.70
C GLY A 332 -18.91 7.42 -57.48
N HIS A 333 -19.52 7.90 -56.39
CA HIS A 333 -18.78 8.15 -55.15
C HIS A 333 -18.60 6.88 -54.34
N ARG A 334 -17.48 6.80 -53.63
CA ARG A 334 -17.15 5.64 -52.81
C ARG A 334 -17.41 5.95 -51.35
N ILE A 335 -17.73 4.90 -50.58
CA ILE A 335 -18.00 5.04 -49.15
C ILE A 335 -17.30 3.90 -48.41
N ILE A 336 -16.36 4.24 -47.54
CA ILE A 336 -15.64 3.22 -46.76
C ILE A 336 -16.32 3.03 -45.41
N LEU A 337 -17.06 1.93 -45.29
CA LEU A 337 -17.78 1.63 -44.06
C LEU A 337 -16.87 0.80 -43.15
N LEU A 338 -16.76 1.22 -41.89
CA LEU A 338 -15.89 0.52 -40.94
C LEU A 338 -16.61 -0.34 -39.90
N ALA A 339 -16.04 -1.51 -39.65
CA ALA A 339 -16.58 -2.46 -38.68
C ALA A 339 -18.08 -2.73 -38.85
N GLU A 340 -18.54 -2.67 -40.08
CA GLU A 340 -19.95 -2.92 -40.39
C GLU A 340 -20.90 -2.09 -39.55
N GLY A 341 -20.45 -0.91 -39.13
CA GLY A 341 -21.30 -0.05 -38.33
C GLY A 341 -21.25 -0.26 -36.83
N ARG A 342 -20.57 -1.32 -36.39
CA ARG A 342 -20.44 -1.61 -34.97
C ARG A 342 -19.31 -0.78 -34.40
N LEU A 343 -19.19 -0.76 -33.06
CA LEU A 343 -18.14 -0.02 -32.36
C LEU A 343 -16.86 -0.01 -33.19
N VAL A 344 -16.31 1.17 -33.45
CA VAL A 344 -15.10 1.25 -34.28
C VAL A 344 -13.78 1.08 -33.55
N ASN A 345 -13.66 1.63 -32.35
CA ASN A 345 -12.42 1.51 -31.60
C ASN A 345 -12.16 0.06 -31.22
N LEU A 346 -13.22 -0.64 -30.83
CA LEU A 346 -13.10 -2.03 -30.42
C LEU A 346 -13.15 -3.00 -31.59
N GLY A 347 -14.02 -2.73 -32.57
CA GLY A 347 -14.13 -3.60 -33.71
C GLY A 347 -12.98 -3.54 -34.71
N CYS A 348 -12.29 -2.41 -34.76
CA CYS A 348 -11.16 -2.22 -35.69
C CYS A 348 -9.81 -1.98 -34.98
N ALA A 349 -9.84 -1.79 -33.66
CA ALA A 349 -8.63 -1.54 -32.89
C ALA A 349 -8.71 -2.31 -31.59
N MET A 350 -7.85 -1.97 -30.65
CA MET A 350 -7.83 -2.65 -29.35
C MET A 350 -8.68 -2.02 -28.26
N GLY A 351 -9.46 -1.00 -28.61
CA GLY A 351 -10.32 -0.36 -27.62
C GLY A 351 -9.55 0.60 -26.75
N HIS A 352 -10.18 1.10 -25.69
CA HIS A 352 -9.54 2.03 -24.78
C HIS A 352 -8.29 1.40 -24.18
N PRO A 353 -7.30 2.23 -23.81
CA PRO A 353 -6.06 1.70 -23.23
C PRO A 353 -6.32 1.17 -21.82
N SER A 354 -5.42 0.34 -21.32
CA SER A 354 -5.58 -0.26 -20.00
C SER A 354 -5.63 0.72 -18.83
N PHE A 355 -4.83 1.78 -18.86
CA PHE A 355 -4.81 2.73 -17.75
C PHE A 355 -6.15 3.37 -17.47
N VAL A 356 -6.87 3.75 -18.52
CA VAL A 356 -8.16 4.39 -18.31
C VAL A 356 -9.23 3.37 -17.97
N MET A 357 -9.04 2.13 -18.43
CA MET A 357 -10.00 1.06 -18.17
C MET A 357 -9.93 0.62 -16.71
N SER A 358 -8.83 0.94 -16.05
CA SER A 358 -8.64 0.59 -14.64
C SER A 358 -9.62 1.41 -13.82
N ASN A 359 -9.93 2.60 -14.31
CA ASN A 359 -10.85 3.49 -13.64
C ASN A 359 -12.24 2.88 -13.62
N SER A 360 -12.79 2.66 -14.81
CA SER A 360 -14.11 2.06 -14.95
C SER A 360 -14.19 0.70 -14.25
N PHE A 361 -13.21 -0.15 -14.51
CA PHE A 361 -13.17 -1.47 -13.92
C PHE A 361 -13.01 -1.49 -12.40
N THR A 362 -12.39 -0.45 -11.84
CA THR A 362 -12.24 -0.38 -10.39
C THR A 362 -13.64 -0.12 -9.84
N ASN A 363 -14.37 0.72 -10.55
CA ASN A 363 -15.75 1.06 -10.19
C ASN A 363 -16.58 -0.22 -10.27
N GLN A 364 -16.23 -1.08 -11.21
CA GLN A 364 -16.93 -2.34 -11.41
C GLN A 364 -16.68 -3.34 -10.28
N VAL A 365 -15.44 -3.40 -9.82
CA VAL A 365 -15.10 -4.30 -8.74
C VAL A 365 -15.82 -3.82 -7.49
N MET A 366 -15.87 -2.50 -7.33
CA MET A 366 -16.52 -1.89 -6.17
C MET A 366 -18.03 -2.12 -6.22
N ALA A 367 -18.63 -1.86 -7.37
CA ALA A 367 -20.07 -2.04 -7.52
C ALA A 367 -20.47 -3.46 -7.10
N GLN A 368 -19.68 -4.44 -7.53
CA GLN A 368 -19.92 -5.85 -7.21
C GLN A 368 -19.82 -6.10 -5.71
N ILE A 369 -18.76 -5.62 -5.09
CA ILE A 369 -18.60 -5.81 -3.65
C ILE A 369 -19.78 -5.16 -2.93
N GLU A 370 -20.19 -3.98 -3.39
CA GLU A 370 -21.30 -3.27 -2.77
C GLU A 370 -22.56 -4.11 -2.79
N LEU A 371 -23.07 -4.38 -3.99
CA LEU A 371 -24.30 -5.17 -4.18
C LEU A 371 -24.27 -6.51 -3.45
N TRP A 372 -23.15 -7.21 -3.54
CA TRP A 372 -22.99 -8.51 -2.90
C TRP A 372 -22.86 -8.37 -1.38
N THR A 373 -21.88 -7.59 -0.94
CA THR A 373 -21.64 -7.37 0.48
C THR A 373 -22.82 -6.73 1.21
N HIS A 374 -23.23 -5.55 0.76
CA HIS A 374 -24.34 -4.83 1.40
C HIS A 374 -25.56 -4.77 0.48
N PRO A 375 -26.26 -5.91 0.33
CA PRO A 375 -27.45 -5.95 -0.54
C PRO A 375 -28.60 -5.10 -0.01
N ASP A 376 -28.98 -5.32 1.24
CA ASP A 376 -30.07 -4.60 1.89
C ASP A 376 -29.94 -3.09 1.80
N LYS A 377 -28.76 -2.63 1.38
CA LYS A 377 -28.50 -1.20 1.24
C LYS A 377 -28.88 -0.72 -0.16
N TYR A 378 -29.16 -1.67 -1.06
CA TYR A 378 -29.53 -1.37 -2.44
C TYR A 378 -30.88 -1.97 -2.87
N PRO A 379 -31.98 -1.24 -2.65
CA PRO A 379 -33.31 -1.72 -3.04
C PRO A 379 -33.37 -1.83 -4.55
N VAL A 380 -34.43 -2.44 -5.08
CA VAL A 380 -34.55 -2.57 -6.52
C VAL A 380 -34.60 -1.18 -7.14
N GLY A 381 -33.58 -0.86 -7.93
CA GLY A 381 -33.48 0.44 -8.58
C GLY A 381 -32.02 0.73 -8.85
N VAL A 382 -31.74 1.56 -9.86
CA VAL A 382 -30.36 1.87 -10.20
C VAL A 382 -29.75 2.89 -9.24
N HIS A 383 -28.58 2.58 -8.71
CA HIS A 383 -27.90 3.47 -7.77
C HIS A 383 -26.51 3.89 -8.23
N PHE A 384 -25.97 4.88 -7.52
CA PHE A 384 -24.64 5.40 -7.80
C PHE A 384 -23.71 4.92 -6.71
N LEU A 385 -22.41 5.06 -6.94
CA LEU A 385 -21.40 4.67 -5.97
C LEU A 385 -21.02 5.86 -5.10
N PRO A 386 -21.00 5.67 -3.78
CA PRO A 386 -20.63 6.78 -2.89
C PRO A 386 -19.46 7.58 -3.46
N LYS A 387 -19.57 8.91 -3.46
CA LYS A 387 -18.52 9.77 -3.96
C LYS A 387 -17.20 9.47 -3.27
N LYS A 388 -17.27 9.05 -2.01
CA LYS A 388 -16.07 8.73 -1.26
C LYS A 388 -15.35 7.61 -1.98
N LEU A 389 -16.12 6.72 -2.59
CA LEU A 389 -15.57 5.60 -3.36
C LEU A 389 -15.05 6.14 -4.69
N ASP A 390 -15.88 6.93 -5.37
CA ASP A 390 -15.50 7.53 -6.65
C ASP A 390 -14.13 8.18 -6.45
N GLU A 391 -13.96 8.84 -5.32
CA GLU A 391 -12.70 9.50 -5.01
C GLU A 391 -11.59 8.48 -4.82
N ALA A 392 -11.95 7.30 -4.32
CA ALA A 392 -10.99 6.24 -4.08
C ALA A 392 -10.41 5.72 -5.40
N VAL A 393 -11.22 5.76 -6.45
CA VAL A 393 -10.78 5.30 -7.76
C VAL A 393 -9.71 6.22 -8.29
N ALA A 394 -10.04 7.50 -8.42
CA ALA A 394 -9.07 8.47 -8.94
C ALA A 394 -7.78 8.40 -8.14
N GLU A 395 -7.89 8.56 -6.84
CA GLU A 395 -6.75 8.51 -5.94
C GLU A 395 -5.88 7.28 -6.15
N ALA A 396 -6.45 6.21 -6.69
CA ALA A 396 -5.72 4.97 -6.92
C ALA A 396 -4.77 5.02 -8.13
N HIS A 397 -5.08 5.89 -9.09
CA HIS A 397 -4.24 6.01 -10.27
C HIS A 397 -3.32 7.23 -10.22
N LEU A 398 -3.48 8.07 -9.19
CA LEU A 398 -2.67 9.26 -9.05
C LEU A 398 -1.19 8.93 -8.88
N GLY A 399 -0.92 7.87 -8.14
CA GLY A 399 0.47 7.46 -7.90
C GLY A 399 1.24 7.05 -9.14
N LYS A 400 0.65 6.21 -9.98
CA LYS A 400 1.32 5.77 -11.20
C LYS A 400 1.78 6.98 -12.00
N LEU A 401 0.92 7.98 -12.08
CA LEU A 401 1.22 9.21 -12.80
C LEU A 401 2.16 10.09 -11.98
N ASN A 402 2.55 9.59 -10.81
CA ASN A 402 3.46 10.32 -9.94
C ASN A 402 2.92 11.66 -9.51
N VAL A 403 1.60 11.78 -9.47
CA VAL A 403 0.97 13.02 -9.08
C VAL A 403 1.14 13.23 -7.58
N LYS A 404 1.33 14.48 -7.16
CA LYS A 404 1.49 14.78 -5.74
C LYS A 404 0.30 15.63 -5.33
N LEU A 405 -0.68 14.99 -4.72
CA LEU A 405 -1.88 15.66 -4.26
C LEU A 405 -1.56 16.51 -3.04
N THR A 406 -2.40 17.52 -2.82
CA THR A 406 -2.23 18.42 -1.69
C THR A 406 -3.13 17.97 -0.56
N LYS A 407 -2.68 18.19 0.67
CA LYS A 407 -3.44 17.81 1.85
C LYS A 407 -3.90 19.04 2.60
N LEU A 408 -5.21 19.14 2.78
CA LEU A 408 -5.81 20.25 3.50
C LEU A 408 -5.29 20.26 4.94
N THR A 409 -5.08 21.45 5.50
CA THR A 409 -4.62 21.54 6.88
C THR A 409 -5.87 21.64 7.73
N GLU A 410 -5.71 21.51 9.04
CA GLU A 410 -6.86 21.57 9.92
C GLU A 410 -7.59 22.90 9.77
N LYS A 411 -6.81 23.97 9.59
CA LYS A 411 -7.38 25.30 9.44
C LYS A 411 -8.15 25.45 8.14
N GLN A 412 -7.57 24.97 7.04
CA GLN A 412 -8.21 25.07 5.75
C GLN A 412 -9.50 24.25 5.72
N ALA A 413 -9.42 23.02 6.19
CA ALA A 413 -10.58 22.11 6.24
C ALA A 413 -11.69 22.77 7.04
N GLN A 414 -11.30 23.51 8.07
CA GLN A 414 -12.26 24.21 8.91
C GLN A 414 -12.87 25.32 8.05
N TYR A 415 -11.99 26.13 7.43
CA TYR A 415 -12.43 27.22 6.57
C TYR A 415 -13.43 26.73 5.52
N LEU A 416 -13.03 25.70 4.76
CA LEU A 416 -13.89 25.15 3.71
C LEU A 416 -15.06 24.38 4.31
N GLY A 417 -14.92 23.99 5.57
CA GLY A 417 -15.98 23.26 6.20
C GLY A 417 -16.14 21.88 5.56
N MET A 418 -15.02 21.18 5.40
CA MET A 418 -15.03 19.84 4.83
C MET A 418 -13.92 18.97 5.44
N PRO A 419 -14.15 17.66 5.52
CA PRO A 419 -13.15 16.74 6.09
C PRO A 419 -11.88 16.73 5.25
N ILE A 420 -10.74 16.78 5.93
CA ILE A 420 -9.45 16.78 5.26
C ILE A 420 -9.42 15.74 4.15
N ASN A 421 -10.16 14.66 4.35
CA ASN A 421 -10.23 13.58 3.37
C ASN A 421 -11.64 13.36 2.86
N GLY A 422 -12.63 13.66 3.71
CA GLY A 422 -14.02 13.47 3.34
C GLY A 422 -14.31 13.99 1.95
N PRO A 423 -15.39 13.53 1.31
CA PRO A 423 -15.73 14.00 -0.04
C PRO A 423 -15.52 15.50 -0.19
N PHE A 424 -14.73 15.89 -1.18
CA PHE A 424 -14.44 17.31 -1.41
C PHE A 424 -15.40 18.02 -2.35
N LYS A 425 -16.41 17.32 -2.85
CA LYS A 425 -17.35 17.96 -3.75
C LYS A 425 -18.80 17.59 -3.46
N PRO A 426 -19.72 18.56 -3.61
CA PRO A 426 -21.12 18.25 -3.36
C PRO A 426 -21.57 17.24 -4.40
N ASP A 427 -22.65 16.51 -4.13
CA ASP A 427 -23.10 15.50 -5.08
C ASP A 427 -23.36 16.09 -6.46
N HIS A 428 -24.09 17.20 -6.51
CA HIS A 428 -24.43 17.86 -7.76
C HIS A 428 -23.24 18.33 -8.58
N TYR A 429 -22.06 18.35 -7.99
CA TYR A 429 -20.84 18.78 -8.66
C TYR A 429 -20.62 18.00 -9.97
N ARG A 430 -20.42 18.73 -11.07
CA ARG A 430 -20.23 18.12 -12.37
C ARG A 430 -18.78 17.96 -12.80
N TYR A 431 -17.84 18.02 -11.86
CA TYR A 431 -16.41 17.90 -12.17
C TYR A 431 -16.06 18.37 -13.59
N ASP B 2 -34.26 55.79 0.77
CA ASP B 2 -32.95 55.93 1.46
C ASP B 2 -32.37 57.36 1.33
N LYS B 3 -31.05 57.44 1.35
CA LYS B 3 -30.31 58.70 1.23
C LYS B 3 -30.17 59.05 -0.25
N LEU B 4 -29.05 59.69 -0.61
CA LEU B 4 -28.78 60.09 -1.99
C LEU B 4 -29.37 59.11 -3.01
N PRO B 5 -29.75 59.62 -4.19
CA PRO B 5 -30.34 58.81 -5.26
C PRO B 5 -29.40 57.69 -5.68
N TYR B 6 -28.11 57.95 -5.55
CA TYR B 6 -27.08 57.00 -5.91
C TYR B 6 -25.77 57.68 -5.58
N LYS B 7 -24.67 57.02 -5.90
CA LYS B 7 -23.35 57.59 -5.71
C LYS B 7 -22.39 56.77 -6.56
N VAL B 8 -21.62 57.47 -7.38
CA VAL B 8 -20.66 56.81 -8.26
C VAL B 8 -19.38 57.64 -8.42
N ALA B 9 -18.43 57.12 -9.17
CA ALA B 9 -17.17 57.82 -9.40
C ALA B 9 -17.35 59.08 -10.26
N ASP B 10 -18.04 58.93 -11.39
CA ASP B 10 -18.25 60.06 -12.29
C ASP B 10 -19.48 59.82 -13.17
N ILE B 11 -20.47 60.69 -13.04
CA ILE B 11 -21.70 60.55 -13.84
C ILE B 11 -21.46 61.02 -15.28
N GLY B 12 -20.38 61.77 -15.46
CA GLY B 12 -20.05 62.26 -16.79
C GLY B 12 -19.49 61.14 -17.63
N LEU B 13 -19.51 59.93 -17.07
CA LEU B 13 -19.01 58.73 -17.72
C LEU B 13 -20.18 57.90 -18.28
N ALA B 14 -21.39 58.33 -17.99
CA ALA B 14 -22.60 57.64 -18.45
C ALA B 14 -22.69 57.63 -19.97
N ALA B 15 -22.46 58.78 -20.58
CA ALA B 15 -22.53 58.89 -22.02
C ALA B 15 -21.74 57.77 -22.68
N TRP B 16 -20.56 57.50 -22.13
CA TRP B 16 -19.70 56.45 -22.64
C TRP B 16 -20.23 55.08 -22.25
N GLY B 17 -20.56 54.92 -20.97
CA GLY B 17 -21.09 53.65 -20.51
C GLY B 17 -22.30 53.17 -21.29
N ARG B 18 -23.16 54.08 -21.74
CA ARG B 18 -24.35 53.68 -22.49
C ARG B 18 -23.91 53.09 -23.83
N LYS B 19 -22.77 53.54 -24.35
CA LYS B 19 -22.28 53.02 -25.61
C LYS B 19 -21.83 51.59 -25.35
N ALA B 20 -21.19 51.40 -24.20
CA ALA B 20 -20.70 50.08 -23.80
C ALA B 20 -21.89 49.15 -23.62
N LEU B 21 -22.93 49.67 -22.97
CA LEU B 21 -24.14 48.91 -22.73
C LEU B 21 -24.76 48.56 -24.07
N ASP B 22 -24.81 49.55 -24.96
CA ASP B 22 -25.38 49.37 -26.28
C ASP B 22 -24.74 48.19 -26.98
N ILE B 23 -23.42 48.19 -27.07
CA ILE B 23 -22.71 47.12 -27.74
C ILE B 23 -22.89 45.81 -26.97
N ALA B 24 -22.84 45.91 -25.64
CA ALA B 24 -22.99 44.75 -24.78
C ALA B 24 -24.30 44.02 -25.01
N GLU B 25 -25.40 44.78 -25.08
CA GLU B 25 -26.73 44.21 -25.28
C GLU B 25 -26.81 43.29 -26.49
N ASN B 26 -26.25 43.75 -27.60
CA ASN B 26 -26.26 42.98 -28.83
C ASN B 26 -25.40 41.71 -28.72
N GLU B 27 -24.72 41.54 -27.59
CA GLU B 27 -23.88 40.37 -27.38
C GLU B 27 -24.40 39.47 -26.27
N MET B 28 -25.57 39.82 -25.73
CA MET B 28 -26.16 39.02 -24.66
C MET B 28 -27.58 38.59 -25.03
N PRO B 29 -27.71 37.67 -26.01
CA PRO B 29 -29.00 37.15 -26.50
C PRO B 29 -29.93 36.59 -25.43
N GLY B 30 -29.37 36.12 -24.32
CA GLY B 30 -30.20 35.60 -23.25
C GLY B 30 -31.02 36.71 -22.62
N LEU B 31 -30.35 37.72 -22.09
CA LEU B 31 -31.05 38.83 -21.45
C LEU B 31 -32.01 39.52 -22.39
N MET B 32 -31.55 39.80 -23.60
CA MET B 32 -32.39 40.47 -24.60
C MET B 32 -33.60 39.60 -24.94
N ARG B 33 -33.43 38.30 -24.81
CA ARG B 33 -34.50 37.35 -25.09
C ARG B 33 -35.55 37.41 -23.98
N MET B 34 -35.08 37.50 -22.74
CA MET B 34 -35.99 37.57 -21.61
C MET B 34 -36.78 38.85 -21.75
N ARG B 35 -36.12 39.86 -22.31
CA ARG B 35 -36.72 41.17 -22.50
C ARG B 35 -37.92 41.16 -23.44
N GLU B 36 -37.76 40.59 -24.63
CA GLU B 36 -38.87 40.55 -25.59
C GLU B 36 -40.13 39.83 -25.08
N MET B 37 -39.95 38.66 -24.50
CA MET B 37 -41.09 37.90 -24.02
C MET B 37 -41.65 38.34 -22.66
N TYR B 38 -40.91 39.17 -21.92
CA TYR B 38 -41.40 39.57 -20.61
C TYR B 38 -41.52 41.08 -20.39
N SER B 39 -41.04 41.86 -21.35
CA SER B 39 -41.10 43.31 -21.21
C SER B 39 -42.54 43.74 -20.88
N ALA B 40 -43.49 43.21 -21.64
CA ALA B 40 -44.92 43.48 -21.45
C ALA B 40 -45.49 42.76 -20.20
N SER B 41 -45.32 41.44 -20.15
CA SER B 41 -45.77 40.64 -19.01
C SER B 41 -45.33 41.26 -17.69
N LYS B 42 -44.07 41.66 -17.63
CA LYS B 42 -43.54 42.26 -16.39
C LYS B 42 -43.79 41.37 -15.18
N PRO B 43 -43.34 40.11 -15.25
CA PRO B 43 -43.50 39.14 -14.16
C PRO B 43 -42.86 39.57 -12.86
N LEU B 44 -41.92 40.50 -12.95
CA LEU B 44 -41.24 40.97 -11.75
C LEU B 44 -41.92 42.17 -11.12
N LYS B 45 -43.00 42.63 -11.75
CA LYS B 45 -43.77 43.76 -11.24
C LYS B 45 -44.06 43.56 -9.75
N GLY B 46 -43.81 44.60 -8.97
CA GLY B 46 -44.07 44.52 -7.54
C GLY B 46 -42.86 44.06 -6.75
N ALA B 47 -41.82 43.62 -7.46
CA ALA B 47 -40.61 43.15 -6.81
C ALA B 47 -39.63 44.29 -6.54
N ARG B 48 -38.92 44.20 -5.43
CA ARG B 48 -37.92 45.18 -5.08
C ARG B 48 -36.63 44.41 -4.83
N ILE B 49 -35.88 44.19 -5.91
CA ILE B 49 -34.62 43.45 -5.88
C ILE B 49 -33.43 44.29 -5.43
N ALA B 50 -32.73 43.79 -4.41
CA ALA B 50 -31.54 44.45 -3.87
C ALA B 50 -30.33 43.61 -4.30
N GLY B 51 -29.59 44.11 -5.26
CA GLY B 51 -28.44 43.35 -5.75
C GLY B 51 -27.07 43.67 -5.18
N CYS B 52 -26.21 42.65 -5.19
CA CYS B 52 -24.84 42.79 -4.75
C CYS B 52 -24.03 41.95 -5.72
N LEU B 53 -23.79 42.52 -6.90
CA LEU B 53 -23.03 41.87 -7.96
C LEU B 53 -22.11 42.93 -8.54
N HIS B 54 -20.89 42.53 -8.93
CA HIS B 54 -19.94 43.47 -9.51
C HIS B 54 -20.68 44.40 -10.48
N MET B 55 -20.47 45.71 -10.32
CA MET B 55 -21.16 46.67 -11.18
C MET B 55 -20.40 46.90 -12.47
N THR B 56 -20.63 46.03 -13.44
CA THR B 56 -19.96 46.11 -14.73
C THR B 56 -21.00 46.41 -15.81
N VAL B 57 -20.54 46.52 -17.05
CA VAL B 57 -21.44 46.81 -18.16
C VAL B 57 -22.43 45.67 -18.34
N GLU B 58 -21.94 44.43 -18.23
CA GLU B 58 -22.79 43.26 -18.39
C GLU B 58 -23.85 43.25 -17.30
N THR B 59 -23.45 43.53 -16.07
CA THR B 59 -24.40 43.57 -14.96
C THR B 59 -25.42 44.67 -15.21
N ALA B 60 -24.99 45.71 -15.92
CA ALA B 60 -25.86 46.84 -16.25
C ALA B 60 -27.03 46.34 -17.10
N VAL B 61 -26.72 45.45 -18.04
CA VAL B 61 -27.76 44.91 -18.89
C VAL B 61 -28.70 44.09 -18.03
N LEU B 62 -28.15 43.41 -17.03
CA LEU B 62 -28.98 42.58 -16.14
C LEU B 62 -29.95 43.47 -15.37
N ILE B 63 -29.45 44.58 -14.84
CA ILE B 63 -30.26 45.52 -14.07
C ILE B 63 -31.37 46.11 -14.94
N GLU B 64 -30.99 46.55 -16.15
CA GLU B 64 -31.93 47.14 -17.10
C GLU B 64 -32.95 46.13 -17.62
N THR B 65 -32.65 44.84 -17.45
CA THR B 65 -33.54 43.77 -17.88
C THR B 65 -34.56 43.54 -16.76
N LEU B 66 -34.06 43.39 -15.54
CA LEU B 66 -34.94 43.18 -14.41
C LEU B 66 -35.98 44.31 -14.37
N VAL B 67 -35.51 45.53 -14.61
CA VAL B 67 -36.39 46.70 -14.60
C VAL B 67 -37.40 46.62 -15.75
N ALA B 68 -36.95 46.11 -16.89
CA ALA B 68 -37.81 45.96 -18.04
C ALA B 68 -38.91 44.97 -17.67
N LEU B 69 -38.60 44.09 -16.74
CA LEU B 69 -39.54 43.08 -16.25
C LEU B 69 -40.38 43.66 -15.11
N GLY B 70 -40.38 44.99 -14.98
CA GLY B 70 -41.16 45.64 -13.97
C GLY B 70 -40.65 45.57 -12.54
N ALA B 71 -39.40 45.12 -12.36
CA ALA B 71 -38.85 45.03 -11.02
C ALA B 71 -38.34 46.39 -10.60
N GLU B 72 -38.12 46.56 -9.29
CA GLU B 72 -37.60 47.81 -8.73
C GLU B 72 -36.20 47.41 -8.24
N VAL B 73 -35.17 48.07 -8.78
CA VAL B 73 -33.81 47.73 -8.41
C VAL B 73 -32.92 48.80 -7.78
N ARG B 74 -32.17 48.38 -6.77
CA ARG B 74 -31.23 49.20 -6.03
C ARG B 74 -29.97 48.33 -5.98
N TRP B 75 -28.94 48.72 -6.75
CA TRP B 75 -27.71 47.94 -6.83
C TRP B 75 -26.49 48.41 -6.05
N SER B 76 -25.47 47.58 -6.07
CA SER B 76 -24.21 47.84 -5.41
C SER B 76 -23.25 46.75 -5.91
N SER B 77 -21.95 47.02 -5.91
CA SER B 77 -20.98 46.04 -6.39
C SER B 77 -20.57 45.15 -5.24
N CYS B 78 -20.28 43.89 -5.56
CA CYS B 78 -19.86 42.92 -4.53
C CYS B 78 -18.33 42.85 -4.41
N ASN B 79 -17.65 43.89 -4.88
CA ASN B 79 -16.19 43.95 -4.81
C ASN B 79 -15.74 45.40 -4.89
N ILE B 80 -14.81 45.77 -4.00
CA ILE B 80 -14.31 47.14 -3.96
C ILE B 80 -13.51 47.58 -5.18
N PHE B 81 -13.24 46.66 -6.11
CA PHE B 81 -12.47 46.98 -7.32
C PHE B 81 -13.17 46.50 -8.60
N SER B 82 -14.18 45.66 -8.44
CA SER B 82 -14.88 45.10 -9.60
C SER B 82 -15.81 46.06 -10.30
N THR B 83 -16.02 47.23 -9.74
CA THR B 83 -16.92 48.23 -10.34
C THR B 83 -16.39 48.91 -11.59
N GLN B 84 -17.26 49.06 -12.57
CA GLN B 84 -16.94 49.71 -13.84
C GLN B 84 -17.65 51.06 -13.77
N ASP B 85 -16.86 52.11 -13.52
CA ASP B 85 -17.38 53.46 -13.37
C ASP B 85 -18.21 54.05 -14.52
N HIS B 86 -17.92 53.68 -15.76
CA HIS B 86 -18.72 54.20 -16.86
C HIS B 86 -20.06 53.46 -16.91
N ALA B 87 -20.02 52.16 -16.60
CA ALA B 87 -21.22 51.33 -16.59
C ALA B 87 -22.16 51.79 -15.47
N ALA B 88 -21.60 51.99 -14.28
CA ALA B 88 -22.36 52.43 -13.12
C ALA B 88 -22.95 53.83 -13.32
N ALA B 89 -22.26 54.66 -14.11
CA ALA B 89 -22.72 56.01 -14.40
C ALA B 89 -23.94 55.98 -15.30
N ALA B 90 -23.88 55.14 -16.32
CA ALA B 90 -24.98 55.00 -17.27
C ALA B 90 -26.23 54.48 -16.55
N ILE B 91 -26.02 53.72 -15.49
CA ILE B 91 -27.14 53.17 -14.74
C ILE B 91 -27.77 54.21 -13.83
N ALA B 92 -26.94 54.92 -13.08
CA ALA B 92 -27.44 55.96 -12.17
C ALA B 92 -28.12 57.03 -13.00
N LYS B 93 -27.44 57.48 -14.05
CA LYS B 93 -27.98 58.51 -14.92
C LYS B 93 -29.33 58.02 -15.44
N ALA B 94 -29.50 56.71 -15.50
CA ALA B 94 -30.74 56.09 -15.99
C ALA B 94 -31.84 56.17 -14.94
N GLY B 95 -31.47 56.48 -13.71
CA GLY B 95 -32.46 56.58 -12.65
C GLY B 95 -32.43 55.42 -11.69
N ILE B 96 -31.62 54.40 -11.98
CA ILE B 96 -31.53 53.24 -11.10
C ILE B 96 -30.55 53.53 -9.97
N PRO B 97 -31.03 53.49 -8.72
CA PRO B 97 -30.18 53.76 -7.56
C PRO B 97 -29.04 52.79 -7.43
N VAL B 98 -27.88 53.17 -7.95
CA VAL B 98 -26.69 52.32 -7.90
C VAL B 98 -25.64 53.00 -7.03
N PHE B 99 -25.11 52.27 -6.07
CA PHE B 99 -24.08 52.80 -5.18
C PHE B 99 -22.84 51.94 -5.29
N ALA B 100 -22.03 52.22 -6.31
CA ALA B 100 -20.81 51.48 -6.54
C ALA B 100 -19.83 52.29 -7.36
N TRP B 101 -18.55 52.17 -7.02
CA TRP B 101 -17.48 52.88 -7.72
C TRP B 101 -16.18 52.12 -7.54
N LYS B 102 -15.37 52.12 -8.57
CA LYS B 102 -14.11 51.39 -8.51
C LYS B 102 -13.18 51.94 -7.43
N GLY B 103 -12.76 51.06 -6.53
CA GLY B 103 -11.86 51.45 -5.48
C GLY B 103 -12.52 51.94 -4.21
N GLU B 104 -13.47 51.18 -3.68
CA GLU B 104 -14.15 51.58 -2.45
C GLU B 104 -13.34 51.11 -1.26
N THR B 105 -13.73 51.55 -0.07
CA THR B 105 -13.03 51.12 1.13
C THR B 105 -13.96 50.12 1.82
N ASP B 106 -13.40 49.30 2.70
CA ASP B 106 -14.20 48.33 3.40
C ASP B 106 -15.40 49.03 4.02
N GLU B 107 -15.21 50.27 4.45
CA GLU B 107 -16.29 51.02 5.06
C GLU B 107 -17.30 51.47 4.00
N GLU B 108 -16.79 52.08 2.93
CA GLU B 108 -17.66 52.55 1.85
C GLU B 108 -18.37 51.39 1.17
N TYR B 109 -17.74 50.22 1.16
CA TYR B 109 -18.32 49.05 0.54
C TYR B 109 -19.60 48.62 1.29
N LEU B 110 -19.51 48.49 2.61
CA LEU B 110 -20.68 48.12 3.40
C LEU B 110 -21.77 49.17 3.24
N TRP B 111 -21.39 50.45 3.34
CA TRP B 111 -22.33 51.55 3.21
C TRP B 111 -23.14 51.39 1.93
N CYS B 112 -22.47 51.03 0.85
CA CYS B 112 -23.14 50.84 -0.42
C CYS B 112 -24.16 49.72 -0.32
N ILE B 113 -23.81 48.62 0.34
CA ILE B 113 -24.73 47.49 0.45
C ILE B 113 -25.99 47.89 1.23
N GLU B 114 -25.78 48.52 2.39
CA GLU B 114 -26.89 48.95 3.24
C GLU B 114 -27.81 49.88 2.47
N GLN B 115 -27.21 50.65 1.56
CA GLN B 115 -27.95 51.61 0.75
C GLN B 115 -29.02 50.98 -0.15
N THR B 116 -28.96 49.67 -0.33
CA THR B 116 -29.90 48.99 -1.21
C THR B 116 -31.05 48.27 -0.49
N LEU B 117 -30.98 48.24 0.84
CA LEU B 117 -32.00 47.56 1.61
C LEU B 117 -33.38 48.20 1.58
N HIS B 118 -33.43 49.53 1.62
CA HIS B 118 -34.73 50.20 1.65
C HIS B 118 -35.16 50.91 0.38
N PHE B 119 -36.39 50.62 -0.04
CA PHE B 119 -36.97 51.21 -1.24
C PHE B 119 -38.04 52.25 -0.94
N LYS B 120 -38.56 52.86 -1.99
CA LYS B 120 -39.59 53.88 -1.85
C LYS B 120 -40.79 53.30 -1.14
N ASP B 121 -41.41 52.30 -1.78
CA ASP B 121 -42.61 51.66 -1.25
C ASP B 121 -42.34 50.52 -0.26
N GLY B 122 -41.17 50.52 0.37
CA GLY B 122 -40.86 49.48 1.34
C GLY B 122 -39.44 48.96 1.25
N PRO B 123 -39.04 48.02 2.12
CA PRO B 123 -37.68 47.47 2.10
C PRO B 123 -37.56 46.45 0.97
N LEU B 124 -36.39 45.81 0.87
CA LEU B 124 -36.18 44.82 -0.17
C LEU B 124 -37.03 43.58 0.08
N ASN B 125 -37.62 43.05 -0.99
CA ASN B 125 -38.46 41.86 -0.91
C ASN B 125 -37.79 40.75 -1.73
N MET B 126 -36.62 41.05 -2.28
CA MET B 126 -35.87 40.10 -3.10
C MET B 126 -34.37 40.34 -2.94
N ILE B 127 -33.58 39.32 -3.24
CA ILE B 127 -32.13 39.44 -3.13
C ILE B 127 -31.42 38.81 -4.33
N LEU B 128 -30.54 39.56 -4.96
CA LEU B 128 -29.76 39.06 -6.09
C LEU B 128 -28.32 39.27 -5.63
N ASP B 129 -27.78 38.26 -4.98
CA ASP B 129 -26.44 38.30 -4.42
C ASP B 129 -25.38 37.58 -5.24
N ASP B 130 -24.13 37.97 -5.02
CA ASP B 130 -23.00 37.36 -5.68
C ASP B 130 -21.87 37.33 -4.64
N GLY B 131 -21.75 36.21 -3.94
CA GLY B 131 -20.73 36.09 -2.92
C GLY B 131 -21.34 35.88 -1.54
N GLY B 132 -22.66 36.09 -1.45
CA GLY B 132 -23.36 35.92 -0.19
C GLY B 132 -23.34 37.13 0.73
N ASP B 133 -22.48 38.09 0.42
CA ASP B 133 -22.32 39.30 1.22
C ASP B 133 -23.64 39.96 1.61
N LEU B 134 -24.55 40.08 0.66
CA LEU B 134 -25.84 40.71 0.94
C LEU B 134 -26.72 39.82 1.82
N THR B 135 -26.91 38.57 1.42
CA THR B 135 -27.72 37.63 2.17
C THR B 135 -27.16 37.41 3.57
N ASN B 136 -25.84 37.56 3.71
CA ASN B 136 -25.21 37.38 5.00
C ASN B 136 -25.41 38.61 5.88
N LEU B 137 -25.29 39.79 5.28
CA LEU B 137 -25.46 41.02 6.04
C LEU B 137 -26.84 41.06 6.64
N ILE B 138 -27.83 40.74 5.80
CA ILE B 138 -29.23 40.74 6.22
C ILE B 138 -29.51 39.71 7.30
N HIS B 139 -29.08 38.46 7.08
CA HIS B 139 -29.30 37.39 8.04
C HIS B 139 -28.70 37.66 9.42
N THR B 140 -27.53 38.30 9.45
CA THR B 140 -26.86 38.56 10.70
C THR B 140 -26.96 39.99 11.23
N LYS B 141 -27.42 40.92 10.39
CA LYS B 141 -27.54 42.29 10.85
C LYS B 141 -28.94 42.91 10.73
N HIS B 142 -29.74 42.47 9.76
CA HIS B 142 -31.07 43.03 9.59
C HIS B 142 -32.19 41.99 9.60
N PRO B 143 -32.12 41.00 10.52
CA PRO B 143 -33.12 39.95 10.62
C PRO B 143 -34.55 40.44 10.37
N GLN B 144 -34.85 41.61 10.92
CA GLN B 144 -36.17 42.21 10.79
C GLN B 144 -36.70 42.16 9.36
N LEU B 145 -35.82 42.39 8.38
CA LEU B 145 -36.20 42.39 6.98
C LEU B 145 -36.27 40.99 6.38
N LEU B 146 -35.72 40.02 7.10
CA LEU B 146 -35.71 38.63 6.62
C LEU B 146 -37.08 38.15 6.11
N SER B 147 -38.04 38.05 7.02
CA SER B 147 -39.39 37.59 6.74
C SER B 147 -40.09 38.26 5.56
N GLY B 148 -39.53 39.36 5.07
CA GLY B 148 -40.15 40.05 3.95
C GLY B 148 -39.58 39.67 2.60
N ILE B 149 -38.36 39.12 2.61
CA ILE B 149 -37.69 38.72 1.38
C ILE B 149 -38.27 37.42 0.83
N ARG B 150 -38.79 37.48 -0.38
CA ARG B 150 -39.38 36.30 -1.02
C ARG B 150 -38.34 35.30 -1.55
N GLY B 151 -37.08 35.73 -1.67
CA GLY B 151 -36.08 34.80 -2.16
C GLY B 151 -34.66 35.35 -2.37
N ILE B 152 -33.73 34.42 -2.56
CA ILE B 152 -32.33 34.76 -2.79
C ILE B 152 -31.84 34.22 -4.14
N SER B 153 -30.81 34.86 -4.68
CA SER B 153 -30.25 34.45 -5.96
C SER B 153 -28.74 34.54 -5.86
N GLU B 154 -28.10 33.42 -5.50
CA GLU B 154 -26.64 33.38 -5.40
C GLU B 154 -26.09 33.01 -6.77
N GLU B 155 -25.07 33.74 -7.18
CA GLU B 155 -24.45 33.54 -8.49
C GLU B 155 -23.07 32.90 -8.51
N THR B 156 -22.33 32.99 -7.42
CA THR B 156 -20.99 32.40 -7.39
C THR B 156 -20.82 31.20 -6.46
N THR B 157 -19.92 30.30 -6.87
CA THR B 157 -19.62 29.10 -6.10
C THR B 157 -19.46 29.46 -4.60
N THR B 158 -18.46 30.28 -4.31
CA THR B 158 -18.18 30.69 -2.95
C THR B 158 -19.47 31.01 -2.18
N GLY B 159 -20.33 31.83 -2.80
CA GLY B 159 -21.58 32.21 -2.16
C GLY B 159 -22.49 31.03 -1.92
N VAL B 160 -22.75 30.28 -2.99
CA VAL B 160 -23.60 29.10 -2.93
C VAL B 160 -23.05 28.12 -1.87
N HIS B 161 -21.73 28.05 -1.76
CA HIS B 161 -21.09 27.15 -0.80
C HIS B 161 -21.58 27.55 0.58
N ASN B 162 -21.60 28.85 0.84
CA ASN B 162 -22.05 29.39 2.11
C ASN B 162 -23.56 29.20 2.26
N LEU B 163 -24.29 29.29 1.17
CA LEU B 163 -25.74 29.14 1.20
C LEU B 163 -26.09 27.80 1.83
N TYR B 164 -25.35 26.77 1.42
CA TYR B 164 -25.57 25.42 1.93
C TYR B 164 -25.12 25.34 3.39
N LYS B 165 -24.02 26.03 3.71
CA LYS B 165 -23.50 26.04 5.07
C LYS B 165 -24.55 26.56 6.04
N MET B 166 -25.30 27.58 5.61
CA MET B 166 -26.32 28.15 6.47
C MET B 166 -27.42 27.14 6.73
N MET B 167 -27.89 26.52 5.66
CA MET B 167 -28.94 25.52 5.74
C MET B 167 -28.46 24.41 6.64
N ALA B 168 -27.19 24.04 6.47
CA ALA B 168 -26.59 22.97 7.27
C ALA B 168 -26.80 23.26 8.76
N ASN B 169 -26.91 24.54 9.11
CA ASN B 169 -27.11 24.95 10.48
C ASN B 169 -28.44 25.66 10.69
N GLY B 170 -29.38 25.39 9.77
CA GLY B 170 -30.70 25.99 9.83
C GLY B 170 -30.62 27.50 9.96
N ILE B 171 -29.56 28.09 9.42
CA ILE B 171 -29.40 29.53 9.50
C ILE B 171 -30.13 30.22 8.36
N LEU B 172 -30.07 29.62 7.17
CA LEU B 172 -30.73 30.15 5.99
C LEU B 172 -32.17 30.33 6.41
N LYS B 173 -32.69 31.54 6.28
CA LYS B 173 -34.06 31.83 6.69
C LYS B 173 -34.97 32.24 5.55
N VAL B 174 -34.51 32.04 4.32
CA VAL B 174 -35.30 32.39 3.13
C VAL B 174 -34.87 31.54 1.95
N PRO B 175 -35.83 30.99 1.20
CA PRO B 175 -35.58 30.13 0.03
C PRO B 175 -34.62 30.72 -0.99
N ALA B 176 -33.54 30.01 -1.25
CA ALA B 176 -32.54 30.48 -2.21
C ALA B 176 -32.49 29.60 -3.45
N ILE B 177 -32.05 30.17 -4.56
CA ILE B 177 -31.91 29.43 -5.80
C ILE B 177 -30.43 29.49 -6.12
N ASN B 178 -29.82 28.33 -6.34
CA ASN B 178 -28.41 28.23 -6.64
C ASN B 178 -28.21 28.33 -8.15
N VAL B 179 -27.90 29.54 -8.59
CA VAL B 179 -27.69 29.85 -10.00
C VAL B 179 -26.30 29.46 -10.50
N ASN B 180 -25.28 29.64 -9.65
CA ASN B 180 -23.91 29.30 -10.03
C ASN B 180 -23.80 27.88 -10.54
N ASP B 181 -24.63 26.99 -9.97
CA ASP B 181 -24.60 25.58 -10.31
C ASP B 181 -25.55 25.13 -11.42
N SER B 182 -25.78 26.00 -12.37
CA SER B 182 -26.61 25.66 -13.53
C SER B 182 -25.59 25.21 -14.57
N VAL B 183 -25.95 24.22 -15.39
CA VAL B 183 -25.00 23.76 -16.40
C VAL B 183 -24.52 24.93 -17.24
N THR B 184 -25.46 25.73 -17.73
CA THR B 184 -25.12 26.89 -18.57
C THR B 184 -24.36 27.96 -17.79
N LYS B 185 -24.40 27.87 -16.46
CA LYS B 185 -23.69 28.84 -15.65
C LYS B 185 -22.28 28.38 -15.39
N SER B 186 -22.13 27.38 -14.53
CA SER B 186 -20.82 26.86 -14.15
C SER B 186 -19.87 26.44 -15.27
N LYS B 187 -20.31 25.53 -16.14
CA LYS B 187 -19.48 25.05 -17.24
C LYS B 187 -19.19 26.09 -18.33
N PHE B 188 -19.88 27.23 -18.31
CA PHE B 188 -19.66 28.25 -19.34
C PHE B 188 -19.03 29.53 -18.81
N ASP B 189 -19.56 30.02 -17.68
CA ASP B 189 -19.08 31.25 -17.05
C ASP B 189 -17.71 31.04 -16.39
N ASN B 190 -17.67 30.26 -15.33
CA ASN B 190 -16.44 30.00 -14.62
C ASN B 190 -15.36 29.42 -15.53
N LEU B 191 -15.76 28.53 -16.44
CA LEU B 191 -14.79 27.90 -17.33
C LEU B 191 -14.38 28.71 -18.55
N TYR B 192 -15.34 29.06 -19.40
CA TYR B 192 -15.05 29.82 -20.60
C TYR B 192 -14.78 31.30 -20.36
N GLY B 193 -15.33 31.86 -19.28
CA GLY B 193 -15.12 33.26 -18.99
C GLY B 193 -13.72 33.51 -18.48
N CYS B 194 -13.35 32.80 -17.43
CA CYS B 194 -12.02 32.95 -16.83
C CYS B 194 -10.92 32.65 -17.84
N ARG B 195 -11.19 31.74 -18.76
CA ARG B 195 -10.24 31.38 -19.79
C ARG B 195 -9.83 32.64 -20.54
N GLU B 196 -10.82 33.48 -20.82
CA GLU B 196 -10.60 34.72 -21.55
C GLU B 196 -10.32 35.91 -20.64
N SER B 197 -10.96 35.95 -19.48
CA SER B 197 -10.76 37.08 -18.58
C SER B 197 -9.52 37.00 -17.68
N LEU B 198 -8.98 35.80 -17.46
CA LEU B 198 -7.79 35.69 -16.61
C LEU B 198 -6.59 36.42 -17.22
N ILE B 199 -6.13 35.94 -18.38
CA ILE B 199 -4.99 36.54 -19.07
C ILE B 199 -5.17 38.05 -19.21
N ASP B 200 -6.41 38.48 -19.37
CA ASP B 200 -6.72 39.88 -19.53
C ASP B 200 -6.28 40.65 -18.29
N GLY B 201 -6.74 40.18 -17.13
CA GLY B 201 -6.39 40.84 -15.89
C GLY B 201 -4.87 40.90 -15.77
N ILE B 202 -4.23 39.78 -16.09
CA ILE B 202 -2.77 39.70 -15.99
C ILE B 202 -2.09 40.71 -16.92
N LYS B 203 -2.40 40.63 -18.21
CA LYS B 203 -1.81 41.50 -19.21
C LYS B 203 -2.08 42.97 -18.96
N ARG B 204 -3.34 43.34 -18.80
CA ARG B 204 -3.65 44.74 -18.56
C ARG B 204 -2.86 45.22 -17.35
N ALA B 205 -2.62 44.32 -16.40
CA ALA B 205 -1.88 44.69 -15.19
C ALA B 205 -0.36 44.73 -15.37
N THR B 206 0.22 43.59 -15.72
CA THR B 206 1.67 43.49 -15.88
C THR B 206 2.15 43.61 -17.32
N ASP B 207 1.28 43.25 -18.26
CA ASP B 207 1.61 43.29 -19.68
C ASP B 207 2.71 42.29 -19.98
N VAL B 208 2.78 41.25 -19.16
CA VAL B 208 3.78 40.19 -19.28
C VAL B 208 3.48 39.22 -20.43
N MET B 209 4.52 38.54 -20.92
CA MET B 209 4.37 37.55 -21.98
C MET B 209 4.16 36.19 -21.31
N ILE B 210 3.11 35.49 -21.69
CA ILE B 210 2.83 34.19 -21.11
C ILE B 210 3.74 33.10 -21.68
N ALA B 211 3.95 33.11 -22.98
CA ALA B 211 4.80 32.15 -23.67
C ALA B 211 6.13 31.89 -22.99
N GLY B 212 6.49 30.62 -22.84
CA GLY B 212 7.75 30.25 -22.22
C GLY B 212 7.84 30.36 -20.70
N LYS B 213 6.75 30.77 -20.06
CA LYS B 213 6.74 30.93 -18.60
C LYS B 213 6.06 29.78 -17.89
N VAL B 214 6.56 29.45 -16.70
CA VAL B 214 5.96 28.37 -15.93
C VAL B 214 4.91 28.99 -15.02
N ALA B 215 3.64 28.76 -15.35
CA ALA B 215 2.56 29.31 -14.56
C ALA B 215 2.03 28.25 -13.61
N VAL B 216 1.73 28.65 -12.37
CA VAL B 216 1.20 27.72 -11.38
C VAL B 216 -0.24 28.07 -11.01
N VAL B 217 -1.14 27.11 -11.19
CA VAL B 217 -2.55 27.30 -10.89
C VAL B 217 -2.99 26.43 -9.73
N ALA B 218 -3.48 27.06 -8.67
CA ALA B 218 -3.94 26.33 -7.49
C ALA B 218 -5.44 26.07 -7.59
N GLY B 219 -5.80 24.79 -7.66
CA GLY B 219 -7.21 24.43 -7.78
C GLY B 219 -7.56 24.11 -9.21
N TYR B 220 -8.25 22.99 -9.42
CA TYR B 220 -8.65 22.57 -10.75
C TYR B 220 -10.15 22.53 -10.98
N GLY B 221 -10.87 23.52 -10.48
CA GLY B 221 -12.30 23.56 -10.70
C GLY B 221 -12.53 24.14 -12.06
N ASP B 222 -13.75 24.61 -12.34
CA ASP B 222 -14.06 25.21 -13.63
C ASP B 222 -13.17 26.42 -13.90
N VAL B 223 -12.89 27.18 -12.85
CA VAL B 223 -12.06 28.37 -12.96
C VAL B 223 -10.60 27.93 -13.16
N GLY B 224 -10.17 26.97 -12.36
CA GLY B 224 -8.82 26.46 -12.48
C GLY B 224 -8.62 25.86 -13.85
N LYS B 225 -9.64 25.17 -14.34
CA LYS B 225 -9.62 24.53 -15.65
C LYS B 225 -9.58 25.58 -16.76
N GLY B 226 -10.40 26.60 -16.63
CA GLY B 226 -10.45 27.66 -17.62
C GLY B 226 -9.17 28.47 -17.67
N CYS B 227 -8.58 28.70 -16.50
CA CYS B 227 -7.35 29.47 -16.38
C CYS B 227 -6.17 28.71 -16.98
N ALA B 228 -6.01 27.47 -16.53
CA ALA B 228 -4.94 26.60 -16.99
C ALA B 228 -4.93 26.53 -18.49
N GLN B 229 -6.07 26.19 -19.08
CA GLN B 229 -6.19 26.09 -20.51
C GLN B 229 -5.69 27.35 -21.21
N ALA B 230 -6.07 28.50 -20.64
CA ALA B 230 -5.67 29.79 -21.21
C ALA B 230 -4.16 29.96 -21.27
N LEU B 231 -3.50 29.89 -20.11
CA LEU B 231 -2.05 30.03 -20.05
C LEU B 231 -1.38 28.99 -20.93
N ARG B 232 -1.83 27.75 -20.80
CA ARG B 232 -1.29 26.65 -21.57
C ARG B 232 -1.36 26.97 -23.07
N GLY B 233 -2.45 27.59 -23.48
CA GLY B 233 -2.65 27.93 -24.88
C GLY B 233 -1.77 29.04 -25.43
N PHE B 234 -1.09 29.75 -24.55
CA PHE B 234 -0.23 30.84 -24.99
C PHE B 234 1.23 30.45 -24.97
N GLY B 235 1.51 29.25 -24.47
CA GLY B 235 2.89 28.78 -24.43
C GLY B 235 3.49 28.69 -23.04
N ALA B 236 2.65 28.75 -22.01
CA ALA B 236 3.15 28.67 -20.65
C ALA B 236 3.03 27.24 -20.18
N ARG B 237 3.95 26.83 -19.31
CA ARG B 237 3.93 25.49 -18.75
C ARG B 237 3.10 25.63 -17.48
N VAL B 238 1.89 25.10 -17.52
CA VAL B 238 0.99 25.16 -16.37
C VAL B 238 1.15 23.99 -15.41
N ILE B 239 1.36 24.31 -14.13
CA ILE B 239 1.50 23.29 -13.09
C ILE B 239 0.30 23.47 -12.19
N ILE B 240 -0.36 22.37 -11.86
CA ILE B 240 -1.55 22.43 -11.03
C ILE B 240 -1.39 21.79 -9.65
N THR B 241 -2.05 22.39 -8.67
CA THR B 241 -2.01 21.89 -7.30
C THR B 241 -3.46 21.62 -6.91
N GLU B 242 -3.71 20.52 -6.22
CA GLU B 242 -5.09 20.19 -5.85
C GLU B 242 -5.21 19.36 -4.58
N ILE B 243 -6.43 19.30 -4.05
CA ILE B 243 -6.74 18.53 -2.85
C ILE B 243 -7.72 17.42 -3.21
N ASP B 244 -8.36 17.54 -4.36
CA ASP B 244 -9.33 16.56 -4.81
C ASP B 244 -8.64 15.60 -5.78
N PRO B 245 -8.66 14.29 -5.46
CA PRO B 245 -8.00 13.32 -6.34
C PRO B 245 -8.67 13.25 -7.70
N ILE B 246 -9.98 13.38 -7.74
CA ILE B 246 -10.70 13.32 -9.01
C ILE B 246 -10.37 14.51 -9.92
N ASN B 247 -10.23 15.69 -9.32
CA ASN B 247 -9.91 16.87 -10.09
C ASN B 247 -8.42 16.86 -10.42
N ALA B 248 -7.65 16.15 -9.61
CA ALA B 248 -6.22 16.05 -9.82
C ALA B 248 -5.94 15.09 -10.96
N LEU B 249 -6.77 14.07 -11.08
CA LEU B 249 -6.60 13.09 -12.14
C LEU B 249 -6.93 13.72 -13.47
N GLN B 250 -7.96 14.57 -13.48
CA GLN B 250 -8.38 15.25 -14.70
C GLN B 250 -7.22 16.06 -15.25
N ALA B 251 -6.55 16.77 -14.35
CA ALA B 251 -5.39 17.60 -14.70
C ALA B 251 -4.31 16.74 -15.32
N ALA B 252 -3.92 15.68 -14.60
CA ALA B 252 -2.89 14.77 -15.06
C ALA B 252 -3.26 14.20 -16.42
N MET B 253 -4.53 13.82 -16.57
CA MET B 253 -5.03 13.28 -17.81
C MET B 253 -5.01 14.29 -18.94
N GLU B 254 -4.82 15.56 -18.58
CA GLU B 254 -4.78 16.64 -19.56
C GLU B 254 -3.34 17.06 -19.85
N GLY B 255 -2.39 16.37 -19.24
CA GLY B 255 -0.99 16.68 -19.45
C GLY B 255 -0.40 17.73 -18.52
N TYR B 256 -1.11 18.05 -17.45
CA TYR B 256 -0.62 19.03 -16.47
C TYR B 256 0.06 18.35 -15.29
N GLU B 257 1.15 18.94 -14.83
CA GLU B 257 1.86 18.38 -13.68
C GLU B 257 1.10 18.80 -12.43
N VAL B 258 0.77 17.84 -11.57
CA VAL B 258 0.08 18.16 -10.34
C VAL B 258 1.02 17.96 -9.16
N THR B 259 1.26 19.05 -8.42
CA THR B 259 2.13 19.03 -7.25
C THR B 259 1.62 19.94 -6.16
N THR B 260 2.44 20.09 -5.14
CA THR B 260 2.11 20.94 -4.00
C THR B 260 2.69 22.33 -4.24
N MET B 261 2.04 23.35 -3.70
CA MET B 261 2.54 24.70 -3.85
C MET B 261 3.90 24.76 -3.19
N ASP B 262 4.09 23.94 -2.15
CA ASP B 262 5.34 23.87 -1.41
C ASP B 262 6.49 23.54 -2.37
N GLU B 263 6.13 22.88 -3.47
CA GLU B 263 7.10 22.48 -4.48
C GLU B 263 7.08 23.45 -5.64
N ALA B 264 5.88 23.72 -6.15
CA ALA B 264 5.69 24.61 -7.29
C ALA B 264 6.18 26.03 -7.09
N CYS B 265 5.99 26.58 -5.89
CA CYS B 265 6.42 27.94 -5.61
C CYS B 265 7.86 28.21 -6.10
N LYS B 266 8.71 27.20 -6.05
CA LYS B 266 10.10 27.36 -6.47
C LYS B 266 10.30 27.36 -7.97
N GLU B 267 9.27 26.95 -8.72
CA GLU B 267 9.38 26.87 -10.17
C GLU B 267 8.48 27.83 -10.92
N GLY B 268 7.34 28.18 -10.33
CA GLY B 268 6.42 29.08 -10.99
C GLY B 268 6.92 30.49 -11.26
N ASN B 269 6.45 31.04 -12.38
CA ASN B 269 6.78 32.40 -12.83
C ASN B 269 5.51 33.24 -12.67
N ILE B 270 4.36 32.56 -12.75
CA ILE B 270 3.06 33.20 -12.63
C ILE B 270 2.22 32.32 -11.72
N PHE B 271 1.67 32.91 -10.67
CA PHE B 271 0.86 32.18 -9.72
C PHE B 271 -0.57 32.65 -9.74
N VAL B 272 -1.49 31.73 -9.98
CA VAL B 272 -2.94 32.03 -10.03
C VAL B 272 -3.68 31.13 -9.05
N THR B 273 -4.43 31.74 -8.14
CA THR B 273 -5.19 30.96 -7.17
C THR B 273 -6.65 30.96 -7.58
N THR B 274 -7.13 29.81 -8.03
CA THR B 274 -8.51 29.65 -8.46
C THR B 274 -9.30 28.90 -7.40
N THR B 275 -8.68 28.77 -6.24
CA THR B 275 -9.26 28.09 -5.07
C THR B 275 -10.18 29.06 -4.33
N GLY B 276 -10.98 28.54 -3.42
CA GLY B 276 -11.86 29.41 -2.63
C GLY B 276 -11.50 29.23 -1.17
N CYS B 277 -10.28 28.74 -0.95
CA CYS B 277 -9.75 28.46 0.38
C CYS B 277 -8.60 29.37 0.80
N VAL B 278 -8.40 29.48 2.10
CA VAL B 278 -7.35 30.32 2.68
C VAL B 278 -5.98 29.65 2.72
N ASP B 279 -4.95 30.48 2.91
CA ASP B 279 -3.58 30.02 2.99
C ASP B 279 -3.09 29.19 1.81
N ILE B 280 -3.32 29.69 0.60
CA ILE B 280 -2.87 28.99 -0.61
C ILE B 280 -1.44 29.43 -0.95
N ILE B 281 -1.17 30.73 -0.89
CA ILE B 281 0.16 31.25 -1.15
C ILE B 281 0.64 32.05 0.07
N LEU B 282 1.56 31.46 0.82
CA LEU B 282 2.09 32.08 2.03
C LEU B 282 3.51 32.64 1.83
N GLY B 283 4.04 33.25 2.87
CA GLY B 283 5.38 33.80 2.79
C GLY B 283 6.39 32.69 2.60
N ARG B 284 6.05 31.50 3.10
CA ARG B 284 6.93 30.33 2.97
C ARG B 284 7.14 30.05 1.49
N HIS B 285 6.19 30.50 0.68
CA HIS B 285 6.30 30.31 -0.76
C HIS B 285 6.91 31.58 -1.36
N PHE B 286 6.45 32.73 -0.88
CA PHE B 286 6.96 34.01 -1.35
C PHE B 286 8.47 34.02 -1.23
N GLU B 287 8.96 33.59 -0.08
CA GLU B 287 10.40 33.55 0.17
C GLU B 287 11.08 32.58 -0.80
N GLN B 288 10.28 31.81 -1.53
CA GLN B 288 10.79 30.82 -2.48
C GLN B 288 10.54 31.14 -3.94
N MET B 289 9.81 32.23 -4.21
CA MET B 289 9.50 32.60 -5.59
C MET B 289 10.65 33.22 -6.38
N LYS B 290 10.67 32.98 -7.68
CA LYS B 290 11.69 33.53 -8.55
C LYS B 290 11.51 35.04 -8.60
N ASP B 291 12.57 35.75 -8.99
CA ASP B 291 12.54 37.20 -9.09
C ASP B 291 11.44 37.65 -10.03
N ASP B 292 10.75 38.73 -9.67
CA ASP B 292 9.68 39.27 -10.49
C ASP B 292 8.55 38.28 -10.76
N ALA B 293 8.20 37.47 -9.77
CA ALA B 293 7.13 36.49 -9.89
C ALA B 293 5.77 37.18 -9.84
N ILE B 294 4.93 36.90 -10.81
CA ILE B 294 3.60 37.50 -10.87
C ILE B 294 2.59 36.66 -10.09
N VAL B 295 2.13 37.17 -8.96
CA VAL B 295 1.17 36.46 -8.12
C VAL B 295 -0.18 37.16 -8.16
N CYS B 296 -1.24 36.40 -8.39
CA CYS B 296 -2.57 36.98 -8.42
C CYS B 296 -3.62 35.94 -8.08
N ASN B 297 -4.79 36.40 -7.65
CA ASN B 297 -5.89 35.52 -7.28
C ASN B 297 -7.12 35.80 -8.12
N ILE B 298 -7.92 34.77 -8.38
CA ILE B 298 -9.15 34.92 -9.17
C ILE B 298 -10.35 34.37 -8.40
N GLY B 299 -10.07 33.75 -7.25
CA GLY B 299 -11.15 33.23 -6.44
C GLY B 299 -11.89 34.41 -5.86
N HIS B 300 -13.22 34.32 -5.87
CA HIS B 300 -14.07 35.40 -5.36
C HIS B 300 -13.46 36.20 -4.22
N PHE B 301 -13.48 35.64 -3.01
CA PHE B 301 -12.93 36.34 -1.85
C PHE B 301 -11.42 36.23 -1.86
N ASP B 302 -10.75 37.32 -1.49
CA ASP B 302 -9.30 37.33 -1.45
C ASP B 302 -8.86 36.79 -0.11
N VAL B 303 -8.80 35.47 -0.01
CA VAL B 303 -8.40 34.81 1.21
C VAL B 303 -7.29 33.80 0.95
N GLU B 304 -6.95 33.64 -0.33
CA GLU B 304 -5.93 32.69 -0.75
C GLU B 304 -4.49 33.14 -0.60
N ILE B 305 -4.18 34.36 -1.05
CA ILE B 305 -2.82 34.88 -0.95
C ILE B 305 -2.58 35.71 0.31
N ASP B 306 -1.48 35.43 1.00
CA ASP B 306 -1.15 36.16 2.22
C ASP B 306 -0.39 37.44 1.85
N VAL B 307 -1.14 38.49 1.54
CA VAL B 307 -0.54 39.77 1.19
C VAL B 307 0.05 40.48 2.41
N LYS B 308 -0.59 40.32 3.55
CA LYS B 308 -0.11 40.93 4.79
C LYS B 308 1.37 40.62 4.97
N TRP B 309 1.71 39.34 4.81
CA TRP B 309 3.08 38.90 4.94
C TRP B 309 3.99 39.70 4.03
N LEU B 310 3.56 39.86 2.77
CA LEU B 310 4.32 40.64 1.79
C LEU B 310 4.55 42.03 2.34
N ASN B 311 3.48 42.64 2.85
CA ASN B 311 3.53 43.99 3.39
C ASN B 311 4.28 44.06 4.71
N GLU B 312 4.36 42.95 5.42
CA GLU B 312 5.05 42.94 6.71
C GLU B 312 6.44 42.34 6.64
N ASN B 313 6.80 41.74 5.50
CA ASN B 313 8.11 41.12 5.38
C ASN B 313 8.93 41.60 4.19
N ALA B 314 8.32 42.39 3.31
CA ALA B 314 9.05 42.88 2.15
C ALA B 314 10.07 43.92 2.60
N VAL B 315 11.17 44.04 1.87
CA VAL B 315 12.20 45.01 2.19
C VAL B 315 11.72 46.38 1.72
N GLU B 316 10.93 46.36 0.65
CA GLU B 316 10.37 47.58 0.08
C GLU B 316 9.17 47.29 -0.82
N LYS B 317 8.20 48.20 -0.81
CA LYS B 317 6.98 48.07 -1.61
C LYS B 317 6.84 49.29 -2.51
N VAL B 318 6.74 49.05 -3.82
CA VAL B 318 6.60 50.12 -4.79
C VAL B 318 5.36 49.83 -5.63
N ASN B 319 4.56 50.86 -5.88
CA ASN B 319 3.36 50.70 -6.66
C ASN B 319 3.60 51.12 -8.11
N ILE B 320 3.51 50.16 -9.02
CA ILE B 320 3.70 50.42 -10.45
C ILE B 320 2.56 51.28 -11.00
N LYS B 321 1.34 50.87 -10.71
CA LYS B 321 0.16 51.60 -11.14
C LYS B 321 -1.03 51.02 -10.38
N PRO B 322 -2.21 51.63 -10.51
CA PRO B 322 -3.37 51.07 -9.78
C PRO B 322 -3.49 49.55 -9.89
N GLN B 323 -3.57 48.91 -8.73
CA GLN B 323 -3.70 47.45 -8.62
C GLN B 323 -2.47 46.68 -9.07
N VAL B 324 -1.31 47.30 -9.00
CA VAL B 324 -0.07 46.63 -9.38
C VAL B 324 1.03 47.12 -8.46
N ASP B 325 1.47 46.26 -7.56
CA ASP B 325 2.52 46.60 -6.61
C ASP B 325 3.72 45.67 -6.75
N ARG B 326 4.91 46.26 -6.80
CA ARG B 326 6.13 45.48 -6.93
C ARG B 326 6.92 45.46 -5.63
N TYR B 327 6.84 44.35 -4.92
CA TYR B 327 7.53 44.17 -3.65
C TYR B 327 8.97 43.72 -3.83
N LEU B 328 9.80 44.01 -2.84
CA LEU B 328 11.21 43.61 -2.86
C LEU B 328 11.47 42.80 -1.59
N LEU B 329 11.74 41.51 -1.73
CA LEU B 329 11.99 40.66 -0.58
C LEU B 329 13.42 40.75 -0.11
N LYS B 330 13.63 40.41 1.16
CA LYS B 330 14.94 40.45 1.79
C LYS B 330 15.97 39.57 1.07
N ASN B 331 15.50 38.70 0.18
CA ASN B 331 16.40 37.81 -0.57
C ASN B 331 16.83 38.45 -1.88
N GLY B 332 16.32 39.65 -2.14
CA GLY B 332 16.65 40.35 -3.36
C GLY B 332 15.65 40.12 -4.48
N HIS B 333 14.81 39.10 -4.33
CA HIS B 333 13.84 38.77 -5.35
C HIS B 333 12.65 39.71 -5.28
N ARG B 334 12.05 39.98 -6.44
CA ARG B 334 10.88 40.84 -6.55
C ARG B 334 9.61 40.02 -6.73
N ILE B 335 8.48 40.56 -6.27
CA ILE B 335 7.19 39.89 -6.36
C ILE B 335 6.13 40.90 -6.81
N ILE B 336 5.58 40.69 -8.00
CA ILE B 336 4.54 41.59 -8.52
C ILE B 336 3.16 41.09 -8.09
N LEU B 337 2.57 41.77 -7.11
CA LEU B 337 1.25 41.42 -6.59
C LEU B 337 0.22 42.21 -7.38
N LEU B 338 -0.80 41.53 -7.88
CA LEU B 338 -1.82 42.19 -8.67
C LEU B 338 -3.16 42.34 -7.93
N ALA B 339 -3.81 43.47 -8.17
CA ALA B 339 -5.10 43.78 -7.57
C ALA B 339 -5.16 43.56 -6.06
N GLU B 340 -4.01 43.69 -5.40
CA GLU B 340 -3.93 43.52 -3.94
C GLU B 340 -4.48 42.19 -3.44
N GLY B 341 -4.47 41.17 -4.30
CA GLY B 341 -4.96 39.87 -3.92
C GLY B 341 -6.41 39.60 -4.28
N ARG B 342 -7.16 40.66 -4.58
CA ARG B 342 -8.56 40.52 -4.95
C ARG B 342 -8.70 40.01 -6.38
N LEU B 343 -9.92 39.63 -6.78
CA LEU B 343 -10.20 39.11 -8.11
C LEU B 343 -9.32 39.83 -9.13
N VAL B 344 -8.63 39.07 -9.98
CA VAL B 344 -7.73 39.67 -10.95
C VAL B 344 -8.39 40.10 -12.27
N ASN B 345 -9.27 39.26 -12.79
CA ASN B 345 -9.94 39.58 -14.06
C ASN B 345 -10.82 40.80 -13.95
N LEU B 346 -11.46 40.98 -12.80
CA LEU B 346 -12.34 42.12 -12.59
C LEU B 346 -11.61 43.33 -11.99
N GLY B 347 -10.61 43.06 -11.16
CA GLY B 347 -9.86 44.12 -10.53
C GLY B 347 -8.81 44.78 -11.41
N CYS B 348 -8.31 44.05 -12.40
CA CYS B 348 -7.30 44.59 -13.31
C CYS B 348 -7.77 44.63 -14.78
N ALA B 349 -8.88 43.97 -15.06
CA ALA B 349 -9.42 43.93 -16.42
C ALA B 349 -10.91 44.20 -16.38
N MET B 350 -11.62 43.94 -17.47
CA MET B 350 -13.06 44.20 -17.51
C MET B 350 -13.94 43.01 -17.12
N GLY B 351 -13.34 41.93 -16.66
CA GLY B 351 -14.13 40.76 -16.27
C GLY B 351 -14.48 39.88 -17.45
N HIS B 352 -15.39 38.93 -17.23
CA HIS B 352 -15.81 38.03 -18.30
C HIS B 352 -16.49 38.83 -19.41
N PRO B 353 -16.38 38.35 -20.67
CA PRO B 353 -17.02 39.08 -21.77
C PRO B 353 -18.53 38.99 -21.63
N SER B 354 -19.23 39.88 -22.33
CA SER B 354 -20.69 39.95 -22.30
C SER B 354 -21.41 38.71 -22.79
N PHE B 355 -20.91 38.09 -23.86
CA PHE B 355 -21.59 36.91 -24.40
C PHE B 355 -21.78 35.80 -23.37
N VAL B 356 -20.73 35.49 -22.61
CA VAL B 356 -20.82 34.44 -21.62
C VAL B 356 -21.63 34.88 -20.40
N MET B 357 -21.60 36.17 -20.09
CA MET B 357 -22.32 36.68 -18.94
C MET B 357 -23.83 36.63 -19.17
N SER B 358 -24.23 36.56 -20.43
CA SER B 358 -25.65 36.49 -20.78
C SER B 358 -26.22 35.15 -20.33
N ASN B 359 -25.35 34.14 -20.28
CA ASN B 359 -25.73 32.81 -19.83
C ASN B 359 -26.04 32.89 -18.34
N SER B 360 -25.06 33.31 -17.55
CA SER B 360 -25.23 33.44 -16.12
C SER B 360 -26.38 34.35 -15.76
N PHE B 361 -26.41 35.53 -16.39
CA PHE B 361 -27.45 36.50 -16.11
C PHE B 361 -28.85 36.05 -16.54
N THR B 362 -28.94 35.25 -17.60
CA THR B 362 -30.24 34.76 -18.03
C THR B 362 -30.76 33.85 -16.92
N ASN B 363 -29.87 33.08 -16.33
CA ASN B 363 -30.24 32.20 -15.24
C ASN B 363 -30.72 33.06 -14.08
N GLN B 364 -30.09 34.22 -13.92
CA GLN B 364 -30.43 35.13 -12.84
C GLN B 364 -31.82 35.74 -13.00
N VAL B 365 -32.15 36.14 -14.23
CA VAL B 365 -33.46 36.72 -14.49
C VAL B 365 -34.51 35.67 -14.21
N MET B 366 -34.22 34.43 -14.62
CA MET B 366 -35.12 33.31 -14.41
C MET B 366 -35.29 33.01 -12.92
N ALA B 367 -34.16 32.86 -12.23
CA ALA B 367 -34.20 32.56 -10.81
C ALA B 367 -35.12 33.56 -10.12
N GLN B 368 -35.02 34.83 -10.50
CA GLN B 368 -35.84 35.87 -9.90
C GLN B 368 -37.32 35.65 -10.22
N ILE B 369 -37.63 35.39 -11.49
CA ILE B 369 -39.02 35.17 -11.88
C ILE B 369 -39.60 33.96 -11.15
N GLU B 370 -38.78 32.94 -10.93
CA GLU B 370 -39.23 31.74 -10.23
C GLU B 370 -39.61 32.04 -8.79
N LEU B 371 -38.64 32.48 -8.00
CA LEU B 371 -38.85 32.80 -6.59
C LEU B 371 -40.03 33.75 -6.41
N TRP B 372 -40.02 34.84 -7.17
CA TRP B 372 -41.06 35.86 -7.09
C TRP B 372 -42.40 35.29 -7.54
N THR B 373 -42.47 34.86 -8.79
CA THR B 373 -43.70 34.31 -9.34
C THR B 373 -44.24 33.11 -8.54
N HIS B 374 -43.50 32.01 -8.54
CA HIS B 374 -43.92 30.80 -7.81
C HIS B 374 -43.12 30.64 -6.52
N PRO B 375 -43.47 31.42 -5.49
CA PRO B 375 -42.75 31.33 -4.21
C PRO B 375 -43.04 30.04 -3.48
N ASP B 376 -44.32 29.72 -3.35
CA ASP B 376 -44.75 28.51 -2.64
C ASP B 376 -44.07 27.26 -3.19
N LYS B 377 -43.48 27.39 -4.37
CA LYS B 377 -42.79 26.27 -5.00
C LYS B 377 -41.36 26.14 -4.50
N TYR B 378 -40.91 27.12 -3.71
CA TYR B 378 -39.56 27.11 -3.18
C TYR B 378 -39.48 27.30 -1.67
N PRO B 379 -39.50 26.20 -0.91
CA PRO B 379 -39.41 26.25 0.55
C PRO B 379 -38.04 26.75 0.97
N VAL B 380 -37.90 27.21 2.20
CA VAL B 380 -36.61 27.71 2.67
C VAL B 380 -35.53 26.67 2.42
N GLY B 381 -34.59 27.00 1.54
CA GLY B 381 -33.52 26.09 1.20
C GLY B 381 -33.03 26.44 -0.20
N VAL B 382 -31.79 26.07 -0.52
CA VAL B 382 -31.24 26.38 -1.83
C VAL B 382 -31.73 25.40 -2.89
N HIS B 383 -32.17 25.92 -4.03
CA HIS B 383 -32.67 25.08 -5.10
C HIS B 383 -31.98 25.32 -6.44
N PHE B 384 -32.22 24.41 -7.37
CA PHE B 384 -31.64 24.51 -8.69
C PHE B 384 -32.76 24.91 -9.63
N LEU B 385 -32.39 25.30 -10.84
CA LEU B 385 -33.36 25.71 -11.84
C LEU B 385 -33.71 24.50 -12.72
N PRO B 386 -35.01 24.27 -12.95
CA PRO B 386 -35.40 23.14 -13.80
C PRO B 386 -34.49 23.00 -15.03
N LYS B 387 -34.07 21.78 -15.34
CA LYS B 387 -33.20 21.54 -16.49
C LYS B 387 -33.82 22.07 -17.77
N LYS B 388 -35.14 22.06 -17.83
CA LYS B 388 -35.83 22.56 -19.02
C LYS B 388 -35.43 24.01 -19.20
N LEU B 389 -35.31 24.73 -18.08
CA LEU B 389 -34.93 26.12 -18.11
C LEU B 389 -33.45 26.25 -18.46
N ASP B 390 -32.60 25.45 -17.83
CA ASP B 390 -31.17 25.45 -18.08
C ASP B 390 -30.97 25.29 -19.58
N GLU B 391 -31.81 24.47 -20.19
CA GLU B 391 -31.75 24.23 -21.63
C GLU B 391 -32.15 25.50 -22.38
N ALA B 392 -33.11 26.22 -21.82
CA ALA B 392 -33.61 27.46 -22.42
C ALA B 392 -32.54 28.51 -22.52
N VAL B 393 -31.61 28.51 -21.57
CA VAL B 393 -30.53 29.47 -21.57
C VAL B 393 -29.62 29.20 -22.77
N ALA B 394 -29.06 28.00 -22.80
CA ALA B 394 -28.17 27.60 -23.87
C ALA B 394 -28.83 27.89 -25.20
N GLU B 395 -30.01 27.29 -25.39
CA GLU B 395 -30.76 27.46 -26.63
C GLU B 395 -30.91 28.92 -27.07
N ALA B 396 -30.83 29.85 -26.12
CA ALA B 396 -30.99 31.26 -26.44
C ALA B 396 -29.75 31.94 -27.05
N HIS B 397 -28.58 31.36 -26.86
CA HIS B 397 -27.36 31.95 -27.41
C HIS B 397 -26.88 31.17 -28.63
N LEU B 398 -27.53 30.04 -28.91
CA LEU B 398 -27.16 29.22 -30.05
C LEU B 398 -27.29 30.03 -31.33
N GLY B 399 -28.40 30.73 -31.46
CA GLY B 399 -28.66 31.53 -32.64
C GLY B 399 -27.57 32.54 -33.00
N LYS B 400 -27.13 33.31 -32.01
CA LYS B 400 -26.10 34.31 -32.26
C LYS B 400 -24.90 33.61 -32.90
N LEU B 401 -24.56 32.43 -32.38
CA LEU B 401 -23.44 31.67 -32.89
C LEU B 401 -23.79 30.95 -34.18
N ASN B 402 -24.97 31.25 -34.69
CA ASN B 402 -25.48 30.66 -35.93
C ASN B 402 -25.43 29.14 -35.93
N VAL B 403 -25.51 28.56 -34.74
CA VAL B 403 -25.49 27.12 -34.58
C VAL B 403 -26.80 26.54 -35.10
N LYS B 404 -26.70 25.43 -35.82
CA LYS B 404 -27.88 24.75 -36.34
C LYS B 404 -28.07 23.45 -35.56
N LEU B 405 -28.95 23.51 -34.58
CA LEU B 405 -29.24 22.35 -33.74
C LEU B 405 -30.04 21.32 -34.52
N THR B 406 -29.99 20.08 -34.06
CA THR B 406 -30.73 19.00 -34.70
C THR B 406 -32.05 18.74 -33.98
N LYS B 407 -33.04 18.31 -34.73
CA LYS B 407 -34.36 18.03 -34.18
C LYS B 407 -34.66 16.53 -34.21
N LEU B 408 -34.91 15.96 -33.04
CA LEU B 408 -35.22 14.54 -32.95
C LEU B 408 -36.49 14.26 -33.73
N THR B 409 -36.56 13.10 -34.38
CA THR B 409 -37.76 12.73 -35.11
C THR B 409 -38.63 11.96 -34.14
N GLU B 410 -39.88 11.71 -34.52
CA GLU B 410 -40.79 10.97 -33.66
C GLU B 410 -40.22 9.58 -33.36
N LYS B 411 -39.62 8.96 -34.37
CA LYS B 411 -39.03 7.63 -34.22
C LYS B 411 -37.83 7.64 -33.28
N GLN B 412 -36.95 8.61 -33.43
CA GLN B 412 -35.77 8.71 -32.59
C GLN B 412 -36.15 8.98 -31.14
N ALA B 413 -37.02 9.98 -30.94
CA ALA B 413 -37.48 10.33 -29.60
C ALA B 413 -38.01 9.07 -28.95
N GLN B 414 -38.76 8.29 -29.71
CA GLN B 414 -39.33 7.03 -29.23
C GLN B 414 -38.19 6.12 -28.83
N TYR B 415 -37.26 5.90 -29.75
CA TYR B 415 -36.11 5.04 -29.50
C TYR B 415 -35.42 5.47 -28.20
N LEU B 416 -34.99 6.72 -28.15
CA LEU B 416 -34.32 7.26 -26.99
C LEU B 416 -35.25 7.32 -25.79
N GLY B 417 -36.55 7.35 -26.06
CA GLY B 417 -37.51 7.41 -24.98
C GLY B 417 -37.45 8.75 -24.29
N MET B 418 -37.44 9.83 -25.07
CA MET B 418 -37.39 11.17 -24.52
C MET B 418 -38.17 12.13 -25.44
N PRO B 419 -38.70 13.23 -24.85
CA PRO B 419 -39.46 14.21 -25.64
C PRO B 419 -38.58 14.92 -26.64
N ILE B 420 -39.10 15.08 -27.86
CA ILE B 420 -38.37 15.75 -28.93
C ILE B 420 -37.71 17.02 -28.42
N ASN B 421 -38.34 17.66 -27.45
CA ASN B 421 -37.81 18.89 -26.85
C ASN B 421 -37.53 18.71 -25.37
N GLY B 422 -38.33 17.86 -24.72
CA GLY B 422 -38.17 17.61 -23.30
C GLY B 422 -36.71 17.47 -22.90
N PRO B 423 -36.38 17.73 -21.63
CA PRO B 423 -34.99 17.63 -21.15
C PRO B 423 -34.30 16.42 -21.76
N PHE B 424 -33.16 16.66 -22.38
CA PHE B 424 -32.42 15.58 -23.03
C PHE B 424 -31.41 14.88 -22.13
N LYS B 425 -31.24 15.34 -20.91
CA LYS B 425 -30.27 14.70 -20.04
C LYS B 425 -30.80 14.45 -18.64
N PRO B 426 -30.39 13.32 -18.04
CA PRO B 426 -30.86 13.03 -16.69
C PRO B 426 -30.33 14.12 -15.79
N ASP B 427 -30.91 14.25 -14.61
CA ASP B 427 -30.46 15.29 -13.70
C ASP B 427 -29.01 15.10 -13.31
N HIS B 428 -28.62 13.85 -13.05
CA HIS B 428 -27.25 13.54 -12.63
C HIS B 428 -26.20 13.79 -13.69
N TYR B 429 -26.65 14.09 -14.91
CA TYR B 429 -25.76 14.34 -16.05
C TYR B 429 -24.79 15.48 -15.74
N ARG B 430 -23.51 15.23 -15.96
CA ARG B 430 -22.46 16.21 -15.68
C ARG B 430 -21.94 16.96 -16.92
N TYR B 431 -22.75 16.99 -17.98
CA TYR B 431 -22.40 17.65 -19.24
C TYR B 431 -20.88 17.78 -19.43
N ASP C 2 19.76 -8.84 -63.72
CA ASP C 2 20.28 -9.43 -62.45
C ASP C 2 19.81 -10.88 -62.23
N LYS C 3 19.67 -11.23 -60.95
CA LYS C 3 19.23 -12.55 -60.53
C LYS C 3 17.70 -12.58 -60.56
N LEU C 4 17.11 -13.38 -59.67
CA LEU C 4 15.65 -13.52 -59.58
C LEU C 4 14.90 -12.24 -59.96
N PRO C 5 13.70 -12.40 -60.54
CA PRO C 5 12.88 -11.25 -60.95
C PRO C 5 12.61 -10.30 -59.81
N TYR C 6 12.60 -10.85 -58.61
CA TYR C 6 12.35 -10.08 -57.40
C TYR C 6 12.37 -11.08 -56.26
N LYS C 7 12.11 -10.60 -55.05
CA LYS C 7 12.03 -11.49 -53.90
C LYS C 7 11.30 -10.76 -52.79
N VAL C 8 10.25 -11.40 -52.26
CA VAL C 8 9.45 -10.79 -51.21
C VAL C 8 8.99 -11.82 -50.17
N ALA C 9 8.25 -11.34 -49.18
CA ALA C 9 7.74 -12.19 -48.11
C ALA C 9 6.67 -13.15 -48.62
N ASP C 10 5.70 -12.63 -49.35
CA ASP C 10 4.60 -13.47 -49.86
C ASP C 10 3.91 -12.81 -51.03
N ILE C 11 3.98 -13.42 -52.21
CA ILE C 11 3.34 -12.84 -53.39
C ILE C 11 1.83 -13.00 -53.33
N GLY C 12 1.38 -13.86 -52.44
CA GLY C 12 -0.05 -14.09 -52.29
C GLY C 12 -0.65 -12.95 -51.49
N LEU C 13 0.17 -11.93 -51.25
CA LEU C 13 -0.26 -10.76 -50.51
C LEU C 13 -0.53 -9.60 -51.47
N ALA C 14 -0.20 -9.81 -52.74
CA ALA C 14 -0.40 -8.80 -53.77
C ALA C 14 -1.86 -8.39 -53.91
N ALA C 15 -2.74 -9.39 -54.07
CA ALA C 15 -4.16 -9.14 -54.24
C ALA C 15 -4.67 -8.13 -53.23
N TRP C 16 -4.18 -8.22 -51.99
CA TRP C 16 -4.58 -7.30 -50.94
C TRP C 16 -3.85 -5.97 -51.16
N GLY C 17 -2.55 -6.05 -51.36
CA GLY C 17 -1.76 -4.86 -51.57
C GLY C 17 -2.30 -3.95 -52.64
N ARG C 18 -2.88 -4.54 -53.68
CA ARG C 18 -3.45 -3.75 -54.77
C ARG C 18 -4.66 -2.97 -54.28
N LYS C 19 -5.36 -3.54 -53.31
CA LYS C 19 -6.51 -2.86 -52.76
C LYS C 19 -5.95 -1.66 -51.98
N ALA C 20 -4.90 -1.91 -51.21
CA ALA C 20 -4.27 -0.85 -50.44
C ALA C 20 -3.82 0.24 -51.40
N LEU C 21 -3.16 -0.16 -52.48
CA LEU C 21 -2.67 0.78 -53.48
C LEU C 21 -3.86 1.54 -54.06
N ASP C 22 -4.91 0.81 -54.38
CA ASP C 22 -6.10 1.42 -54.96
C ASP C 22 -6.67 2.53 -54.08
N ILE C 23 -6.76 2.28 -52.78
CA ILE C 23 -7.30 3.30 -51.87
C ILE C 23 -6.27 4.41 -51.73
N ALA C 24 -5.00 4.01 -51.60
CA ALA C 24 -3.90 4.94 -51.43
C ALA C 24 -3.83 5.96 -52.56
N GLU C 25 -3.91 5.48 -53.79
CA GLU C 25 -3.81 6.35 -54.95
C GLU C 25 -4.75 7.54 -54.88
N ASN C 26 -5.98 7.26 -54.46
CA ASN C 26 -7.02 8.29 -54.37
C ASN C 26 -6.74 9.32 -53.28
N GLU C 27 -5.73 9.06 -52.47
CA GLU C 27 -5.37 9.96 -51.38
C GLU C 27 -4.06 10.67 -51.65
N MET C 28 -3.49 10.44 -52.82
CA MET C 28 -2.22 11.07 -53.19
C MET C 28 -2.38 11.86 -54.49
N PRO C 29 -3.04 13.03 -54.41
CA PRO C 29 -3.28 13.90 -55.57
C PRO C 29 -2.02 14.34 -56.32
N GLY C 30 -0.92 14.51 -55.60
CA GLY C 30 0.31 14.94 -56.24
C GLY C 30 0.77 13.92 -57.26
N LEU C 31 1.00 12.69 -56.82
CA LEU C 31 1.46 11.63 -57.71
C LEU C 31 0.46 11.40 -58.86
N MET C 32 -0.80 11.20 -58.53
CA MET C 32 -1.77 10.98 -59.59
C MET C 32 -1.78 12.15 -60.57
N ARG C 33 -1.42 13.34 -60.08
CA ARG C 33 -1.40 14.53 -60.92
C ARG C 33 -0.23 14.45 -61.89
N MET C 34 0.92 14.00 -61.39
CA MET C 34 2.11 13.85 -62.22
C MET C 34 1.82 12.80 -63.29
N ARG C 35 0.92 11.88 -62.96
CA ARG C 35 0.53 10.81 -63.87
C ARG C 35 -0.25 11.35 -65.07
N GLU C 36 -1.33 12.07 -64.82
CA GLU C 36 -2.15 12.61 -65.89
C GLU C 36 -1.41 13.45 -66.92
N MET C 37 -0.55 14.35 -66.46
CA MET C 37 0.18 15.23 -67.37
C MET C 37 1.49 14.66 -67.95
N TYR C 38 1.96 13.55 -67.41
CA TYR C 38 3.19 12.96 -67.91
C TYR C 38 3.09 11.51 -68.38
N SER C 39 1.94 10.88 -68.15
CA SER C 39 1.75 9.50 -68.55
C SER C 39 2.10 9.32 -70.03
N ALA C 40 1.59 10.22 -70.85
CA ALA C 40 1.86 10.19 -72.29
C ALA C 40 3.26 10.68 -72.57
N SER C 41 3.57 11.88 -72.09
CA SER C 41 4.88 12.47 -72.31
C SER C 41 6.01 11.52 -71.98
N LYS C 42 5.90 10.80 -70.87
CA LYS C 42 6.93 9.84 -70.48
C LYS C 42 8.32 10.50 -70.41
N PRO C 43 8.41 11.63 -69.70
CA PRO C 43 9.71 12.32 -69.60
C PRO C 43 10.82 11.48 -69.01
N LEU C 44 10.46 10.41 -68.29
CA LEU C 44 11.47 9.56 -67.66
C LEU C 44 11.89 8.43 -68.57
N LYS C 45 11.33 8.40 -69.77
CA LYS C 45 11.64 7.38 -70.75
C LYS C 45 13.15 7.26 -70.90
N GLY C 46 13.64 6.03 -70.92
CA GLY C 46 15.07 5.82 -71.06
C GLY C 46 15.83 5.86 -69.74
N ALA C 47 15.12 6.12 -68.66
CA ALA C 47 15.73 6.18 -67.33
C ALA C 47 15.67 4.85 -66.61
N ARG C 48 16.71 4.55 -65.85
CA ARG C 48 16.77 3.31 -65.07
C ARG C 48 17.01 3.71 -63.61
N ILE C 49 15.93 3.97 -62.91
CA ILE C 49 15.97 4.39 -61.51
C ILE C 49 16.10 3.25 -60.50
N ALA C 50 17.15 3.33 -59.68
CA ALA C 50 17.42 2.33 -58.65
C ALA C 50 17.04 2.98 -57.33
N GLY C 51 15.90 2.57 -56.77
CA GLY C 51 15.45 3.16 -55.52
C GLY C 51 15.76 2.44 -54.21
N CYS C 52 15.95 3.23 -53.16
CA CYS C 52 16.21 2.71 -51.84
C CYS C 52 15.36 3.53 -50.88
N LEU C 53 14.09 3.22 -50.83
CA LEU C 53 13.13 3.90 -49.97
C LEU C 53 12.25 2.83 -49.35
N HIS C 54 11.82 3.03 -48.12
CA HIS C 54 10.96 2.04 -47.45
C HIS C 54 9.90 1.53 -48.43
N MET C 55 9.76 0.22 -48.53
CA MET C 55 8.80 -0.34 -49.46
C MET C 55 7.41 -0.45 -48.84
N THR C 56 6.68 0.65 -48.88
CA THR C 56 5.34 0.73 -48.33
C THR C 56 4.33 0.90 -49.46
N VAL C 57 3.06 1.03 -49.10
CA VAL C 57 2.02 1.21 -50.11
C VAL C 57 2.20 2.53 -50.82
N GLU C 58 2.48 3.58 -50.05
CA GLU C 58 2.67 4.90 -50.62
C GLU C 58 3.83 4.90 -51.60
N THR C 59 4.95 4.30 -51.21
CA THR C 59 6.11 4.20 -52.08
C THR C 59 5.72 3.40 -53.31
N ALA C 60 4.75 2.51 -53.15
CA ALA C 60 4.29 1.68 -54.26
C ALA C 60 3.69 2.56 -55.33
N VAL C 61 2.93 3.57 -54.91
CA VAL C 61 2.32 4.50 -55.84
C VAL C 61 3.40 5.34 -56.52
N LEU C 62 4.51 5.56 -55.82
CA LEU C 62 5.59 6.34 -56.39
C LEU C 62 6.22 5.52 -57.51
N ILE C 63 6.52 4.25 -57.21
CA ILE C 63 7.12 3.37 -58.18
C ILE C 63 6.25 3.26 -59.43
N GLU C 64 4.96 2.99 -59.24
CA GLU C 64 4.04 2.87 -60.35
C GLU C 64 3.88 4.19 -61.11
N THR C 65 4.26 5.30 -60.46
CA THR C 65 4.14 6.60 -61.10
C THR C 65 5.35 6.81 -61.96
N LEU C 66 6.52 6.49 -61.42
CA LEU C 66 7.78 6.63 -62.15
C LEU C 66 7.68 5.80 -63.42
N VAL C 67 7.17 4.58 -63.28
CA VAL C 67 7.01 3.70 -64.42
C VAL C 67 6.05 4.33 -65.43
N ALA C 68 4.94 4.87 -64.94
CA ALA C 68 3.96 5.51 -65.81
C ALA C 68 4.64 6.61 -66.61
N LEU C 69 5.72 7.14 -66.04
CA LEU C 69 6.49 8.20 -66.70
C LEU C 69 7.54 7.59 -67.63
N GLY C 70 7.37 6.30 -67.90
CA GLY C 70 8.28 5.59 -68.78
C GLY C 70 9.61 5.18 -68.17
N ALA C 71 9.75 5.34 -66.87
CA ALA C 71 11.01 4.97 -66.23
C ALA C 71 11.13 3.47 -66.08
N GLU C 72 12.35 3.01 -65.78
CA GLU C 72 12.64 1.58 -65.56
C GLU C 72 13.05 1.49 -64.09
N VAL C 73 12.23 0.85 -63.27
CA VAL C 73 12.54 0.78 -61.84
C VAL C 73 12.86 -0.59 -61.25
N ARG C 74 13.80 -0.60 -60.32
CA ARG C 74 14.24 -1.78 -59.57
C ARG C 74 14.35 -1.24 -58.15
N TRP C 75 13.41 -1.63 -57.29
CA TRP C 75 13.39 -1.12 -55.92
C TRP C 75 13.94 -2.00 -54.80
N SER C 76 13.97 -1.42 -53.61
CA SER C 76 14.44 -2.06 -52.40
C SER C 76 14.09 -1.14 -51.24
N SER C 77 13.89 -1.69 -50.04
CA SER C 77 13.56 -0.88 -48.89
C SER C 77 14.84 -0.38 -48.23
N CYS C 78 14.79 0.81 -47.67
CA CYS C 78 15.96 1.38 -47.02
C CYS C 78 15.90 1.13 -45.53
N ASN C 79 15.22 0.05 -45.15
CA ASN C 79 15.10 -0.33 -43.74
C ASN C 79 14.68 -1.78 -43.62
N ILE C 80 15.36 -2.53 -42.75
CA ILE C 80 15.06 -3.94 -42.57
C ILE C 80 13.68 -4.25 -41.96
N PHE C 81 12.98 -3.23 -41.49
CA PHE C 81 11.65 -3.41 -40.90
C PHE C 81 10.57 -2.56 -41.55
N SER C 82 10.99 -1.56 -42.32
CA SER C 82 10.06 -0.62 -42.95
C SER C 82 9.23 -1.18 -44.10
N THR C 83 9.58 -2.37 -44.56
CA THR C 83 8.87 -2.98 -45.67
C THR C 83 7.45 -3.44 -45.37
N GLN C 84 6.54 -3.14 -46.30
CA GLN C 84 5.15 -3.53 -46.19
C GLN C 84 5.03 -4.66 -47.21
N ASP C 85 4.95 -5.89 -46.69
CA ASP C 85 4.87 -7.08 -47.51
C ASP C 85 3.75 -7.19 -48.54
N HIS C 86 2.56 -6.68 -48.23
CA HIS C 86 1.45 -6.74 -49.19
C HIS C 86 1.66 -5.71 -50.30
N ALA C 87 2.28 -4.59 -49.95
CA ALA C 87 2.58 -3.53 -50.91
C ALA C 87 3.65 -4.05 -51.87
N ALA C 88 4.73 -4.57 -51.31
CA ALA C 88 5.82 -5.10 -52.13
C ALA C 88 5.31 -6.20 -53.04
N ALA C 89 4.37 -7.01 -52.53
CA ALA C 89 3.81 -8.12 -53.30
C ALA C 89 3.07 -7.63 -54.52
N ALA C 90 2.26 -6.59 -54.34
CA ALA C 90 1.49 -6.02 -55.43
C ALA C 90 2.40 -5.45 -56.50
N ILE C 91 3.56 -4.94 -56.08
CA ILE C 91 4.52 -4.36 -57.00
C ILE C 91 5.24 -5.43 -57.81
N ALA C 92 5.76 -6.46 -57.13
CA ALA C 92 6.46 -7.54 -57.80
C ALA C 92 5.50 -8.25 -58.75
N LYS C 93 4.32 -8.61 -58.23
CA LYS C 93 3.31 -9.28 -59.04
C LYS C 93 3.02 -8.43 -60.27
N ALA C 94 3.27 -7.12 -60.15
CA ALA C 94 3.01 -6.18 -61.23
C ALA C 94 4.13 -6.21 -62.27
N GLY C 95 5.24 -6.87 -61.94
CA GLY C 95 6.35 -6.97 -62.86
C GLY C 95 7.55 -6.12 -62.50
N ILE C 96 7.40 -5.26 -61.50
CA ILE C 96 8.51 -4.39 -61.06
C ILE C 96 9.45 -5.12 -60.14
N PRO C 97 10.72 -5.26 -60.54
CA PRO C 97 11.71 -5.95 -59.71
C PRO C 97 11.89 -5.29 -58.36
N VAL C 98 11.25 -5.85 -57.34
CA VAL C 98 11.34 -5.30 -56.00
C VAL C 98 11.92 -6.37 -55.09
N PHE C 99 12.96 -6.00 -54.36
CA PHE C 99 13.61 -6.93 -53.46
C PHE C 99 13.56 -6.36 -52.06
N ALA C 100 12.43 -6.56 -51.41
CA ALA C 100 12.23 -6.07 -50.05
C ALA C 100 11.19 -6.89 -49.32
N TRP C 101 11.41 -7.10 -48.04
CA TRP C 101 10.48 -7.84 -47.20
C TRP C 101 10.71 -7.42 -45.76
N LYS C 102 9.62 -7.26 -45.01
CA LYS C 102 9.72 -6.85 -43.61
C LYS C 102 10.55 -7.82 -42.76
N GLY C 103 11.56 -7.30 -42.08
CA GLY C 103 12.41 -8.13 -41.25
C GLY C 103 13.57 -8.79 -41.96
N GLU C 104 14.36 -8.00 -42.68
CA GLU C 104 15.53 -8.52 -43.39
C GLU C 104 16.72 -8.56 -42.43
N THR C 105 17.81 -9.14 -42.89
CA THR C 105 19.02 -9.19 -42.08
C THR C 105 20.02 -8.20 -42.71
N ASP C 106 20.96 -7.71 -41.91
CA ASP C 106 21.95 -6.77 -42.43
C ASP C 106 22.53 -7.30 -43.73
N GLU C 107 22.69 -8.62 -43.82
CA GLU C 107 23.23 -9.25 -45.01
C GLU C 107 22.19 -9.23 -46.13
N GLU C 108 20.97 -9.64 -45.79
CA GLU C 108 19.90 -9.66 -46.79
C GLU C 108 19.56 -8.25 -47.23
N TYR C 109 19.72 -7.29 -46.33
CA TYR C 109 19.43 -5.90 -46.65
C TYR C 109 20.34 -5.39 -47.75
N LEU C 110 21.65 -5.58 -47.59
CA LEU C 110 22.63 -5.15 -48.59
C LEU C 110 22.39 -5.88 -49.91
N TRP C 111 22.17 -7.20 -49.84
CA TRP C 111 21.92 -7.99 -51.04
C TRP C 111 20.82 -7.35 -51.87
N CYS C 112 19.74 -6.98 -51.18
CA CYS C 112 18.62 -6.35 -51.85
C CYS C 112 19.04 -5.06 -52.57
N ILE C 113 19.88 -4.26 -51.94
CA ILE C 113 20.30 -3.02 -52.56
C ILE C 113 21.11 -3.26 -53.82
N GLU C 114 22.04 -4.22 -53.75
CA GLU C 114 22.89 -4.55 -54.88
C GLU C 114 22.05 -5.07 -56.03
N GLN C 115 20.94 -5.71 -55.69
CA GLN C 115 20.04 -6.28 -56.69
C GLN C 115 19.44 -5.23 -57.60
N THR C 116 19.51 -3.97 -57.20
CA THR C 116 18.91 -2.90 -57.99
C THR C 116 19.88 -2.12 -58.89
N LEU C 117 21.16 -2.44 -58.81
CA LEU C 117 22.14 -1.74 -59.61
C LEU C 117 22.10 -2.06 -61.10
N HIS C 118 21.90 -3.33 -61.47
CA HIS C 118 21.90 -3.70 -62.89
C HIS C 118 20.56 -4.00 -63.55
N PHE C 119 20.30 -3.32 -64.67
CA PHE C 119 19.06 -3.49 -65.42
C PHE C 119 19.27 -4.31 -66.70
N LYS C 120 18.17 -4.58 -67.38
CA LYS C 120 18.18 -5.35 -68.62
C LYS C 120 19.10 -4.69 -69.66
N ASP C 121 18.80 -3.44 -69.99
CA ASP C 121 19.57 -2.69 -70.98
C ASP C 121 20.72 -1.87 -70.41
N GLY C 122 21.25 -2.28 -69.26
CA GLY C 122 22.37 -1.57 -68.68
C GLY C 122 22.24 -1.35 -67.18
N PRO C 123 23.25 -0.77 -66.53
CA PRO C 123 23.22 -0.52 -65.07
C PRO C 123 22.37 0.71 -64.77
N LEU C 124 22.21 1.02 -63.48
CA LEU C 124 21.42 2.16 -63.07
C LEU C 124 22.00 3.47 -63.57
N ASN C 125 21.13 4.31 -64.12
CA ASN C 125 21.53 5.62 -64.64
C ASN C 125 20.88 6.70 -63.79
N MET C 126 20.20 6.28 -62.74
CA MET C 126 19.54 7.20 -61.83
C MET C 126 19.53 6.63 -60.42
N ILE C 127 19.30 7.48 -59.43
CA ILE C 127 19.25 7.04 -58.05
C ILE C 127 18.16 7.76 -57.28
N LEU C 128 17.31 7.01 -56.60
CA LEU C 128 16.25 7.58 -55.78
C LEU C 128 16.46 6.96 -54.42
N ASP C 129 17.29 7.63 -53.63
CA ASP C 129 17.64 7.15 -52.31
C ASP C 129 16.87 7.79 -51.15
N ASP C 130 16.91 7.11 -50.01
CA ASP C 130 16.28 7.58 -48.78
C ASP C 130 17.18 7.12 -47.64
N GLY C 131 18.07 8.01 -47.19
CA GLY C 131 18.99 7.68 -46.12
C GLY C 131 20.42 7.71 -46.61
N GLY C 132 20.57 7.78 -47.94
CA GLY C 132 21.90 7.83 -48.55
C GLY C 132 22.59 6.49 -48.70
N ASP C 133 21.97 5.44 -48.16
CA ASP C 133 22.52 4.09 -48.21
C ASP C 133 22.93 3.65 -49.61
N LEU C 134 22.08 3.92 -50.59
CA LEU C 134 22.34 3.55 -51.97
C LEU C 134 23.48 4.40 -52.57
N THR C 135 23.35 5.71 -52.50
CA THR C 135 24.35 6.60 -53.05
C THR C 135 25.70 6.42 -52.36
N ASN C 136 25.69 5.85 -51.17
CA ASN C 136 26.94 5.62 -50.45
C ASN C 136 27.54 4.30 -50.88
N LEU C 137 26.71 3.28 -51.05
CA LEU C 137 27.19 1.98 -51.46
C LEU C 137 27.91 2.11 -52.80
N ILE C 138 27.27 2.83 -53.71
CA ILE C 138 27.81 3.05 -55.05
C ILE C 138 29.10 3.83 -55.02
N HIS C 139 29.09 4.97 -54.33
CA HIS C 139 30.27 5.82 -54.25
C HIS C 139 31.49 5.14 -53.66
N THR C 140 31.28 4.28 -52.67
CA THR C 140 32.39 3.60 -52.04
C THR C 140 32.63 2.15 -52.47
N LYS C 141 31.67 1.55 -53.17
CA LYS C 141 31.83 0.15 -53.59
C LYS C 141 31.73 -0.12 -55.08
N HIS C 142 30.96 0.69 -55.80
CA HIS C 142 30.80 0.49 -57.24
C HIS C 142 31.12 1.74 -58.07
N PRO C 143 32.22 2.45 -57.73
CA PRO C 143 32.63 3.67 -58.44
C PRO C 143 32.48 3.57 -59.93
N GLN C 144 32.71 2.38 -60.47
CA GLN C 144 32.60 2.14 -61.91
C GLN C 144 31.28 2.65 -62.48
N LEU C 145 30.19 2.42 -61.75
CA LEU C 145 28.86 2.84 -62.20
C LEU C 145 28.55 4.32 -61.96
N LEU C 146 29.41 4.98 -61.19
CA LEU C 146 29.23 6.41 -60.87
C LEU C 146 29.00 7.27 -62.13
N SER C 147 30.03 7.31 -62.97
CA SER C 147 30.00 8.09 -64.20
C SER C 147 28.77 7.88 -65.10
N GLY C 148 27.95 6.89 -64.79
CA GLY C 148 26.80 6.63 -65.61
C GLY C 148 25.49 7.13 -65.03
N ILE C 149 25.52 7.45 -63.73
CA ILE C 149 24.33 7.93 -63.03
C ILE C 149 24.12 9.41 -63.30
N ARG C 150 22.99 9.75 -63.90
CA ARG C 150 22.66 11.14 -64.23
C ARG C 150 22.31 11.99 -63.00
N GLY C 151 21.90 11.35 -61.90
CA GLY C 151 21.56 12.12 -60.72
C GLY C 151 21.14 11.34 -59.50
N ILE C 152 21.01 12.05 -58.38
CA ILE C 152 20.60 11.43 -57.13
C ILE C 152 19.39 12.16 -56.57
N SER C 153 18.58 11.44 -55.79
CA SER C 153 17.39 12.01 -55.20
C SER C 153 17.29 11.58 -53.74
N GLU C 154 17.80 12.41 -52.84
CA GLU C 154 17.76 12.10 -51.40
C GLU C 154 16.43 12.60 -50.85
N GLU C 155 15.81 11.80 -49.99
CA GLU C 155 14.51 12.18 -49.46
C GLU C 155 14.49 12.54 -48.00
N THR C 156 15.45 12.05 -47.24
CA THR C 156 15.49 12.32 -45.80
C THR C 156 16.62 13.24 -45.32
N THR C 157 16.33 13.93 -44.22
CA THR C 157 17.30 14.84 -43.61
C THR C 157 18.65 14.14 -43.42
N THR C 158 18.67 13.06 -42.65
CA THR C 158 19.91 12.31 -42.41
C THR C 158 20.67 12.10 -43.72
N GLY C 159 19.94 11.68 -44.75
CA GLY C 159 20.56 11.42 -46.05
C GLY C 159 21.16 12.70 -46.60
N VAL C 160 20.31 13.70 -46.79
CA VAL C 160 20.76 14.99 -47.32
C VAL C 160 21.90 15.56 -46.48
N HIS C 161 21.90 15.25 -45.19
CA HIS C 161 22.95 15.71 -44.29
C HIS C 161 24.27 15.13 -44.82
N ASN C 162 24.27 13.84 -45.12
CA ASN C 162 25.46 13.18 -45.62
C ASN C 162 25.81 13.63 -47.04
N LEU C 163 24.80 13.97 -47.82
CA LEU C 163 25.01 14.42 -49.18
C LEU C 163 25.94 15.61 -49.15
N TYR C 164 25.66 16.55 -48.26
CA TYR C 164 26.47 17.76 -48.15
C TYR C 164 27.86 17.38 -47.64
N LYS C 165 27.92 16.48 -46.67
CA LYS C 165 29.19 16.03 -46.11
C LYS C 165 30.12 15.58 -47.23
N MET C 166 29.60 14.76 -48.13
CA MET C 166 30.39 14.26 -49.26
C MET C 166 30.97 15.41 -50.06
N MET C 167 30.10 16.33 -50.46
CA MET C 167 30.50 17.50 -51.24
C MET C 167 31.55 18.29 -50.47
N ALA C 168 31.34 18.42 -49.17
CA ALA C 168 32.28 19.14 -48.32
C ALA C 168 33.69 18.58 -48.50
N ASN C 169 33.79 17.32 -48.92
CA ASN C 169 35.08 16.69 -49.10
C ASN C 169 35.27 16.23 -50.55
N GLY C 170 34.57 16.90 -51.47
CA GLY C 170 34.67 16.56 -52.87
C GLY C 170 34.47 15.08 -53.12
N ILE C 171 33.66 14.43 -52.28
CA ILE C 171 33.39 13.01 -52.46
C ILE C 171 32.21 12.78 -53.39
N LEU C 172 31.16 13.59 -53.22
CA LEU C 172 29.97 13.49 -54.06
C LEU C 172 30.46 13.57 -55.50
N LYS C 173 30.16 12.54 -56.29
CA LYS C 173 30.62 12.51 -57.69
C LYS C 173 29.51 12.59 -58.73
N VAL C 174 28.28 12.83 -58.27
CA VAL C 174 27.14 12.96 -59.19
C VAL C 174 26.12 13.97 -58.61
N PRO C 175 25.59 14.86 -59.46
CA PRO C 175 24.62 15.87 -59.05
C PRO C 175 23.43 15.30 -58.30
N ALA C 176 23.16 15.85 -57.12
CA ALA C 176 22.06 15.40 -56.30
C ALA C 176 21.03 16.51 -56.10
N ILE C 177 19.79 16.12 -55.83
CA ILE C 177 18.74 17.09 -55.58
C ILE C 177 18.29 16.80 -54.16
N ASN C 178 18.25 17.84 -53.34
CA ASN C 178 17.84 17.74 -51.94
C ASN C 178 16.33 17.90 -51.80
N VAL C 179 15.62 16.77 -51.87
CA VAL C 179 14.16 16.74 -51.79
C VAL C 179 13.61 16.93 -50.38
N ASN C 180 14.31 16.40 -49.38
CA ASN C 180 13.85 16.52 -48.00
C ASN C 180 13.66 17.97 -47.61
N ASP C 181 14.49 18.85 -48.16
CA ASP C 181 14.44 20.26 -47.82
C ASP C 181 13.54 21.13 -48.69
N SER C 182 12.45 20.57 -49.17
CA SER C 182 11.48 21.32 -49.97
C SER C 182 10.41 21.75 -48.98
N VAL C 183 9.92 22.99 -49.09
CA VAL C 183 8.92 23.44 -48.14
C VAL C 183 7.80 22.41 -47.98
N THR C 184 7.26 21.96 -49.12
CA THR C 184 6.18 20.99 -49.10
C THR C 184 6.64 19.63 -48.59
N LYS C 185 7.94 19.43 -48.51
CA LYS C 185 8.46 18.16 -48.00
C LYS C 185 8.68 18.21 -46.49
N SER C 186 9.69 18.95 -46.07
CA SER C 186 10.06 19.07 -44.66
C SER C 186 8.94 19.51 -43.70
N LYS C 187 8.31 20.65 -43.98
CA LYS C 187 7.26 21.17 -43.11
C LYS C 187 5.95 20.40 -43.15
N PHE C 188 5.84 19.43 -44.04
CA PHE C 188 4.61 18.65 -44.13
C PHE C 188 4.78 17.16 -43.80
N ASP C 189 5.82 16.55 -44.35
CA ASP C 189 6.12 15.15 -44.13
C ASP C 189 6.66 14.91 -42.72
N ASN C 190 7.87 15.40 -42.46
CA ASN C 190 8.51 15.24 -41.15
C ASN C 190 7.66 15.72 -39.99
N LEU C 191 6.96 16.83 -40.18
CA LEU C 191 6.13 17.41 -39.13
C LEU C 191 4.75 16.80 -39.00
N TYR C 192 3.94 16.95 -40.04
CA TYR C 192 2.57 16.42 -40.03
C TYR C 192 2.49 14.90 -40.08
N GLY C 193 3.47 14.27 -40.71
CA GLY C 193 3.48 12.83 -40.83
C GLY C 193 3.78 12.17 -39.50
N CYS C 194 4.90 12.56 -38.90
CA CYS C 194 5.31 12.00 -37.61
C CYS C 194 4.26 12.25 -36.53
N ARG C 195 3.58 13.39 -36.64
CA ARG C 195 2.53 13.73 -35.69
C ARG C 195 1.51 12.60 -35.64
N GLU C 196 1.13 12.11 -36.82
CA GLU C 196 0.15 11.03 -36.94
C GLU C 196 0.75 9.64 -36.89
N SER C 197 1.93 9.47 -37.49
CA SER C 197 2.57 8.17 -37.52
C SER C 197 3.34 7.78 -36.26
N LEU C 198 3.73 8.75 -35.44
CA LEU C 198 4.48 8.42 -34.22
C LEU C 198 3.64 7.59 -33.25
N ILE C 199 2.55 8.19 -32.76
CA ILE C 199 1.64 7.54 -31.81
C ILE C 199 1.18 6.17 -32.33
N ASP C 200 1.07 6.05 -33.64
CA ASP C 200 0.66 4.79 -34.25
C ASP C 200 1.65 3.69 -33.90
N GLY C 201 2.91 3.91 -34.27
CA GLY C 201 3.95 2.95 -33.97
C GLY C 201 3.95 2.58 -32.50
N ILE C 202 3.87 3.58 -31.64
CA ILE C 202 3.85 3.33 -30.20
C ILE C 202 2.66 2.45 -29.83
N LYS C 203 1.45 2.92 -30.16
CA LYS C 203 0.22 2.19 -29.86
C LYS C 203 0.17 0.79 -30.43
N ARG C 204 0.33 0.66 -31.74
CA ARG C 204 0.27 -0.67 -32.34
C ARG C 204 1.29 -1.59 -31.70
N ALA C 205 2.35 -1.02 -31.13
CA ALA C 205 3.36 -1.82 -30.47
C ALA C 205 3.02 -2.14 -29.01
N THR C 206 2.89 -1.10 -28.19
CA THR C 206 2.60 -1.28 -26.77
C THR C 206 1.13 -1.09 -26.41
N ASP C 207 0.40 -0.36 -27.24
CA ASP C 207 -1.02 -0.12 -27.01
C ASP C 207 -1.16 0.62 -25.68
N VAL C 208 -0.20 1.47 -25.38
CA VAL C 208 -0.20 2.24 -24.14
C VAL C 208 -1.05 3.51 -24.23
N MET C 209 -1.53 3.98 -23.08
CA MET C 209 -2.33 5.19 -23.03
C MET C 209 -1.37 6.36 -22.86
N ILE C 210 -1.45 7.33 -23.78
CA ILE C 210 -0.57 8.48 -23.73
C ILE C 210 -0.99 9.47 -22.63
N ALA C 211 -2.29 9.65 -22.47
CA ALA C 211 -2.83 10.58 -21.47
C ALA C 211 -2.24 10.39 -20.08
N GLY C 212 -1.85 11.50 -19.45
CA GLY C 212 -1.30 11.47 -18.11
C GLY C 212 0.14 11.02 -17.97
N LYS C 213 0.78 10.70 -19.08
CA LYS C 213 2.15 10.23 -19.04
C LYS C 213 3.15 11.31 -19.41
N VAL C 214 4.34 11.23 -18.81
CA VAL C 214 5.40 12.20 -19.09
C VAL C 214 6.24 11.64 -20.25
N ALA C 215 6.05 12.17 -21.45
CA ALA C 215 6.81 11.70 -22.60
C ALA C 215 8.01 12.60 -22.81
N VAL C 216 9.15 12.01 -23.11
CA VAL C 216 10.38 12.78 -23.34
C VAL C 216 10.80 12.67 -24.80
N VAL C 217 10.94 13.82 -25.46
CA VAL C 217 11.32 13.90 -26.87
C VAL C 217 12.67 14.56 -27.03
N ALA C 218 13.64 13.82 -27.57
CA ALA C 218 14.97 14.35 -27.77
C ALA C 218 15.06 15.01 -29.15
N GLY C 219 15.34 16.30 -29.18
CA GLY C 219 15.43 17.00 -30.45
C GLY C 219 14.12 17.68 -30.81
N TYR C 220 14.21 18.92 -31.26
CA TYR C 220 13.03 19.67 -31.63
C TYR C 220 12.95 20.11 -33.09
N GLY C 221 13.38 19.22 -33.99
CA GLY C 221 13.31 19.52 -35.41
C GLY C 221 11.86 19.34 -35.84
N ASP C 222 11.62 19.22 -37.14
CA ASP C 222 10.24 19.04 -37.60
C ASP C 222 9.66 17.75 -37.05
N VAL C 223 10.49 16.72 -36.93
CA VAL C 223 10.04 15.43 -36.41
C VAL C 223 9.81 15.56 -34.92
N GLY C 224 10.70 16.28 -34.25
CA GLY C 224 10.53 16.46 -32.82
C GLY C 224 9.29 17.29 -32.59
N LYS C 225 9.09 18.29 -33.43
CA LYS C 225 7.94 19.18 -33.33
C LYS C 225 6.66 18.41 -33.56
N GLY C 226 6.65 17.55 -34.59
CA GLY C 226 5.48 16.79 -34.92
C GLY C 226 5.15 15.76 -33.86
N CYS C 227 6.18 15.12 -33.32
CA CYS C 227 6.00 14.12 -32.29
C CYS C 227 5.47 14.75 -31.01
N ALA C 228 6.17 15.78 -30.53
CA ALA C 228 5.79 16.47 -29.31
C ALA C 228 4.32 16.89 -29.34
N GLN C 229 3.94 17.59 -30.39
CA GLN C 229 2.58 18.04 -30.56
C GLN C 229 1.60 16.88 -30.40
N ALA C 230 1.92 15.75 -31.04
CA ALA C 230 1.08 14.56 -30.97
C ALA C 230 0.83 14.10 -29.54
N LEU C 231 1.90 13.72 -28.83
CA LEU C 231 1.78 13.26 -27.46
C LEU C 231 1.07 14.31 -26.62
N ARG C 232 1.54 15.55 -26.71
CA ARG C 232 0.97 16.67 -25.98
C ARG C 232 -0.55 16.76 -26.16
N GLY C 233 -0.99 16.49 -27.39
CA GLY C 233 -2.40 16.56 -27.70
C GLY C 233 -3.24 15.43 -27.15
N PHE C 234 -2.59 14.39 -26.64
CA PHE C 234 -3.32 13.25 -26.08
C PHE C 234 -3.35 13.33 -24.57
N GLY C 235 -2.72 14.35 -24.01
CA GLY C 235 -2.71 14.53 -22.57
C GLY C 235 -1.43 14.11 -21.86
N ALA C 236 -0.35 13.96 -22.63
CA ALA C 236 0.92 13.58 -22.03
C ALA C 236 1.75 14.82 -21.82
N ARG C 237 2.56 14.81 -20.76
CA ARG C 237 3.41 15.96 -20.48
C ARG C 237 4.71 15.71 -21.24
N VAL C 238 4.93 16.51 -22.28
CA VAL C 238 6.10 16.40 -23.13
C VAL C 238 7.26 17.27 -22.66
N ILE C 239 8.41 16.65 -22.47
CA ILE C 239 9.61 17.36 -22.06
C ILE C 239 10.53 17.25 -23.26
N ILE C 240 11.21 18.33 -23.61
CA ILE C 240 12.11 18.32 -24.76
C ILE C 240 13.56 18.55 -24.38
N THR C 241 14.47 17.92 -25.11
CA THR C 241 15.90 18.08 -24.90
C THR C 241 16.48 18.57 -26.24
N GLU C 242 17.39 19.53 -26.19
CA GLU C 242 17.96 20.08 -27.42
C GLU C 242 19.38 20.60 -27.28
N ILE C 243 20.04 20.77 -28.43
CA ILE C 243 21.40 21.30 -28.47
C ILE C 243 21.41 22.66 -29.15
N ASP C 244 20.36 22.93 -29.93
CA ASP C 244 20.21 24.19 -30.64
C ASP C 244 19.40 25.17 -29.78
N PRO C 245 19.97 26.36 -29.49
CA PRO C 245 19.25 27.36 -28.68
C PRO C 245 17.98 27.90 -29.32
N ILE C 246 18.00 28.01 -30.64
CA ILE C 246 16.85 28.51 -31.39
C ILE C 246 15.71 27.48 -31.38
N ASN C 247 16.05 26.21 -31.54
CA ASN C 247 15.07 25.13 -31.53
C ASN C 247 14.57 24.91 -30.10
N ALA C 248 15.41 25.28 -29.14
CA ALA C 248 15.08 25.15 -27.72
C ALA C 248 14.14 26.26 -27.30
N LEU C 249 14.33 27.44 -27.87
CA LEU C 249 13.48 28.57 -27.54
C LEU C 249 12.07 28.34 -28.07
N GLN C 250 11.97 27.83 -29.29
CA GLN C 250 10.67 27.55 -29.90
C GLN C 250 9.88 26.64 -28.99
N ALA C 251 10.52 25.58 -28.50
CA ALA C 251 9.88 24.63 -27.60
C ALA C 251 9.40 25.35 -26.34
N ALA C 252 10.32 26.06 -25.68
CA ALA C 252 9.99 26.81 -24.47
C ALA C 252 8.82 27.75 -24.73
N MET C 253 8.87 28.41 -25.88
CA MET C 253 7.83 29.35 -26.28
C MET C 253 6.51 28.66 -26.55
N GLU C 254 6.56 27.33 -26.66
CA GLU C 254 5.38 26.51 -26.92
C GLU C 254 4.88 25.86 -25.64
N GLY C 255 5.52 26.16 -24.53
CA GLY C 255 5.09 25.59 -23.27
C GLY C 255 5.72 24.27 -22.88
N TYR C 256 6.73 23.84 -23.62
CA TYR C 256 7.42 22.58 -23.32
C TYR C 256 8.65 22.84 -22.44
N GLU C 257 8.91 21.91 -21.52
CA GLU C 257 10.07 22.03 -20.65
C GLU C 257 11.26 21.46 -21.41
N VAL C 258 12.33 22.24 -21.48
CA VAL C 258 13.54 21.81 -22.17
C VAL C 258 14.64 21.55 -21.16
N THR C 259 15.14 20.32 -21.14
CA THR C 259 16.20 19.92 -20.22
C THR C 259 17.14 18.93 -20.89
N THR C 260 18.00 18.34 -20.07
CA THR C 260 18.97 17.35 -20.53
C THR C 260 18.40 15.96 -20.26
N MET C 261 18.75 14.99 -21.10
CA MET C 261 18.25 13.64 -20.92
C MET C 261 18.78 13.14 -19.60
N ASP C 262 19.91 13.68 -19.18
CA ASP C 262 20.52 13.29 -17.93
C ASP C 262 19.54 13.57 -16.79
N GLU C 263 18.65 14.52 -17.04
CA GLU C 263 17.63 14.90 -16.06
C GLU C 263 16.26 14.29 -16.37
N ALA C 264 15.87 14.33 -17.64
CA ALA C 264 14.57 13.81 -18.05
C ALA C 264 14.44 12.29 -17.89
N CYS C 265 15.54 11.56 -18.10
CA CYS C 265 15.49 10.11 -17.97
C CYS C 265 14.87 9.65 -16.67
N LYS C 266 14.93 10.49 -15.64
CA LYS C 266 14.38 10.11 -14.35
C LYS C 266 12.89 10.45 -14.22
N GLU C 267 12.34 11.16 -15.19
CA GLU C 267 10.93 11.55 -15.14
C GLU C 267 10.08 10.97 -16.27
N GLY C 268 10.69 10.79 -17.45
CA GLY C 268 9.95 10.28 -18.58
C GLY C 268 9.34 8.90 -18.45
N ASN C 269 8.19 8.72 -19.11
CA ASN C 269 7.43 7.47 -19.13
C ASN C 269 7.51 6.91 -20.54
N ILE C 270 7.73 7.80 -21.50
CA ILE C 270 7.84 7.47 -22.91
C ILE C 270 9.01 8.26 -23.48
N PHE C 271 9.99 7.57 -24.06
CA PHE C 271 11.16 8.22 -24.64
C PHE C 271 11.18 8.07 -26.16
N VAL C 272 11.20 9.20 -26.85
CA VAL C 272 11.21 9.25 -28.32
C VAL C 272 12.39 10.06 -28.80
N THR C 273 13.24 9.45 -29.62
CA THR C 273 14.41 10.15 -30.11
C THR C 273 14.17 10.57 -31.56
N THR C 274 13.99 11.86 -31.76
CA THR C 274 13.76 12.40 -33.10
C THR C 274 15.05 13.04 -33.59
N THR C 275 16.13 12.74 -32.90
CA THR C 275 17.44 13.27 -33.23
C THR C 275 18.03 12.42 -34.34
N GLY C 276 19.16 12.85 -34.89
CA GLY C 276 19.82 12.10 -35.93
C GLY C 276 21.25 11.87 -35.46
N CYS C 277 21.43 11.98 -34.16
CA CYS C 277 22.73 11.84 -33.54
C CYS C 277 22.86 10.60 -32.65
N VAL C 278 24.10 10.19 -32.40
CA VAL C 278 24.39 9.02 -31.58
C VAL C 278 24.44 9.33 -30.09
N ASP C 279 24.37 8.27 -29.29
CA ASP C 279 24.42 8.37 -27.85
C ASP C 279 23.39 9.30 -27.23
N ILE C 280 22.12 9.15 -27.63
CA ILE C 280 21.05 9.98 -27.09
C ILE C 280 20.50 9.34 -25.79
N ILE C 281 20.19 8.04 -25.84
CA ILE C 281 19.71 7.34 -24.67
C ILE C 281 20.71 6.22 -24.34
N LEU C 282 21.46 6.42 -23.26
CA LEU C 282 22.46 5.45 -22.84
C LEU C 282 22.01 4.63 -21.62
N GLY C 283 22.88 3.74 -21.16
CA GLY C 283 22.56 2.92 -20.02
C GLY C 283 22.51 3.78 -18.77
N ARG C 284 23.20 4.90 -18.81
CA ARG C 284 23.23 5.79 -17.67
C ARG C 284 21.81 6.32 -17.47
N HIS C 285 21.05 6.36 -18.55
CA HIS C 285 19.66 6.82 -18.51
C HIS C 285 18.74 5.62 -18.25
N PHE C 286 19.03 4.51 -18.93
CA PHE C 286 18.26 3.29 -18.76
C PHE C 286 18.24 2.92 -17.29
N GLU C 287 19.40 3.01 -16.64
CA GLU C 287 19.50 2.67 -15.23
C GLU C 287 18.74 3.65 -14.37
N GLN C 288 18.22 4.71 -15.00
CA GLN C 288 17.47 5.76 -14.33
C GLN C 288 16.00 5.83 -14.69
N MET C 289 15.58 5.01 -15.65
CA MET C 289 14.19 5.02 -16.12
C MET C 289 13.18 4.33 -15.20
N LYS C 290 11.97 4.89 -15.17
CA LYS C 290 10.87 4.35 -14.37
C LYS C 290 10.48 2.98 -14.91
N ASP C 291 9.92 2.16 -14.05
CA ASP C 291 9.49 0.81 -14.44
C ASP C 291 8.62 0.84 -15.69
N ASP C 292 8.78 -0.16 -16.54
CA ASP C 292 7.98 -0.25 -17.77
C ASP C 292 8.04 0.99 -18.64
N ALA C 293 9.21 1.62 -18.72
CA ALA C 293 9.40 2.82 -19.54
C ALA C 293 9.47 2.47 -21.02
N ILE C 294 8.61 3.09 -21.83
CA ILE C 294 8.58 2.83 -23.26
C ILE C 294 9.61 3.68 -23.97
N VAL C 295 10.63 3.02 -24.54
CA VAL C 295 11.69 3.72 -25.26
C VAL C 295 11.68 3.37 -26.75
N CYS C 296 11.69 4.38 -27.60
CA CYS C 296 11.70 4.13 -29.03
C CYS C 296 12.35 5.29 -29.79
N ASN C 297 12.81 5.00 -30.99
CA ASN C 297 13.46 5.99 -31.82
C ASN C 297 12.69 6.19 -33.13
N ILE C 298 12.72 7.40 -33.66
CA ILE C 298 12.03 7.70 -34.91
C ILE C 298 13.00 8.30 -35.93
N GLY C 299 14.23 8.57 -35.49
CA GLY C 299 15.23 9.12 -36.38
C GLY C 299 15.65 8.04 -37.38
N HIS C 300 15.79 8.42 -38.65
CA HIS C 300 16.17 7.49 -39.72
C HIS C 300 17.03 6.30 -39.29
N PHE C 301 18.30 6.56 -39.03
CA PHE C 301 19.22 5.51 -38.61
C PHE C 301 19.09 5.29 -37.11
N ASP C 302 19.18 4.02 -36.70
CA ASP C 302 19.07 3.67 -35.29
C ASP C 302 20.47 3.79 -34.66
N VAL C 303 20.79 5.01 -34.26
CA VAL C 303 22.09 5.30 -33.66
C VAL C 303 21.94 6.08 -32.35
N GLU C 304 20.72 6.46 -32.05
CA GLU C 304 20.44 7.24 -30.86
C GLU C 304 20.33 6.45 -29.57
N ILE C 305 19.62 5.33 -29.60
CA ILE C 305 19.45 4.52 -28.40
C ILE C 305 20.48 3.40 -28.31
N ASP C 306 21.05 3.22 -27.13
CA ASP C 306 22.06 2.18 -26.93
C ASP C 306 21.37 0.89 -26.51
N VAL C 307 20.94 0.11 -27.49
CA VAL C 307 20.26 -1.15 -27.24
C VAL C 307 21.24 -2.22 -26.75
N LYS C 308 22.44 -2.19 -27.31
CA LYS C 308 23.47 -3.15 -26.94
C LYS C 308 23.54 -3.21 -25.42
N TRP C 309 23.61 -2.03 -24.80
CA TRP C 309 23.69 -1.92 -23.34
C TRP C 309 22.55 -2.67 -22.69
N LEU C 310 21.36 -2.50 -23.25
CA LEU C 310 20.18 -3.17 -22.72
C LEU C 310 20.38 -4.68 -22.78
N ASN C 311 20.86 -5.15 -23.93
CA ASN C 311 21.10 -6.57 -24.14
C ASN C 311 22.32 -7.10 -23.39
N GLU C 312 23.21 -6.21 -22.96
CA GLU C 312 24.40 -6.62 -22.25
C GLU C 312 24.33 -6.33 -20.76
N ASN C 313 23.30 -5.61 -20.32
CA ASN C 313 23.19 -5.29 -18.90
C ASN C 313 21.85 -5.66 -18.29
N ALA C 314 20.89 -6.05 -19.13
CA ALA C 314 19.57 -6.44 -18.62
C ALA C 314 19.69 -7.74 -17.86
N VAL C 315 18.84 -7.93 -16.86
CA VAL C 315 18.86 -9.15 -16.08
C VAL C 315 18.15 -10.22 -16.91
N GLU C 316 17.21 -9.77 -17.72
CA GLU C 316 16.44 -10.69 -18.58
C GLU C 316 15.75 -9.96 -19.71
N LYS C 317 15.66 -10.61 -20.86
CA LYS C 317 15.01 -10.01 -22.02
C LYS C 317 13.89 -10.92 -22.51
N VAL C 318 12.69 -10.37 -22.61
CA VAL C 318 11.55 -11.14 -23.06
C VAL C 318 10.88 -10.41 -24.22
N ASN C 319 10.55 -11.16 -25.27
CA ASN C 319 9.91 -10.57 -26.44
C ASN C 319 8.39 -10.66 -26.33
N ILE C 320 7.73 -9.50 -26.28
CA ILE C 320 6.29 -9.45 -26.18
C ILE C 320 5.68 -9.89 -27.50
N LYS C 321 6.17 -9.32 -28.59
CA LYS C 321 5.72 -9.64 -29.93
C LYS C 321 6.68 -9.00 -30.92
N PRO C 322 6.52 -9.26 -32.23
CA PRO C 322 7.45 -8.65 -33.19
C PRO C 322 7.71 -7.17 -32.93
N GLN C 323 9.00 -6.81 -32.85
CA GLN C 323 9.44 -5.45 -32.61
C GLN C 323 9.02 -4.90 -31.24
N VAL C 324 8.85 -5.78 -30.27
CA VAL C 324 8.48 -5.35 -28.92
C VAL C 324 9.15 -6.28 -27.92
N ASP C 325 10.16 -5.75 -27.22
CA ASP C 325 10.89 -6.51 -26.22
C ASP C 325 10.87 -5.82 -24.88
N ARG C 326 10.61 -6.60 -23.83
CA ARG C 326 10.53 -6.09 -22.48
C ARG C 326 11.69 -6.59 -21.64
N TYR C 327 12.64 -5.69 -21.41
CA TYR C 327 13.83 -6.00 -20.63
C TYR C 327 13.58 -5.83 -19.15
N LEU C 328 14.39 -6.50 -18.34
CA LEU C 328 14.30 -6.40 -16.89
C LEU C 328 15.66 -5.96 -16.39
N LEU C 329 15.76 -4.77 -15.83
CA LEU C 329 17.03 -4.28 -15.34
C LEU C 329 17.39 -4.82 -13.96
N LYS C 330 18.68 -4.80 -13.65
CA LYS C 330 19.17 -5.28 -12.36
C LYS C 330 18.57 -4.52 -11.18
N ASN C 331 17.93 -3.39 -11.46
CA ASN C 331 17.30 -2.58 -10.42
C ASN C 331 15.85 -2.99 -10.20
N GLY C 332 15.39 -3.96 -10.99
CA GLY C 332 14.02 -4.42 -10.87
C GLY C 332 13.09 -3.73 -11.85
N HIS C 333 13.53 -2.62 -12.43
CA HIS C 333 12.73 -1.88 -13.38
C HIS C 333 12.68 -2.54 -14.75
N ARG C 334 11.56 -2.36 -15.44
CA ARG C 334 11.37 -2.92 -16.78
C ARG C 334 11.50 -1.83 -17.84
N ILE C 335 11.98 -2.21 -19.02
CA ILE C 335 12.13 -1.27 -20.12
C ILE C 335 11.57 -1.86 -21.40
N ILE C 336 10.54 -1.23 -21.97
CA ILE C 336 9.94 -1.71 -23.19
C ILE C 336 10.57 -1.06 -24.42
N LEU C 337 11.49 -1.78 -25.05
CA LEU C 337 12.19 -1.31 -26.23
C LEU C 337 11.40 -1.63 -27.48
N LEU C 338 11.08 -0.61 -28.28
CA LEU C 338 10.30 -0.82 -29.49
C LEU C 338 11.12 -0.90 -30.78
N ALA C 339 10.68 -1.78 -31.68
CA ALA C 339 11.31 -1.97 -32.98
C ALA C 339 12.82 -2.07 -32.93
N GLU C 340 13.35 -2.63 -31.85
CA GLU C 340 14.79 -2.81 -31.69
C GLU C 340 15.56 -1.53 -31.96
N GLY C 341 14.94 -0.40 -31.63
CA GLY C 341 15.60 0.89 -31.80
C GLY C 341 15.47 1.52 -33.18
N ARG C 342 15.04 0.75 -34.16
CA ARG C 342 14.88 1.28 -35.51
C ARG C 342 13.64 2.18 -35.57
N LEU C 343 13.42 2.84 -36.70
CA LEU C 343 12.25 3.70 -36.91
C LEU C 343 11.01 3.07 -36.27
N VAL C 344 10.32 3.82 -35.43
CA VAL C 344 9.13 3.28 -34.74
C VAL C 344 7.83 3.37 -35.53
N ASN C 345 7.60 4.47 -36.24
CA ASN C 345 6.38 4.60 -37.01
C ASN C 345 6.30 3.59 -38.16
N LEU C 346 7.44 3.32 -38.79
CA LEU C 346 7.50 2.38 -39.91
C LEU C 346 7.76 0.95 -39.46
N GLY C 347 8.52 0.81 -38.38
CA GLY C 347 8.84 -0.52 -37.89
C GLY C 347 7.74 -1.18 -37.07
N CYS C 348 6.85 -0.37 -36.49
CA CYS C 348 5.77 -0.91 -35.66
C CYS C 348 4.39 -0.51 -36.17
N ALA C 349 4.35 0.40 -37.13
CA ALA C 349 3.08 0.85 -37.70
C ALA C 349 3.21 0.93 -39.22
N MET C 350 2.26 1.56 -39.88
CA MET C 350 2.30 1.67 -41.33
C MET C 350 3.00 2.92 -41.88
N GLY C 351 3.67 3.68 -41.01
CA GLY C 351 4.37 4.88 -41.46
C GLY C 351 3.44 6.05 -41.71
N HIS C 352 3.98 7.10 -42.31
CA HIS C 352 3.19 8.30 -42.59
C HIS C 352 2.01 7.96 -43.48
N PRO C 353 0.89 8.69 -43.33
CA PRO C 353 -0.29 8.43 -44.16
C PRO C 353 -0.01 8.79 -45.62
N SER C 354 -0.80 8.23 -46.53
CA SER C 354 -0.62 8.47 -47.95
C SER C 354 -0.76 9.92 -48.41
N PHE C 355 -1.73 10.66 -47.86
CA PHE C 355 -1.93 12.04 -48.28
C PHE C 355 -0.71 12.93 -48.11
N VAL C 356 0.00 12.76 -47.00
CA VAL C 356 1.18 13.59 -46.78
C VAL C 356 2.36 13.06 -47.60
N MET C 357 2.40 11.76 -47.83
CA MET C 357 3.48 11.15 -48.60
C MET C 357 3.40 11.58 -50.06
N SER C 358 2.24 12.05 -50.49
CA SER C 358 2.08 12.50 -51.86
C SER C 358 2.91 13.76 -52.09
N ASN C 359 3.03 14.56 -51.04
CA ASN C 359 3.80 15.80 -51.10
C ASN C 359 5.25 15.42 -51.38
N SER C 360 5.86 14.68 -50.45
CA SER C 360 7.24 14.25 -50.56
C SER C 360 7.51 13.54 -51.87
N PHE C 361 6.67 12.57 -52.19
CA PHE C 361 6.80 11.78 -53.42
C PHE C 361 6.59 12.58 -54.69
N THR C 362 5.76 13.61 -54.64
CA THR C 362 5.57 14.45 -55.82
C THR C 362 6.91 15.13 -56.09
N ASN C 363 7.55 15.59 -55.02
CA ASN C 363 8.84 16.26 -55.12
C ASN C 363 9.84 15.28 -55.68
N GLN C 364 9.65 14.00 -55.38
CA GLN C 364 10.57 12.97 -55.86
C GLN C 364 10.40 12.75 -57.35
N VAL C 365 9.16 12.70 -57.82
CA VAL C 365 8.89 12.51 -59.24
C VAL C 365 9.46 13.69 -60.01
N MET C 366 9.33 14.89 -59.43
CA MET C 366 9.83 16.11 -60.04
C MET C 366 11.37 16.13 -60.04
N ALA C 367 11.97 15.81 -58.90
CA ALA C 367 13.42 15.78 -58.80
C ALA C 367 13.99 14.88 -59.90
N GLN C 368 13.34 13.73 -60.11
CA GLN C 368 13.77 12.78 -61.14
C GLN C 368 13.65 13.37 -62.53
N ILE C 369 12.52 14.00 -62.83
CA ILE C 369 12.33 14.58 -64.15
C ILE C 369 13.35 15.69 -64.40
N GLU C 370 13.69 16.41 -63.33
CA GLU C 370 14.66 17.51 -63.44
C GLU C 370 16.05 17.00 -63.81
N LEU C 371 16.60 16.16 -62.95
CA LEU C 371 17.92 15.57 -63.15
C LEU C 371 18.04 14.85 -64.50
N TRP C 372 17.05 14.02 -64.80
CA TRP C 372 17.04 13.27 -66.05
C TRP C 372 16.85 14.18 -67.26
N THR C 373 15.76 14.95 -67.26
CA THR C 373 15.45 15.86 -68.37
C THR C 373 16.51 16.93 -68.57
N HIS C 374 16.71 17.78 -67.56
CA HIS C 374 17.70 18.84 -67.65
C HIS C 374 18.92 18.56 -66.79
N PRO C 375 19.76 17.63 -67.24
CA PRO C 375 20.96 17.29 -66.46
C PRO C 375 21.95 18.46 -66.37
N ASP C 376 22.39 18.94 -67.53
CA ASP C 376 23.35 20.04 -67.65
C ASP C 376 22.99 21.24 -66.77
N LYS C 377 21.78 21.24 -66.23
CA LYS C 377 21.32 22.32 -65.37
C LYS C 377 21.70 22.02 -63.93
N TYR C 378 22.15 20.78 -63.68
CA TYR C 378 22.53 20.38 -62.33
C TYR C 378 23.94 19.83 -62.21
N PRO C 379 24.92 20.71 -62.03
CA PRO C 379 26.32 20.28 -61.89
C PRO C 379 26.47 19.42 -60.64
N VAL C 380 27.58 18.69 -60.52
CA VAL C 380 27.80 17.86 -59.35
C VAL C 380 27.67 18.73 -58.10
N GLY C 381 26.74 18.34 -57.22
CA GLY C 381 26.47 19.08 -56.00
C GLY C 381 24.99 18.96 -55.68
N VAL C 382 24.62 19.14 -54.41
CA VAL C 382 23.22 19.01 -54.04
C VAL C 382 22.40 20.29 -54.30
N HIS C 383 21.26 20.14 -54.97
CA HIS C 383 20.43 21.28 -55.29
C HIS C 383 19.01 21.20 -54.74
N PHE C 384 18.29 22.31 -54.84
CA PHE C 384 16.93 22.39 -54.37
C PHE C 384 16.01 22.47 -55.58
N LEU C 385 14.72 22.30 -55.34
CA LEU C 385 13.74 22.34 -56.40
C LEU C 385 13.16 23.75 -56.51
N PRO C 386 13.08 24.29 -57.74
CA PRO C 386 12.53 25.64 -57.92
C PRO C 386 11.30 25.87 -57.06
N LYS C 387 11.27 26.98 -56.34
CA LYS C 387 10.12 27.29 -55.48
C LYS C 387 8.83 27.20 -56.28
N LYS C 388 8.88 27.58 -57.55
CA LYS C 388 7.70 27.54 -58.39
C LYS C 388 7.17 26.11 -58.41
N LEU C 389 8.09 25.16 -58.34
CA LEU C 389 7.74 23.75 -58.35
C LEU C 389 7.23 23.38 -56.96
N ASP C 390 7.96 23.82 -55.94
CA ASP C 390 7.58 23.55 -54.56
C ASP C 390 6.14 23.98 -54.39
N GLU C 391 5.80 25.10 -55.03
CA GLU C 391 4.45 25.64 -54.99
C GLU C 391 3.48 24.71 -55.72
N ALA C 392 3.96 24.10 -56.81
CA ALA C 392 3.12 23.20 -57.62
C ALA C 392 2.67 22.01 -56.80
N VAL C 393 3.55 21.52 -55.94
CA VAL C 393 3.22 20.40 -55.07
C VAL C 393 2.04 20.78 -54.17
N ALA C 394 2.24 21.78 -53.33
CA ALA C 394 1.19 22.21 -52.40
C ALA C 394 -0.13 22.40 -53.12
N GLU C 395 -0.08 23.19 -54.19
CA GLU C 395 -1.26 23.49 -55.00
C GLU C 395 -1.98 22.22 -55.50
N ALA C 396 -1.23 21.13 -55.64
CA ALA C 396 -1.81 19.88 -56.13
C ALA C 396 -2.68 19.14 -55.12
N HIS C 397 -2.42 19.36 -53.83
CA HIS C 397 -3.18 18.71 -52.77
C HIS C 397 -4.29 19.61 -52.20
N LEU C 398 -4.27 20.88 -52.58
CA LEU C 398 -5.27 21.83 -52.11
C LEU C 398 -6.69 21.40 -52.47
N GLY C 399 -6.85 20.94 -53.72
CA GLY C 399 -8.16 20.52 -54.20
C GLY C 399 -8.83 19.42 -53.42
N LYS C 400 -8.09 18.35 -53.12
CA LYS C 400 -8.63 17.23 -52.35
C LYS C 400 -9.19 17.73 -51.03
N LEU C 401 -8.52 18.71 -50.45
CA LEU C 401 -8.93 19.31 -49.19
C LEU C 401 -10.02 20.36 -49.45
N ASN C 402 -10.42 20.49 -50.71
CA ASN C 402 -11.47 21.44 -51.09
C ASN C 402 -11.15 22.87 -50.66
N VAL C 403 -9.86 23.16 -50.59
CA VAL C 403 -9.37 24.49 -50.22
C VAL C 403 -9.61 25.46 -51.37
N LYS C 404 -10.14 26.64 -51.04
CA LYS C 404 -10.39 27.66 -52.05
C LYS C 404 -9.34 28.76 -51.95
N LEU C 405 -8.27 28.63 -52.73
CA LEU C 405 -7.21 29.62 -52.70
C LEU C 405 -7.69 30.97 -53.26
N THR C 406 -6.97 32.03 -52.90
CA THR C 406 -7.30 33.38 -53.36
C THR C 406 -6.42 33.75 -54.55
N LYS C 407 -6.98 34.55 -55.46
CA LYS C 407 -6.22 34.97 -56.63
C LYS C 407 -5.90 36.46 -56.58
N LEU C 408 -4.62 36.78 -56.60
CA LEU C 408 -4.20 38.18 -56.57
C LEU C 408 -4.80 38.86 -57.80
N THR C 409 -5.17 40.14 -57.66
CA THR C 409 -5.71 40.91 -58.77
C THR C 409 -4.54 41.63 -59.41
N GLU C 410 -4.75 42.26 -60.57
CA GLU C 410 -3.66 42.98 -61.21
C GLU C 410 -3.12 44.08 -60.32
N LYS C 411 -4.02 44.73 -59.60
CA LYS C 411 -3.67 45.83 -58.70
C LYS C 411 -2.85 45.36 -57.49
N GLN C 412 -3.26 44.24 -56.90
CA GLN C 412 -2.56 43.69 -55.74
C GLN C 412 -1.17 43.17 -56.12
N ALA C 413 -1.10 42.37 -57.18
CA ALA C 413 0.16 41.82 -57.64
C ALA C 413 1.12 42.97 -57.92
N GLN C 414 0.56 44.08 -58.39
CA GLN C 414 1.37 45.25 -58.68
C GLN C 414 1.87 45.80 -57.35
N TYR C 415 0.93 46.05 -56.43
CA TYR C 415 1.24 46.58 -55.12
C TYR C 415 2.31 45.74 -54.44
N LEU C 416 2.07 44.42 -54.36
CA LEU C 416 3.04 43.52 -53.75
C LEU C 416 4.29 43.40 -54.62
N GLY C 417 4.14 43.68 -55.92
CA GLY C 417 5.25 43.58 -56.84
C GLY C 417 5.63 42.13 -57.05
N MET C 418 4.62 41.29 -57.30
CA MET C 418 4.86 39.87 -57.53
C MET C 418 3.87 39.32 -58.57
N PRO C 419 4.28 38.30 -59.32
CA PRO C 419 3.40 37.71 -60.34
C PRO C 419 2.18 37.08 -59.71
N ILE C 420 1.02 37.28 -60.34
CA ILE C 420 -0.23 36.75 -59.82
C ILE C 420 -0.07 35.27 -59.46
N ASN C 421 0.84 34.60 -60.16
CA ASN C 421 1.08 33.19 -59.91
C ASN C 421 2.54 32.93 -59.54
N GLY C 422 3.43 33.76 -60.05
CA GLY C 422 4.85 33.61 -59.78
C GLY C 422 5.10 33.35 -58.32
N PRO C 423 6.25 32.76 -57.96
CA PRO C 423 6.58 32.47 -56.56
C PRO C 423 6.18 33.62 -55.63
N PHE C 424 5.38 33.31 -54.61
CA PHE C 424 4.90 34.32 -53.67
C PHE C 424 5.77 34.55 -52.44
N LYS C 425 6.90 33.86 -52.33
CA LYS C 425 7.79 34.04 -51.19
C LYS C 425 9.25 34.05 -51.59
N PRO C 426 10.05 34.93 -50.97
CA PRO C 426 11.48 34.98 -51.32
C PRO C 426 12.09 33.61 -50.97
N ASP C 427 13.25 33.32 -51.52
CA ASP C 427 13.89 32.05 -51.25
C ASP C 427 14.14 31.79 -49.78
N HIS C 428 14.69 32.81 -49.10
CA HIS C 428 15.00 32.67 -47.68
C HIS C 428 13.79 32.40 -46.80
N TYR C 429 12.60 32.66 -47.33
CA TYR C 429 11.35 32.46 -46.60
C TYR C 429 11.31 31.10 -45.91
N ARG C 430 10.98 31.11 -44.61
CA ARG C 430 10.94 29.88 -43.83
C ARG C 430 9.53 29.37 -43.56
N TYR C 431 8.57 29.75 -44.41
CA TYR C 431 7.17 29.33 -44.28
C TYR C 431 6.76 28.95 -42.85
N ASP D 2 18.89 70.26 -34.32
CA ASP D 2 17.54 70.55 -34.92
C ASP D 2 16.78 71.59 -34.11
N LYS D 3 15.46 71.46 -34.14
CA LYS D 3 14.57 72.35 -33.42
C LYS D 3 14.44 71.89 -31.95
N LEU D 4 13.26 72.07 -31.36
CA LEU D 4 13.01 71.66 -29.99
C LEU D 4 13.78 70.40 -29.62
N PRO D 5 14.20 70.29 -28.36
CA PRO D 5 14.95 69.10 -27.91
C PRO D 5 14.18 67.82 -28.20
N TYR D 6 12.87 67.90 -28.14
CA TYR D 6 11.99 66.76 -28.37
C TYR D 6 10.57 67.29 -28.32
N LYS D 7 9.60 66.41 -28.43
CA LYS D 7 8.20 66.81 -28.32
C LYS D 7 7.37 65.55 -28.06
N VAL D 8 6.57 65.59 -27.00
CA VAL D 8 5.74 64.45 -26.65
C VAL D 8 4.41 64.87 -26.07
N ALA D 9 3.57 63.88 -25.80
CA ALA D 9 2.24 64.11 -25.27
C ALA D 9 2.27 64.72 -23.88
N ASP D 10 3.03 64.11 -22.97
CA ASP D 10 3.11 64.60 -21.60
C ASP D 10 4.39 64.15 -20.88
N ILE D 11 5.30 65.09 -20.60
CA ILE D 11 6.56 64.77 -19.93
C ILE D 11 6.36 64.34 -18.47
N GLY D 12 5.20 64.68 -17.91
CA GLY D 12 4.92 64.30 -16.54
C GLY D 12 4.51 62.85 -16.46
N LEU D 13 4.67 62.14 -17.57
CA LEU D 13 4.33 60.72 -17.66
C LEU D 13 5.62 59.90 -17.62
N ALA D 14 6.75 60.60 -17.55
CA ALA D 14 8.05 59.95 -17.53
C ALA D 14 8.26 59.14 -16.28
N ALA D 15 7.93 59.73 -15.13
CA ALA D 15 8.08 59.06 -13.85
C ALA D 15 7.44 57.68 -13.89
N TRP D 16 6.31 57.58 -14.59
CA TRP D 16 5.60 56.32 -14.73
C TRP D 16 6.32 55.45 -15.76
N GLY D 17 6.57 56.04 -16.94
CA GLY D 17 7.25 55.32 -17.99
C GLY D 17 8.52 54.64 -17.49
N ARG D 18 9.28 55.31 -16.65
CA ARG D 18 10.53 54.75 -16.13
C ARG D 18 10.26 53.49 -15.33
N LYS D 19 9.09 53.42 -14.69
CA LYS D 19 8.71 52.24 -13.92
C LYS D 19 8.45 51.12 -14.91
N ALA D 20 7.79 51.47 -16.01
CA ALA D 20 7.49 50.51 -17.08
C ALA D 20 8.82 50.03 -17.67
N LEU D 21 9.73 50.96 -17.90
CA LEU D 21 11.02 50.63 -18.46
C LEU D 21 11.74 49.71 -17.48
N ASP D 22 11.69 50.06 -16.21
CA ASP D 22 12.34 49.27 -15.17
C ASP D 22 11.90 47.81 -15.17
N ILE D 23 10.59 47.60 -15.28
CA ILE D 23 10.05 46.25 -15.31
C ILE D 23 10.35 45.62 -16.67
N ALA D 24 10.29 46.44 -17.71
CA ALA D 24 10.53 45.94 -19.06
C ALA D 24 11.94 45.41 -19.22
N GLU D 25 12.91 46.15 -18.68
CA GLU D 25 14.31 45.76 -18.78
C GLU D 25 14.55 44.34 -18.26
N ASN D 26 14.02 44.03 -17.09
CA ASN D 26 14.21 42.72 -16.49
C ASN D 26 13.59 41.58 -17.30
N GLU D 27 12.81 41.93 -18.31
CA GLU D 27 12.16 40.94 -19.15
C GLU D 27 12.77 40.85 -20.55
N MET D 28 13.82 41.63 -20.80
CA MET D 28 14.47 41.60 -22.11
C MET D 28 15.95 41.25 -21.94
N PRO D 29 16.23 39.97 -21.64
CA PRO D 29 17.61 39.49 -21.45
C PRO D 29 18.56 39.75 -22.61
N GLY D 30 18.01 39.87 -23.82
CA GLY D 30 18.85 40.12 -24.97
C GLY D 30 19.51 41.50 -24.93
N LEU D 31 18.69 42.53 -24.81
CA LEU D 31 19.18 43.90 -24.77
C LEU D 31 20.08 44.14 -23.57
N MET D 32 19.64 43.67 -22.40
CA MET D 32 20.43 43.83 -21.18
C MET D 32 21.76 43.12 -21.35
N ARG D 33 21.76 42.03 -22.11
CA ARG D 33 22.95 41.25 -22.36
C ARG D 33 23.92 42.02 -23.26
N MET D 34 23.37 42.71 -24.26
CA MET D 34 24.18 43.51 -25.16
C MET D 34 24.77 44.66 -24.37
N ARG D 35 24.07 45.02 -23.29
CA ARG D 35 24.49 46.10 -22.43
C ARG D 35 25.75 45.75 -21.64
N GLU D 36 25.70 44.66 -20.89
CA GLU D 36 26.85 44.25 -20.09
C GLU D 36 28.15 44.11 -20.86
N MET D 37 28.11 43.45 -22.02
CA MET D 37 29.34 43.26 -22.78
C MET D 37 29.76 44.40 -23.69
N TYR D 38 28.89 45.37 -23.89
CA TYR D 38 29.22 46.48 -24.77
C TYR D 38 29.10 47.87 -24.16
N SER D 39 28.64 47.92 -22.92
CA SER D 39 28.49 49.20 -22.22
C SER D 39 29.82 49.95 -22.20
N ALA D 40 30.89 49.23 -21.87
CA ALA D 40 32.22 49.82 -21.81
C ALA D 40 32.78 49.94 -23.22
N SER D 41 32.83 48.82 -23.94
CA SER D 41 33.34 48.80 -25.32
C SER D 41 32.77 49.94 -26.18
N LYS D 42 31.48 50.21 -26.04
CA LYS D 42 30.83 51.26 -26.81
C LYS D 42 31.13 51.16 -28.32
N PRO D 43 30.89 49.98 -28.91
CA PRO D 43 31.15 49.80 -30.35
C PRO D 43 30.36 50.78 -31.23
N LEU D 44 29.30 51.36 -30.68
CA LEU D 44 28.48 52.29 -31.46
C LEU D 44 28.97 53.72 -31.35
N LYS D 45 30.00 53.93 -30.55
CA LYS D 45 30.58 55.26 -30.37
C LYS D 45 30.79 55.93 -31.72
N GLY D 46 30.41 57.20 -31.82
CA GLY D 46 30.58 57.92 -33.07
C GLY D 46 29.43 57.76 -34.04
N ALA D 47 28.49 56.89 -33.69
CA ALA D 47 27.32 56.65 -34.54
C ALA D 47 26.18 57.61 -34.21
N ARG D 48 25.43 57.98 -35.23
CA ARG D 48 24.28 58.85 -35.08
C ARG D 48 23.08 58.14 -35.70
N ILE D 49 22.42 57.32 -34.89
CA ILE D 49 21.28 56.55 -35.34
C ILE D 49 19.96 57.32 -35.35
N ALA D 50 19.30 57.30 -36.50
CA ALA D 50 18.01 57.96 -36.67
C ALA D 50 16.94 56.87 -36.78
N GLY D 51 16.20 56.66 -35.71
CA GLY D 51 15.19 55.62 -35.72
C GLY D 51 13.77 55.98 -36.06
N CYS D 52 13.06 54.99 -36.60
CA CYS D 52 11.66 55.11 -36.97
C CYS D 52 11.02 53.78 -36.62
N LEU D 53 10.72 53.62 -35.35
CA LEU D 53 10.11 52.41 -34.82
C LEU D 53 9.09 52.87 -33.79
N HIS D 54 7.96 52.17 -33.69
CA HIS D 54 6.92 52.51 -32.73
C HIS D 54 7.59 52.86 -31.41
N MET D 55 7.21 53.99 -30.83
CA MET D 55 7.82 54.44 -29.58
C MET D 55 7.09 53.85 -28.37
N THR D 56 7.46 52.63 -28.03
CA THR D 56 6.87 51.92 -26.91
C THR D 56 7.92 51.73 -25.82
N VAL D 57 7.52 51.11 -24.71
CA VAL D 57 8.44 50.87 -23.60
C VAL D 57 9.57 49.94 -23.99
N GLU D 58 9.25 48.95 -24.83
CA GLU D 58 10.26 48.00 -25.29
C GLU D 58 11.26 48.71 -26.19
N THR D 59 10.76 49.60 -27.03
CA THR D 59 11.63 50.36 -27.93
C THR D 59 12.49 51.31 -27.10
N ALA D 60 11.95 51.69 -25.95
CA ALA D 60 12.65 52.59 -25.05
C ALA D 60 13.92 51.90 -24.55
N VAL D 61 13.81 50.60 -24.27
CA VAL D 61 14.96 49.85 -23.80
C VAL D 61 15.96 49.68 -24.92
N LEU D 62 15.49 49.72 -26.16
CA LEU D 62 16.38 49.58 -27.30
C LEU D 62 17.19 50.86 -27.44
N ILE D 63 16.49 52.00 -27.35
CA ILE D 63 17.14 53.30 -27.46
C ILE D 63 18.18 53.49 -26.37
N GLU D 64 17.80 53.22 -25.11
CA GLU D 64 18.71 53.35 -23.99
C GLU D 64 19.86 52.34 -24.06
N THR D 65 19.71 51.32 -24.89
CA THR D 65 20.76 50.31 -25.05
C THR D 65 21.75 50.78 -26.10
N LEU D 66 21.21 51.30 -27.20
CA LEU D 66 22.05 51.80 -28.28
C LEU D 66 22.90 52.92 -27.67
N VAL D 67 22.27 53.75 -26.85
CA VAL D 67 22.98 54.85 -26.23
C VAL D 67 24.06 54.33 -25.30
N ALA D 68 23.76 53.25 -24.58
CA ALA D 68 24.73 52.66 -23.67
C ALA D 68 25.91 52.18 -24.49
N LEU D 69 25.66 51.90 -25.76
CA LEU D 69 26.69 51.43 -26.68
C LEU D 69 27.42 52.63 -27.32
N GLY D 70 27.26 53.80 -26.70
CA GLY D 70 27.91 55.00 -27.20
C GLY D 70 27.26 55.65 -28.40
N ALA D 71 26.15 55.12 -28.86
CA ALA D 71 25.47 55.70 -30.01
C ALA D 71 24.78 57.02 -29.68
N GLU D 72 24.47 57.79 -30.73
CA GLU D 72 23.78 59.06 -30.60
C GLU D 72 22.42 58.84 -31.27
N VAL D 73 21.35 58.90 -30.47
CA VAL D 73 20.02 58.65 -31.02
C VAL D 73 18.98 59.77 -31.00
N ARG D 74 18.20 59.83 -32.08
CA ARG D 74 17.12 60.78 -32.25
C ARG D 74 16.00 59.89 -32.77
N TRP D 75 14.97 59.67 -31.96
CA TRP D 75 13.88 58.78 -32.33
C TRP D 75 12.56 59.41 -32.77
N SER D 76 11.67 58.56 -33.25
CA SER D 76 10.34 58.93 -33.71
C SER D 76 9.59 57.61 -33.93
N SER D 77 8.28 57.63 -33.78
CA SER D 77 7.46 56.44 -33.96
C SER D 77 7.15 56.22 -35.43
N CYS D 78 7.01 54.97 -35.84
CA CYS D 78 6.70 54.67 -37.24
C CYS D 78 5.21 54.46 -37.42
N ASN D 79 4.42 55.00 -36.50
CA ASN D 79 2.97 54.86 -36.57
C ASN D 79 2.32 55.98 -35.76
N ILE D 80 1.26 56.58 -36.32
CA ILE D 80 0.59 57.68 -35.65
C ILE D 80 -0.17 57.30 -34.39
N PHE D 81 -0.33 56.01 -34.13
CA PHE D 81 -1.04 55.55 -32.94
C PHE D 81 -0.22 54.60 -32.07
N SER D 82 0.83 54.03 -32.65
CA SER D 82 1.69 53.07 -31.95
C SER D 82 2.54 53.63 -30.81
N THR D 83 2.58 54.95 -30.66
CA THR D 83 3.39 55.58 -29.62
C THR D 83 2.81 55.38 -28.22
N GLN D 84 3.70 55.15 -27.26
CA GLN D 84 3.34 54.97 -25.86
C GLN D 84 3.84 56.21 -25.13
N ASP D 85 2.92 57.12 -24.86
CA ASP D 85 3.22 58.40 -24.22
C ASP D 85 4.02 58.40 -22.90
N HIS D 86 3.86 57.39 -22.05
CA HIS D 86 4.64 57.37 -20.81
C HIS D 86 6.05 56.90 -21.10
N ALA D 87 6.16 56.02 -22.11
CA ALA D 87 7.46 55.49 -22.53
C ALA D 87 8.27 56.61 -23.17
N ALA D 88 7.65 57.33 -24.10
CA ALA D 88 8.27 58.44 -24.82
C ALA D 88 8.70 59.57 -23.88
N ALA D 89 7.93 59.79 -22.82
CA ALA D 89 8.21 60.82 -21.84
C ALA D 89 9.47 60.47 -21.06
N ALA D 90 9.58 59.20 -20.66
CA ALA D 90 10.73 58.74 -19.91
C ALA D 90 12.00 58.93 -20.74
N ILE D 91 11.87 58.70 -22.04
CA ILE D 91 13.01 58.84 -22.94
C ILE D 91 13.41 60.30 -23.09
N ALA D 92 12.44 61.15 -23.41
CA ALA D 92 12.71 62.58 -23.58
C ALA D 92 13.31 63.14 -22.30
N LYS D 93 12.63 62.90 -21.18
CA LYS D 93 13.10 63.37 -19.89
C LYS D 93 14.53 62.90 -19.65
N ALA D 94 14.89 61.78 -20.29
CA ALA D 94 16.22 61.21 -20.16
C ALA D 94 17.25 61.94 -21.01
N GLY D 95 16.80 62.86 -21.86
CA GLY D 95 17.72 63.59 -22.69
C GLY D 95 17.79 63.14 -24.13
N ILE D 96 17.14 62.02 -24.46
CA ILE D 96 17.15 61.51 -25.82
C ILE D 96 16.09 62.21 -26.66
N PRO D 97 16.52 62.87 -27.75
CA PRO D 97 15.58 63.59 -28.60
C PRO D 97 14.58 62.65 -29.23
N VAL D 98 13.37 62.60 -28.65
CA VAL D 98 12.31 61.74 -29.16
C VAL D 98 11.12 62.60 -29.56
N PHE D 99 10.65 62.42 -30.78
CA PHE D 99 9.51 63.19 -31.29
C PHE D 99 8.39 62.25 -31.71
N ALA D 100 7.64 61.79 -30.71
CA ALA D 100 6.55 60.87 -30.95
C ALA D 100 5.51 60.97 -29.84
N TRP D 101 4.25 60.92 -30.24
CA TRP D 101 3.14 60.98 -29.30
C TRP D 101 1.95 60.22 -29.90
N LYS D 102 1.19 59.53 -29.06
CA LYS D 102 0.04 58.77 -29.54
C LYS D 102 -1.01 59.65 -30.19
N GLY D 103 -1.32 59.38 -31.46
CA GLY D 103 -2.34 60.15 -32.14
C GLY D 103 -1.85 61.34 -32.94
N GLU D 104 -0.79 61.17 -33.71
CA GLU D 104 -0.26 62.24 -34.53
C GLU D 104 -1.09 62.38 -35.80
N THR D 105 -0.76 63.38 -36.61
CA THR D 105 -1.47 63.59 -37.88
C THR D 105 -0.46 63.27 -38.96
N ASP D 106 -0.94 62.88 -40.14
CA ASP D 106 -0.03 62.54 -41.22
C ASP D 106 1.05 63.60 -41.34
N GLU D 107 0.65 64.86 -41.12
CA GLU D 107 1.57 65.97 -41.22
C GLU D 107 2.57 65.96 -40.06
N GLU D 108 2.05 65.85 -38.85
CA GLU D 108 2.89 65.82 -37.65
C GLU D 108 3.81 64.60 -37.69
N TYR D 109 3.30 63.51 -38.26
CA TYR D 109 4.07 62.26 -38.36
C TYR D 109 5.36 62.46 -39.15
N LEU D 110 5.23 63.10 -40.31
CA LEU D 110 6.39 63.35 -41.15
C LEU D 110 7.35 64.30 -40.45
N TRP D 111 6.79 65.34 -39.83
CA TRP D 111 7.62 66.32 -39.13
C TRP D 111 8.52 65.61 -38.14
N CYS D 112 7.94 64.66 -37.42
CA CYS D 112 8.66 63.90 -36.40
C CYS D 112 9.80 63.11 -37.02
N ILE D 113 9.59 62.57 -38.21
CA ILE D 113 10.63 61.80 -38.87
C ILE D 113 11.77 62.72 -39.28
N GLU D 114 11.43 63.84 -39.93
CA GLU D 114 12.44 64.78 -40.37
C GLU D 114 13.26 65.26 -39.17
N GLN D 115 12.59 65.45 -38.04
CA GLN D 115 13.25 65.91 -36.83
C GLN D 115 14.42 65.06 -36.40
N THR D 116 14.54 63.84 -36.94
CA THR D 116 15.63 62.94 -36.54
C THR D 116 16.81 62.88 -37.51
N LEU D 117 16.71 63.58 -38.63
CA LEU D 117 17.78 63.54 -39.61
C LEU D 117 19.07 64.26 -39.20
N HIS D 118 18.94 65.39 -38.51
CA HIS D 118 20.13 66.15 -38.13
C HIS D 118 20.56 66.15 -36.66
N PHE D 119 21.82 65.82 -36.44
CA PHE D 119 22.38 65.77 -35.09
C PHE D 119 23.28 66.95 -34.78
N LYS D 120 23.73 67.00 -33.53
CA LYS D 120 24.60 68.07 -33.06
C LYS D 120 25.86 68.16 -33.91
N ASP D 121 26.62 67.06 -33.94
CA ASP D 121 27.86 66.98 -34.68
C ASP D 121 27.70 66.52 -36.12
N GLY D 122 26.51 66.66 -36.69
CA GLY D 122 26.30 66.25 -38.07
C GLY D 122 24.98 65.57 -38.30
N PRO D 123 24.66 65.21 -39.56
CA PRO D 123 23.40 64.53 -39.90
C PRO D 123 23.49 63.05 -39.56
N LEU D 124 22.38 62.33 -39.73
CA LEU D 124 22.36 60.90 -39.41
C LEU D 124 23.36 60.12 -40.25
N ASN D 125 24.08 59.22 -39.60
CA ASN D 125 25.08 58.37 -40.28
C ASN D 125 24.63 56.92 -40.19
N MET D 126 23.43 56.71 -39.66
CA MET D 126 22.85 55.38 -39.50
C MET D 126 21.34 55.46 -39.52
N ILE D 127 20.70 54.33 -39.83
CA ILE D 127 19.24 54.27 -39.89
C ILE D 127 18.71 53.00 -39.23
N LEU D 128 17.72 53.15 -38.36
CA LEU D 128 17.09 52.00 -37.70
C LEU D 128 15.61 52.17 -37.98
N ASP D 129 15.19 51.66 -39.13
CA ASP D 129 13.81 51.79 -39.59
C ASP D 129 12.91 50.60 -39.29
N ASP D 130 11.60 50.86 -39.35
CA ASP D 130 10.56 49.85 -39.14
C ASP D 130 9.38 50.22 -40.04
N GLY D 131 9.36 49.68 -41.26
CA GLY D 131 8.31 50.00 -42.19
C GLY D 131 8.91 50.62 -43.44
N GLY D 132 10.18 51.01 -43.33
CA GLY D 132 10.89 51.61 -44.46
C GLY D 132 10.63 53.10 -44.66
N ASP D 133 9.69 53.64 -43.89
CA ASP D 133 9.31 55.06 -43.96
C ASP D 133 10.49 56.03 -43.92
N LEU D 134 11.43 55.77 -43.03
CA LEU D 134 12.61 56.61 -42.86
C LEU D 134 13.58 56.47 -44.03
N THR D 135 13.89 55.23 -44.40
CA THR D 135 14.81 54.95 -45.50
C THR D 135 14.24 55.40 -46.84
N ASN D 136 12.93 55.46 -46.92
CA ASN D 136 12.27 55.89 -48.15
C ASN D 136 12.31 57.41 -48.25
N LEU D 137 11.92 58.06 -47.15
CA LEU D 137 11.92 59.52 -47.10
C LEU D 137 13.28 60.03 -47.56
N ILE D 138 14.34 59.51 -46.93
CA ILE D 138 15.70 59.90 -47.25
C ILE D 138 16.06 59.67 -48.70
N HIS D 139 15.87 58.45 -49.18
CA HIS D 139 16.19 58.10 -50.56
C HIS D 139 15.46 58.96 -51.59
N THR D 140 14.21 59.32 -51.29
CA THR D 140 13.43 60.13 -52.24
C THR D 140 13.31 61.62 -51.92
N LYS D 141 13.71 62.04 -50.72
CA LYS D 141 13.62 63.46 -50.38
C LYS D 141 14.90 64.11 -49.89
N HIS D 142 15.81 63.33 -49.29
CA HIS D 142 17.06 63.89 -48.79
C HIS D 142 18.31 63.19 -49.31
N PRO D 143 18.33 62.80 -50.60
CA PRO D 143 19.46 62.11 -51.22
C PRO D 143 20.82 62.62 -50.77
N GLN D 144 20.89 63.91 -50.52
CA GLN D 144 22.13 64.54 -50.09
C GLN D 144 22.74 63.82 -48.88
N LEU D 145 21.89 63.37 -47.97
CA LEU D 145 22.37 62.69 -46.77
C LEU D 145 22.68 61.21 -47.00
N LEU D 146 22.20 60.67 -48.12
CA LEU D 146 22.39 59.27 -48.46
C LEU D 146 23.82 58.78 -48.26
N SER D 147 24.73 59.33 -49.06
CA SER D 147 26.15 58.97 -49.01
C SER D 147 26.78 58.99 -47.61
N GLY D 148 26.10 59.61 -46.66
CA GLY D 148 26.65 59.70 -45.32
C GLY D 148 26.21 58.61 -44.38
N ILE D 149 25.13 57.93 -44.73
CA ILE D 149 24.58 56.85 -43.91
C ILE D 149 25.36 55.54 -44.11
N ARG D 150 25.98 55.05 -43.04
CA ARG D 150 26.75 53.81 -43.08
C ARG D 150 25.88 52.57 -43.25
N GLY D 151 24.60 52.66 -42.90
CA GLY D 151 23.74 51.50 -43.04
C GLY D 151 22.28 51.63 -42.62
N ILE D 152 21.48 50.63 -43.00
CA ILE D 152 20.07 50.60 -42.68
C ILE D 152 19.72 49.36 -41.88
N SER D 153 18.67 49.45 -41.07
CA SER D 153 18.23 48.35 -40.22
C SER D 153 16.72 48.23 -40.27
N GLU D 154 16.21 47.45 -41.23
CA GLU D 154 14.76 47.26 -41.37
C GLU D 154 14.31 46.15 -40.42
N GLU D 155 13.22 46.38 -39.72
CA GLU D 155 12.73 45.42 -38.74
C GLU D 155 11.46 44.66 -39.11
N THR D 156 10.69 45.20 -40.03
CA THR D 156 9.46 44.53 -40.41
C THR D 156 9.42 43.96 -41.82
N THR D 157 8.58 42.95 -42.00
CA THR D 157 8.42 42.28 -43.29
C THR D 157 8.11 43.32 -44.38
N THR D 158 7.01 44.03 -44.23
CA THR D 158 6.63 45.06 -45.19
C THR D 158 7.82 45.92 -45.61
N GLY D 159 8.57 46.42 -44.63
CA GLY D 159 9.74 47.24 -44.93
C GLY D 159 10.80 46.49 -45.71
N VAL D 160 11.21 45.34 -45.18
CA VAL D 160 12.22 44.51 -45.84
C VAL D 160 11.73 44.16 -47.26
N HIS D 161 10.42 44.01 -47.40
CA HIS D 161 9.82 43.71 -48.70
C HIS D 161 10.24 44.82 -49.68
N ASN D 162 10.08 46.06 -49.24
CA ASN D 162 10.42 47.23 -50.05
C ASN D 162 11.92 47.39 -50.21
N LEU D 163 12.67 46.97 -49.20
CA LEU D 163 14.12 47.06 -49.25
C LEU D 163 14.65 46.32 -50.47
N TYR D 164 14.08 45.15 -50.72
CA TYR D 164 14.47 44.34 -51.85
C TYR D 164 13.96 44.99 -53.14
N LYS D 165 12.74 45.54 -53.08
CA LYS D 165 12.14 46.20 -54.24
C LYS D 165 13.04 47.31 -54.76
N MET D 166 13.63 48.07 -53.84
CA MET D 166 14.53 49.15 -54.22
C MET D 166 15.72 48.58 -54.95
N MET D 167 16.34 47.56 -54.35
CA MET D 167 17.50 46.90 -54.92
C MET D 167 17.15 46.35 -56.30
N ALA D 168 15.96 45.77 -56.39
CA ALA D 168 15.49 45.21 -57.66
C ALA D 168 15.55 46.29 -58.75
N ASN D 169 15.56 47.54 -58.33
CA ASN D 169 15.60 48.65 -59.28
C ASN D 169 16.81 49.54 -59.01
N GLY D 170 17.85 48.94 -58.41
CA GLY D 170 19.04 49.71 -58.12
C GLY D 170 18.73 51.03 -57.46
N ILE D 171 17.65 51.07 -56.67
CA ILE D 171 17.27 52.29 -55.97
C ILE D 171 17.96 52.37 -54.61
N LEU D 172 18.06 51.22 -53.94
CA LEU D 172 18.72 51.16 -52.64
C LEU D 172 20.14 51.71 -52.84
N LYS D 173 20.49 52.76 -52.10
CA LYS D 173 21.80 53.39 -52.24
C LYS D 173 22.70 53.23 -51.03
N VAL D 174 22.26 52.45 -50.05
CA VAL D 174 23.05 52.20 -48.84
C VAL D 174 22.78 50.79 -48.31
N PRO D 175 23.85 50.09 -47.90
CA PRO D 175 23.76 48.72 -47.39
C PRO D 175 22.75 48.57 -46.25
N ALA D 176 21.86 47.60 -46.40
CA ALA D 176 20.84 47.34 -45.39
C ALA D 176 21.00 45.95 -44.81
N ILE D 177 20.49 45.75 -43.60
CA ILE D 177 20.53 44.45 -42.96
C ILE D 177 19.08 44.10 -42.69
N ASN D 178 18.67 42.93 -43.15
CA ASN D 178 17.31 42.46 -43.00
C ASN D 178 17.14 41.75 -41.67
N VAL D 179 16.73 42.52 -40.66
CA VAL D 179 16.53 42.00 -39.31
C VAL D 179 15.25 41.17 -39.16
N ASN D 180 14.17 41.60 -39.82
CA ASN D 180 12.89 40.90 -39.74
C ASN D 180 13.00 39.41 -40.08
N ASP D 181 13.89 39.09 -41.01
CA ASP D 181 14.06 37.72 -41.46
C ASP D 181 15.10 36.91 -40.71
N SER D 182 15.28 37.21 -39.42
CA SER D 182 16.21 36.44 -38.61
C SER D 182 15.31 35.39 -37.96
N VAL D 183 15.81 34.16 -37.85
CA VAL D 183 15.02 33.10 -37.25
C VAL D 183 14.44 33.54 -35.92
N THR D 184 15.28 34.13 -35.07
CA THR D 184 14.86 34.58 -33.76
C THR D 184 13.91 35.78 -33.86
N LYS D 185 13.88 36.41 -35.03
CA LYS D 185 13.01 37.56 -35.22
C LYS D 185 11.63 37.14 -35.72
N SER D 186 11.59 36.67 -36.97
CA SER D 186 10.34 36.26 -37.61
C SER D 186 9.53 35.16 -36.93
N LYS D 187 10.19 34.05 -36.60
CA LYS D 187 9.51 32.92 -35.97
C LYS D 187 9.10 33.15 -34.53
N PHE D 188 9.60 34.23 -33.92
CA PHE D 188 9.27 34.51 -32.53
C PHE D 188 8.48 35.80 -32.33
N ASP D 189 8.87 36.84 -33.04
CA ASP D 189 8.20 38.14 -32.94
C ASP D 189 6.83 38.14 -33.61
N ASN D 190 6.83 38.01 -34.93
CA ASN D 190 5.60 38.01 -35.70
C ASN D 190 4.64 36.92 -35.27
N LEU D 191 5.17 35.73 -34.99
CA LEU D 191 4.35 34.60 -34.60
C LEU D 191 3.90 34.60 -33.15
N TYR D 192 4.85 34.56 -32.22
CA TYR D 192 4.54 34.53 -30.79
C TYR D 192 4.05 35.85 -30.20
N GLY D 193 4.52 36.96 -30.76
CA GLY D 193 4.09 38.26 -30.27
C GLY D 193 2.65 38.53 -30.64
N CYS D 194 2.34 38.42 -31.93
CA CYS D 194 0.99 38.68 -32.41
C CYS D 194 -0.02 37.75 -31.75
N ARG D 195 0.39 36.53 -31.46
CA ARG D 195 -0.47 35.55 -30.81
C ARG D 195 -0.99 36.16 -29.52
N GLU D 196 -0.11 36.82 -28.78
CA GLU D 196 -0.48 37.44 -27.51
C GLU D 196 -0.98 38.86 -27.66
N SER D 197 -0.39 39.61 -28.57
CA SER D 197 -0.78 41.01 -28.76
C SER D 197 -2.05 41.23 -29.60
N LEU D 198 -2.42 40.27 -30.43
CA LEU D 198 -3.61 40.45 -31.24
C LEU D 198 -4.86 40.59 -30.39
N ILE D 199 -5.20 39.53 -29.65
CA ILE D 199 -6.38 39.51 -28.80
C ILE D 199 -6.44 40.71 -27.87
N ASP D 200 -5.27 41.16 -27.42
CA ASP D 200 -5.17 42.31 -26.53
C ASP D 200 -5.76 43.54 -27.21
N GLY D 201 -5.27 43.85 -28.41
CA GLY D 201 -5.78 44.97 -29.15
C GLY D 201 -7.28 44.86 -29.35
N ILE D 202 -7.77 43.66 -29.63
CA ILE D 202 -9.19 43.43 -29.83
C ILE D 202 -9.94 43.67 -28.54
N LYS D 203 -9.56 42.95 -27.49
CA LYS D 203 -10.22 43.06 -26.18
C LYS D 203 -10.20 44.46 -25.63
N ARG D 204 -9.01 45.04 -25.47
CA ARG D 204 -8.90 46.38 -24.94
C ARG D 204 -9.78 47.35 -25.70
N ALA D 205 -9.97 47.11 -26.99
CA ALA D 205 -10.80 47.98 -27.83
C ALA D 205 -12.31 47.69 -27.74
N THR D 206 -12.70 46.45 -28.06
CA THR D 206 -14.11 46.05 -28.03
C THR D 206 -14.50 45.26 -26.79
N ASP D 207 -13.54 44.61 -26.16
CA ASP D 207 -13.79 43.81 -24.97
C ASP D 207 -14.79 42.69 -25.28
N VAL D 208 -14.72 42.19 -26.52
CA VAL D 208 -15.59 41.12 -26.99
C VAL D 208 -15.11 39.72 -26.57
N MET D 209 -16.04 38.77 -26.50
CA MET D 209 -15.71 37.38 -26.15
C MET D 209 -15.36 36.65 -27.43
N ILE D 210 -14.18 36.04 -27.46
CA ILE D 210 -13.71 35.32 -28.64
C ILE D 210 -14.38 33.97 -28.79
N ALA D 211 -14.59 33.29 -27.67
CA ALA D 211 -15.22 31.97 -27.66
C ALA D 211 -16.56 31.89 -28.41
N GLY D 212 -16.70 30.87 -29.24
CA GLY D 212 -17.93 30.67 -29.98
C GLY D 212 -18.14 31.58 -31.17
N LYS D 213 -17.17 32.44 -31.46
CA LYS D 213 -17.29 33.35 -32.59
C LYS D 213 -16.47 32.86 -33.78
N VAL D 214 -16.97 33.13 -34.99
CA VAL D 214 -16.25 32.73 -36.18
C VAL D 214 -15.35 33.90 -36.53
N ALA D 215 -14.04 33.71 -36.40
CA ALA D 215 -13.07 34.76 -36.70
C ALA D 215 -12.41 34.46 -38.04
N VAL D 216 -12.30 35.48 -38.89
CA VAL D 216 -11.70 35.32 -40.21
C VAL D 216 -10.32 35.99 -40.27
N VAL D 217 -9.32 35.23 -40.70
CA VAL D 217 -7.95 35.73 -40.78
C VAL D 217 -7.43 35.70 -42.20
N ALA D 218 -7.13 36.86 -42.75
CA ALA D 218 -6.59 36.96 -44.10
C ALA D 218 -5.06 36.89 -44.06
N GLY D 219 -4.50 35.86 -44.68
CA GLY D 219 -3.06 35.69 -44.69
C GLY D 219 -2.60 34.69 -43.66
N TYR D 220 -1.77 33.73 -44.08
CA TYR D 220 -1.27 32.73 -43.16
C TYR D 220 0.24 32.79 -42.95
N GLY D 221 0.79 34.00 -42.87
CA GLY D 221 2.20 34.16 -42.64
C GLY D 221 2.39 33.95 -41.15
N ASP D 222 3.54 34.37 -40.62
CA ASP D 222 3.81 34.20 -39.20
C ASP D 222 2.81 34.98 -38.36
N VAL D 223 2.39 36.14 -38.86
CA VAL D 223 1.43 36.96 -38.14
C VAL D 223 0.09 36.27 -38.22
N GLY D 224 -0.26 35.79 -39.42
CA GLY D 224 -1.53 35.10 -39.57
C GLY D 224 -1.56 33.84 -38.73
N LYS D 225 -0.43 33.15 -38.68
CA LYS D 225 -0.27 31.92 -37.90
C LYS D 225 -0.42 32.19 -36.42
N GLY D 226 0.21 33.26 -35.96
CA GLY D 226 0.12 33.60 -34.55
C GLY D 226 -1.26 34.07 -34.16
N CYS D 227 -1.91 34.82 -35.04
CA CYS D 227 -3.25 35.34 -34.77
C CYS D 227 -4.26 34.20 -34.72
N ALA D 228 -4.24 33.39 -35.78
CA ALA D 228 -5.15 32.26 -35.92
C ALA D 228 -5.09 31.39 -34.69
N GLN D 229 -3.89 30.95 -34.35
CA GLN D 229 -3.69 30.11 -33.18
C GLN D 229 -4.34 30.75 -31.95
N ALA D 230 -4.16 32.07 -31.79
CA ALA D 230 -4.71 32.81 -30.66
C ALA D 230 -6.23 32.69 -30.55
N LEU D 231 -6.94 33.14 -31.57
CA LEU D 231 -8.41 33.09 -31.59
C LEU D 231 -8.92 31.67 -31.42
N ARG D 232 -8.34 30.76 -32.19
CA ARG D 232 -8.70 29.36 -32.15
C ARG D 232 -8.58 28.81 -30.71
N GLY D 233 -7.55 29.26 -29.99
CA GLY D 233 -7.34 28.82 -28.62
C GLY D 233 -8.33 29.32 -27.59
N PHE D 234 -9.11 30.34 -27.95
CA PHE D 234 -10.09 30.89 -27.04
C PHE D 234 -11.48 30.35 -27.37
N GLY D 235 -11.55 29.53 -28.41
CA GLY D 235 -12.83 28.95 -28.77
C GLY D 235 -13.50 29.54 -29.99
N ALA D 236 -12.75 30.31 -30.77
CA ALA D 236 -13.33 30.89 -31.97
C ALA D 236 -13.03 29.98 -33.12
N ARG D 237 -13.91 29.96 -34.11
CA ARG D 237 -13.72 29.14 -35.29
C ARG D 237 -13.04 30.05 -36.30
N VAL D 238 -11.74 29.82 -36.48
CA VAL D 238 -10.91 30.61 -37.39
C VAL D 238 -10.96 30.09 -38.81
N ILE D 239 -11.25 31.00 -39.75
CA ILE D 239 -11.27 30.67 -41.17
C ILE D 239 -10.13 31.47 -41.81
N ILE D 240 -9.32 30.81 -42.63
CA ILE D 240 -8.20 31.48 -43.27
C ILE D 240 -8.34 31.65 -44.79
N THR D 241 -7.85 32.79 -45.27
CA THR D 241 -7.86 33.12 -46.70
C THR D 241 -6.42 33.31 -47.14
N GLU D 242 -6.06 32.75 -48.29
CA GLU D 242 -4.67 32.86 -48.75
C GLU D 242 -4.51 32.81 -50.25
N ILE D 243 -3.34 33.26 -50.70
CA ILE D 243 -3.02 33.28 -52.12
C ILE D 243 -1.88 32.31 -52.40
N ASP D 244 -1.18 31.92 -51.34
CA ASP D 244 -0.06 30.99 -51.45
C ASP D 244 -0.57 29.59 -51.15
N PRO D 245 -0.38 28.66 -52.10
CA PRO D 245 -0.84 27.28 -51.89
C PRO D 245 -0.08 26.56 -50.78
N ILE D 246 1.16 26.95 -50.55
CA ILE D 246 1.96 26.33 -49.50
C ILE D 246 1.50 26.78 -48.12
N ASN D 247 1.17 28.06 -48.00
CA ASN D 247 0.71 28.60 -46.72
C ASN D 247 -0.73 28.15 -46.49
N ALA D 248 -1.44 27.86 -47.57
CA ALA D 248 -2.83 27.44 -47.52
C ALA D 248 -2.91 26.00 -47.05
N LEU D 249 -1.95 25.20 -47.47
CA LEU D 249 -1.91 23.79 -47.11
C LEU D 249 -1.59 23.66 -45.62
N GLN D 250 -0.68 24.49 -45.14
CA GLN D 250 -0.31 24.46 -43.74
C GLN D 250 -1.57 24.66 -42.92
N ALA D 251 -2.33 25.69 -43.28
CA ALA D 251 -3.58 26.01 -42.58
C ALA D 251 -4.52 24.82 -42.59
N ALA D 252 -4.82 24.31 -43.77
CA ALA D 252 -5.70 23.16 -43.92
C ALA D 252 -5.20 22.00 -43.07
N MET D 253 -3.90 21.78 -43.10
CA MET D 253 -3.24 20.71 -42.33
C MET D 253 -3.35 20.96 -40.83
N GLU D 254 -3.68 22.20 -40.46
CA GLU D 254 -3.83 22.58 -39.06
C GLU D 254 -5.28 22.55 -38.65
N GLY D 255 -6.16 22.18 -39.58
CA GLY D 255 -7.57 22.12 -39.29
C GLY D 255 -8.35 23.42 -39.49
N TYR D 256 -7.77 24.34 -40.24
CA TYR D 256 -8.42 25.62 -40.51
C TYR D 256 -9.06 25.56 -41.87
N GLU D 257 -10.25 26.15 -42.00
CA GLU D 257 -10.92 26.18 -43.29
C GLU D 257 -10.27 27.32 -44.07
N VAL D 258 -9.91 27.04 -45.32
CA VAL D 258 -9.30 28.05 -46.17
C VAL D 258 -10.23 28.41 -47.32
N THR D 259 -10.70 29.66 -47.33
CA THR D 259 -11.60 30.13 -48.37
C THR D 259 -11.24 31.53 -48.85
N THR D 260 -12.15 32.13 -49.61
CA THR D 260 -11.97 33.47 -50.14
C THR D 260 -12.75 34.42 -49.23
N MET D 261 -12.27 35.66 -49.12
CA MET D 261 -12.95 36.63 -48.29
C MET D 261 -14.36 36.85 -48.85
N ASP D 262 -14.49 36.68 -50.16
CA ASP D 262 -15.77 36.85 -50.84
C ASP D 262 -16.78 35.89 -50.26
N GLU D 263 -16.29 34.79 -49.68
CA GLU D 263 -17.15 33.78 -49.07
C GLU D 263 -17.18 33.96 -47.57
N ALA D 264 -16.01 34.12 -46.97
CA ALA D 264 -15.88 34.27 -45.53
C ALA D 264 -16.60 35.48 -44.95
N CYS D 265 -16.56 36.60 -45.66
CA CYS D 265 -17.20 37.82 -45.19
C CYS D 265 -18.63 37.60 -44.73
N LYS D 266 -19.28 36.60 -45.30
CA LYS D 266 -20.67 36.32 -44.92
C LYS D 266 -20.77 35.50 -43.65
N GLU D 267 -19.65 34.95 -43.19
CA GLU D 267 -19.68 34.11 -42.00
C GLU D 267 -18.90 34.64 -40.80
N GLY D 268 -17.85 35.40 -41.07
CA GLY D 268 -17.01 35.94 -40.02
C GLY D 268 -17.70 36.86 -39.04
N ASN D 269 -17.22 36.81 -37.80
CA ASN D 269 -17.71 37.63 -36.70
C ASN D 269 -16.59 38.60 -36.33
N ILE D 270 -15.36 38.17 -36.60
CA ILE D 270 -14.18 38.98 -36.31
C ILE D 270 -13.27 38.89 -37.52
N PHE D 271 -12.93 40.04 -38.09
CA PHE D 271 -12.07 40.07 -39.26
C PHE D 271 -10.71 40.67 -38.94
N VAL D 272 -9.66 39.88 -39.18
CA VAL D 272 -8.28 40.29 -38.93
C VAL D 272 -7.46 40.14 -40.21
N THR D 273 -6.83 41.21 -40.65
CA THR D 273 -6.01 41.17 -41.85
C THR D 273 -4.53 41.19 -41.48
N THR D 274 -3.88 40.03 -41.66
CA THR D 274 -2.46 39.90 -41.36
C THR D 274 -1.66 39.94 -42.66
N THR D 275 -2.32 40.39 -43.72
CA THR D 275 -1.69 40.49 -45.02
C THR D 275 -0.97 41.83 -45.08
N GLY D 276 -0.20 42.04 -46.13
CA GLY D 276 0.50 43.29 -46.30
C GLY D 276 0.10 43.82 -47.66
N CYS D 277 -1.08 43.39 -48.10
CA CYS D 277 -1.61 43.76 -49.40
C CYS D 277 -2.88 44.60 -49.31
N VAL D 278 -3.16 45.31 -50.40
CA VAL D 278 -4.31 46.18 -50.49
C VAL D 278 -5.57 45.47 -50.90
N ASP D 279 -6.71 46.12 -50.65
CA ASP D 279 -8.01 45.60 -51.01
C ASP D 279 -8.33 44.21 -50.46
N ILE D 280 -8.07 43.99 -49.17
CA ILE D 280 -8.36 42.69 -48.56
C ILE D 280 -9.82 42.67 -48.10
N ILE D 281 -10.26 43.74 -47.44
CA ILE D 281 -11.65 43.85 -46.98
C ILE D 281 -12.29 45.08 -47.62
N LEU D 282 -13.16 44.85 -48.61
CA LEU D 282 -13.84 45.93 -49.31
C LEU D 282 -15.30 46.09 -48.87
N GLY D 283 -16.00 47.05 -49.47
CA GLY D 283 -17.38 47.25 -49.11
C GLY D 283 -18.24 46.12 -49.62
N ARG D 284 -17.74 45.41 -50.64
CA ARG D 284 -18.47 44.28 -51.19
C ARG D 284 -18.55 43.21 -50.09
N HIS D 285 -17.64 43.29 -49.13
CA HIS D 285 -17.61 42.36 -48.01
C HIS D 285 -18.38 42.99 -46.84
N PHE D 286 -18.10 44.28 -46.61
CA PHE D 286 -18.74 45.03 -45.53
C PHE D 286 -20.24 44.90 -45.67
N GLU D 287 -20.72 45.06 -46.90
CA GLU D 287 -22.15 44.97 -47.18
C GLU D 287 -22.64 43.57 -46.90
N GLN D 288 -21.71 42.65 -46.70
CA GLN D 288 -22.03 41.25 -46.43
C GLN D 288 -21.73 40.77 -45.01
N MET D 289 -21.19 41.65 -44.18
CA MET D 289 -20.86 41.25 -42.82
C MET D 289 -22.05 41.19 -41.87
N LYS D 290 -21.93 40.35 -40.85
CA LYS D 290 -22.98 40.18 -39.84
C LYS D 290 -23.00 41.42 -38.95
N ASP D 291 -24.16 41.68 -38.34
CA ASP D 291 -24.32 42.82 -37.45
C ASP D 291 -23.22 42.87 -36.40
N ASP D 292 -22.73 44.06 -36.11
CA ASP D 292 -21.69 44.26 -35.12
C ASP D 292 -20.43 43.46 -35.39
N ALA D 293 -20.04 43.34 -36.66
CA ALA D 293 -18.84 42.60 -37.03
C ALA D 293 -17.58 43.38 -36.68
N ILE D 294 -16.68 42.75 -35.91
CA ILE D 294 -15.44 43.41 -35.53
C ILE D 294 -14.38 43.28 -36.61
N VAL D 295 -14.06 44.40 -37.27
CA VAL D 295 -13.05 44.40 -38.32
C VAL D 295 -11.82 45.20 -37.89
N CYS D 296 -10.66 44.59 -38.03
CA CYS D 296 -9.40 45.23 -37.68
C CYS D 296 -8.26 44.68 -38.52
N ASN D 297 -7.14 45.41 -38.53
CA ASN D 297 -5.96 45.03 -39.31
C ASN D 297 -4.73 45.01 -38.41
N ILE D 298 -3.80 44.10 -38.69
CA ILE D 298 -2.59 44.00 -37.89
C ILE D 298 -1.36 44.13 -38.79
N GLY D 299 -1.59 44.17 -40.09
CA GLY D 299 -0.47 44.32 -41.01
C GLY D 299 0.08 45.72 -40.85
N HIS D 300 1.41 45.84 -40.85
CA HIS D 300 2.08 47.13 -40.68
C HIS D 300 1.31 48.32 -41.26
N PHE D 301 1.33 48.48 -42.58
CA PHE D 301 0.62 49.59 -43.18
C PHE D 301 -0.86 49.29 -43.27
N ASP D 302 -1.69 50.30 -43.06
CA ASP D 302 -3.13 50.13 -43.13
C ASP D 302 -3.59 50.33 -44.58
N VAL D 303 -3.45 49.27 -45.38
CA VAL D 303 -3.81 49.32 -46.79
C VAL D 303 -4.73 48.16 -47.15
N GLU D 304 -5.02 47.31 -46.16
CA GLU D 304 -5.86 46.14 -46.38
C GLU D 304 -7.36 46.40 -46.29
N ILE D 305 -7.79 47.12 -45.27
CA ILE D 305 -9.22 47.39 -45.12
C ILE D 305 -9.60 48.71 -45.79
N ASP D 306 -10.74 48.71 -46.48
CA ASP D 306 -11.22 49.91 -47.15
C ASP D 306 -12.12 50.69 -46.20
N VAL D 307 -11.53 51.55 -45.38
CA VAL D 307 -12.27 52.35 -44.40
C VAL D 307 -13.01 53.52 -45.06
N LYS D 308 -12.43 54.05 -46.13
CA LYS D 308 -13.04 55.16 -46.86
C LYS D 308 -14.46 54.77 -47.23
N TRP D 309 -14.62 53.54 -47.71
CA TRP D 309 -15.92 53.01 -48.12
C TRP D 309 -16.89 53.06 -46.95
N LEU D 310 -16.42 52.66 -45.78
CA LEU D 310 -17.25 52.67 -44.56
C LEU D 310 -17.71 54.10 -44.28
N ASN D 311 -16.76 55.03 -44.33
CA ASN D 311 -17.04 56.44 -44.08
C ASN D 311 -17.87 57.10 -45.20
N GLU D 312 -17.81 56.54 -46.40
CA GLU D 312 -18.54 57.10 -47.53
C GLU D 312 -19.85 56.39 -47.82
N ASN D 313 -20.06 55.22 -47.25
CA ASN D 313 -21.28 54.46 -47.52
C ASN D 313 -22.11 54.15 -46.28
N ALA D 314 -21.53 54.33 -45.11
CA ALA D 314 -22.26 54.04 -43.88
C ALA D 314 -23.46 54.96 -43.75
N VAL D 315 -24.46 54.53 -43.01
CA VAL D 315 -25.64 55.37 -42.82
C VAL D 315 -25.31 56.35 -41.71
N GLU D 316 -24.44 55.92 -40.80
CA GLU D 316 -24.04 56.73 -39.65
C GLU D 316 -22.77 56.17 -39.02
N LYS D 317 -21.96 57.06 -38.46
CA LYS D 317 -20.72 56.65 -37.82
C LYS D 317 -20.66 57.20 -36.41
N VAL D 318 -20.51 56.31 -35.44
CA VAL D 318 -20.43 56.71 -34.05
C VAL D 318 -19.14 56.18 -33.44
N ASN D 319 -18.45 57.04 -32.69
CA ASN D 319 -17.20 56.66 -32.04
C ASN D 319 -17.46 56.20 -30.62
N ILE D 320 -17.13 54.96 -30.33
CA ILE D 320 -17.33 54.39 -29.00
C ILE D 320 -16.31 54.99 -28.06
N LYS D 321 -15.05 54.96 -28.47
CA LYS D 321 -13.96 55.51 -27.69
C LYS D 321 -12.73 55.59 -28.60
N PRO D 322 -11.63 56.21 -28.12
CA PRO D 322 -10.45 56.29 -28.98
C PRO D 322 -10.13 54.99 -29.72
N GLN D 323 -9.99 55.09 -31.04
CA GLN D 323 -9.68 53.98 -31.92
C GLN D 323 -10.77 52.91 -32.00
N VAL D 324 -12.00 53.30 -31.70
CA VAL D 324 -13.13 52.37 -31.76
C VAL D 324 -14.35 53.08 -32.32
N ASP D 325 -14.70 52.75 -33.56
CA ASP D 325 -15.85 53.37 -34.22
C ASP D 325 -16.89 52.35 -34.64
N ARG D 326 -18.15 52.64 -34.34
CA ARG D 326 -19.25 51.75 -34.69
C ARG D 326 -20.10 52.34 -35.79
N TYR D 327 -19.91 51.82 -37.00
CA TYR D 327 -20.65 52.25 -38.18
C TYR D 327 -22.00 51.57 -38.25
N LEU D 328 -22.89 52.16 -39.05
CA LEU D 328 -24.22 51.60 -39.25
C LEU D 328 -24.44 51.56 -40.75
N LEU D 329 -24.51 50.36 -41.32
CA LEU D 329 -24.70 50.21 -42.75
C LEU D 329 -26.17 50.39 -43.17
N LYS D 330 -26.35 50.79 -44.43
CA LYS D 330 -27.69 50.99 -44.98
C LYS D 330 -28.55 49.75 -44.88
N ASN D 331 -27.94 48.60 -44.64
CA ASN D 331 -28.68 47.34 -44.53
C ASN D 331 -29.17 47.09 -43.09
N GLY D 332 -28.79 47.97 -42.18
CA GLY D 332 -29.18 47.82 -40.79
C GLY D 332 -28.11 47.20 -39.92
N HIS D 333 -27.13 46.56 -40.53
CA HIS D 333 -26.05 45.94 -39.77
C HIS D 333 -25.03 46.96 -39.28
N ARG D 334 -24.36 46.63 -38.18
CA ARG D 334 -23.33 47.49 -37.58
C ARG D 334 -21.94 46.91 -37.83
N ILE D 335 -20.94 47.78 -37.90
CA ILE D 335 -19.57 47.34 -38.13
C ILE D 335 -18.64 48.09 -37.18
N ILE D 336 -17.99 47.36 -36.30
CA ILE D 336 -17.06 47.96 -35.35
C ILE D 336 -15.67 47.98 -35.94
N LEU D 337 -15.25 49.14 -36.41
CA LEU D 337 -13.92 49.30 -37.00
C LEU D 337 -12.95 49.63 -35.88
N LEU D 338 -11.80 48.96 -35.86
CA LEU D 338 -10.82 49.19 -34.81
C LEU D 338 -9.56 49.93 -35.25
N ALA D 339 -9.14 50.88 -34.43
CA ALA D 339 -7.93 51.68 -34.68
C ALA D 339 -7.88 52.31 -36.08
N GLU D 340 -9.04 52.61 -36.64
CA GLU D 340 -9.14 53.22 -37.96
C GLU D 340 -8.38 52.43 -39.02
N GLY D 341 -8.31 51.12 -38.86
CA GLY D 341 -7.63 50.30 -39.86
C GLY D 341 -6.14 50.12 -39.64
N ARG D 342 -5.55 50.93 -38.76
CA ARG D 342 -4.12 50.83 -38.48
C ARG D 342 -3.83 49.62 -37.58
N LEU D 343 -2.55 49.34 -37.37
CA LEU D 343 -2.12 48.23 -36.52
C LEU D 343 -3.03 48.15 -35.30
N VAL D 344 -3.60 46.96 -35.04
CA VAL D 344 -4.52 46.81 -33.92
C VAL D 344 -3.88 46.51 -32.56
N ASN D 345 -2.83 45.70 -32.54
CA ASN D 345 -2.19 45.37 -31.27
C ASN D 345 -1.49 46.58 -30.66
N LEU D 346 -0.91 47.43 -31.52
CA LEU D 346 -0.20 48.62 -31.09
C LEU D 346 -1.11 49.84 -31.01
N GLY D 347 -2.08 49.91 -31.91
CA GLY D 347 -3.00 51.04 -31.89
C GLY D 347 -4.05 50.97 -30.80
N CYS D 348 -4.47 49.76 -30.43
CA CYS D 348 -5.48 49.56 -29.40
C CYS D 348 -4.98 48.90 -28.11
N ALA D 349 -3.76 48.36 -28.16
CA ALA D 349 -3.17 47.70 -27.01
C ALA D 349 -1.75 48.16 -26.85
N MET D 350 -0.98 47.44 -26.03
CA MET D 350 0.41 47.82 -25.79
C MET D 350 1.42 47.16 -26.74
N GLY D 351 0.91 46.37 -27.69
CA GLY D 351 1.77 45.70 -28.65
C GLY D 351 2.36 44.42 -28.09
N HIS D 352 3.35 43.86 -28.77
CA HIS D 352 3.99 42.63 -28.31
C HIS D 352 4.61 42.85 -26.92
N PRO D 353 4.68 41.78 -26.10
CA PRO D 353 5.26 41.85 -24.76
C PRO D 353 6.78 42.06 -24.85
N SER D 354 7.38 42.57 -23.79
CA SER D 354 8.81 42.85 -23.80
C SER D 354 9.71 41.65 -24.08
N PHE D 355 9.40 40.50 -23.47
CA PHE D 355 10.24 39.32 -23.65
C PHE D 355 10.51 38.93 -25.11
N VAL D 356 9.48 38.98 -25.95
CA VAL D 356 9.66 38.63 -27.34
C VAL D 356 10.33 39.76 -28.12
N MET D 357 10.12 40.99 -27.65
CA MET D 357 10.69 42.17 -28.29
C MET D 357 12.20 42.25 -28.06
N SER D 358 12.67 41.55 -27.04
CA SER D 358 14.10 41.52 -26.72
C SER D 358 14.82 40.74 -27.81
N ASN D 359 14.10 39.82 -28.43
CA ASN D 359 14.65 39.01 -29.49
C ASN D 359 14.93 39.89 -30.71
N SER D 360 13.87 40.49 -31.23
CA SER D 360 13.98 41.36 -32.39
C SER D 360 14.95 42.49 -32.15
N PHE D 361 14.83 43.14 -30.99
CA PHE D 361 15.69 44.25 -30.65
C PHE D 361 17.15 43.87 -30.47
N THR D 362 17.41 42.65 -29.98
CA THR D 362 18.79 42.20 -29.83
C THR D 362 19.37 42.14 -31.24
N ASN D 363 18.58 41.61 -32.17
CA ASN D 363 19.00 41.50 -33.55
C ASN D 363 19.26 42.90 -34.07
N GLN D 364 18.46 43.86 -33.60
CA GLN D 364 18.60 45.25 -34.02
C GLN D 364 19.91 45.86 -33.51
N VAL D 365 20.23 45.62 -32.25
CA VAL D 365 21.47 46.13 -31.68
C VAL D 365 22.66 45.54 -32.44
N MET D 366 22.54 44.26 -32.81
CA MET D 366 23.59 43.56 -33.54
C MET D 366 23.70 44.08 -34.97
N ALA D 367 22.56 44.28 -35.62
CA ALA D 367 22.55 44.79 -36.98
C ALA D 367 23.32 46.10 -37.00
N GLN D 368 23.03 46.97 -36.04
CA GLN D 368 23.71 48.26 -35.93
C GLN D 368 25.22 48.12 -35.72
N ILE D 369 25.61 47.26 -34.79
CA ILE D 369 27.04 47.05 -34.53
C ILE D 369 27.76 46.51 -35.77
N GLU D 370 27.07 45.66 -36.55
CA GLU D 370 27.67 45.10 -37.75
C GLU D 370 27.93 46.18 -38.80
N LEU D 371 26.86 46.81 -39.26
CA LEU D 371 26.96 47.86 -40.27
C LEU D 371 27.98 48.93 -39.86
N TRP D 372 27.85 49.42 -38.64
CA TRP D 372 28.74 50.46 -38.15
C TRP D 372 30.17 49.96 -38.05
N THR D 373 30.38 48.95 -37.20
CA THR D 373 31.68 48.36 -36.97
C THR D 373 32.33 47.84 -38.27
N HIS D 374 31.71 46.85 -38.91
CA HIS D 374 32.25 46.28 -40.13
C HIS D 374 31.46 46.72 -41.36
N PRO D 375 31.64 47.96 -41.79
CA PRO D 375 30.91 48.45 -42.97
C PRO D 375 31.35 47.77 -44.26
N ASP D 376 32.65 47.83 -44.55
CA ASP D 376 33.19 47.25 -45.76
C ASP D 376 32.74 45.80 -45.97
N LYS D 377 32.17 45.21 -44.93
CA LYS D 377 31.70 43.83 -45.01
C LYS D 377 30.28 43.77 -45.58
N TYR D 378 29.63 44.92 -45.66
CA TYR D 378 28.26 44.99 -46.16
C TYR D 378 28.08 45.95 -47.34
N PRO D 379 28.26 45.44 -48.56
CA PRO D 379 28.10 46.28 -49.76
C PRO D 379 26.64 46.69 -49.89
N VAL D 380 26.37 47.70 -50.71
CA VAL D 380 25.00 48.15 -50.90
C VAL D 380 24.14 46.96 -51.26
N GLY D 381 23.12 46.72 -50.46
CA GLY D 381 22.23 45.59 -50.67
C GLY D 381 21.78 45.10 -49.32
N VAL D 382 20.63 44.44 -49.26
CA VAL D 382 20.12 43.94 -48.00
C VAL D 382 20.78 42.63 -47.61
N HIS D 383 21.24 42.52 -46.36
CA HIS D 383 21.89 41.30 -45.88
C HIS D 383 21.23 40.71 -44.64
N PHE D 384 21.65 39.50 -44.31
CA PHE D 384 21.13 38.79 -43.15
C PHE D 384 22.22 38.74 -42.10
N LEU D 385 21.82 38.43 -40.87
CA LEU D 385 22.77 38.34 -39.77
C LEU D 385 23.32 36.92 -39.66
N PRO D 386 24.65 36.77 -39.51
CA PRO D 386 25.26 35.45 -39.40
C PRO D 386 24.44 34.55 -38.46
N LYS D 387 24.18 33.32 -38.89
CA LYS D 387 23.41 32.39 -38.08
C LYS D 387 24.00 32.28 -36.69
N LYS D 388 25.32 32.35 -36.59
CA LYS D 388 25.99 32.25 -35.31
C LYS D 388 25.45 33.34 -34.39
N LEU D 389 25.12 34.48 -34.99
CA LEU D 389 24.59 35.60 -34.25
C LEU D 389 23.13 35.31 -33.90
N ASP D 390 22.37 34.88 -34.91
CA ASP D 390 20.96 34.55 -34.72
C ASP D 390 20.84 33.56 -33.57
N GLU D 391 21.83 32.68 -33.44
CA GLU D 391 21.85 31.68 -32.36
C GLU D 391 22.14 32.37 -31.03
N ALA D 392 22.97 33.40 -31.08
CA ALA D 392 23.35 34.16 -29.92
C ALA D 392 22.13 34.83 -29.29
N VAL D 393 21.19 35.25 -30.12
CA VAL D 393 19.96 35.89 -29.64
C VAL D 393 19.14 34.90 -28.83
N ALA D 394 18.77 33.79 -29.45
CA ALA D 394 17.98 32.77 -28.77
C ALA D 394 18.68 32.40 -27.47
N GLU D 395 19.94 31.98 -27.60
CA GLU D 395 20.73 31.60 -26.45
C GLU D 395 20.66 32.61 -25.31
N ALA D 396 20.47 33.88 -25.63
CA ALA D 396 20.41 34.93 -24.61
C ALA D 396 19.14 34.95 -23.76
N HIS D 397 18.05 34.38 -24.29
CA HIS D 397 16.80 34.39 -23.55
C HIS D 397 16.47 33.04 -22.93
N LEU D 398 17.26 32.03 -23.24
CA LEU D 398 17.03 30.69 -22.69
C LEU D 398 17.12 30.72 -21.18
N GLY D 399 18.12 31.43 -20.67
CA GLY D 399 18.32 31.49 -19.23
C GLY D 399 17.12 31.97 -18.43
N LYS D 400 16.54 33.10 -18.85
CA LYS D 400 15.38 33.67 -18.18
C LYS D 400 14.30 32.62 -18.04
N LEU D 401 14.13 31.80 -19.08
CA LEU D 401 13.14 30.73 -19.09
C LEU D 401 13.68 29.50 -18.36
N ASN D 402 14.89 29.63 -17.82
CA ASN D 402 15.54 28.57 -17.06
C ASN D 402 15.70 27.30 -17.86
N VAL D 403 15.75 27.44 -19.18
CA VAL D 403 15.91 26.29 -20.06
C VAL D 403 17.31 25.73 -19.91
N LYS D 404 17.42 24.40 -19.89
CA LYS D 404 18.72 23.74 -19.79
C LYS D 404 19.01 23.10 -21.13
N LEU D 405 19.84 23.77 -21.94
CA LEU D 405 20.23 23.29 -23.25
C LEU D 405 21.22 22.13 -23.12
N THR D 406 21.31 21.32 -24.16
CA THR D 406 22.21 20.17 -24.16
C THR D 406 23.50 20.53 -24.88
N LYS D 407 24.61 19.95 -24.42
CA LYS D 407 25.90 20.20 -25.02
C LYS D 407 26.39 18.95 -25.73
N LEU D 408 26.67 19.09 -27.03
CA LEU D 408 27.16 17.99 -27.85
C LEU D 408 28.51 17.54 -27.28
N THR D 409 28.81 16.26 -27.38
CA THR D 409 30.09 15.76 -26.89
C THR D 409 31.03 15.74 -28.08
N GLU D 410 32.31 15.51 -27.84
CA GLU D 410 33.28 15.47 -28.94
C GLU D 410 32.89 14.40 -29.95
N LYS D 411 32.40 13.27 -29.44
CA LYS D 411 32.01 12.16 -30.29
C LYS D 411 30.76 12.46 -31.11
N GLN D 412 29.77 13.09 -30.48
CA GLN D 412 28.54 13.43 -31.18
C GLN D 412 28.77 14.51 -32.24
N ALA D 413 29.51 15.54 -31.86
CA ALA D 413 29.83 16.65 -32.76
C ALA D 413 30.54 16.06 -33.97
N GLN D 414 31.38 15.07 -33.72
CA GLN D 414 32.12 14.40 -34.78
C GLN D 414 31.11 13.70 -35.69
N TYR D 415 30.29 12.85 -35.08
CA TYR D 415 29.25 12.11 -35.78
C TYR D 415 28.46 13.07 -36.68
N LEU D 416 27.83 14.07 -36.06
CA LEU D 416 27.04 15.07 -36.78
C LEU D 416 27.90 15.88 -37.73
N GLY D 417 29.19 15.95 -37.45
CA GLY D 417 30.10 16.71 -38.28
C GLY D 417 29.82 18.18 -38.16
N MET D 418 29.73 18.66 -36.92
CA MET D 418 29.46 20.07 -36.66
C MET D 418 30.14 20.51 -35.37
N PRO D 419 30.46 21.81 -35.26
CA PRO D 419 31.12 22.33 -34.05
C PRO D 419 30.19 22.26 -32.84
N ILE D 420 30.73 21.81 -31.71
CA ILE D 420 29.93 21.69 -30.49
C ILE D 420 29.07 22.93 -30.25
N ASN D 421 29.54 24.07 -30.74
CA ASN D 421 28.83 25.33 -30.58
C ASN D 421 28.51 25.94 -31.93
N GLY D 422 29.37 25.66 -32.92
CA GLY D 422 29.20 26.20 -34.25
C GLY D 422 27.76 26.10 -34.70
N PRO D 423 27.34 26.91 -35.67
CA PRO D 423 25.96 26.89 -36.16
C PRO D 423 25.50 25.44 -36.30
N PHE D 424 24.36 25.13 -35.70
CA PHE D 424 23.83 23.77 -35.74
C PHE D 424 22.85 23.50 -36.89
N LYS D 425 22.64 24.48 -37.76
CA LYS D 425 21.71 24.29 -38.87
C LYS D 425 22.19 24.92 -40.17
N PRO D 426 21.92 24.25 -41.29
CA PRO D 426 22.34 24.80 -42.58
C PRO D 426 21.58 26.11 -42.81
N ASP D 427 22.11 26.97 -43.66
CA ASP D 427 21.48 28.25 -43.93
C ASP D 427 20.04 28.11 -44.40
N HIS D 428 19.79 27.16 -45.30
CA HIS D 428 18.46 26.95 -45.84
C HIS D 428 17.44 26.47 -44.82
N TYR D 429 17.92 26.03 -43.66
CA TYR D 429 17.06 25.53 -42.57
C TYR D 429 15.94 26.52 -42.23
N ARG D 430 14.71 26.02 -42.23
CA ARG D 430 13.53 26.85 -41.95
C ARG D 430 13.00 26.73 -40.52
N TYR D 431 13.85 26.27 -39.60
CA TYR D 431 13.45 26.12 -38.20
C TYR D 431 11.94 25.91 -38.00
N ASP E 2 -11.93 -71.66 40.69
CA ASP E 2 -12.89 -71.76 39.54
C ASP E 2 -12.43 -72.76 38.48
N LYS E 3 -12.41 -72.30 37.24
CA LYS E 3 -11.99 -73.10 36.10
C LYS E 3 -10.47 -72.95 35.96
N LEU E 4 -9.97 -73.05 34.73
CA LEU E 4 -8.53 -72.91 34.49
C LEU E 4 -7.94 -71.84 35.40
N PRO E 5 -6.72 -72.09 35.92
CA PRO E 5 -6.02 -71.17 36.82
C PRO E 5 -5.91 -69.74 36.31
N TYR E 6 -5.65 -69.61 35.02
CA TYR E 6 -5.49 -68.30 34.41
C TYR E 6 -5.44 -68.53 32.92
N LYS E 7 -5.28 -67.44 32.19
CA LYS E 7 -5.15 -67.49 30.75
C LYS E 7 -4.63 -66.12 30.36
N VAL E 8 -3.60 -66.11 29.53
CA VAL E 8 -2.99 -64.87 29.10
C VAL E 8 -2.54 -65.08 27.67
N ALA E 9 -1.98 -64.04 27.05
CA ALA E 9 -1.50 -64.15 25.67
C ALA E 9 -0.32 -65.13 25.58
N ASP E 10 0.73 -64.85 26.34
CA ASP E 10 1.90 -65.70 26.37
C ASP E 10 2.55 -65.64 27.75
N ILE E 11 2.70 -66.79 28.39
CA ILE E 11 3.33 -66.88 29.70
C ILE E 11 4.85 -66.68 29.58
N GLY E 12 5.35 -66.73 28.35
CA GLY E 12 6.77 -66.57 28.14
C GLY E 12 7.24 -65.17 28.49
N LEU E 13 6.32 -64.22 28.50
CA LEU E 13 6.64 -62.82 28.80
C LEU E 13 6.85 -62.63 30.31
N ALA E 14 6.79 -63.73 31.05
CA ALA E 14 6.97 -63.69 32.49
C ALA E 14 8.31 -63.09 32.86
N ALA E 15 9.37 -63.61 32.25
CA ALA E 15 10.73 -63.11 32.55
C ALA E 15 10.85 -61.59 32.41
N TRP E 16 10.37 -61.06 31.29
CA TRP E 16 10.40 -59.64 30.97
C TRP E 16 9.46 -58.81 31.84
N GLY E 17 8.25 -59.33 32.04
CA GLY E 17 7.28 -58.62 32.85
C GLY E 17 7.77 -58.44 34.27
N ARG E 18 8.68 -59.31 34.69
CA ARG E 18 9.25 -59.24 36.03
C ARG E 18 10.29 -58.12 36.05
N LYS E 19 10.92 -57.88 34.91
CA LYS E 19 11.92 -56.81 34.79
C LYS E 19 11.23 -55.46 34.88
N ALA E 20 10.15 -55.32 34.11
CA ALA E 20 9.35 -54.12 34.03
C ALA E 20 8.72 -53.76 35.38
N LEU E 21 8.39 -54.79 36.14
CA LEU E 21 7.77 -54.60 37.45
C LEU E 21 8.81 -54.04 38.42
N ASP E 22 10.02 -54.56 38.34
CA ASP E 22 11.10 -54.11 39.21
C ASP E 22 11.37 -52.64 38.90
N ILE E 23 11.52 -52.32 37.62
CA ILE E 23 11.80 -50.95 37.25
C ILE E 23 10.63 -50.07 37.70
N ALA E 24 9.42 -50.62 37.57
CA ALA E 24 8.21 -49.93 37.96
C ALA E 24 8.04 -49.85 39.47
N GLU E 25 8.60 -50.83 40.19
CA GLU E 25 8.49 -50.87 41.64
C GLU E 25 9.28 -49.75 42.34
N ASN E 26 10.40 -49.36 41.72
CA ASN E 26 11.24 -48.30 42.25
C ASN E 26 10.63 -46.95 41.87
N GLU E 27 9.62 -46.97 41.00
CA GLU E 27 8.97 -45.74 40.54
C GLU E 27 7.61 -45.48 41.18
N MET E 28 7.20 -46.35 42.10
CA MET E 28 5.91 -46.19 42.78
C MET E 28 6.09 -46.28 44.31
N PRO E 29 6.62 -45.19 44.93
CA PRO E 29 6.87 -45.04 46.37
C PRO E 29 5.68 -45.27 47.30
N GLY E 30 4.48 -45.06 46.79
CA GLY E 30 3.30 -45.25 47.62
C GLY E 30 3.04 -46.71 47.90
N LEU E 31 2.84 -47.50 46.86
CA LEU E 31 2.56 -48.92 47.02
C LEU E 31 3.64 -49.55 47.90
N MET E 32 4.88 -49.47 47.43
CA MET E 32 6.02 -50.03 48.16
C MET E 32 5.92 -49.59 49.60
N ARG E 33 5.51 -48.34 49.80
CA ARG E 33 5.37 -47.79 51.14
C ARG E 33 4.38 -48.68 51.90
N MET E 34 3.24 -48.94 51.27
CA MET E 34 2.21 -49.76 51.86
C MET E 34 2.73 -51.17 52.14
N ARG E 35 3.65 -51.63 51.29
CA ARG E 35 4.23 -52.96 51.43
C ARG E 35 5.07 -53.06 52.69
N GLU E 36 5.96 -52.10 52.89
CA GLU E 36 6.85 -52.10 54.05
C GLU E 36 6.11 -52.08 55.38
N MET E 37 5.12 -51.21 55.50
CA MET E 37 4.40 -51.11 56.75
C MET E 37 3.31 -52.13 56.99
N TYR E 38 2.77 -52.73 55.93
CA TYR E 38 1.68 -53.69 56.11
C TYR E 38 1.99 -55.12 55.72
N SER E 39 3.21 -55.37 55.26
CA SER E 39 3.61 -56.72 54.87
C SER E 39 3.41 -57.67 56.03
N ALA E 40 4.00 -57.32 57.17
CA ALA E 40 3.90 -58.14 58.38
C ALA E 40 2.49 -58.01 58.95
N SER E 41 1.97 -56.79 58.97
CA SER E 41 0.63 -56.56 59.49
C SER E 41 -0.38 -57.42 58.77
N LYS E 42 -0.48 -57.28 57.45
CA LYS E 42 -1.42 -58.04 56.64
C LYS E 42 -2.88 -57.70 56.92
N PRO E 43 -3.28 -56.43 56.72
CA PRO E 43 -4.64 -55.93 56.95
C PRO E 43 -5.69 -56.48 55.99
N LEU E 44 -5.24 -57.26 55.01
CA LEU E 44 -6.14 -57.82 54.00
C LEU E 44 -6.33 -59.33 54.01
N LYS E 45 -5.75 -60.00 55.02
CA LYS E 45 -5.89 -61.44 55.13
C LYS E 45 -7.36 -61.83 55.30
N GLY E 46 -7.76 -62.91 54.63
CA GLY E 46 -9.14 -63.37 54.69
C GLY E 46 -9.93 -62.78 53.55
N ALA E 47 -9.50 -61.61 53.08
CA ALA E 47 -10.16 -60.90 52.00
C ALA E 47 -9.84 -61.56 50.68
N ARG E 48 -10.83 -61.61 49.81
CA ARG E 48 -10.65 -62.21 48.51
C ARG E 48 -11.01 -61.16 47.49
N ILE E 49 -10.05 -60.31 47.19
CA ILE E 49 -10.24 -59.23 46.25
C ILE E 49 -10.31 -59.74 44.83
N ALA E 50 -11.31 -59.26 44.10
CA ALA E 50 -11.51 -59.62 42.71
C ALA E 50 -11.52 -58.27 41.99
N GLY E 51 -10.42 -57.94 41.32
CA GLY E 51 -10.34 -56.68 40.62
C GLY E 51 -10.57 -56.72 39.12
N CYS E 52 -11.07 -55.59 38.60
CA CYS E 52 -11.32 -55.47 37.18
C CYS E 52 -10.66 -54.16 36.74
N LEU E 53 -9.33 -54.18 36.69
CA LEU E 53 -8.54 -53.03 36.31
C LEU E 53 -7.58 -53.39 35.19
N HIS E 54 -7.25 -52.40 34.36
CA HIS E 54 -6.36 -52.63 33.22
C HIS E 54 -5.12 -53.40 33.65
N MET E 55 -4.91 -54.55 33.03
CA MET E 55 -3.76 -55.38 33.35
C MET E 55 -2.53 -54.73 32.77
N THR E 56 -1.78 -54.02 33.60
CA THR E 56 -0.57 -53.35 33.15
C THR E 56 0.55 -53.62 34.16
N VAL E 57 1.75 -53.17 33.83
CA VAL E 57 2.89 -53.36 34.74
C VAL E 57 2.67 -52.58 36.03
N GLU E 58 1.98 -51.45 35.92
CA GLU E 58 1.70 -50.64 37.10
C GLU E 58 0.65 -51.34 37.95
N THR E 59 -0.40 -51.83 37.30
CA THR E 59 -1.46 -52.52 38.04
C THR E 59 -0.90 -53.78 38.66
N ALA E 60 0.07 -54.38 37.99
CA ALA E 60 0.71 -55.59 38.49
C ALA E 60 1.31 -55.30 39.86
N VAL E 61 1.71 -54.05 40.06
CA VAL E 61 2.31 -53.62 41.33
C VAL E 61 1.23 -53.49 42.40
N LEU E 62 0.02 -53.12 41.99
CA LEU E 62 -1.07 -52.97 42.93
C LEU E 62 -1.50 -54.34 43.40
N ILE E 63 -1.55 -55.28 42.48
CA ILE E 63 -1.93 -56.66 42.79
C ILE E 63 -0.92 -57.29 43.75
N GLU E 64 0.36 -57.23 43.37
CA GLU E 64 1.43 -57.80 44.16
C GLU E 64 1.65 -57.16 45.52
N THR E 65 1.11 -55.96 45.70
CA THR E 65 1.22 -55.28 46.99
C THR E 65 0.04 -55.80 47.79
N LEU E 66 -1.11 -55.91 47.11
CA LEU E 66 -2.35 -56.40 47.71
C LEU E 66 -2.14 -57.81 48.27
N VAL E 67 -1.47 -58.65 47.49
CA VAL E 67 -1.16 -60.02 47.88
C VAL E 67 -0.24 -59.98 49.09
N ALA E 68 0.70 -59.04 49.07
CA ALA E 68 1.63 -58.87 50.16
C ALA E 68 0.89 -58.49 51.45
N LEU E 69 -0.17 -57.71 51.30
CA LEU E 69 -0.95 -57.25 52.44
C LEU E 69 -1.86 -58.37 52.93
N GLY E 70 -1.72 -59.55 52.33
CA GLY E 70 -2.50 -60.70 52.75
C GLY E 70 -3.75 -61.04 51.95
N ALA E 71 -4.19 -60.11 51.10
CA ALA E 71 -5.38 -60.34 50.30
C ALA E 71 -5.22 -61.48 49.32
N GLU E 72 -6.33 -62.13 48.99
CA GLU E 72 -6.36 -63.24 48.04
C GLU E 72 -6.90 -62.55 46.80
N VAL E 73 -6.09 -62.45 45.75
CA VAL E 73 -6.52 -61.73 44.54
C VAL E 73 -6.81 -62.51 43.27
N ARG E 74 -7.92 -62.16 42.62
CA ARG E 74 -8.33 -62.75 41.35
C ARG E 74 -8.49 -61.54 40.44
N TRP E 75 -7.66 -61.41 39.42
CA TRP E 75 -7.73 -60.26 38.53
C TRP E 75 -8.29 -60.46 37.12
N SER E 76 -8.69 -59.33 36.54
CA SER E 76 -9.26 -59.29 35.20
C SER E 76 -9.08 -57.86 34.70
N SER E 77 -8.97 -57.67 33.39
CA SER E 77 -8.83 -56.32 32.85
C SER E 77 -10.19 -55.72 32.52
N CYS E 78 -10.28 -54.41 32.65
CA CYS E 78 -11.51 -53.69 32.38
C CYS E 78 -11.59 -53.18 30.95
N ASN E 79 -10.68 -53.65 30.09
CA ASN E 79 -10.66 -53.25 28.68
C ASN E 79 -9.95 -54.31 27.83
N ILE E 80 -10.49 -54.56 26.63
CA ILE E 80 -9.89 -55.56 25.77
C ILE E 80 -8.55 -55.16 25.15
N PHE E 81 -8.27 -53.86 25.13
CA PHE E 81 -7.04 -53.37 24.51
C PHE E 81 -6.00 -52.83 25.48
N SER E 82 -6.42 -52.55 26.71
CA SER E 82 -5.53 -52.00 27.72
C SER E 82 -4.47 -52.92 28.32
N THR E 83 -4.71 -54.23 28.28
CA THR E 83 -3.76 -55.19 28.87
C THR E 83 -2.35 -55.27 28.27
N GLN E 84 -1.39 -55.54 29.15
CA GLN E 84 0.02 -55.66 28.81
C GLN E 84 0.42 -57.09 29.12
N ASP E 85 0.52 -57.88 28.06
CA ASP E 85 0.83 -59.30 28.17
C ASP E 85 2.01 -59.74 29.04
N HIS E 86 3.12 -59.02 29.01
CA HIS E 86 4.26 -59.42 29.84
C HIS E 86 3.93 -59.13 31.31
N ALA E 87 3.22 -58.03 31.55
CA ALA E 87 2.83 -57.65 32.90
C ALA E 87 1.81 -58.67 33.40
N ALA E 88 0.92 -59.09 32.49
CA ALA E 88 -0.10 -60.07 32.79
C ALA E 88 0.55 -61.44 32.98
N ALA E 89 1.61 -61.70 32.21
CA ALA E 89 2.36 -62.95 32.26
C ALA E 89 3.12 -63.11 33.56
N ALA E 90 3.75 -62.02 34.01
CA ALA E 90 4.51 -62.04 35.25
C ALA E 90 3.58 -62.31 36.44
N ILE E 91 2.35 -61.79 36.36
CA ILE E 91 1.39 -61.98 37.44
C ILE E 91 0.84 -63.40 37.44
N ALA E 92 0.38 -63.86 36.28
CA ALA E 92 -0.14 -65.22 36.17
C ALA E 92 0.95 -66.14 36.67
N LYS E 93 2.16 -65.95 36.15
CA LYS E 93 3.29 -66.77 36.53
C LYS E 93 3.60 -66.65 38.03
N ALA E 94 3.17 -65.54 38.63
CA ALA E 94 3.40 -65.31 40.06
C ALA E 94 2.55 -66.24 40.92
N GLY E 95 1.45 -66.72 40.36
CA GLY E 95 0.58 -67.62 41.08
C GLY E 95 -0.84 -67.09 41.14
N ILE E 96 -1.00 -65.80 40.86
CA ILE E 96 -2.31 -65.15 40.89
C ILE E 96 -3.11 -65.50 39.64
N PRO E 97 -4.39 -65.84 39.81
CA PRO E 97 -5.17 -66.17 38.62
C PRO E 97 -5.58 -64.92 37.86
N VAL E 98 -4.84 -64.58 36.82
CA VAL E 98 -5.18 -63.41 36.02
C VAL E 98 -5.72 -63.88 34.69
N PHE E 99 -6.83 -63.27 34.28
CA PHE E 99 -7.46 -63.60 33.01
C PHE E 99 -7.53 -62.35 32.17
N ALA E 100 -6.43 -62.04 31.51
CA ALA E 100 -6.34 -60.87 30.68
C ALA E 100 -5.27 -61.03 29.62
N TRP E 101 -5.56 -60.47 28.44
CA TRP E 101 -4.63 -60.51 27.33
C TRP E 101 -4.99 -59.35 26.40
N LYS E 102 -4.04 -58.86 25.64
CA LYS E 102 -4.32 -57.73 24.75
C LYS E 102 -5.11 -58.20 23.54
N GLY E 103 -6.33 -57.70 23.41
CA GLY E 103 -7.16 -58.08 22.28
C GLY E 103 -8.24 -59.11 22.59
N GLU E 104 -8.87 -58.99 23.75
CA GLU E 104 -9.94 -59.93 24.10
C GLU E 104 -11.15 -59.46 23.30
N THR E 105 -12.12 -60.32 23.08
CA THR E 105 -13.32 -59.91 22.35
C THR E 105 -14.41 -59.67 23.39
N ASP E 106 -15.45 -58.92 23.02
CA ASP E 106 -16.53 -58.62 23.96
C ASP E 106 -16.95 -59.85 24.77
N GLU E 107 -16.96 -61.01 24.12
CA GLU E 107 -17.34 -62.25 24.78
C GLU E 107 -16.24 -62.72 25.70
N GLU E 108 -15.01 -62.73 25.17
CA GLU E 108 -13.84 -63.14 25.93
C GLU E 108 -13.65 -62.27 27.16
N TYR E 109 -14.09 -61.02 27.04
CA TYR E 109 -14.00 -60.03 28.10
C TYR E 109 -14.84 -60.38 29.32
N LEU E 110 -16.14 -60.60 29.11
CA LEU E 110 -17.08 -60.92 30.19
C LEU E 110 -16.73 -62.19 30.94
N TRP E 111 -16.21 -63.18 30.23
CA TRP E 111 -15.83 -64.46 30.83
C TRP E 111 -14.70 -64.21 31.82
N CYS E 112 -13.84 -63.25 31.47
CA CYS E 112 -12.71 -62.86 32.31
C CYS E 112 -13.17 -62.23 33.62
N ILE E 113 -14.17 -61.35 33.57
CA ILE E 113 -14.67 -60.73 34.78
C ILE E 113 -15.29 -61.81 35.67
N GLU E 114 -16.11 -62.65 35.06
CA GLU E 114 -16.77 -63.73 35.78
C GLU E 114 -15.80 -64.81 36.29
N GLN E 115 -14.60 -64.82 35.74
CA GLN E 115 -13.60 -65.79 36.18
C GLN E 115 -13.05 -65.42 37.56
N THR E 116 -13.32 -64.21 38.04
CA THR E 116 -12.82 -63.78 39.33
C THR E 116 -13.85 -63.69 40.47
N LEU E 117 -15.10 -64.03 40.20
CA LEU E 117 -16.14 -63.94 41.22
C LEU E 117 -16.03 -64.98 42.33
N HIS E 118 -15.48 -66.14 42.02
CA HIS E 118 -15.36 -67.19 43.02
C HIS E 118 -13.92 -67.56 43.33
N PHE E 119 -13.62 -67.63 44.62
CA PHE E 119 -12.29 -67.98 45.10
C PHE E 119 -12.31 -69.41 45.64
N LYS E 120 -11.14 -69.87 46.09
CA LYS E 120 -11.03 -71.23 46.64
C LYS E 120 -11.87 -71.37 47.90
N ASP E 121 -11.62 -70.56 48.91
CA ASP E 121 -12.38 -70.63 50.15
C ASP E 121 -13.70 -69.87 50.09
N GLY E 122 -14.17 -69.58 48.88
CA GLY E 122 -15.44 -68.88 48.79
C GLY E 122 -15.57 -67.76 47.76
N PRO E 123 -16.79 -67.23 47.59
CA PRO E 123 -17.05 -66.15 46.64
C PRO E 123 -16.31 -64.86 46.98
N LEU E 124 -16.28 -63.95 46.02
CA LEU E 124 -15.61 -62.67 46.23
C LEU E 124 -16.31 -61.94 47.36
N ASN E 125 -15.51 -61.44 48.31
CA ASN E 125 -16.02 -60.70 49.46
C ASN E 125 -15.52 -59.26 49.44
N MET E 126 -14.89 -58.87 48.33
CA MET E 126 -14.36 -57.52 48.17
C MET E 126 -14.21 -57.22 46.69
N ILE E 127 -14.41 -55.95 46.33
CA ILE E 127 -14.34 -55.52 44.93
C ILE E 127 -13.34 -54.39 44.68
N LEU E 128 -12.60 -54.51 43.58
CA LEU E 128 -11.66 -53.47 43.18
C LEU E 128 -12.00 -53.17 41.73
N ASP E 129 -12.94 -52.25 41.53
CA ASP E 129 -13.38 -51.91 40.18
C ASP E 129 -12.80 -50.61 39.62
N ASP E 130 -12.72 -50.57 38.30
CA ASP E 130 -12.22 -49.41 37.58
C ASP E 130 -13.07 -49.23 36.34
N GLY E 131 -14.20 -48.54 36.50
CA GLY E 131 -15.09 -48.32 35.38
C GLY E 131 -16.52 -48.74 35.68
N GLY E 132 -16.69 -49.64 36.65
CA GLY E 132 -18.02 -50.08 37.00
C GLY E 132 -18.47 -51.43 36.46
N ASP E 133 -17.80 -51.94 35.45
CA ASP E 133 -18.18 -53.23 34.86
C ASP E 133 -18.44 -54.31 35.92
N LEU E 134 -17.49 -54.48 36.84
CA LEU E 134 -17.60 -55.48 37.89
C LEU E 134 -18.76 -55.23 38.86
N THR E 135 -18.79 -54.06 39.48
CA THR E 135 -19.84 -53.72 40.44
C THR E 135 -21.23 -53.82 39.80
N ASN E 136 -21.26 -53.60 38.49
CA ASN E 136 -22.51 -53.66 37.75
C ASN E 136 -22.86 -55.10 37.38
N LEU E 137 -21.85 -55.87 36.95
CA LEU E 137 -22.09 -57.25 36.57
C LEU E 137 -22.71 -58.05 37.72
N ILE E 138 -22.16 -57.88 38.91
CA ILE E 138 -22.63 -58.59 40.10
C ILE E 138 -24.02 -58.08 40.52
N HIS E 139 -24.12 -56.78 40.72
CA HIS E 139 -25.37 -56.14 41.13
C HIS E 139 -26.55 -56.59 40.26
N THR E 140 -26.31 -56.74 38.96
CA THR E 140 -27.38 -57.14 38.04
C THR E 140 -27.45 -58.61 37.64
N LYS E 141 -26.35 -59.34 37.78
CA LYS E 141 -26.34 -60.75 37.41
C LYS E 141 -25.98 -61.72 38.53
N HIS E 142 -25.25 -61.25 39.54
CA HIS E 142 -24.89 -62.11 40.67
C HIS E 142 -25.33 -61.49 42.00
N PRO E 143 -26.61 -61.09 42.10
CA PRO E 143 -27.17 -60.48 43.32
C PRO E 143 -26.84 -61.26 44.58
N GLN E 144 -26.87 -62.57 44.45
CA GLN E 144 -26.59 -63.49 45.54
C GLN E 144 -25.26 -63.23 46.25
N LEU E 145 -24.23 -62.96 45.45
CA LEU E 145 -22.89 -62.71 45.96
C LEU E 145 -22.76 -61.33 46.61
N LEU E 146 -23.83 -60.55 46.55
CA LEU E 146 -23.84 -59.21 47.13
C LEU E 146 -23.53 -59.19 48.62
N SER E 147 -24.43 -59.75 49.42
CA SER E 147 -24.30 -59.79 50.87
C SER E 147 -22.96 -60.25 51.44
N GLY E 148 -22.08 -60.74 50.57
CA GLY E 148 -20.79 -61.21 51.04
C GLY E 148 -19.64 -60.31 50.64
N ILE E 149 -19.96 -59.30 49.84
CA ILE E 149 -18.97 -58.33 49.38
C ILE E 149 -18.93 -57.22 50.41
N ARG E 150 -17.80 -57.07 51.09
CA ARG E 150 -17.65 -56.05 52.10
C ARG E 150 -17.66 -54.62 51.56
N GLY E 151 -17.17 -54.41 50.35
CA GLY E 151 -17.17 -53.07 49.82
C GLY E 151 -16.71 -52.92 48.38
N ILE E 152 -16.81 -51.70 47.87
CA ILE E 152 -16.40 -51.41 46.49
C ILE E 152 -15.29 -50.36 46.47
N SER E 153 -14.50 -50.40 45.40
CA SER E 153 -13.38 -49.48 45.20
C SER E 153 -13.45 -49.04 43.77
N GLU E 154 -14.06 -47.89 43.49
CA GLU E 154 -14.15 -47.43 42.12
C GLU E 154 -12.93 -46.59 41.85
N GLU E 155 -12.27 -46.82 40.72
CA GLU E 155 -11.04 -46.06 40.43
C GLU E 155 -11.12 -44.90 39.45
N THR E 156 -12.00 -44.99 38.46
CA THR E 156 -12.11 -43.92 37.48
C THR E 156 -13.41 -43.15 37.56
N THR E 157 -13.41 -41.93 37.02
CA THR E 157 -14.57 -41.05 37.04
C THR E 157 -15.85 -41.73 36.56
N THR E 158 -15.88 -42.08 35.28
CA THR E 158 -17.07 -42.71 34.72
C THR E 158 -17.61 -43.77 35.67
N GLY E 159 -16.75 -44.66 36.15
CA GLY E 159 -17.21 -45.68 37.07
C GLY E 159 -17.91 -45.03 38.25
N VAL E 160 -17.20 -44.12 38.92
CA VAL E 160 -17.72 -43.42 40.09
C VAL E 160 -19.03 -42.68 39.81
N HIS E 161 -19.23 -42.27 38.56
CA HIS E 161 -20.44 -41.55 38.17
C HIS E 161 -21.69 -42.39 38.42
N ASN E 162 -21.65 -43.66 37.99
CA ASN E 162 -22.77 -44.57 38.14
C ASN E 162 -22.86 -45.05 39.58
N LEU E 163 -21.74 -45.06 40.28
CA LEU E 163 -21.73 -45.48 41.68
C LEU E 163 -22.62 -44.52 42.44
N TYR E 164 -22.60 -43.26 42.00
CA TYR E 164 -23.42 -42.23 42.62
C TYR E 164 -24.86 -42.36 42.11
N LYS E 165 -25.01 -42.71 40.83
CA LYS E 165 -26.33 -42.88 40.23
C LYS E 165 -27.08 -44.09 40.83
N MET E 166 -26.38 -45.21 40.96
CA MET E 166 -26.96 -46.44 41.51
C MET E 166 -27.55 -46.16 42.87
N MET E 167 -26.82 -45.38 43.66
CA MET E 167 -27.26 -45.00 45.01
C MET E 167 -28.52 -44.17 44.94
N ALA E 168 -28.54 -43.18 44.04
CA ALA E 168 -29.69 -42.32 43.88
C ALA E 168 -30.93 -43.15 43.53
N ASN E 169 -30.71 -44.40 43.14
CA ASN E 169 -31.83 -45.27 42.79
C ASN E 169 -31.87 -46.45 43.75
N GLY E 170 -31.04 -46.37 44.78
CA GLY E 170 -30.98 -47.42 45.78
C GLY E 170 -30.53 -48.77 45.27
N ILE E 171 -29.94 -48.80 44.07
CA ILE E 171 -29.43 -50.04 43.46
C ILE E 171 -28.17 -50.51 44.18
N LEU E 172 -27.36 -49.55 44.63
CA LEU E 172 -26.13 -49.88 45.34
C LEU E 172 -26.48 -50.71 46.57
N LYS E 173 -25.95 -51.92 46.63
CA LYS E 173 -26.21 -52.82 47.75
C LYS E 173 -24.95 -53.23 48.50
N VAL E 174 -23.91 -52.41 48.40
CA VAL E 174 -22.65 -52.66 49.10
C VAL E 174 -21.85 -51.34 49.14
N PRO E 175 -21.36 -50.95 50.33
CA PRO E 175 -20.58 -49.72 50.53
C PRO E 175 -19.42 -49.58 49.57
N ALA E 176 -19.35 -48.43 48.92
CA ALA E 176 -18.29 -48.16 47.96
C ALA E 176 -17.51 -46.92 48.32
N ILE E 177 -16.32 -46.79 47.76
CA ILE E 177 -15.48 -45.63 48.02
C ILE E 177 -15.17 -44.98 46.67
N ASN E 178 -15.28 -43.66 46.64
CA ASN E 178 -15.00 -42.91 45.43
C ASN E 178 -13.53 -42.56 45.42
N VAL E 179 -12.70 -43.43 44.83
CA VAL E 179 -11.26 -43.20 44.78
C VAL E 179 -10.89 -42.18 43.73
N ASN E 180 -11.52 -42.29 42.57
CA ASN E 180 -11.23 -41.38 41.47
C ASN E 180 -11.31 -39.92 41.87
N ASP E 181 -11.94 -39.64 43.01
CA ASP E 181 -12.09 -38.26 43.46
C ASP E 181 -11.28 -37.80 44.66
N SER E 182 -10.12 -38.42 44.88
CA SER E 182 -9.24 -38.00 45.95
C SER E 182 -8.37 -36.94 45.26
N VAL E 183 -7.97 -35.88 45.98
CA VAL E 183 -7.18 -34.86 45.34
C VAL E 183 -5.95 -35.48 44.71
N THR E 184 -5.27 -36.33 45.46
CA THR E 184 -4.07 -36.98 44.95
C THR E 184 -4.39 -37.85 43.76
N LYS E 185 -5.68 -38.15 43.57
CA LYS E 185 -6.12 -38.97 42.44
C LYS E 185 -6.45 -38.11 41.23
N SER E 186 -7.63 -37.54 41.22
CA SER E 186 -8.09 -36.74 40.09
C SER E 186 -7.08 -35.74 39.52
N LYS E 187 -6.53 -34.90 40.39
CA LYS E 187 -5.56 -33.88 39.98
C LYS E 187 -4.17 -34.35 39.55
N PHE E 188 -3.83 -35.62 39.83
CA PHE E 188 -2.52 -36.15 39.45
C PHE E 188 -2.59 -37.29 38.43
N ASP E 189 -3.59 -38.13 38.54
CA ASP E 189 -3.75 -39.24 37.60
C ASP E 189 -4.38 -38.75 36.29
N ASN E 190 -5.63 -38.30 36.38
CA ASN E 190 -6.37 -37.81 35.24
C ASN E 190 -5.72 -36.64 34.51
N LEU E 191 -5.17 -35.69 35.25
CA LEU E 191 -4.55 -34.52 34.63
C LEU E 191 -3.08 -34.65 34.22
N TYR E 192 -2.23 -34.96 35.21
CA TYR E 192 -0.79 -35.09 34.96
C TYR E 192 -0.42 -36.31 34.11
N GLY E 193 -1.13 -37.41 34.29
CA GLY E 193 -0.83 -38.63 33.55
C GLY E 193 -1.20 -38.56 32.07
N CYS E 194 -2.45 -38.22 31.79
CA CYS E 194 -2.93 -38.13 30.41
C CYS E 194 -2.00 -37.22 29.63
N ARG E 195 -1.54 -36.16 30.28
CA ARG E 195 -0.65 -35.21 29.65
C ARG E 195 0.47 -35.96 28.97
N GLU E 196 1.00 -36.95 29.67
CA GLU E 196 2.10 -37.76 29.16
C GLU E 196 1.69 -38.99 28.35
N SER E 197 0.63 -39.68 28.78
CA SER E 197 0.21 -40.88 28.08
C SER E 197 -0.66 -40.72 26.83
N LEU E 198 -1.29 -39.58 26.63
CA LEU E 198 -2.10 -39.44 25.42
C LEU E 198 -1.19 -39.40 24.21
N ILE E 199 -0.32 -38.40 24.16
CA ILE E 199 0.62 -38.24 23.06
C ILE E 199 1.37 -39.52 22.74
N ASP E 200 1.59 -40.34 23.76
CA ASP E 200 2.29 -41.61 23.59
C ASP E 200 1.45 -42.59 22.80
N GLY E 201 0.17 -42.67 23.13
CA GLY E 201 -0.72 -43.56 22.42
C GLY E 201 -0.88 -43.08 20.99
N ILE E 202 -0.98 -41.76 20.80
CA ILE E 202 -1.12 -41.20 19.47
C ILE E 202 0.13 -41.50 18.66
N LYS E 203 1.26 -41.00 19.13
CA LYS E 203 2.53 -41.18 18.46
C LYS E 203 2.85 -42.65 18.19
N ARG E 204 2.87 -43.47 19.22
CA ARG E 204 3.18 -44.87 19.00
C ARG E 204 2.26 -45.45 17.93
N ALA E 205 0.99 -45.04 17.95
CA ALA E 205 0.02 -45.56 16.97
C ALA E 205 0.22 -44.99 15.58
N THR E 206 0.14 -43.66 15.45
CA THR E 206 0.27 -42.99 14.14
C THR E 206 1.62 -42.36 13.82
N ASP E 207 2.41 -42.08 14.84
CA ASP E 207 3.73 -41.50 14.61
C ASP E 207 3.66 -40.14 13.91
N VAL E 208 2.66 -39.34 14.28
CA VAL E 208 2.45 -38.02 13.71
C VAL E 208 3.19 -36.92 14.46
N MET E 209 3.37 -35.78 13.80
CA MET E 209 4.02 -34.62 14.41
C MET E 209 2.89 -33.72 14.90
N ILE E 210 2.87 -33.45 16.21
CA ILE E 210 1.83 -32.62 16.79
C ILE E 210 2.03 -31.15 16.45
N ALA E 211 3.27 -30.70 16.50
CA ALA E 211 3.61 -29.31 16.20
C ALA E 211 2.98 -28.89 14.88
N GLY E 212 2.43 -27.69 14.84
CA GLY E 212 1.83 -27.21 13.60
C GLY E 212 0.51 -27.86 13.22
N LYS E 213 -0.09 -28.60 14.13
CA LYS E 213 -1.37 -29.25 13.84
C LYS E 213 -2.47 -28.63 14.69
N VAL E 214 -3.69 -28.58 14.16
CA VAL E 214 -4.80 -28.00 14.90
C VAL E 214 -5.49 -29.10 15.68
N ALA E 215 -5.20 -29.17 16.97
CA ALA E 215 -5.78 -30.21 17.82
C ALA E 215 -7.14 -29.80 18.40
N VAL E 216 -8.10 -30.72 18.35
CA VAL E 216 -9.43 -30.46 18.88
C VAL E 216 -9.69 -31.40 20.05
N VAL E 217 -10.03 -30.85 21.21
CA VAL E 217 -10.29 -31.68 22.37
C VAL E 217 -11.69 -31.45 22.95
N ALA E 218 -12.52 -32.50 22.90
CA ALA E 218 -13.87 -32.44 23.44
C ALA E 218 -13.80 -32.82 24.92
N GLY E 219 -14.19 -31.88 25.78
CA GLY E 219 -14.14 -32.12 27.21
C GLY E 219 -12.96 -31.38 27.83
N TYR E 220 -13.22 -30.65 28.91
CA TYR E 220 -12.17 -29.90 29.59
C TYR E 220 -12.03 -30.17 31.08
N GLY E 221 -12.17 -31.44 31.48
CA GLY E 221 -12.01 -31.76 32.88
C GLY E 221 -10.55 -32.03 33.18
N ASP E 222 -10.28 -32.93 34.12
CA ASP E 222 -8.90 -33.26 34.45
C ASP E 222 -8.24 -33.96 33.27
N VAL E 223 -8.97 -34.89 32.66
CA VAL E 223 -8.46 -35.64 31.52
C VAL E 223 -8.24 -34.76 30.30
N GLY E 224 -9.22 -33.90 30.02
CA GLY E 224 -9.11 -33.00 28.89
C GLY E 224 -8.03 -31.96 29.11
N LYS E 225 -7.90 -31.52 30.35
CA LYS E 225 -6.91 -30.52 30.76
C LYS E 225 -5.50 -31.01 30.51
N GLY E 226 -5.28 -32.29 30.79
CA GLY E 226 -3.96 -32.87 30.59
C GLY E 226 -3.62 -32.92 29.11
N CYS E 227 -4.57 -33.41 28.31
CA CYS E 227 -4.40 -33.53 26.87
C CYS E 227 -4.16 -32.19 26.19
N ALA E 228 -4.96 -31.20 26.53
CA ALA E 228 -4.82 -29.86 25.96
C ALA E 228 -3.39 -29.41 26.23
N GLN E 229 -3.00 -29.46 27.50
CA GLN E 229 -1.65 -29.08 27.93
C GLN E 229 -0.62 -29.79 27.06
N ALA E 230 -0.83 -31.08 26.85
CA ALA E 230 0.09 -31.89 26.04
C ALA E 230 0.21 -31.40 24.59
N LEU E 231 -0.91 -31.38 23.89
CA LEU E 231 -0.94 -30.93 22.50
C LEU E 231 -0.41 -29.50 22.38
N ARG E 232 -0.74 -28.66 23.35
CA ARG E 232 -0.32 -27.26 23.37
C ARG E 232 1.19 -27.03 23.42
N GLY E 233 1.88 -27.85 24.21
CA GLY E 233 3.33 -27.70 24.36
C GLY E 233 4.25 -28.25 23.29
N PHE E 234 3.69 -28.94 22.30
CA PHE E 234 4.49 -29.51 21.22
C PHE E 234 4.38 -28.67 19.95
N GLY E 235 3.55 -27.63 20.01
CA GLY E 235 3.38 -26.75 18.85
C GLY E 235 2.05 -26.88 18.13
N ALA E 236 1.07 -27.51 18.76
CA ALA E 236 -0.24 -27.68 18.15
C ALA E 236 -1.16 -26.54 18.55
N ARG E 237 -2.26 -26.42 17.83
CA ARG E 237 -3.24 -25.38 18.12
C ARG E 237 -4.46 -26.11 18.67
N VAL E 238 -4.61 -26.13 19.99
CA VAL E 238 -5.72 -26.83 20.61
C VAL E 238 -7.05 -26.07 20.61
N ILE E 239 -8.10 -26.70 20.11
CA ILE E 239 -9.43 -26.09 20.12
C ILE E 239 -10.25 -27.00 21.04
N ILE E 240 -10.84 -26.43 22.08
CA ILE E 240 -11.61 -27.23 23.03
C ILE E 240 -13.11 -27.05 22.98
N THR E 241 -13.83 -28.15 23.18
CA THR E 241 -15.29 -28.11 23.19
C THR E 241 -15.77 -28.45 24.60
N GLU E 242 -16.70 -27.66 25.12
CA GLU E 242 -17.20 -27.86 26.46
C GLU E 242 -18.66 -27.53 26.58
N ILE E 243 -19.32 -28.10 27.57
CA ILE E 243 -20.73 -27.85 27.81
C ILE E 243 -20.84 -27.15 29.15
N ASP E 244 -19.78 -27.26 29.93
CA ASP E 244 -19.73 -26.62 31.25
C ASP E 244 -19.24 -25.20 31.05
N PRO E 245 -19.98 -24.22 31.58
CA PRO E 245 -19.61 -22.80 31.44
C PRO E 245 -18.41 -22.44 32.32
N ILE E 246 -18.26 -23.15 33.43
CA ILE E 246 -17.14 -22.90 34.31
C ILE E 246 -15.90 -23.57 33.74
N ASN E 247 -16.07 -24.77 33.19
CA ASN E 247 -14.96 -25.51 32.60
C ASN E 247 -14.51 -24.87 31.31
N ALA E 248 -15.42 -24.17 30.65
CA ALA E 248 -15.13 -23.50 29.39
C ALA E 248 -14.38 -22.19 29.62
N LEU E 249 -14.76 -21.47 30.66
CA LEU E 249 -14.12 -20.21 30.96
C LEU E 249 -12.67 -20.42 31.37
N GLN E 250 -12.37 -21.59 31.93
CA GLN E 250 -11.00 -21.91 32.33
C GLN E 250 -10.12 -21.97 31.08
N ALA E 251 -10.49 -22.81 30.13
CA ALA E 251 -9.75 -22.98 28.88
C ALA E 251 -9.51 -21.66 28.16
N ALA E 252 -10.57 -20.88 27.99
CA ALA E 252 -10.44 -19.59 27.34
C ALA E 252 -9.47 -18.73 28.15
N MET E 253 -9.61 -18.76 29.47
CA MET E 253 -8.72 -18.00 30.31
C MET E 253 -7.31 -18.56 30.16
N GLU E 254 -7.22 -19.69 29.48
CA GLU E 254 -5.93 -20.35 29.25
C GLU E 254 -5.45 -20.13 27.82
N GLY E 255 -6.16 -19.29 27.07
CA GLY E 255 -5.77 -19.00 25.71
C GLY E 255 -6.23 -20.00 24.67
N TYR E 256 -7.12 -20.89 25.08
CA TYR E 256 -7.66 -21.90 24.18
C TYR E 256 -8.97 -21.40 23.60
N GLU E 257 -9.25 -21.77 22.36
CA GLU E 257 -10.50 -21.36 21.74
C GLU E 257 -11.55 -22.42 22.05
N VAL E 258 -12.72 -21.98 22.51
CA VAL E 258 -13.79 -22.92 22.82
C VAL E 258 -14.94 -22.76 21.85
N THR E 259 -15.19 -23.79 21.07
CA THR E 259 -16.24 -23.80 20.06
C THR E 259 -16.96 -25.14 20.09
N THR E 260 -17.83 -25.34 19.11
CA THR E 260 -18.58 -26.59 19.03
C THR E 260 -17.87 -27.57 18.10
N MET E 261 -18.12 -28.86 18.32
CA MET E 261 -17.51 -29.89 17.48
C MET E 261 -17.93 -29.65 16.03
N ASP E 262 -19.01 -28.90 15.86
CA ASP E 262 -19.52 -28.58 14.52
C ASP E 262 -18.71 -27.54 13.79
N GLU E 263 -18.10 -26.63 14.53
CA GLU E 263 -17.29 -25.58 13.92
C GLU E 263 -15.88 -26.12 13.83
N ALA E 264 -15.45 -26.80 14.90
CA ALA E 264 -14.13 -27.38 14.97
C ALA E 264 -13.91 -28.56 14.03
N CYS E 265 -14.91 -29.42 13.90
CA CYS E 265 -14.79 -30.59 13.05
C CYS E 265 -14.15 -30.27 11.72
N LYS E 266 -14.26 -29.02 11.28
CA LYS E 266 -13.71 -28.60 10.01
C LYS E 266 -12.30 -28.02 10.06
N GLU E 267 -11.80 -27.75 11.25
CA GLU E 267 -10.49 -27.12 11.39
C GLU E 267 -9.40 -27.99 12.02
N GLY E 268 -9.79 -29.00 12.76
CA GLY E 268 -8.83 -29.87 13.43
C GLY E 268 -8.08 -30.89 12.59
N ASN E 269 -6.91 -31.28 13.11
CA ASN E 269 -6.03 -32.27 12.49
C ASN E 269 -5.95 -33.48 13.41
N ILE E 270 -6.30 -33.27 14.66
CA ILE E 270 -6.31 -34.32 15.65
C ILE E 270 -7.50 -34.11 16.58
N PHE E 271 -8.39 -35.09 16.60
CA PHE E 271 -9.58 -35.03 17.44
C PHE E 271 -9.45 -36.01 18.58
N VAL E 272 -9.62 -35.51 19.79
CA VAL E 272 -9.52 -36.34 20.97
C VAL E 272 -10.74 -36.08 21.84
N THR E 273 -11.37 -37.16 22.29
CA THR E 273 -12.54 -37.03 23.14
C THR E 273 -12.20 -37.40 24.57
N THR E 274 -12.07 -36.38 25.41
CA THR E 274 -11.77 -36.54 26.82
C THR E 274 -13.07 -36.47 27.59
N THR E 275 -14.15 -36.59 26.83
CA THR E 275 -15.50 -36.58 27.36
C THR E 275 -15.79 -38.00 27.84
N GLY E 276 -16.88 -38.15 28.59
CA GLY E 276 -17.28 -39.45 29.07
C GLY E 276 -18.73 -39.61 28.62
N CYS E 277 -19.09 -38.84 27.60
CA CYS E 277 -20.44 -38.84 27.09
C CYS E 277 -20.54 -39.30 25.64
N VAL E 278 -21.76 -39.68 25.27
CA VAL E 278 -22.05 -40.17 23.94
C VAL E 278 -22.20 -39.03 22.95
N ASP E 279 -22.24 -39.41 21.67
CA ASP E 279 -22.43 -38.47 20.58
C ASP E 279 -21.51 -37.26 20.60
N ILE E 280 -20.20 -37.50 20.54
CA ILE E 280 -19.23 -36.42 20.53
C ILE E 280 -18.72 -36.18 19.13
N ILE E 281 -18.30 -37.27 18.48
CA ILE E 281 -17.78 -37.23 17.11
C ILE E 281 -18.71 -38.04 16.24
N LEU E 282 -19.68 -37.37 15.60
CA LEU E 282 -20.66 -38.05 14.75
C LEU E 282 -20.25 -38.04 13.27
N GLY E 283 -20.98 -38.76 12.45
CA GLY E 283 -20.66 -38.82 11.03
C GLY E 283 -20.73 -37.51 10.27
N ARG E 284 -21.54 -36.58 10.75
CA ARG E 284 -21.66 -35.29 10.10
C ARG E 284 -20.32 -34.57 10.23
N HIS E 285 -19.56 -34.96 11.25
CA HIS E 285 -18.24 -34.37 11.48
C HIS E 285 -17.23 -35.04 10.57
N PHE E 286 -17.23 -36.37 10.58
CA PHE E 286 -16.34 -37.15 9.75
C PHE E 286 -16.42 -36.69 8.30
N GLU E 287 -17.63 -36.38 7.86
CA GLU E 287 -17.85 -35.92 6.48
C GLU E 287 -17.32 -34.53 6.25
N GLN E 288 -16.87 -33.88 7.32
CA GLN E 288 -16.35 -32.54 7.23
C GLN E 288 -14.85 -32.45 7.51
N MET E 289 -14.34 -33.42 8.25
CA MET E 289 -12.93 -33.40 8.62
C MET E 289 -11.94 -33.35 7.46
N LYS E 290 -10.77 -32.79 7.74
CA LYS E 290 -9.72 -32.67 6.75
C LYS E 290 -9.21 -34.05 6.35
N ASP E 291 -8.39 -34.09 5.31
CA ASP E 291 -7.82 -35.34 4.83
C ASP E 291 -6.88 -35.88 5.90
N ASP E 292 -6.90 -37.19 6.09
CA ASP E 292 -6.07 -37.87 7.09
C ASP E 292 -6.19 -37.30 8.50
N ALA E 293 -7.40 -36.91 8.89
CA ALA E 293 -7.63 -36.38 10.24
C ALA E 293 -7.53 -37.48 11.30
N ILE E 294 -6.55 -37.37 12.19
CA ILE E 294 -6.34 -38.36 13.24
C ILE E 294 -7.38 -38.26 14.35
N VAL E 295 -8.31 -39.20 14.38
CA VAL E 295 -9.36 -39.23 15.39
C VAL E 295 -9.14 -40.37 16.40
N CYS E 296 -9.31 -40.06 17.68
CA CYS E 296 -9.11 -41.03 18.75
C CYS E 296 -9.93 -40.74 20.02
N ASN E 297 -9.87 -41.66 20.98
CA ASN E 297 -10.60 -41.53 22.24
C ASN E 297 -9.71 -41.87 23.43
N ILE E 298 -9.92 -41.15 24.54
CA ILE E 298 -9.16 -41.39 25.76
C ILE E 298 -10.12 -41.52 26.94
N GLY E 299 -11.41 -41.30 26.68
CA GLY E 299 -12.42 -41.45 27.71
C GLY E 299 -12.71 -42.93 27.92
N HIS E 300 -12.92 -43.32 29.18
CA HIS E 300 -13.15 -44.71 29.57
C HIS E 300 -13.90 -45.62 28.60
N PHE E 301 -15.21 -45.46 28.49
CA PHE E 301 -15.99 -46.28 27.57
C PHE E 301 -15.91 -45.60 26.22
N ASP E 302 -15.79 -46.39 25.17
CA ASP E 302 -15.72 -45.82 23.83
C ASP E 302 -17.15 -45.67 23.30
N VAL E 303 -17.74 -44.52 23.60
CA VAL E 303 -19.11 -44.21 23.20
C VAL E 303 -19.21 -42.76 22.70
N GLU E 304 -18.07 -42.09 22.60
CA GLU E 304 -18.02 -40.70 22.14
C GLU E 304 -17.88 -40.62 20.63
N ILE E 305 -17.07 -41.50 20.06
CA ILE E 305 -16.84 -41.53 18.62
C ILE E 305 -17.78 -42.52 17.94
N ASP E 306 -18.50 -42.06 16.92
CA ASP E 306 -19.41 -42.92 16.19
C ASP E 306 -18.58 -43.66 15.14
N VAL E 307 -18.06 -44.82 15.54
CA VAL E 307 -17.23 -45.63 14.65
C VAL E 307 -18.05 -46.50 13.72
N LYS E 308 -19.17 -47.01 14.21
CA LYS E 308 -20.05 -47.84 13.39
C LYS E 308 -20.28 -47.13 12.05
N TRP E 309 -20.61 -45.85 12.13
CA TRP E 309 -20.84 -45.02 10.95
C TRP E 309 -19.68 -45.10 9.97
N LEU E 310 -18.47 -44.79 10.43
CA LEU E 310 -17.30 -44.85 9.56
C LEU E 310 -17.30 -46.18 8.83
N ASN E 311 -17.45 -47.25 9.61
CA ASN E 311 -17.47 -48.61 9.10
C ASN E 311 -18.64 -48.83 8.16
N GLU E 312 -19.63 -47.95 8.22
CA GLU E 312 -20.80 -48.10 7.38
C GLU E 312 -20.87 -47.09 6.25
N ASN E 313 -20.10 -46.02 6.36
CA ASN E 313 -20.12 -44.99 5.34
C ASN E 313 -18.76 -44.80 4.64
N ALA E 314 -17.71 -45.37 5.21
CA ALA E 314 -16.39 -45.23 4.60
C ALA E 314 -16.41 -45.92 3.25
N VAL E 315 -15.75 -45.33 2.26
CA VAL E 315 -15.68 -45.92 0.94
C VAL E 315 -14.78 -47.14 1.06
N GLU E 316 -13.82 -47.05 1.97
CA GLU E 316 -12.88 -48.14 2.18
C GLU E 316 -12.30 -48.11 3.58
N LYS E 317 -11.91 -49.29 4.08
CA LYS E 317 -11.30 -49.40 5.40
C LYS E 317 -10.06 -50.27 5.36
N VAL E 318 -8.94 -49.75 5.82
CA VAL E 318 -7.70 -50.52 5.84
C VAL E 318 -6.97 -50.41 7.16
N ASN E 319 -6.58 -51.56 7.71
CA ASN E 319 -5.88 -51.60 8.97
C ASN E 319 -4.40 -51.37 8.67
N ILE E 320 -3.88 -50.22 9.10
CA ILE E 320 -2.46 -49.91 8.88
C ILE E 320 -1.69 -50.92 9.71
N LYS E 321 -2.07 -51.00 10.98
CA LYS E 321 -1.45 -51.90 11.92
C LYS E 321 -2.40 -52.05 13.08
N PRO E 322 -2.12 -52.98 14.00
CA PRO E 322 -3.00 -53.18 15.15
C PRO E 322 -3.52 -51.89 15.77
N GLN E 323 -4.81 -51.88 16.06
CA GLN E 323 -5.47 -50.72 16.67
C GLN E 323 -5.25 -49.44 15.87
N VAL E 324 -5.11 -49.60 14.56
CA VAL E 324 -4.92 -48.48 13.65
C VAL E 324 -5.58 -48.80 12.31
N ASP E 325 -6.53 -47.95 11.92
CA ASP E 325 -7.25 -48.10 10.66
C ASP E 325 -7.36 -46.78 9.93
N ARG E 326 -7.17 -46.82 8.62
CA ARG E 326 -7.23 -45.64 7.77
C ARG E 326 -8.42 -45.80 6.82
N TYR E 327 -9.53 -45.11 7.12
CA TYR E 327 -10.73 -45.17 6.30
C TYR E 327 -10.65 -44.21 5.12
N LEU E 328 -11.40 -44.50 4.06
CA LEU E 328 -11.40 -43.65 2.86
C LEU E 328 -12.81 -43.14 2.58
N LEU E 329 -13.07 -41.89 2.91
CA LEU E 329 -14.39 -41.30 2.70
C LEU E 329 -14.75 -41.09 1.23
N LYS E 330 -16.03 -41.15 0.94
CA LYS E 330 -16.53 -40.94 -0.41
C LYS E 330 -16.24 -39.50 -0.79
N ASN E 331 -15.62 -38.77 0.13
CA ASN E 331 -15.28 -37.37 -0.10
C ASN E 331 -13.81 -37.27 -0.50
N GLY E 332 -13.19 -38.43 -0.67
CA GLY E 332 -11.79 -38.47 -1.07
C GLY E 332 -10.83 -38.41 0.10
N HIS E 333 -11.22 -37.69 1.14
CA HIS E 333 -10.39 -37.53 2.33
C HIS E 333 -10.28 -38.84 3.10
N ARG E 334 -9.15 -39.02 3.78
CA ARG E 334 -8.85 -40.21 4.56
C ARG E 334 -9.03 -39.88 6.03
N ILE E 335 -9.41 -40.87 6.83
CA ILE E 335 -9.61 -40.67 8.26
C ILE E 335 -8.91 -41.77 9.05
N ILE E 336 -8.02 -41.38 9.95
CA ILE E 336 -7.27 -42.33 10.76
C ILE E 336 -7.92 -42.49 12.14
N LEU E 337 -8.50 -43.66 12.37
CA LEU E 337 -9.13 -43.95 13.65
C LEU E 337 -8.11 -44.68 14.51
N LEU E 338 -8.08 -44.37 15.80
CA LEU E 338 -7.12 -45.03 16.69
C LEU E 338 -7.76 -45.92 17.75
N ALA E 339 -7.16 -47.08 17.98
CA ALA E 339 -7.63 -48.06 18.96
C ALA E 339 -9.10 -48.38 18.85
N GLU E 340 -9.63 -48.35 17.64
CA GLU E 340 -11.05 -48.64 17.41
C GLU E 340 -11.96 -47.92 18.41
N GLY E 341 -11.56 -46.72 18.81
CA GLY E 341 -12.36 -45.94 19.73
C GLY E 341 -12.17 -46.14 21.22
N ARG E 342 -11.44 -47.19 21.59
CA ARG E 342 -11.17 -47.52 22.99
C ARG E 342 -10.03 -46.68 23.54
N LEU E 343 -9.89 -46.68 24.87
CA LEU E 343 -8.83 -45.92 25.55
C LEU E 343 -7.61 -45.91 24.65
N VAL E 344 -7.27 -44.73 24.14
CA VAL E 344 -6.16 -44.60 23.20
C VAL E 344 -4.77 -44.67 23.83
N ASN E 345 -4.61 -44.16 25.04
CA ASN E 345 -3.30 -44.21 25.69
C ASN E 345 -2.89 -45.64 26.07
N LEU E 346 -3.85 -46.41 26.54
CA LEU E 346 -3.61 -47.79 26.97
C LEU E 346 -3.64 -48.81 25.82
N GLY E 347 -4.60 -48.64 24.92
CA GLY E 347 -4.75 -49.55 23.80
C GLY E 347 -3.70 -49.37 22.72
N CYS E 348 -3.10 -48.18 22.66
CA CYS E 348 -2.08 -47.87 21.66
C CYS E 348 -0.74 -47.50 22.28
N ALA E 349 -0.65 -47.55 23.60
CA ALA E 349 0.58 -47.23 24.33
C ALA E 349 0.56 -47.97 25.66
N MET E 350 1.39 -47.59 26.62
CA MET E 350 1.41 -48.29 27.91
C MET E 350 0.60 -47.66 29.07
N GLY E 351 -0.22 -46.67 28.75
CA GLY E 351 -1.02 -45.99 29.76
C GLY E 351 -0.21 -44.95 30.51
N HIS E 352 -0.75 -44.46 31.63
CA HIS E 352 -0.06 -43.45 32.44
C HIS E 352 1.24 -44.07 32.97
N PRO E 353 2.21 -43.22 33.36
CA PRO E 353 3.49 -43.72 33.89
C PRO E 353 3.34 -44.27 35.32
N SER E 354 4.34 -45.03 35.75
CA SER E 354 4.34 -45.66 37.05
C SER E 354 4.30 -44.73 38.26
N PHE E 355 4.93 -43.56 38.16
CA PHE E 355 4.95 -42.65 39.30
C PHE E 355 3.59 -42.10 39.71
N VAL E 356 2.81 -41.66 38.73
CA VAL E 356 1.50 -41.10 39.02
C VAL E 356 0.46 -42.13 39.44
N MET E 357 0.52 -43.33 38.86
CA MET E 357 -0.44 -44.38 39.20
C MET E 357 -0.25 -44.78 40.65
N SER E 358 0.95 -44.55 41.18
CA SER E 358 1.26 -44.88 42.57
C SER E 358 0.38 -44.03 43.48
N ASN E 359 -0.04 -42.88 42.96
CA ASN E 359 -0.92 -41.99 43.69
C ASN E 359 -2.27 -42.69 43.79
N SER E 360 -2.83 -42.97 42.61
CA SER E 360 -4.13 -43.64 42.46
C SER E 360 -4.22 -44.99 43.14
N PHE E 361 -3.28 -45.88 42.84
CA PHE E 361 -3.31 -47.21 43.43
C PHE E 361 -3.10 -47.18 44.93
N THR E 362 -2.40 -46.17 45.42
CA THR E 362 -2.17 -46.04 46.86
C THR E 362 -3.50 -45.76 47.55
N ASN E 363 -4.35 -44.97 46.89
CA ASN E 363 -5.65 -44.67 47.44
C ASN E 363 -6.40 -45.99 47.47
N GLN E 364 -6.29 -46.74 46.36
CA GLN E 364 -6.95 -48.03 46.23
C GLN E 364 -6.58 -48.95 47.38
N VAL E 365 -5.28 -49.09 47.61
CA VAL E 365 -4.83 -49.95 48.67
C VAL E 365 -5.48 -49.46 49.97
N MET E 366 -5.60 -48.14 50.12
CA MET E 366 -6.20 -47.56 51.33
C MET E 366 -7.69 -47.87 51.44
N ALA E 367 -8.43 -47.68 50.34
CA ALA E 367 -9.87 -47.96 50.32
C ALA E 367 -10.11 -49.45 50.64
N GLN E 368 -9.26 -50.32 50.12
CA GLN E 368 -9.41 -51.75 50.37
C GLN E 368 -9.24 -52.06 51.86
N ILE E 369 -8.32 -51.38 52.53
CA ILE E 369 -8.09 -51.58 53.97
C ILE E 369 -9.19 -50.88 54.79
N GLU E 370 -9.67 -49.75 54.31
CA GLU E 370 -10.73 -49.00 54.98
C GLU E 370 -11.97 -49.87 55.02
N LEU E 371 -12.41 -50.27 53.83
CA LEU E 371 -13.57 -51.11 53.61
C LEU E 371 -13.47 -52.48 54.27
N TRP E 372 -12.29 -53.10 54.20
CA TRP E 372 -12.10 -54.41 54.80
C TRP E 372 -11.89 -54.28 56.30
N THR E 373 -10.79 -53.66 56.69
CA THR E 373 -10.44 -53.47 58.08
C THR E 373 -11.62 -52.93 58.88
N HIS E 374 -12.10 -51.74 58.51
CA HIS E 374 -13.23 -51.12 59.19
C HIS E 374 -14.53 -51.31 58.42
N PRO E 375 -15.16 -52.49 58.53
CA PRO E 375 -16.41 -52.74 57.81
C PRO E 375 -17.55 -51.81 58.27
N ASP E 376 -18.01 -52.00 59.51
CA ASP E 376 -19.10 -51.19 60.07
C ASP E 376 -18.83 -49.68 59.96
N LYS E 377 -17.65 -49.31 59.47
CA LYS E 377 -17.30 -47.90 59.35
C LYS E 377 -17.89 -47.21 58.12
N TYR E 378 -18.23 -47.99 57.09
CA TYR E 378 -18.77 -47.40 55.85
C TYR E 378 -20.11 -47.99 55.40
N PRO E 379 -21.23 -47.26 55.65
CA PRO E 379 -22.56 -47.71 55.26
C PRO E 379 -22.64 -47.77 53.75
N VAL E 380 -23.68 -48.39 53.20
CA VAL E 380 -23.80 -48.46 51.75
C VAL E 380 -23.91 -47.04 51.19
N GLY E 381 -23.14 -46.80 50.14
CA GLY E 381 -23.11 -45.50 49.50
C GLY E 381 -21.65 -45.26 49.15
N VAL E 382 -21.36 -44.37 48.20
CA VAL E 382 -19.97 -44.11 47.85
C VAL E 382 -19.43 -43.03 48.77
N HIS E 383 -18.28 -43.31 49.39
CA HIS E 383 -17.65 -42.37 50.32
C HIS E 383 -16.25 -42.01 49.86
N PHE E 384 -15.73 -40.91 50.40
CA PHE E 384 -14.39 -40.44 50.05
C PHE E 384 -13.42 -40.82 51.14
N LEU E 385 -12.13 -40.80 50.81
CA LEU E 385 -11.11 -41.13 51.77
C LEU E 385 -10.71 -39.87 52.55
N PRO E 386 -10.61 -39.97 53.89
CA PRO E 386 -10.23 -38.84 54.72
C PRO E 386 -9.07 -38.08 54.12
N LYS E 387 -9.08 -36.76 54.26
CA LYS E 387 -8.00 -35.95 53.71
C LYS E 387 -6.67 -36.40 54.30
N LYS E 388 -6.62 -36.64 55.59
CA LYS E 388 -5.39 -37.08 56.22
C LYS E 388 -4.78 -38.19 55.39
N LEU E 389 -5.63 -38.97 54.75
CA LEU E 389 -5.18 -40.05 53.88
C LEU E 389 -4.76 -39.42 52.56
N ASP E 390 -5.63 -38.58 51.99
CA ASP E 390 -5.30 -37.89 50.75
C ASP E 390 -3.91 -37.31 50.88
N GLU E 391 -3.71 -36.47 51.89
CA GLU E 391 -2.43 -35.83 52.15
C GLU E 391 -1.30 -36.84 52.31
N ALA E 392 -1.62 -37.98 52.93
CA ALA E 392 -0.64 -39.05 53.18
C ALA E 392 -0.11 -39.68 51.89
N VAL E 393 -1.01 -39.90 50.94
CA VAL E 393 -0.67 -40.50 49.66
C VAL E 393 0.41 -39.66 48.99
N ALA E 394 0.21 -38.34 49.01
CA ALA E 394 1.16 -37.40 48.42
C ALA E 394 2.49 -37.42 49.15
N GLU E 395 2.44 -37.18 50.46
CA GLU E 395 3.65 -37.14 51.28
C GLU E 395 4.53 -38.35 51.04
N ALA E 396 3.91 -39.47 50.71
CA ALA E 396 4.67 -40.69 50.47
C ALA E 396 5.47 -40.58 49.18
N HIS E 397 5.12 -39.64 48.31
CA HIS E 397 5.84 -39.51 47.03
C HIS E 397 6.77 -38.31 46.94
N LEU E 398 6.73 -37.42 47.94
CA LEU E 398 7.59 -36.24 47.97
C LEU E 398 9.05 -36.67 48.10
N GLY E 399 9.28 -37.80 48.76
CA GLY E 399 10.63 -38.30 48.96
C GLY E 399 11.41 -38.60 47.69
N LYS E 400 10.86 -39.46 46.83
CA LYS E 400 11.55 -39.81 45.60
C LYS E 400 11.90 -38.57 44.79
N LEU E 401 10.99 -37.60 44.76
CA LEU E 401 11.21 -36.36 44.04
C LEU E 401 12.14 -35.47 44.83
N ASN E 402 12.52 -35.93 46.02
CA ASN E 402 13.40 -35.20 46.91
C ASN E 402 12.82 -33.83 47.29
N VAL E 403 11.50 -33.77 47.39
CA VAL E 403 10.79 -32.55 47.77
C VAL E 403 11.01 -32.27 49.25
N LYS E 404 11.27 -31.02 49.58
CA LYS E 404 11.49 -30.65 50.97
C LYS E 404 10.33 -29.79 51.48
N LEU E 405 9.42 -30.44 52.19
CA LEU E 405 8.26 -29.78 52.75
C LEU E 405 8.69 -28.89 53.91
N THR E 406 7.91 -27.85 54.17
CA THR E 406 8.21 -26.96 55.27
C THR E 406 7.32 -27.39 56.45
N LYS E 407 7.86 -27.32 57.65
CA LYS E 407 7.10 -27.70 58.84
C LYS E 407 6.68 -26.46 59.60
N LEU E 408 5.37 -26.23 59.64
CA LEU E 408 4.81 -25.07 60.33
C LEU E 408 5.32 -25.04 61.76
N THR E 409 5.50 -23.83 62.29
CA THR E 409 5.99 -23.68 63.64
C THR E 409 4.80 -23.59 64.58
N GLU E 410 5.07 -23.72 65.87
CA GLU E 410 4.04 -23.64 66.88
C GLU E 410 3.19 -22.39 66.68
N LYS E 411 3.85 -21.23 66.65
CA LYS E 411 3.18 -19.94 66.47
C LYS E 411 2.59 -19.80 65.08
N GLN E 412 3.17 -20.52 64.12
CA GLN E 412 2.66 -20.46 62.74
C GLN E 412 1.39 -21.29 62.62
N ALA E 413 1.43 -22.51 63.14
CA ALA E 413 0.27 -23.39 63.09
C ALA E 413 -0.87 -22.75 63.90
N GLN E 414 -0.52 -22.19 65.05
CA GLN E 414 -1.48 -21.54 65.93
C GLN E 414 -2.19 -20.38 65.22
N TYR E 415 -1.41 -19.36 64.85
CA TYR E 415 -1.94 -18.19 64.14
C TYR E 415 -2.94 -18.67 63.10
N LEU E 416 -2.51 -19.64 62.29
CA LEU E 416 -3.35 -20.21 61.24
C LEU E 416 -4.56 -20.95 61.82
N GLY E 417 -4.33 -21.67 62.91
CA GLY E 417 -5.40 -22.43 63.53
C GLY E 417 -5.53 -23.81 62.89
N MET E 418 -4.40 -24.42 62.56
CA MET E 418 -4.39 -25.74 61.95
C MET E 418 -3.23 -26.53 62.52
N PRO E 419 -3.40 -27.86 62.70
CA PRO E 419 -2.34 -28.71 63.26
C PRO E 419 -1.10 -28.78 62.37
N ILE E 420 0.06 -28.62 63.01
CA ILE E 420 1.36 -28.64 62.33
C ILE E 420 1.43 -29.69 61.25
N ASN E 421 0.71 -30.78 61.46
CA ASN E 421 0.67 -31.88 60.51
C ASN E 421 -0.76 -32.21 60.15
N GLY E 422 -1.68 -31.85 61.04
CA GLY E 422 -3.10 -32.10 60.80
C GLY E 422 -3.45 -31.66 59.41
N PRO E 423 -4.64 -32.01 58.90
CA PRO E 423 -5.04 -31.62 57.54
C PRO E 423 -4.82 -30.13 57.33
N PHE E 424 -4.05 -29.78 56.30
CA PHE E 424 -3.75 -28.38 56.03
C PHE E 424 -4.81 -27.67 55.19
N LYS E 425 -5.88 -28.35 54.84
CA LYS E 425 -6.93 -27.74 54.02
C LYS E 425 -8.36 -28.05 54.44
N PRO E 426 -9.29 -27.13 54.16
CA PRO E 426 -10.69 -27.39 54.52
C PRO E 426 -11.11 -28.48 53.56
N ASP E 427 -12.19 -29.19 53.85
CA ASP E 427 -12.59 -30.24 52.93
C ASP E 427 -12.97 -29.66 51.57
N HIS E 428 -13.85 -28.67 51.57
CA HIS E 428 -14.28 -28.05 50.33
C HIS E 428 -13.14 -27.41 49.52
N TYR E 429 -11.91 -27.53 49.99
CA TYR E 429 -10.78 -26.98 49.24
C TYR E 429 -10.64 -27.74 47.93
N ARG E 430 -10.41 -27.01 46.83
CA ARG E 430 -10.30 -27.63 45.51
C ARG E 430 -8.89 -27.87 45.01
N TYR E 431 -7.90 -27.62 45.87
CA TYR E 431 -6.49 -27.79 45.49
C TYR E 431 -6.20 -27.34 44.06
N ASP F 2 -24.07 9.89 59.88
CA ASP F 2 -22.60 9.90 60.18
C ASP F 2 -22.00 11.32 60.12
N LYS F 3 -20.86 11.42 59.47
CA LYS F 3 -20.16 12.67 59.27
C LYS F 3 -20.17 12.90 57.76
N LEU F 4 -19.19 13.68 57.30
CA LEU F 4 -18.96 14.06 55.91
C LEU F 4 -19.56 13.19 54.80
N PRO F 5 -19.83 13.82 53.64
CA PRO F 5 -20.40 13.09 52.50
C PRO F 5 -19.40 12.00 52.11
N TYR F 6 -18.14 12.28 52.38
CA TYR F 6 -17.03 11.39 52.09
C TYR F 6 -15.79 12.18 52.45
N LYS F 7 -14.63 11.60 52.15
CA LYS F 7 -13.32 12.24 52.34
C LYS F 7 -12.37 11.41 51.47
N VAL F 8 -11.55 12.08 50.68
CA VAL F 8 -10.63 11.37 49.78
C VAL F 8 -9.34 12.15 49.52
N ALA F 9 -8.51 11.67 48.60
CA ALA F 9 -7.27 12.35 48.25
C ALA F 9 -7.51 13.57 47.36
N ASP F 10 -8.16 13.36 46.22
CA ASP F 10 -8.44 14.46 45.30
C ASP F 10 -9.70 14.24 44.46
N ILE F 11 -10.75 15.02 44.77
CA ILE F 11 -12.02 14.90 44.04
C ILE F 11 -11.86 15.46 42.62
N GLY F 12 -10.70 16.04 42.35
CA GLY F 12 -10.46 16.57 41.03
C GLY F 12 -10.01 15.46 40.11
N LEU F 13 -9.96 14.24 40.64
CA LEU F 13 -9.54 13.08 39.87
C LEU F 13 -10.74 12.28 39.37
N ALA F 14 -11.93 12.78 39.66
CA ALA F 14 -13.19 12.15 39.30
C ALA F 14 -13.45 12.10 37.80
N ALA F 15 -13.10 13.16 37.09
CA ALA F 15 -13.31 13.19 35.65
C ALA F 15 -12.53 12.08 34.95
N TRP F 16 -11.32 11.84 35.42
CA TRP F 16 -10.45 10.81 34.89
C TRP F 16 -10.91 9.46 35.41
N GLY F 17 -11.27 9.42 36.69
CA GLY F 17 -11.74 8.20 37.31
C GLY F 17 -13.01 7.69 36.65
N ARG F 18 -13.86 8.60 36.18
CA ARG F 18 -15.10 8.22 35.53
C ARG F 18 -14.78 7.73 34.12
N LYS F 19 -13.63 8.14 33.60
CA LYS F 19 -13.19 7.75 32.27
C LYS F 19 -12.74 6.31 32.35
N ALA F 20 -12.10 5.97 33.46
CA ALA F 20 -11.60 4.62 33.71
C ALA F 20 -12.74 3.68 34.10
N LEU F 21 -13.73 4.22 34.82
CA LEU F 21 -14.86 3.39 35.21
C LEU F 21 -15.55 3.02 33.92
N ASP F 22 -15.57 3.99 33.00
CA ASP F 22 -16.19 3.82 31.70
C ASP F 22 -15.69 2.56 30.99
N ILE F 23 -14.37 2.46 30.84
CA ILE F 23 -13.75 1.33 30.16
C ILE F 23 -13.82 -0.01 30.89
N ALA F 24 -13.89 0.03 32.21
CA ALA F 24 -13.97 -1.19 33.01
C ALA F 24 -15.37 -1.79 32.92
N GLU F 25 -16.38 -0.92 32.94
CA GLU F 25 -17.75 -1.34 32.87
C GLU F 25 -17.92 -2.26 31.68
N ASN F 26 -17.28 -1.91 30.57
CA ASN F 26 -17.35 -2.71 29.36
C ASN F 26 -16.46 -3.94 29.44
N GLU F 27 -15.69 -4.06 30.51
CA GLU F 27 -14.80 -5.19 30.66
C GLU F 27 -15.35 -6.15 31.70
N MET F 28 -16.49 -5.78 32.28
CA MET F 28 -17.13 -6.60 33.30
C MET F 28 -18.54 -6.94 32.85
N PRO F 29 -18.68 -7.94 31.96
CA PRO F 29 -19.98 -8.39 31.42
C PRO F 29 -20.98 -8.84 32.48
N GLY F 30 -20.48 -9.56 33.47
CA GLY F 30 -21.36 -10.05 34.52
C GLY F 30 -21.98 -8.93 35.32
N LEU F 31 -21.15 -7.98 35.75
CA LEU F 31 -21.63 -6.85 36.54
C LEU F 31 -22.70 -6.08 35.79
N MET F 32 -22.49 -5.89 34.50
CA MET F 32 -23.45 -5.17 33.68
C MET F 32 -24.72 -5.98 33.50
N ARG F 33 -24.57 -7.31 33.56
CA ARG F 33 -25.70 -8.24 33.41
C ARG F 33 -26.63 -8.17 34.61
N MET F 34 -26.05 -8.19 35.81
CA MET F 34 -26.84 -8.12 37.03
C MET F 34 -27.58 -6.79 37.03
N ARG F 35 -26.91 -5.77 36.50
CA ARG F 35 -27.44 -4.42 36.39
C ARG F 35 -28.58 -4.48 35.40
N GLU F 36 -28.40 -5.30 34.36
CA GLU F 36 -29.41 -5.44 33.34
C GLU F 36 -30.70 -6.09 33.83
N MET F 37 -30.59 -7.20 34.54
CA MET F 37 -31.80 -7.89 35.00
C MET F 37 -32.43 -7.39 36.29
N TYR F 38 -31.70 -6.61 37.07
CA TYR F 38 -32.22 -6.11 38.35
C TYR F 38 -32.28 -4.60 38.53
N SER F 39 -32.03 -3.86 37.45
CA SER F 39 -32.07 -2.40 37.51
C SER F 39 -33.44 -1.92 37.97
N ALA F 40 -34.49 -2.60 37.52
CA ALA F 40 -35.87 -2.26 37.86
C ALA F 40 -36.32 -2.91 39.16
N SER F 41 -36.12 -4.22 39.26
CA SER F 41 -36.53 -4.95 40.44
C SER F 41 -35.87 -4.42 41.71
N LYS F 42 -34.65 -3.91 41.59
CA LYS F 42 -33.95 -3.37 42.74
C LYS F 42 -34.05 -4.36 43.91
N PRO F 43 -33.57 -5.58 43.69
CA PRO F 43 -33.63 -6.59 44.75
C PRO F 43 -32.98 -6.14 46.05
N LEU F 44 -32.10 -5.15 45.95
CA LEU F 44 -31.36 -4.64 47.10
C LEU F 44 -31.97 -3.41 47.74
N LYS F 45 -33.14 -3.00 47.24
CA LYS F 45 -33.81 -1.82 47.77
C LYS F 45 -33.95 -1.97 49.28
N GLY F 46 -33.53 -0.94 50.02
CA GLY F 46 -33.61 -0.99 51.46
C GLY F 46 -32.34 -1.44 52.13
N ALA F 47 -31.47 -2.09 51.39
CA ALA F 47 -30.22 -2.56 51.97
C ALA F 47 -29.22 -1.42 52.09
N ARG F 48 -28.76 -1.18 53.31
CA ARG F 48 -27.79 -0.12 53.55
C ARG F 48 -26.50 -0.88 53.80
N ILE F 49 -25.83 -1.22 52.71
CA ILE F 49 -24.60 -1.99 52.76
C ILE F 49 -23.35 -1.17 53.09
N ALA F 50 -22.50 -1.76 53.92
CA ALA F 50 -21.24 -1.14 54.30
C ALA F 50 -20.18 -2.00 53.66
N GLY F 51 -19.34 -1.39 52.83
CA GLY F 51 -18.31 -2.17 52.16
C GLY F 51 -16.90 -1.91 52.67
N CYS F 52 -16.07 -2.93 52.55
CA CYS F 52 -14.67 -2.86 52.95
C CYS F 52 -13.85 -3.66 51.94
N LEU F 53 -13.64 -3.06 50.78
CA LEU F 53 -12.89 -3.68 49.69
C LEU F 53 -11.87 -2.67 49.18
N HIS F 54 -10.74 -3.15 48.66
CA HIS F 54 -9.74 -2.23 48.14
C HIS F 54 -10.47 -1.36 47.16
N MET F 55 -10.65 -0.09 47.50
CA MET F 55 -11.38 0.83 46.65
C MET F 55 -10.62 1.01 45.35
N THR F 56 -10.99 0.21 44.36
CA THR F 56 -10.37 0.23 43.05
C THR F 56 -11.37 0.65 41.98
N VAL F 57 -10.91 0.81 40.76
CA VAL F 57 -11.79 1.20 39.66
C VAL F 57 -12.86 0.13 39.46
N GLU F 58 -12.44 -1.13 39.61
CA GLU F 58 -13.34 -2.26 39.47
C GLU F 58 -14.36 -2.24 40.60
N THR F 59 -13.86 -2.17 41.83
CA THR F 59 -14.74 -2.13 42.99
C THR F 59 -15.72 -0.98 42.79
N ALA F 60 -15.23 0.05 42.10
CA ALA F 60 -16.04 1.23 41.83
C ALA F 60 -17.22 0.81 40.96
N VAL F 61 -16.97 -0.07 39.99
CA VAL F 61 -18.06 -0.54 39.14
C VAL F 61 -18.98 -1.39 40.03
N LEU F 62 -18.39 -2.05 41.02
CA LEU F 62 -19.14 -2.89 41.97
C LEU F 62 -20.11 -2.04 42.78
N ILE F 63 -19.58 -1.06 43.49
CA ILE F 63 -20.41 -0.19 44.31
C ILE F 63 -21.55 0.36 43.47
N GLU F 64 -21.25 0.95 42.33
CA GLU F 64 -22.28 1.53 41.49
C GLU F 64 -23.30 0.50 40.97
N THR F 65 -22.94 -0.78 40.94
CA THR F 65 -23.88 -1.80 40.47
C THR F 65 -24.84 -2.11 41.62
N LEU F 66 -24.29 -2.24 42.81
CA LEU F 66 -25.11 -2.53 43.97
C LEU F 66 -26.16 -1.43 44.09
N VAL F 67 -25.78 -0.23 43.71
CA VAL F 67 -26.70 0.90 43.79
C VAL F 67 -27.85 0.74 42.78
N ALA F 68 -27.49 0.51 41.52
CA ALA F 68 -28.47 0.34 40.47
C ALA F 68 -29.58 -0.59 40.93
N LEU F 69 -29.22 -1.55 41.77
CA LEU F 69 -30.17 -2.55 42.28
C LEU F 69 -30.95 -2.14 43.54
N GLY F 70 -31.01 -0.83 43.80
CA GLY F 70 -31.75 -0.34 44.95
C GLY F 70 -30.97 -0.25 46.25
N ALA F 71 -29.79 -0.86 46.29
CA ALA F 71 -28.99 -0.83 47.51
C ALA F 71 -28.51 0.56 47.88
N GLU F 72 -28.22 0.71 49.16
CA GLU F 72 -27.71 1.96 49.72
C GLU F 72 -26.28 1.63 50.11
N VAL F 73 -25.30 2.40 49.63
CA VAL F 73 -23.93 2.07 49.98
C VAL F 73 -23.09 3.15 50.64
N ARG F 74 -22.20 2.68 51.52
CA ARG F 74 -21.25 3.50 52.26
C ARG F 74 -20.01 2.63 52.16
N TRP F 75 -18.99 3.11 51.45
CA TRP F 75 -17.78 2.34 51.26
C TRP F 75 -16.56 2.72 52.09
N SER F 76 -15.52 1.89 51.96
CA SER F 76 -14.26 2.06 52.65
C SER F 76 -13.31 1.00 52.13
N SER F 77 -12.01 1.27 52.22
CA SER F 77 -10.99 0.33 51.76
C SER F 77 -10.48 -0.57 52.88
N CYS F 78 -10.06 -1.78 52.50
CA CYS F 78 -9.53 -2.74 53.45
C CYS F 78 -8.00 -2.75 53.41
N ASN F 79 -7.42 -1.70 52.82
CA ASN F 79 -5.98 -1.56 52.73
C ASN F 79 -5.58 -0.10 52.53
N ILE F 80 -4.57 0.32 53.28
CA ILE F 80 -4.07 1.68 53.23
C ILE F 80 -3.32 2.05 51.96
N PHE F 81 -3.15 1.10 51.04
CA PHE F 81 -2.43 1.37 49.79
C PHE F 81 -3.16 0.89 48.53
N SER F 82 -4.18 0.06 48.69
CA SER F 82 -4.93 -0.47 47.56
C SER F 82 -5.86 0.50 46.86
N THR F 83 -6.29 1.52 47.59
CA THR F 83 -7.22 2.52 47.06
C THR F 83 -6.74 3.25 45.80
N GLN F 84 -7.64 3.40 44.84
CA GLN F 84 -7.36 4.09 43.58
C GLN F 84 -8.07 5.43 43.69
N ASP F 85 -7.34 6.44 44.15
CA ASP F 85 -7.84 7.79 44.38
C ASP F 85 -8.79 8.40 43.34
N HIS F 86 -8.56 8.12 42.05
CA HIS F 86 -9.40 8.66 40.97
C HIS F 86 -10.68 7.84 40.85
N ALA F 87 -10.55 6.53 41.03
CA ALA F 87 -11.70 5.64 40.95
C ALA F 87 -12.60 6.05 42.10
N ALA F 88 -12.00 6.14 43.28
CA ALA F 88 -12.71 6.54 44.49
C ALA F 88 -13.37 7.89 44.28
N ALA F 89 -12.69 8.76 43.53
CA ALA F 89 -13.18 10.11 43.23
C ALA F 89 -14.40 10.12 42.32
N ALA F 90 -14.50 9.12 41.46
CA ALA F 90 -15.63 9.01 40.54
C ALA F 90 -16.90 8.62 41.31
N ILE F 91 -16.70 7.87 42.39
CA ILE F 91 -17.80 7.40 43.23
C ILE F 91 -18.30 8.48 44.18
N ALA F 92 -17.39 9.11 44.90
CA ALA F 92 -17.76 10.17 45.85
C ALA F 92 -18.53 11.28 45.15
N LYS F 93 -17.93 11.83 44.10
CA LYS F 93 -18.56 12.90 43.34
C LYS F 93 -19.92 12.44 42.81
N ALA F 94 -20.06 11.13 42.68
CA ALA F 94 -21.31 10.54 42.20
C ALA F 94 -22.35 10.55 43.31
N GLY F 95 -21.92 10.87 44.52
CA GLY F 95 -22.84 10.90 45.64
C GLY F 95 -22.75 9.76 46.64
N ILE F 96 -21.91 8.78 46.35
CA ILE F 96 -21.76 7.64 47.26
C ILE F 96 -20.74 7.90 48.36
N PRO F 97 -21.20 7.90 49.62
CA PRO F 97 -20.25 8.15 50.72
C PRO F 97 -19.10 7.14 50.76
N VAL F 98 -17.98 7.52 50.17
CA VAL F 98 -16.79 6.68 50.15
C VAL F 98 -15.70 7.33 51.00
N PHE F 99 -15.09 6.53 51.87
CA PHE F 99 -14.04 7.04 52.75
C PHE F 99 -12.78 6.22 52.57
N ALA F 100 -12.02 6.56 51.54
CA ALA F 100 -10.78 5.86 51.25
C ALA F 100 -9.84 6.73 50.42
N TRP F 101 -8.53 6.53 50.62
CA TRP F 101 -7.51 7.25 49.87
C TRP F 101 -6.19 6.50 49.97
N LYS F 102 -5.44 6.47 48.87
CA LYS F 102 -4.16 5.75 48.85
C LYS F 102 -3.18 6.29 49.88
N GLY F 103 -2.79 5.45 50.83
CA GLY F 103 -1.85 5.87 51.85
C GLY F 103 -2.49 6.35 53.14
N GLU F 104 -3.40 5.54 53.68
CA GLU F 104 -4.06 5.88 54.94
C GLU F 104 -3.21 5.37 56.10
N THR F 105 -3.49 5.84 57.30
CA THR F 105 -2.73 5.37 58.44
C THR F 105 -3.56 4.40 59.26
N ASP F 106 -2.89 3.64 60.13
CA ASP F 106 -3.58 2.69 60.97
C ASP F 106 -4.77 3.36 61.66
N GLU F 107 -4.57 4.61 62.06
CA GLU F 107 -5.61 5.38 62.72
C GLU F 107 -6.69 5.77 61.71
N GLU F 108 -6.24 6.19 60.53
CA GLU F 108 -7.11 6.59 59.44
C GLU F 108 -7.89 5.43 58.83
N TYR F 109 -7.28 4.25 58.81
CA TYR F 109 -7.92 3.06 58.26
C TYR F 109 -9.23 2.77 58.98
N LEU F 110 -9.13 2.59 60.29
CA LEU F 110 -10.29 2.31 61.13
C LEU F 110 -11.31 3.43 61.01
N TRP F 111 -10.83 4.67 61.03
CA TRP F 111 -11.71 5.84 60.94
C TRP F 111 -12.55 5.79 59.68
N CYS F 112 -11.93 5.35 58.58
CA CYS F 112 -12.64 5.24 57.30
C CYS F 112 -13.69 4.15 57.39
N ILE F 113 -13.41 3.10 58.15
CA ILE F 113 -14.37 2.02 58.29
C ILE F 113 -15.58 2.54 59.05
N GLU F 114 -15.40 2.85 60.32
CA GLU F 114 -16.49 3.34 61.16
C GLU F 114 -17.29 4.48 60.53
N GLN F 115 -16.74 5.03 59.46
CA GLN F 115 -17.40 6.11 58.74
C GLN F 115 -18.45 5.51 57.81
N THR F 116 -18.67 4.21 57.90
CA THR F 116 -19.63 3.51 57.05
C THR F 116 -20.72 2.76 57.81
N LEU F 117 -20.46 2.46 59.07
CA LEU F 117 -21.44 1.73 59.87
C LEU F 117 -22.81 2.38 59.98
N HIS F 118 -22.85 3.72 59.96
CA HIS F 118 -24.12 4.42 60.10
C HIS F 118 -24.55 5.23 58.87
N PHE F 119 -25.81 5.08 58.49
CA PHE F 119 -26.37 5.79 57.34
C PHE F 119 -27.32 6.90 57.76
N LYS F 120 -27.91 7.56 56.77
CA LYS F 120 -28.86 8.63 56.98
C LYS F 120 -30.09 8.05 57.66
N ASP F 121 -30.68 7.03 57.05
CA ASP F 121 -31.87 6.39 57.58
C ASP F 121 -31.58 5.28 58.58
N GLY F 122 -30.36 5.20 59.06
CA GLY F 122 -30.04 4.16 60.03
C GLY F 122 -28.71 3.47 59.84
N PRO F 123 -28.28 2.66 60.81
CA PRO F 123 -27.00 1.97 60.68
C PRO F 123 -27.04 0.90 59.60
N LEU F 124 -25.86 0.35 59.29
CA LEU F 124 -25.72 -0.68 58.27
C LEU F 124 -26.58 -1.89 58.61
N ASN F 125 -27.02 -2.61 57.59
CA ASN F 125 -27.81 -3.82 57.79
C ASN F 125 -27.21 -4.96 56.96
N MET F 126 -26.22 -4.60 56.14
CA MET F 126 -25.55 -5.56 55.28
C MET F 126 -24.05 -5.30 55.32
N ILE F 127 -23.26 -6.35 55.16
CA ILE F 127 -21.81 -6.23 55.21
C ILE F 127 -21.11 -6.81 53.98
N LEU F 128 -20.47 -5.96 53.18
CA LEU F 128 -19.74 -6.47 52.03
C LEU F 128 -18.30 -6.28 52.45
N ASP F 129 -17.73 -7.37 52.97
CA ASP F 129 -16.37 -7.34 53.48
C ASP F 129 -15.36 -8.10 52.63
N ASP F 130 -14.10 -7.75 52.82
CA ASP F 130 -12.99 -8.38 52.12
C ASP F 130 -11.81 -8.40 53.09
N GLY F 131 -11.66 -9.50 53.80
CA GLY F 131 -10.58 -9.62 54.77
C GLY F 131 -11.06 -9.88 56.18
N GLY F 132 -12.23 -9.34 56.53
CA GLY F 132 -12.79 -9.57 57.86
C GLY F 132 -12.80 -8.34 58.76
N ASP F 133 -11.96 -7.36 58.44
CA ASP F 133 -11.82 -6.13 59.22
C ASP F 133 -13.13 -5.45 59.62
N LEU F 134 -14.11 -5.42 58.71
CA LEU F 134 -15.40 -4.79 58.99
C LEU F 134 -16.25 -5.64 59.93
N THR F 135 -16.41 -6.91 59.61
CA THR F 135 -17.22 -7.77 60.46
C THR F 135 -16.58 -7.91 61.81
N ASN F 136 -15.27 -8.09 61.83
CA ASN F 136 -14.56 -8.25 63.09
C ASN F 136 -14.69 -7.00 63.92
N LEU F 137 -14.69 -5.84 63.27
CA LEU F 137 -14.83 -4.57 63.97
C LEU F 137 -16.18 -4.49 64.69
N ILE F 138 -17.25 -4.82 63.98
CA ILE F 138 -18.58 -4.76 64.55
C ILE F 138 -18.76 -5.78 65.68
N HIS F 139 -18.63 -7.05 65.34
CA HIS F 139 -18.80 -8.14 66.29
C HIS F 139 -18.11 -7.90 67.63
N THR F 140 -16.93 -7.30 67.59
CA THR F 140 -16.18 -7.06 68.81
C THR F 140 -16.19 -5.64 69.34
N LYS F 141 -16.52 -4.65 68.51
CA LYS F 141 -16.52 -3.28 69.00
C LYS F 141 -17.90 -2.62 69.04
N HIS F 142 -18.75 -2.99 68.10
CA HIS F 142 -20.10 -2.45 68.04
C HIS F 142 -21.19 -3.51 68.05
N PRO F 143 -21.04 -4.52 68.92
CA PRO F 143 -22.03 -5.60 69.00
C PRO F 143 -23.49 -5.20 68.86
N GLN F 144 -23.83 -3.97 69.26
CA GLN F 144 -25.22 -3.51 69.17
C GLN F 144 -25.73 -3.50 67.73
N LEU F 145 -24.85 -3.21 66.78
CA LEU F 145 -25.24 -3.15 65.38
C LEU F 145 -25.37 -4.52 64.75
N LEU F 146 -24.88 -5.54 65.46
CA LEU F 146 -24.91 -6.92 65.02
C LEU F 146 -26.31 -7.44 64.66
N SER F 147 -27.23 -7.39 65.62
CA SER F 147 -28.59 -7.86 65.44
C SER F 147 -29.34 -7.31 64.23
N GLY F 148 -28.89 -6.17 63.72
CA GLY F 148 -29.54 -5.55 62.59
C GLY F 148 -28.91 -5.93 61.26
N ILE F 149 -27.80 -6.64 61.31
CA ILE F 149 -27.11 -7.07 60.10
C ILE F 149 -27.65 -8.41 59.58
N ARG F 150 -28.36 -8.35 58.47
CA ARG F 150 -28.97 -9.52 57.86
C ARG F 150 -27.97 -10.57 57.35
N GLY F 151 -26.78 -10.13 56.96
CA GLY F 151 -25.82 -11.10 56.46
C GLY F 151 -24.47 -10.56 56.02
N ILE F 152 -23.48 -11.44 56.04
CA ILE F 152 -22.11 -11.09 55.66
C ILE F 152 -21.72 -11.70 54.31
N SER F 153 -20.82 -11.01 53.62
CA SER F 153 -20.33 -11.48 52.35
C SER F 153 -18.81 -11.30 52.37
N GLU F 154 -18.10 -12.37 52.72
CA GLU F 154 -16.65 -12.32 52.76
C GLU F 154 -16.21 -12.55 51.34
N GLU F 155 -15.08 -11.96 50.97
CA GLU F 155 -14.61 -12.11 49.60
C GLU F 155 -13.22 -12.66 49.37
N THR F 156 -12.39 -12.72 50.41
CA THR F 156 -11.05 -13.24 50.25
C THR F 156 -10.86 -14.45 51.15
N THR F 157 -9.87 -15.28 50.84
CA THR F 157 -9.61 -16.47 51.64
C THR F 157 -9.43 -16.05 53.10
N THR F 158 -8.37 -15.30 53.36
CA THR F 158 -8.08 -14.83 54.72
C THR F 158 -9.36 -14.47 55.49
N GLY F 159 -10.17 -13.58 54.93
CA GLY F 159 -11.39 -13.19 55.60
C GLY F 159 -12.28 -14.39 55.88
N VAL F 160 -12.48 -15.23 54.87
CA VAL F 160 -13.32 -16.40 55.02
C VAL F 160 -12.74 -17.34 56.09
N HIS F 161 -11.44 -17.55 56.03
CA HIS F 161 -10.74 -18.40 56.97
C HIS F 161 -11.07 -17.85 58.35
N ASN F 162 -11.14 -16.54 58.45
CA ASN F 162 -11.46 -15.90 59.71
C ASN F 162 -12.93 -16.20 60.07
N LEU F 163 -13.79 -16.24 59.07
CA LEU F 163 -15.22 -16.52 59.29
C LEU F 163 -15.43 -17.89 59.91
N TYR F 164 -14.80 -18.91 59.33
CA TYR F 164 -14.94 -20.28 59.83
C TYR F 164 -14.43 -20.42 61.26
N LYS F 165 -13.43 -19.62 61.61
CA LYS F 165 -12.87 -19.64 62.96
C LYS F 165 -13.92 -19.18 63.96
N MET F 166 -14.56 -18.06 63.66
CA MET F 166 -15.60 -17.48 64.51
C MET F 166 -16.72 -18.51 64.77
N MET F 167 -17.16 -19.18 63.72
CA MET F 167 -18.21 -20.20 63.84
C MET F 167 -17.72 -21.29 64.78
N ALA F 168 -16.49 -21.73 64.55
CA ALA F 168 -15.88 -22.80 65.34
C ALA F 168 -15.85 -22.49 66.82
N ASN F 169 -16.08 -21.24 67.17
CA ASN F 169 -16.07 -20.83 68.56
C ASN F 169 -17.37 -20.10 68.86
N GLY F 170 -18.33 -20.21 67.96
CA GLY F 170 -19.61 -19.57 68.15
C GLY F 170 -19.51 -18.08 68.43
N ILE F 171 -18.60 -17.40 67.72
CA ILE F 171 -18.41 -15.96 67.86
C ILE F 171 -19.24 -15.27 66.77
N LEU F 172 -19.21 -15.81 65.55
CA LEU F 172 -19.97 -15.26 64.44
C LEU F 172 -21.44 -15.25 64.84
N LYS F 173 -22.07 -14.08 64.74
CA LYS F 173 -23.46 -13.95 65.12
C LYS F 173 -24.44 -13.57 64.00
N VAL F 174 -23.96 -13.55 62.76
CA VAL F 174 -24.83 -13.25 61.62
C VAL F 174 -24.39 -14.12 60.43
N PRO F 175 -25.36 -14.67 59.69
CA PRO F 175 -25.06 -15.53 58.53
C PRO F 175 -24.17 -14.88 57.47
N ALA F 176 -23.12 -15.59 57.10
CA ALA F 176 -22.18 -15.09 56.11
C ALA F 176 -22.12 -16.06 54.94
N ILE F 177 -21.74 -15.53 53.77
CA ILE F 177 -21.64 -16.31 52.55
C ILE F 177 -20.19 -16.31 52.08
N ASN F 178 -19.71 -17.49 51.74
CA ASN F 178 -18.35 -17.67 51.26
C ASN F 178 -18.30 -17.42 49.76
N VAL F 179 -18.06 -16.17 49.40
CA VAL F 179 -17.98 -15.77 47.99
C VAL F 179 -16.61 -16.20 47.44
N ASN F 180 -15.60 -16.15 48.31
CA ASN F 180 -14.26 -16.51 47.91
C ASN F 180 -14.14 -17.91 47.32
N ASP F 181 -14.86 -18.86 47.91
CA ASP F 181 -14.78 -20.24 47.47
C ASP F 181 -15.77 -20.64 46.38
N SER F 182 -16.20 -19.68 45.56
CA SER F 182 -17.09 -20.00 44.47
C SER F 182 -16.12 -20.32 43.33
N VAL F 183 -16.35 -21.41 42.62
CA VAL F 183 -15.43 -21.80 41.55
C VAL F 183 -15.05 -20.66 40.62
N THR F 184 -16.00 -19.77 40.33
CA THR F 184 -15.74 -18.64 39.44
C THR F 184 -14.94 -17.56 40.16
N LYS F 185 -14.84 -17.67 41.48
CA LYS F 185 -14.09 -16.71 42.27
C LYS F 185 -12.63 -17.14 42.38
N SER F 186 -12.38 -18.10 43.27
CA SER F 186 -11.03 -18.59 43.51
C SER F 186 -10.23 -19.10 42.32
N LYS F 187 -10.84 -19.96 41.50
CA LYS F 187 -10.17 -20.52 40.35
C LYS F 187 -9.86 -19.50 39.27
N PHE F 188 -10.60 -18.40 39.25
CA PHE F 188 -10.39 -17.37 38.24
C PHE F 188 -9.75 -16.08 38.75
N ASP F 189 -10.14 -15.65 39.95
CA ASP F 189 -9.61 -14.43 40.54
C ASP F 189 -8.22 -14.63 41.14
N ASN F 190 -8.15 -15.35 42.26
CA ASN F 190 -6.89 -15.61 42.94
C ASN F 190 -5.84 -16.22 42.04
N LEU F 191 -6.28 -16.96 41.03
CA LEU F 191 -5.34 -17.62 40.10
C LEU F 191 -4.91 -16.83 38.87
N TYR F 192 -5.89 -16.49 38.04
CA TYR F 192 -5.63 -15.79 36.79
C TYR F 192 -5.23 -14.32 36.93
N GLY F 193 -5.79 -13.64 37.94
CA GLY F 193 -5.47 -12.25 38.16
C GLY F 193 -4.06 -12.08 38.67
N CYS F 194 -3.76 -12.78 39.76
CA CYS F 194 -2.43 -12.75 40.37
C CYS F 194 -1.36 -13.08 39.32
N ARG F 195 -1.73 -13.90 38.35
CA ARG F 195 -0.81 -14.28 37.30
C ARG F 195 -0.40 -13.03 36.54
N GLU F 196 -1.36 -12.11 36.38
CA GLU F 196 -1.11 -10.88 35.66
C GLU F 196 -0.79 -9.70 36.56
N SER F 197 -1.46 -9.60 37.70
CA SER F 197 -1.25 -8.45 38.59
C SER F 197 -0.03 -8.48 39.52
N LEU F 198 0.55 -9.63 39.77
CA LEU F 198 1.72 -9.65 40.66
C LEU F 198 2.85 -8.90 39.98
N ILE F 199 3.33 -9.45 38.87
CA ILE F 199 4.41 -8.86 38.09
C ILE F 199 4.22 -7.36 37.88
N ASP F 200 2.97 -6.96 37.63
CA ASP F 200 2.63 -5.56 37.40
C ASP F 200 3.09 -4.72 38.59
N GLY F 201 2.94 -5.28 39.79
CA GLY F 201 3.38 -4.58 40.99
C GLY F 201 4.88 -4.57 41.07
N ILE F 202 5.51 -5.67 40.67
CA ILE F 202 6.96 -5.77 40.69
C ILE F 202 7.54 -4.75 39.73
N LYS F 203 7.07 -4.82 38.50
CA LYS F 203 7.54 -3.94 37.45
C LYS F 203 7.35 -2.46 37.73
N ARG F 204 6.13 -2.03 38.01
CA ARG F 204 5.90 -0.62 38.28
C ARG F 204 6.82 -0.05 39.34
N ALA F 205 7.01 -0.78 40.44
CA ALA F 205 7.86 -0.32 41.53
C ALA F 205 9.36 -0.49 41.29
N THR F 206 9.77 -1.65 40.80
CA THR F 206 11.17 -1.93 40.56
C THR F 206 11.62 -1.93 39.10
N ASP F 207 10.70 -2.19 38.19
CA ASP F 207 11.02 -2.21 36.76
C ASP F 207 12.09 -3.25 36.44
N VAL F 208 12.24 -4.21 37.33
CA VAL F 208 13.25 -5.25 37.17
C VAL F 208 12.84 -6.28 36.12
N MET F 209 13.85 -6.90 35.51
CA MET F 209 13.63 -7.92 34.50
C MET F 209 13.33 -9.23 35.22
N ILE F 210 12.26 -9.91 34.83
CA ILE F 210 11.89 -11.17 35.48
C ILE F 210 12.84 -12.27 35.01
N ALA F 211 13.18 -12.24 33.73
CA ALA F 211 14.06 -13.23 33.13
C ALA F 211 15.33 -13.49 33.95
N GLY F 212 15.92 -14.66 33.75
CA GLY F 212 17.16 -15.04 34.41
C GLY F 212 17.25 -14.99 35.92
N LYS F 213 16.23 -14.46 36.56
CA LYS F 213 16.25 -14.38 38.01
C LYS F 213 15.58 -15.59 38.64
N VAL F 214 16.05 -15.99 39.81
CA VAL F 214 15.44 -17.11 40.50
C VAL F 214 14.45 -16.50 41.48
N ALA F 215 13.17 -16.78 41.29
CA ALA F 215 12.15 -16.24 42.17
C ALA F 215 11.69 -17.29 43.15
N VAL F 216 11.31 -16.85 44.34
CA VAL F 216 10.84 -17.77 45.37
C VAL F 216 9.45 -17.34 45.81
N VAL F 217 8.47 -18.21 45.58
CA VAL F 217 7.09 -17.94 45.96
C VAL F 217 6.78 -18.75 47.21
N ALA F 218 6.18 -18.08 48.20
CA ALA F 218 5.83 -18.73 49.44
C ALA F 218 4.42 -19.29 49.33
N GLY F 219 4.30 -20.61 49.36
CA GLY F 219 3.00 -21.25 49.24
C GLY F 219 2.58 -21.55 47.82
N TYR F 220 1.84 -22.63 47.62
CA TYR F 220 1.38 -23.01 46.29
C TYR F 220 -0.14 -23.01 46.11
N GLY F 221 -0.82 -22.09 46.77
CA GLY F 221 -2.26 -22.02 46.65
C GLY F 221 -2.65 -21.43 45.31
N ASP F 222 -3.93 -21.09 45.15
CA ASP F 222 -4.38 -20.51 43.90
C ASP F 222 -3.60 -19.22 43.59
N VAL F 223 -3.25 -18.46 44.62
CA VAL F 223 -2.49 -17.24 44.40
C VAL F 223 -1.05 -17.61 44.06
N GLY F 224 -0.45 -18.49 44.86
CA GLY F 224 0.91 -18.91 44.59
C GLY F 224 1.05 -19.57 43.24
N LYS F 225 0.02 -20.29 42.83
CA LYS F 225 0.03 -20.97 41.53
C LYS F 225 0.02 -19.94 40.41
N GLY F 226 -0.60 -18.79 40.66
CA GLY F 226 -0.66 -17.75 39.66
C GLY F 226 0.67 -17.09 39.41
N CYS F 227 1.24 -16.52 40.47
CA CYS F 227 2.53 -15.83 40.41
C CYS F 227 3.59 -16.67 39.74
N ALA F 228 3.70 -17.93 40.18
CA ALA F 228 4.67 -18.87 39.64
C ALA F 228 4.53 -18.97 38.13
N GLN F 229 3.30 -19.20 37.68
CA GLN F 229 3.03 -19.31 36.25
C GLN F 229 3.53 -18.03 35.59
N ALA F 230 3.24 -16.89 36.22
CA ALA F 230 3.66 -15.59 35.71
C ALA F 230 5.18 -15.43 35.69
N LEU F 231 5.79 -15.51 36.87
CA LEU F 231 7.24 -15.37 36.98
C LEU F 231 7.96 -16.35 36.06
N ARG F 232 7.52 -17.60 36.07
CA ARG F 232 8.13 -18.64 35.24
C ARG F 232 8.13 -18.29 33.75
N GLY F 233 6.95 -18.07 33.20
CA GLY F 233 6.81 -17.76 31.79
C GLY F 233 7.47 -16.50 31.31
N PHE F 234 8.23 -15.84 32.16
CA PHE F 234 8.90 -14.61 31.76
C PHE F 234 10.39 -14.83 31.69
N GLY F 235 10.83 -16.03 32.07
CA GLY F 235 12.24 -16.35 32.04
C GLY F 235 12.86 -16.45 33.41
N ALA F 236 12.02 -16.59 34.44
CA ALA F 236 12.49 -16.70 35.80
C ALA F 236 12.43 -18.14 36.30
N ARG F 237 13.42 -18.53 37.09
CA ARG F 237 13.46 -19.87 37.66
C ARG F 237 12.78 -19.82 39.02
N VAL F 238 11.52 -20.26 39.04
CA VAL F 238 10.69 -20.27 40.24
C VAL F 238 10.92 -21.46 41.17
N ILE F 239 11.14 -21.15 42.45
CA ILE F 239 11.35 -22.15 43.49
C ILE F 239 10.21 -21.95 44.46
N ILE F 240 9.40 -22.97 44.69
CA ILE F 240 8.27 -22.81 45.61
C ILE F 240 8.43 -23.44 46.99
N THR F 241 7.84 -22.77 47.97
CA THR F 241 7.88 -23.19 49.36
C THR F 241 6.45 -23.57 49.74
N GLU F 242 6.31 -24.65 50.50
CA GLU F 242 5.00 -25.12 50.90
C GLU F 242 5.07 -25.97 52.15
N ILE F 243 3.93 -26.06 52.84
CA ILE F 243 3.80 -26.84 54.06
C ILE F 243 2.81 -27.97 53.81
N ASP F 244 2.04 -27.83 52.73
CA ASP F 244 1.06 -28.84 52.35
C ASP F 244 1.70 -29.83 51.41
N PRO F 245 1.53 -31.14 51.68
CA PRO F 245 2.13 -32.17 50.82
C PRO F 245 1.50 -32.29 49.44
N ILE F 246 0.19 -32.12 49.38
CA ILE F 246 -0.52 -32.25 48.09
C ILE F 246 -0.25 -31.07 47.17
N ASN F 247 -0.34 -29.85 47.69
CA ASN F 247 -0.08 -28.66 46.89
C ASN F 247 1.36 -28.76 46.42
N ALA F 248 2.21 -29.23 47.31
CA ALA F 248 3.64 -29.38 47.06
C ALA F 248 3.91 -30.33 45.88
N LEU F 249 3.28 -31.50 45.88
CA LEU F 249 3.49 -32.44 44.80
C LEU F 249 3.10 -31.78 43.49
N GLN F 250 2.05 -30.96 43.52
CA GLN F 250 1.59 -30.27 42.32
C GLN F 250 2.73 -29.41 41.80
N ALA F 251 3.44 -28.76 42.71
CA ALA F 251 4.56 -27.92 42.34
C ALA F 251 5.60 -28.79 41.63
N ALA F 252 6.11 -29.78 42.33
CA ALA F 252 7.11 -30.66 41.74
C ALA F 252 6.63 -31.13 40.37
N MET F 253 5.37 -31.55 40.32
CA MET F 253 4.74 -32.05 39.10
C MET F 253 4.63 -31.02 37.99
N GLU F 254 4.79 -29.75 38.35
CA GLU F 254 4.71 -28.66 37.38
C GLU F 254 6.10 -28.14 37.05
N GLY F 255 7.11 -28.82 37.58
CA GLY F 255 8.48 -28.44 37.30
C GLY F 255 9.13 -27.46 38.26
N TYR F 256 8.49 -27.20 39.38
CA TYR F 256 9.03 -26.27 40.37
C TYR F 256 9.77 -27.03 41.46
N GLU F 257 10.92 -26.51 41.86
CA GLU F 257 11.69 -27.12 42.92
C GLU F 257 11.03 -26.66 44.21
N VAL F 258 10.83 -27.58 45.14
CA VAL F 258 10.22 -27.21 46.40
C VAL F 258 11.25 -27.38 47.50
N THR F 259 11.52 -26.28 48.21
CA THR F 259 12.47 -26.28 49.31
C THR F 259 11.91 -25.45 50.45
N THR F 260 12.75 -25.29 51.46
CA THR F 260 12.42 -24.52 52.63
C THR F 260 12.93 -23.12 52.34
N MET F 261 12.37 -22.13 53.02
CA MET F 261 12.81 -20.75 52.80
C MET F 261 14.23 -20.62 53.32
N ASP F 262 14.52 -21.28 54.45
CA ASP F 262 15.86 -21.23 55.04
C ASP F 262 16.86 -21.65 53.98
N GLU F 263 16.36 -22.31 52.95
CA GLU F 263 17.17 -22.82 51.86
C GLU F 263 17.12 -21.91 50.63
N ALA F 264 15.93 -21.42 50.31
CA ALA F 264 15.71 -20.56 49.15
C ALA F 264 16.29 -19.15 49.26
N CYS F 265 16.18 -18.53 50.42
CA CYS F 265 16.69 -17.17 50.63
C CYS F 265 18.08 -16.93 50.04
N LYS F 266 18.95 -17.95 50.10
CA LYS F 266 20.31 -17.81 49.59
C LYS F 266 20.43 -17.90 48.06
N GLU F 267 19.36 -18.33 47.39
CA GLU F 267 19.38 -18.48 45.95
C GLU F 267 18.34 -17.67 45.21
N GLY F 268 17.44 -17.02 45.94
CA GLY F 268 16.41 -16.23 45.31
C GLY F 268 16.85 -14.82 44.90
N ASN F 269 16.21 -14.30 43.85
CA ASN F 269 16.48 -12.98 43.33
C ASN F 269 15.21 -12.12 43.41
N ILE F 270 14.07 -12.79 43.55
CA ILE F 270 12.77 -12.12 43.67
C ILE F 270 11.97 -12.96 44.67
N PHE F 271 11.46 -12.32 45.72
CA PHE F 271 10.71 -13.03 46.74
C PHE F 271 9.25 -12.61 46.85
N VAL F 272 8.34 -13.58 46.72
CA VAL F 272 6.90 -13.33 46.82
C VAL F 272 6.28 -14.28 47.83
N THR F 273 5.52 -13.75 48.77
CA THR F 273 4.85 -14.58 49.76
C THR F 273 3.36 -14.56 49.46
N THR F 274 2.86 -15.67 48.92
CA THR F 274 1.46 -15.78 48.55
C THR F 274 0.70 -16.56 49.60
N THR F 275 1.42 -16.91 50.66
CA THR F 275 0.86 -17.66 51.77
C THR F 275 -0.07 -16.72 52.55
N GLY F 276 -0.83 -17.27 53.49
CA GLY F 276 -1.68 -16.41 54.30
C GLY F 276 -1.28 -16.62 55.76
N CYS F 277 0.00 -16.91 55.97
CA CYS F 277 0.51 -17.20 57.30
C CYS F 277 1.64 -16.26 57.70
N VAL F 278 1.89 -16.18 59.02
CA VAL F 278 2.93 -15.33 59.59
C VAL F 278 4.28 -16.03 59.57
N ASP F 279 5.35 -15.23 59.69
CA ASP F 279 6.76 -15.68 59.71
C ASP F 279 7.23 -16.40 58.46
N ILE F 280 6.89 -15.90 57.27
CA ILE F 280 7.33 -16.55 56.05
C ILE F 280 8.77 -16.16 55.75
N ILE F 281 9.02 -14.85 55.69
CA ILE F 281 10.37 -14.33 55.42
C ILE F 281 10.85 -13.53 56.63
N LEU F 282 11.91 -14.02 57.26
CA LEU F 282 12.48 -13.38 58.44
C LEU F 282 13.85 -12.79 58.20
N GLY F 283 14.38 -12.08 59.19
CA GLY F 283 15.68 -11.47 59.07
C GLY F 283 16.79 -12.49 58.89
N ARG F 284 16.57 -13.69 59.40
CA ARG F 284 17.57 -14.76 59.27
C ARG F 284 17.73 -15.10 57.80
N HIS F 285 16.68 -14.79 57.05
CA HIS F 285 16.65 -15.00 55.61
C HIS F 285 17.21 -13.73 54.99
N PHE F 286 16.69 -12.59 55.40
CA PHE F 286 17.12 -11.28 54.92
C PHE F 286 18.65 -11.22 55.01
N GLU F 287 19.19 -11.77 56.09
CA GLU F 287 20.62 -11.82 56.34
C GLU F 287 21.32 -12.77 55.37
N GLN F 288 20.54 -13.46 54.53
CA GLN F 288 21.08 -14.42 53.57
C GLN F 288 20.86 -14.09 52.09
N MET F 289 19.94 -13.18 51.82
CA MET F 289 19.61 -12.83 50.44
C MET F 289 20.76 -12.24 49.62
N LYS F 290 20.61 -12.30 48.30
CA LYS F 290 21.61 -11.77 47.38
C LYS F 290 21.41 -10.27 47.24
N ASP F 291 22.48 -9.56 46.91
CA ASP F 291 22.45 -8.10 46.76
C ASP F 291 21.25 -7.58 45.96
N ASP F 292 20.65 -6.51 46.45
CA ASP F 292 19.51 -5.87 45.81
C ASP F 292 18.29 -6.76 45.56
N ALA F 293 17.97 -7.61 46.53
CA ALA F 293 16.82 -8.52 46.42
C ALA F 293 15.49 -7.82 46.63
N ILE F 294 14.56 -8.07 45.71
CA ILE F 294 13.22 -7.48 45.73
C ILE F 294 12.28 -8.37 46.54
N VAL F 295 11.87 -7.89 47.71
CA VAL F 295 10.97 -8.65 48.58
C VAL F 295 9.56 -8.05 48.50
N CYS F 296 8.55 -8.91 48.38
CA CYS F 296 7.17 -8.44 48.31
C CYS F 296 6.18 -9.54 48.70
N ASN F 297 5.07 -9.12 49.29
CA ASN F 297 4.01 -10.03 49.73
C ASN F 297 2.72 -9.65 49.01
N ILE F 298 1.90 -10.65 48.71
CA ILE F 298 0.65 -10.39 48.00
C ILE F 298 -0.55 -10.95 48.77
N GLY F 299 -0.27 -11.68 49.86
CA GLY F 299 -1.33 -12.23 50.69
C GLY F 299 -2.02 -11.07 51.37
N HIS F 300 -3.30 -11.23 51.68
CA HIS F 300 -4.09 -10.16 52.30
C HIS F 300 -3.45 -9.25 53.34
N PHE F 301 -3.17 -9.77 54.54
CA PHE F 301 -2.57 -8.97 55.61
C PHE F 301 -1.06 -9.00 55.50
N ASP F 302 -0.39 -8.05 56.15
CA ASP F 302 1.07 -8.01 56.13
C ASP F 302 1.66 -8.66 57.39
N VAL F 303 1.79 -9.98 57.34
CA VAL F 303 2.34 -10.76 58.44
C VAL F 303 3.34 -11.77 57.84
N GLU F 304 3.45 -11.72 56.51
CA GLU F 304 4.32 -12.62 55.77
C GLU F 304 5.78 -12.20 55.79
N ILE F 305 6.03 -10.90 55.70
CA ILE F 305 7.40 -10.41 55.73
C ILE F 305 7.63 -9.54 56.98
N ASP F 306 8.72 -9.80 57.69
CA ASP F 306 9.06 -9.03 58.88
C ASP F 306 9.79 -7.77 58.41
N VAL F 307 9.03 -6.68 58.27
CA VAL F 307 9.60 -5.41 57.82
C VAL F 307 10.17 -4.63 58.99
N LYS F 308 9.57 -4.79 60.17
CA LYS F 308 10.07 -4.12 61.36
C LYS F 308 11.54 -4.53 61.50
N TRP F 309 11.81 -5.81 61.32
CA TRP F 309 13.18 -6.32 61.41
C TRP F 309 14.08 -5.48 60.51
N LEU F 310 13.72 -5.43 59.24
CA LEU F 310 14.47 -4.67 58.25
C LEU F 310 14.72 -3.27 58.78
N ASN F 311 13.66 -2.71 59.38
CA ASN F 311 13.70 -1.36 59.95
C ASN F 311 14.46 -1.24 61.26
N GLU F 312 14.69 -2.37 61.93
CA GLU F 312 15.43 -2.35 63.19
C GLU F 312 16.82 -2.93 63.03
N ASN F 313 17.09 -3.60 61.90
CA ASN F 313 18.39 -4.21 61.70
C ASN F 313 19.20 -3.67 60.52
N ALA F 314 18.53 -3.06 59.56
CA ALA F 314 19.22 -2.50 58.40
C ALA F 314 20.12 -1.33 58.81
N VAL F 315 21.29 -1.24 58.19
CA VAL F 315 22.23 -0.17 58.48
C VAL F 315 21.74 1.13 57.85
N GLU F 316 21.06 1.03 56.72
CA GLU F 316 20.56 2.22 56.06
C GLU F 316 19.30 1.93 55.27
N LYS F 317 18.42 2.91 55.22
CA LYS F 317 17.16 2.78 54.49
C LYS F 317 16.92 4.04 53.66
N VAL F 318 16.70 3.86 52.37
CA VAL F 318 16.45 4.98 51.48
C VAL F 318 15.19 4.69 50.72
N ASN F 319 14.36 5.71 50.54
CA ASN F 319 13.13 5.54 49.79
C ASN F 319 13.40 5.84 48.32
N ILE F 320 13.28 4.82 47.49
CA ILE F 320 13.48 5.03 46.06
C ILE F 320 12.31 5.89 45.61
N LYS F 321 11.09 5.45 45.94
CA LYS F 321 9.87 6.16 45.59
C LYS F 321 8.72 5.62 46.45
N PRO F 322 7.53 6.22 46.35
CA PRO F 322 6.43 5.71 47.15
C PRO F 322 6.27 4.21 46.99
N GLN F 323 6.21 3.51 48.12
CA GLN F 323 6.07 2.06 48.18
C GLN F 323 7.36 1.36 47.76
N VAL F 324 8.47 2.07 47.83
CA VAL F 324 9.76 1.49 47.49
C VAL F 324 10.88 2.03 48.37
N ASP F 325 11.38 1.17 49.25
CA ASP F 325 12.48 1.53 50.13
C ASP F 325 13.60 0.57 49.80
N ARG F 326 14.83 1.05 49.83
CA ARG F 326 15.99 0.21 49.56
C ARG F 326 16.82 0.19 50.83
N TYR F 327 16.87 -0.97 51.48
CA TYR F 327 17.63 -1.11 52.72
C TYR F 327 19.08 -1.47 52.48
N LEU F 328 19.92 -1.17 53.48
CA LEU F 328 21.34 -1.50 53.42
C LEU F 328 21.65 -2.32 54.66
N LEU F 329 22.05 -3.56 54.45
CA LEU F 329 22.39 -4.48 55.52
C LEU F 329 23.87 -4.40 55.89
N LYS F 330 24.20 -4.83 57.10
CA LYS F 330 25.58 -4.80 57.57
C LYS F 330 26.54 -5.71 56.80
N ASN F 331 26.01 -6.59 55.94
CA ASN F 331 26.89 -7.46 55.16
C ASN F 331 27.09 -6.81 53.81
N GLY F 332 26.45 -5.65 53.65
CA GLY F 332 26.58 -4.87 52.44
C GLY F 332 25.44 -5.01 51.44
N HIS F 333 24.79 -6.16 51.43
CA HIS F 333 23.72 -6.39 50.49
C HIS F 333 22.55 -5.45 50.72
N ARG F 334 21.91 -5.07 49.61
CA ARG F 334 20.77 -4.19 49.63
C ARG F 334 19.54 -5.05 49.45
N ILE F 335 18.42 -4.61 50.02
CA ILE F 335 17.17 -5.36 49.96
C ILE F 335 16.06 -4.39 49.55
N ILE F 336 15.43 -4.64 48.40
CA ILE F 336 14.36 -3.78 47.89
C ILE F 336 12.99 -4.23 48.39
N LEU F 337 12.46 -3.50 49.38
CA LEU F 337 11.15 -3.81 49.98
C LEU F 337 9.99 -3.13 49.24
N LEU F 338 8.99 -3.92 48.85
CA LEU F 338 7.83 -3.39 48.11
C LEU F 338 6.53 -3.25 48.89
N ALA F 339 5.86 -2.11 48.67
CA ALA F 339 4.59 -1.79 49.31
C ALA F 339 4.61 -1.94 50.82
N GLU F 340 5.74 -1.61 51.43
CA GLU F 340 5.89 -1.69 52.89
C GLU F 340 5.43 -3.01 53.49
N GLY F 341 5.56 -4.10 52.73
CA GLY F 341 5.17 -5.41 53.22
C GLY F 341 3.74 -5.80 52.89
N ARG F 342 2.90 -4.80 52.66
CA ARG F 342 1.49 -5.03 52.34
C ARG F 342 1.33 -5.51 50.90
N LEU F 343 0.09 -5.80 50.49
CA LEU F 343 -0.21 -6.27 49.14
C LEU F 343 0.65 -5.55 48.11
N VAL F 344 1.20 -6.32 47.17
CA VAL F 344 2.08 -5.77 46.13
C VAL F 344 1.37 -5.37 44.84
N ASN F 345 0.51 -6.25 44.32
CA ASN F 345 -0.20 -5.99 43.07
C ASN F 345 -1.18 -4.82 43.20
N LEU F 346 -1.82 -4.72 44.36
CA LEU F 346 -2.79 -3.65 44.61
C LEU F 346 -2.16 -2.35 45.14
N GLY F 347 -1.21 -2.48 46.06
CA GLY F 347 -0.55 -1.31 46.64
C GLY F 347 0.53 -0.70 45.77
N CYS F 348 0.97 -1.41 44.73
CA CYS F 348 2.02 -0.92 43.84
C CYS F 348 1.57 -0.76 42.38
N ALA F 349 0.50 -1.45 42.02
CA ALA F 349 -0.06 -1.41 40.68
C ALA F 349 -1.58 -1.39 40.82
N MET F 350 -2.30 -1.45 39.71
CA MET F 350 -3.77 -1.39 39.75
C MET F 350 -4.54 -2.67 40.11
N GLY F 351 -3.89 -3.61 40.78
CA GLY F 351 -4.57 -4.84 41.16
C GLY F 351 -5.06 -5.61 39.95
N HIS F 352 -5.76 -6.73 40.17
CA HIS F 352 -6.27 -7.55 39.07
C HIS F 352 -7.09 -6.70 38.12
N PRO F 353 -7.23 -7.16 36.86
CA PRO F 353 -8.01 -6.44 35.84
C PRO F 353 -9.50 -6.57 36.11
N SER F 354 -10.28 -5.70 35.48
CA SER F 354 -11.73 -5.68 35.65
C SER F 354 -12.49 -6.92 35.19
N PHE F 355 -12.06 -7.54 34.10
CA PHE F 355 -12.73 -8.73 33.58
C PHE F 355 -12.80 -9.86 34.59
N VAL F 356 -11.67 -10.20 35.21
CA VAL F 356 -11.66 -11.27 36.20
C VAL F 356 -12.35 -10.80 37.46
N MET F 357 -12.39 -9.49 37.65
CA MET F 357 -13.02 -8.90 38.83
C MET F 357 -14.54 -8.93 38.67
N SER F 358 -15.01 -8.97 37.43
CA SER F 358 -16.45 -9.04 37.15
C SER F 358 -17.00 -10.38 37.63
N ASN F 359 -16.12 -11.39 37.67
CA ASN F 359 -16.49 -12.72 38.14
C ASN F 359 -16.76 -12.65 39.63
N SER F 360 -15.79 -12.11 40.38
CA SER F 360 -15.89 -12.00 41.83
C SER F 360 -17.01 -11.07 42.29
N PHE F 361 -17.16 -9.96 41.59
CA PHE F 361 -18.19 -8.99 41.93
C PHE F 361 -19.60 -9.42 41.58
N THR F 362 -19.73 -10.34 40.63
CA THR F 362 -21.06 -10.81 40.31
C THR F 362 -21.48 -11.69 41.48
N ASN F 363 -20.56 -12.54 41.94
CA ASN F 363 -20.82 -13.42 43.07
C ASN F 363 -21.17 -12.58 44.29
N GLN F 364 -20.54 -11.43 44.41
CA GLN F 364 -20.80 -10.55 45.53
C GLN F 364 -22.20 -9.99 45.45
N VAL F 365 -22.60 -9.56 44.25
CA VAL F 365 -23.95 -9.03 44.07
C VAL F 365 -24.94 -10.14 44.31
N MET F 366 -24.72 -11.29 43.67
CA MET F 366 -25.59 -12.45 43.82
C MET F 366 -25.70 -12.78 45.31
N ALA F 367 -24.54 -12.96 45.94
CA ALA F 367 -24.45 -13.26 47.36
C ALA F 367 -25.19 -12.20 48.16
N GLN F 368 -25.09 -10.96 47.70
CA GLN F 368 -25.76 -9.85 48.36
C GLN F 368 -27.28 -9.98 48.18
N ILE F 369 -27.72 -10.39 46.99
CA ILE F 369 -29.14 -10.57 46.74
C ILE F 369 -29.72 -11.74 47.55
N GLU F 370 -28.90 -12.75 47.80
CA GLU F 370 -29.33 -13.93 48.56
C GLU F 370 -29.61 -13.67 50.04
N LEU F 371 -28.62 -13.15 50.75
CA LEU F 371 -28.75 -12.84 52.17
C LEU F 371 -29.90 -11.87 52.46
N TRP F 372 -30.03 -10.85 51.62
CA TRP F 372 -31.08 -9.84 51.77
C TRP F 372 -32.47 -10.39 51.36
N THR F 373 -32.58 -10.84 50.11
CA THR F 373 -33.82 -11.38 49.56
C THR F 373 -34.36 -12.57 50.32
N HIS F 374 -33.48 -13.49 50.72
CA HIS F 374 -33.91 -14.65 51.49
C HIS F 374 -33.12 -14.65 52.80
N PRO F 375 -33.57 -13.84 53.78
CA PRO F 375 -32.86 -13.78 55.07
C PRO F 375 -32.86 -15.09 55.86
N ASP F 376 -34.04 -15.57 56.23
CA ASP F 376 -34.17 -16.81 57.00
C ASP F 376 -33.65 -18.05 56.27
N LYS F 377 -33.46 -17.93 54.96
CA LYS F 377 -32.95 -19.05 54.17
C LYS F 377 -31.48 -19.32 54.51
N TYR F 378 -30.86 -18.38 55.23
CA TYR F 378 -29.46 -18.51 55.61
C TYR F 378 -29.21 -18.37 57.10
N PRO F 379 -29.13 -19.49 57.81
CA PRO F 379 -28.90 -19.50 59.26
C PRO F 379 -27.48 -19.03 59.58
N VAL F 380 -27.18 -18.79 60.84
CA VAL F 380 -25.83 -18.35 61.19
C VAL F 380 -24.84 -19.45 60.86
N GLY F 381 -23.70 -19.05 60.31
CA GLY F 381 -22.67 -19.98 59.89
C GLY F 381 -22.37 -19.62 58.46
N VAL F 382 -21.23 -20.01 57.94
CA VAL F 382 -20.88 -19.67 56.57
C VAL F 382 -21.39 -20.67 55.55
N HIS F 383 -22.02 -20.15 54.50
CA HIS F 383 -22.56 -20.99 53.44
C HIS F 383 -21.94 -20.63 52.11
N PHE F 384 -22.27 -21.43 51.09
CA PHE F 384 -21.76 -21.25 49.72
C PHE F 384 -22.87 -20.81 48.77
N LEU F 385 -22.47 -20.33 47.60
CA LEU F 385 -23.40 -19.91 46.56
C LEU F 385 -23.64 -21.16 45.73
N PRO F 386 -24.91 -21.54 45.50
CA PRO F 386 -25.24 -22.74 44.73
C PRO F 386 -24.40 -22.87 43.47
N LYS F 387 -23.96 -24.11 43.18
CA LYS F 387 -23.15 -24.36 42.00
C LYS F 387 -23.84 -23.77 40.78
N LYS F 388 -25.17 -23.70 40.85
CA LYS F 388 -25.95 -23.16 39.75
C LYS F 388 -25.61 -21.70 39.48
N LEU F 389 -25.37 -20.94 40.55
CA LEU F 389 -25.04 -19.53 40.40
C LEU F 389 -23.63 -19.42 39.86
N ASP F 390 -22.74 -20.25 40.39
CA ASP F 390 -21.35 -20.27 39.97
C ASP F 390 -21.35 -20.28 38.44
N GLU F 391 -22.02 -21.27 37.85
CA GLU F 391 -22.09 -21.40 36.40
C GLU F 391 -22.70 -20.17 35.76
N ALA F 392 -23.60 -19.51 36.50
CA ALA F 392 -24.27 -18.29 36.01
C ALA F 392 -23.26 -17.18 35.77
N VAL F 393 -22.32 -17.07 36.69
CA VAL F 393 -21.26 -16.08 36.59
C VAL F 393 -20.38 -16.38 35.37
N ALA F 394 -20.04 -17.64 35.17
CA ALA F 394 -19.22 -18.02 34.03
C ALA F 394 -19.93 -17.71 32.72
N GLU F 395 -21.09 -18.32 32.52
CA GLU F 395 -21.89 -18.14 31.31
C GLU F 395 -22.12 -16.67 30.97
N ALA F 396 -22.06 -15.82 31.97
CA ALA F 396 -22.27 -14.40 31.76
C ALA F 396 -21.01 -13.77 31.18
N HIS F 397 -19.88 -14.44 31.33
CA HIS F 397 -18.62 -13.89 30.82
C HIS F 397 -18.14 -14.52 29.53
N LEU F 398 -18.73 -15.67 29.17
CA LEU F 398 -18.36 -16.39 27.95
C LEU F 398 -18.62 -15.57 26.70
N GLY F 399 -19.73 -14.83 26.72
CA GLY F 399 -20.09 -14.01 25.59
C GLY F 399 -18.97 -13.10 25.13
N LYS F 400 -18.52 -12.21 26.00
CA LYS F 400 -17.43 -11.27 25.69
C LYS F 400 -16.21 -12.00 25.10
N LEU F 401 -15.95 -13.21 25.57
CA LEU F 401 -14.83 -13.99 25.08
C LEU F 401 -15.23 -14.69 23.79
N ASN F 402 -16.51 -14.57 23.44
CA ASN F 402 -17.06 -15.18 22.24
C ASN F 402 -17.01 -16.70 22.28
N VAL F 403 -16.89 -17.24 23.49
CA VAL F 403 -16.84 -18.67 23.67
C VAL F 403 -18.19 -19.21 23.22
N LYS F 404 -18.17 -20.24 22.39
CA LYS F 404 -19.41 -20.85 21.93
C LYS F 404 -19.56 -22.19 22.64
N LEU F 405 -20.33 -22.19 23.72
CA LEU F 405 -20.56 -23.40 24.51
C LEU F 405 -21.45 -24.40 23.78
N THR F 406 -21.17 -25.68 24.00
CA THR F 406 -21.94 -26.77 23.40
C THR F 406 -23.20 -26.99 24.22
N LYS F 407 -24.25 -27.46 23.57
CA LYS F 407 -25.51 -27.71 24.25
C LYS F 407 -25.82 -29.20 24.25
N LEU F 408 -26.14 -29.73 25.42
CA LEU F 408 -26.45 -31.16 25.55
C LEU F 408 -27.78 -31.51 24.92
N THR F 409 -27.79 -32.55 24.08
CA THR F 409 -29.03 -33.01 23.42
C THR F 409 -29.78 -33.92 24.37
N GLU F 410 -31.00 -34.29 24.02
CA GLU F 410 -31.80 -35.15 24.88
C GLU F 410 -31.09 -36.46 25.20
N LYS F 411 -30.52 -37.10 24.20
CA LYS F 411 -29.83 -38.39 24.41
C LYS F 411 -28.66 -38.30 25.37
N GLN F 412 -27.84 -37.26 25.20
CA GLN F 412 -26.68 -37.08 26.06
C GLN F 412 -27.13 -36.65 27.44
N ALA F 413 -27.95 -35.61 27.50
CA ALA F 413 -28.46 -35.09 28.75
C ALA F 413 -28.91 -36.23 29.64
N GLN F 414 -29.62 -37.19 29.07
CA GLN F 414 -30.10 -38.34 29.82
C GLN F 414 -28.93 -39.25 30.15
N TYR F 415 -28.09 -39.49 29.14
CA TYR F 415 -26.91 -40.34 29.28
C TYR F 415 -26.10 -39.96 30.51
N LEU F 416 -25.81 -38.67 30.63
CA LEU F 416 -25.05 -38.14 31.74
C LEU F 416 -25.90 -38.08 33.01
N GLY F 417 -27.20 -37.89 32.84
CA GLY F 417 -28.09 -37.80 33.98
C GLY F 417 -28.06 -36.42 34.60
N MET F 418 -27.63 -35.44 33.81
CA MET F 418 -27.57 -34.06 34.28
C MET F 418 -28.45 -33.23 33.36
N PRO F 419 -29.10 -32.19 33.90
CA PRO F 419 -29.97 -31.36 33.05
C PRO F 419 -29.19 -30.70 31.92
N ILE F 420 -29.81 -30.57 30.76
CA ILE F 420 -29.17 -29.95 29.61
C ILE F 420 -28.62 -28.56 30.00
N ASN F 421 -29.30 -27.93 30.96
CA ASN F 421 -28.92 -26.62 31.46
C ASN F 421 -28.43 -26.76 32.90
N GLY F 422 -29.15 -27.56 33.68
CA GLY F 422 -28.79 -27.75 35.08
C GLY F 422 -27.31 -27.96 35.32
N PRO F 423 -26.86 -27.86 36.58
CA PRO F 423 -25.44 -28.05 36.92
C PRO F 423 -24.84 -29.30 36.27
N PHE F 424 -23.63 -29.14 35.75
CA PHE F 424 -22.94 -30.24 35.08
C PHE F 424 -21.91 -30.98 35.95
N LYS F 425 -21.68 -30.48 37.16
CA LYS F 425 -20.71 -31.08 38.05
C LYS F 425 -21.22 -31.23 39.48
N PRO F 426 -20.75 -32.27 40.19
CA PRO F 426 -21.16 -32.51 41.57
C PRO F 426 -20.43 -31.55 42.50
N ASP F 427 -20.98 -31.33 43.69
CA ASP F 427 -20.40 -30.42 44.65
C ASP F 427 -18.94 -30.74 44.96
N HIS F 428 -18.59 -32.02 45.05
CA HIS F 428 -17.23 -32.39 45.36
C HIS F 428 -16.23 -32.12 44.22
N TYR F 429 -16.73 -31.61 43.09
CA TYR F 429 -15.88 -31.30 41.95
C TYR F 429 -14.87 -30.15 42.16
N ARG F 430 -13.60 -30.45 41.96
CA ARG F 430 -12.53 -29.48 42.15
C ARG F 430 -12.14 -28.73 40.89
N TYR F 431 -13.02 -28.74 39.90
CA TYR F 431 -12.78 -28.06 38.62
C TYR F 431 -11.29 -27.99 38.31
N ASP G 2 27.11 -53.99 -8.05
CA ASP G 2 27.73 -54.52 -6.79
C ASP G 2 27.29 -55.96 -6.55
N LYS G 3 27.08 -56.30 -5.29
CA LYS G 3 26.64 -57.62 -4.89
C LYS G 3 25.11 -57.64 -4.88
N LEU G 4 24.56 -58.42 -3.96
CA LEU G 4 23.12 -58.58 -3.74
C LEU G 4 22.26 -57.36 -4.13
N PRO G 5 20.99 -57.60 -4.49
CA PRO G 5 20.06 -56.53 -4.88
C PRO G 5 19.84 -55.61 -3.71
N TYR G 6 20.04 -56.17 -2.53
CA TYR G 6 19.89 -55.45 -1.28
C TYR G 6 20.00 -56.47 -0.18
N LYS G 7 19.87 -56.02 1.05
CA LYS G 7 19.89 -56.89 2.20
C LYS G 7 19.31 -56.09 3.36
N VAL G 8 18.35 -56.70 4.05
CA VAL G 8 17.67 -56.07 5.18
C VAL G 8 17.32 -57.18 6.17
N ALA G 9 16.61 -56.84 7.23
CA ALA G 9 16.24 -57.85 8.22
C ALA G 9 15.07 -58.71 7.80
N ASP G 10 14.03 -58.07 7.26
CA ASP G 10 12.83 -58.78 6.88
C ASP G 10 12.09 -58.15 5.70
N ILE G 11 12.04 -58.85 4.57
CA ILE G 11 11.32 -58.31 3.43
C ILE G 11 9.83 -58.50 3.65
N GLY G 12 9.49 -59.37 4.61
CA GLY G 12 8.10 -59.63 4.91
C GLY G 12 7.49 -58.37 5.52
N LEU G 13 8.34 -57.39 5.79
CA LEU G 13 7.93 -56.12 6.38
C LEU G 13 7.60 -55.06 5.33
N ALA G 14 7.78 -55.39 4.05
CA ALA G 14 7.52 -54.47 2.96
C ALA G 14 6.07 -53.97 2.87
N ALA G 15 5.13 -54.87 3.09
CA ALA G 15 3.69 -54.57 3.01
C ALA G 15 3.23 -53.47 3.97
N TRP G 16 3.75 -53.53 5.19
CA TRP G 16 3.43 -52.57 6.24
C TRP G 16 4.14 -51.26 5.92
N GLY G 17 5.46 -51.36 5.79
CA GLY G 17 6.26 -50.19 5.47
C GLY G 17 5.68 -49.38 4.34
N ARG G 18 5.11 -50.04 3.34
CA ARG G 18 4.54 -49.31 2.20
C ARG G 18 3.36 -48.51 2.72
N LYS G 19 2.61 -49.11 3.64
CA LYS G 19 1.48 -48.42 4.23
C LYS G 19 2.09 -47.28 5.04
N ALA G 20 3.18 -47.59 5.74
CA ALA G 20 3.89 -46.61 6.56
C ALA G 20 4.36 -45.47 5.68
N LEU G 21 4.80 -45.79 4.47
CA LEU G 21 5.27 -44.78 3.55
C LEU G 21 4.08 -43.96 3.06
N ASP G 22 2.99 -44.64 2.71
CA ASP G 22 1.78 -44.00 2.22
C ASP G 22 1.32 -42.84 3.11
N ILE G 23 1.21 -43.11 4.41
CA ILE G 23 0.79 -42.10 5.37
C ILE G 23 1.87 -41.03 5.47
N ALA G 24 3.11 -41.47 5.40
CA ALA G 24 4.25 -40.57 5.48
C ALA G 24 4.24 -39.55 4.34
N GLU G 25 4.16 -40.06 3.12
CA GLU G 25 4.17 -39.21 1.95
C GLU G 25 3.16 -38.08 2.04
N ASN G 26 2.02 -38.36 2.68
CA ASN G 26 0.96 -37.37 2.84
C ASN G 26 1.28 -36.34 3.90
N GLU G 27 2.36 -36.56 4.64
CA GLU G 27 2.76 -35.65 5.70
C GLU G 27 4.05 -34.94 5.35
N MET G 28 4.48 -35.04 4.10
CA MET G 28 5.70 -34.38 3.70
C MET G 28 5.51 -33.65 2.37
N PRO G 29 4.73 -32.57 2.38
CA PRO G 29 4.46 -31.77 1.17
C PRO G 29 5.69 -31.34 0.37
N GLY G 30 6.78 -31.02 1.08
CA GLY G 30 8.00 -30.61 0.40
C GLY G 30 8.48 -31.67 -0.58
N LEU G 31 8.68 -32.89 -0.08
CA LEU G 31 9.12 -33.99 -0.92
C LEU G 31 8.08 -34.29 -1.98
N MET G 32 6.81 -34.30 -1.59
CA MET G 32 5.74 -34.57 -2.52
C MET G 32 5.67 -33.45 -3.55
N ARG G 33 6.12 -32.27 -3.16
CA ARG G 33 6.10 -31.13 -4.07
C ARG G 33 7.18 -31.24 -5.14
N MET G 34 8.41 -31.49 -4.69
CA MET G 34 9.56 -31.62 -5.57
C MET G 34 9.25 -32.67 -6.63
N ARG G 35 8.42 -33.63 -6.26
CA ARG G 35 8.04 -34.70 -7.15
C ARG G 35 7.11 -34.20 -8.26
N GLU G 36 6.13 -33.39 -7.91
CA GLU G 36 5.19 -32.89 -8.91
C GLU G 36 5.82 -32.06 -10.01
N MET G 37 6.63 -31.07 -9.62
CA MET G 37 7.27 -30.19 -10.57
C MET G 37 8.55 -30.72 -11.20
N TYR G 38 9.11 -31.79 -10.63
CA TYR G 38 10.36 -32.36 -11.17
C TYR G 38 10.26 -33.82 -11.61
N SER G 39 9.06 -34.37 -11.57
CA SER G 39 8.84 -35.75 -11.97
C SER G 39 9.22 -35.96 -13.43
N ALA G 40 8.74 -35.05 -14.27
CA ALA G 40 9.01 -35.12 -15.70
C ALA G 40 10.38 -34.58 -16.06
N SER G 41 10.64 -33.33 -15.68
CA SER G 41 11.91 -32.68 -15.99
C SER G 41 13.10 -33.59 -15.66
N LYS G 42 12.97 -34.36 -14.58
CA LYS G 42 14.02 -35.29 -14.14
C LYS G 42 15.40 -34.63 -14.02
N PRO G 43 15.47 -33.49 -13.32
CA PRO G 43 16.74 -32.78 -13.13
C PRO G 43 17.83 -33.64 -12.53
N LEU G 44 17.49 -34.87 -12.15
CA LEU G 44 18.45 -35.79 -11.54
C LEU G 44 18.92 -36.92 -12.46
N LYS G 45 18.32 -37.02 -13.64
CA LYS G 45 18.67 -38.06 -14.58
C LYS G 45 20.19 -38.20 -14.70
N GLY G 46 20.67 -39.44 -14.67
CA GLY G 46 22.09 -39.71 -14.78
C GLY G 46 22.86 -39.56 -13.47
N ALA G 47 22.13 -39.29 -12.40
CA ALA G 47 22.76 -39.14 -11.08
C ALA G 47 22.77 -40.47 -10.35
N ARG G 48 23.91 -40.81 -9.76
CA ARG G 48 24.03 -42.07 -9.02
C ARG G 48 24.40 -41.76 -7.59
N ILE G 49 23.37 -41.46 -6.80
CA ILE G 49 23.49 -41.07 -5.40
C ILE G 49 23.62 -42.22 -4.40
N ALA G 50 24.71 -42.18 -3.63
CA ALA G 50 24.96 -43.19 -2.60
C ALA G 50 24.65 -42.52 -1.27
N GLY G 51 23.45 -42.76 -0.75
CA GLY G 51 23.04 -42.13 0.50
C GLY G 51 23.27 -42.87 1.80
N CYS G 52 23.83 -42.15 2.77
CA CYS G 52 24.09 -42.70 4.09
C CYS G 52 23.34 -41.84 5.10
N LEU G 53 22.11 -42.25 5.39
CA LEU G 53 21.25 -41.54 6.33
C LEU G 53 20.39 -42.62 6.96
N HIS G 54 20.09 -42.48 8.24
CA HIS G 54 19.26 -43.44 8.96
C HIS G 54 18.18 -43.91 8.00
N MET G 55 17.86 -45.21 8.03
CA MET G 55 16.83 -45.75 7.12
C MET G 55 15.44 -45.78 7.77
N THR G 56 14.79 -44.62 7.78
CA THR G 56 13.48 -44.47 8.38
C THR G 56 12.40 -44.17 7.33
N VAL G 57 11.14 -44.26 7.74
CA VAL G 57 10.02 -44.03 6.84
C VAL G 57 10.11 -42.72 6.06
N GLU G 58 10.67 -41.69 6.69
CA GLU G 58 10.80 -40.39 6.02
C GLU G 58 11.88 -40.42 4.96
N THR G 59 13.05 -40.94 5.35
CA THR G 59 14.18 -41.04 4.43
C THR G 59 13.78 -41.83 3.19
N ALA G 60 12.89 -42.79 3.39
CA ALA G 60 12.42 -43.63 2.30
C ALA G 60 11.61 -42.82 1.31
N VAL G 61 10.81 -41.89 1.81
CA VAL G 61 10.01 -41.06 0.91
C VAL G 61 11.00 -40.17 0.17
N LEU G 62 12.15 -39.94 0.80
CA LEU G 62 13.21 -39.13 0.20
C LEU G 62 13.89 -39.94 -0.89
N ILE G 63 14.22 -41.19 -0.58
CA ILE G 63 14.85 -42.07 -1.55
C ILE G 63 13.94 -42.13 -2.78
N GLU G 64 12.64 -42.25 -2.54
CA GLU G 64 11.67 -42.32 -3.63
C GLU G 64 11.46 -40.98 -4.34
N THR G 65 11.91 -39.88 -3.72
CA THR G 65 11.79 -38.56 -4.32
C THR G 65 12.96 -38.38 -5.28
N LEU G 66 14.15 -38.67 -4.79
CA LEU G 66 15.36 -38.57 -5.60
C LEU G 66 15.18 -39.46 -6.82
N VAL G 67 14.58 -40.62 -6.58
CA VAL G 67 14.33 -41.62 -7.61
C VAL G 67 13.35 -41.13 -8.67
N ALA G 68 12.27 -40.50 -8.22
CA ALA G 68 11.24 -39.99 -9.12
C ALA G 68 11.80 -38.87 -10.01
N LEU G 69 12.82 -38.19 -9.51
CA LEU G 69 13.44 -37.10 -10.25
C LEU G 69 14.46 -37.62 -11.25
N GLY G 70 14.49 -38.94 -11.41
CA GLY G 70 15.40 -39.56 -12.36
C GLY G 70 16.76 -40.04 -11.86
N ALA G 71 17.05 -39.88 -10.58
CA ALA G 71 18.33 -40.32 -10.07
C ALA G 71 18.36 -41.81 -9.84
N GLU G 72 19.57 -42.38 -9.71
CA GLU G 72 19.75 -43.81 -9.43
C GLU G 72 20.28 -43.85 -8.01
N VAL G 73 19.60 -44.59 -7.13
CA VAL G 73 20.01 -44.64 -5.73
C VAL G 73 20.45 -45.99 -5.12
N ARG G 74 21.29 -45.88 -4.10
CA ARG G 74 21.80 -46.99 -3.31
C ARG G 74 21.93 -46.36 -1.92
N TRP G 75 21.20 -46.90 -0.96
CA TRP G 75 21.23 -46.35 0.39
C TRP G 75 21.73 -47.27 1.48
N SER G 76 21.99 -46.67 2.63
CA SER G 76 22.45 -47.38 3.82
C SER G 76 22.20 -46.42 4.98
N SER G 77 21.94 -46.94 6.16
CA SER G 77 21.66 -46.07 7.29
C SER G 77 22.96 -45.53 7.84
N CYS G 78 22.89 -44.34 8.42
CA CYS G 78 24.07 -43.72 9.01
C CYS G 78 24.04 -43.99 10.51
N ASN G 79 23.49 -45.14 10.88
CA ASN G 79 23.43 -45.55 12.28
C ASN G 79 23.06 -47.03 12.37
N ILE G 80 23.74 -47.75 13.25
CA ILE G 80 23.49 -49.18 13.42
C ILE G 80 22.21 -49.53 14.17
N PHE G 81 21.47 -48.54 14.65
CA PHE G 81 20.23 -48.79 15.39
C PHE G 81 19.08 -47.94 14.86
N SER G 82 19.41 -46.91 14.08
CA SER G 82 18.41 -45.98 13.54
C SER G 82 17.54 -46.56 12.43
N THR G 83 17.99 -47.66 11.83
CA THR G 83 17.25 -48.31 10.75
C THR G 83 15.88 -48.83 11.18
N GLN G 84 14.91 -48.72 10.27
CA GLN G 84 13.54 -49.17 10.49
C GLN G 84 13.24 -50.26 9.46
N ASP G 85 13.30 -51.52 9.91
CA ASP G 85 13.10 -52.70 9.07
C ASP G 85 11.93 -52.73 8.07
N HIS G 86 10.77 -52.20 8.46
CA HIS G 86 9.63 -52.21 7.55
C HIS G 86 9.80 -51.19 6.43
N ALA G 87 10.48 -50.08 6.73
CA ALA G 87 10.75 -49.05 5.72
C ALA G 87 11.80 -49.59 4.76
N ALA G 88 12.90 -50.10 5.32
CA ALA G 88 13.96 -50.68 4.49
C ALA G 88 13.39 -51.82 3.67
N ALA G 89 12.40 -52.50 4.24
CA ALA G 89 11.76 -53.63 3.57
C ALA G 89 10.98 -53.15 2.37
N ALA G 90 10.28 -52.04 2.53
CA ALA G 90 9.48 -51.48 1.46
C ALA G 90 10.35 -50.91 0.34
N ILE G 91 11.35 -50.11 0.70
CA ILE G 91 12.23 -49.50 -0.29
C ILE G 91 12.88 -50.56 -1.18
N ALA G 92 13.48 -51.58 -0.55
CA ALA G 92 14.14 -52.68 -1.25
C ALA G 92 13.13 -53.46 -2.09
N LYS G 93 11.97 -53.75 -1.49
CA LYS G 93 10.92 -54.49 -2.18
C LYS G 93 10.54 -53.74 -3.45
N ALA G 94 10.75 -52.43 -3.42
CA ALA G 94 10.41 -51.59 -4.57
C ALA G 94 11.46 -51.77 -5.65
N GLY G 95 12.63 -52.26 -5.25
CA GLY G 95 13.71 -52.47 -6.20
C GLY G 95 14.88 -51.55 -5.95
N ILE G 96 14.76 -50.72 -4.92
CA ILE G 96 15.82 -49.79 -4.58
C ILE G 96 16.87 -50.50 -3.73
N PRO G 97 18.04 -50.78 -4.33
CA PRO G 97 19.10 -51.48 -3.58
C PRO G 97 19.46 -50.73 -2.31
N VAL G 98 18.84 -51.16 -1.21
CA VAL G 98 19.07 -50.56 0.09
C VAL G 98 19.68 -51.65 0.98
N PHE G 99 20.71 -51.28 1.73
CA PHE G 99 21.38 -52.23 2.62
C PHE G 99 21.39 -51.69 4.06
N ALA G 100 20.24 -51.79 4.73
CA ALA G 100 20.12 -51.31 6.10
C ALA G 100 19.10 -52.11 6.91
N TRP G 101 19.46 -52.42 8.15
CA TRP G 101 18.61 -53.19 9.06
C TRP G 101 18.92 -52.77 10.49
N LYS G 102 17.90 -52.69 11.32
CA LYS G 102 18.10 -52.27 12.71
C LYS G 102 18.99 -53.23 13.48
N GLY G 103 19.95 -52.69 14.21
CA GLY G 103 20.85 -53.51 15.00
C GLY G 103 21.94 -54.25 14.23
N GLU G 104 22.71 -53.52 13.41
CA GLU G 104 23.80 -54.14 12.66
C GLU G 104 25.08 -54.01 13.47
N THR G 105 26.15 -54.66 13.01
CA THR G 105 27.39 -54.60 13.74
C THR G 105 28.34 -53.58 13.11
N ASP G 106 29.25 -53.05 13.91
CA ASP G 106 30.20 -52.07 13.43
C ASP G 106 30.77 -52.58 12.11
N GLU G 107 30.97 -53.90 12.03
CA GLU G 107 31.51 -54.52 10.84
C GLU G 107 30.43 -54.56 9.75
N GLU G 108 29.20 -54.85 10.18
CA GLU G 108 28.06 -54.90 9.27
C GLU G 108 27.72 -53.50 8.78
N TYR G 109 28.04 -52.50 9.60
CA TYR G 109 27.77 -51.11 9.27
C TYR G 109 28.61 -50.62 8.08
N LEU G 110 29.90 -50.94 8.07
CA LEU G 110 30.79 -50.54 6.98
C LEU G 110 30.47 -51.33 5.72
N TRP G 111 30.28 -52.63 5.87
CA TRP G 111 29.96 -53.50 4.75
C TRP G 111 28.79 -52.92 3.96
N CYS G 112 27.79 -52.42 4.69
CA CYS G 112 26.61 -51.81 4.08
C CYS G 112 26.97 -50.54 3.32
N ILE G 113 27.83 -49.72 3.91
CA ILE G 113 28.25 -48.49 3.28
C ILE G 113 28.96 -48.80 1.96
N GLU G 114 29.94 -49.70 2.00
CA GLU G 114 30.69 -50.07 0.81
C GLU G 114 29.81 -50.74 -0.25
N GLN G 115 28.59 -51.11 0.13
CA GLN G 115 27.68 -51.78 -0.79
C GLN G 115 26.93 -50.81 -1.70
N THR G 116 27.10 -49.51 -1.46
CA THR G 116 26.42 -48.50 -2.28
C THR G 116 27.35 -47.75 -3.22
N LEU G 117 28.66 -47.96 -3.08
CA LEU G 117 29.61 -47.27 -3.92
C LEU G 117 29.46 -47.58 -5.41
N HIS G 118 29.11 -48.81 -5.75
CA HIS G 118 28.98 -49.16 -7.16
C HIS G 118 27.59 -49.44 -7.71
N PHE G 119 27.28 -48.76 -8.81
CA PHE G 119 25.99 -48.89 -9.49
C PHE G 119 26.25 -49.58 -10.83
N LYS G 120 25.18 -50.07 -11.45
CA LYS G 120 25.27 -50.77 -12.73
C LYS G 120 26.02 -50.00 -13.83
N ASP G 121 25.71 -48.72 -13.96
CA ASP G 121 26.35 -47.89 -14.99
C ASP G 121 27.60 -47.14 -14.49
N GLY G 122 28.19 -47.61 -13.41
CA GLY G 122 29.39 -46.96 -12.89
C GLY G 122 29.36 -46.63 -11.41
N PRO G 123 30.48 -46.12 -10.88
CA PRO G 123 30.56 -45.76 -9.46
C PRO G 123 29.70 -44.54 -9.09
N LEU G 124 29.60 -44.27 -7.80
CA LEU G 124 28.82 -43.14 -7.31
C LEU G 124 29.38 -41.79 -7.73
N ASN G 125 28.49 -40.92 -8.22
CA ASN G 125 28.85 -39.59 -8.68
C ASN G 125 28.19 -38.53 -7.80
N MET G 126 27.55 -38.98 -6.74
CA MET G 126 26.86 -38.08 -5.82
C MET G 126 26.83 -38.73 -4.45
N ILE G 127 26.92 -37.93 -3.39
CA ILE G 127 26.91 -38.44 -2.04
C ILE G 127 25.87 -37.70 -1.20
N LEU G 128 25.02 -38.45 -0.53
CA LEU G 128 24.00 -37.88 0.34
C LEU G 128 24.38 -38.46 1.69
N ASP G 129 25.12 -37.69 2.48
CA ASP G 129 25.56 -38.18 3.77
C ASP G 129 24.81 -37.59 4.96
N ASP G 130 24.95 -38.26 6.11
CA ASP G 130 24.37 -37.84 7.37
C ASP G 130 25.38 -38.30 8.41
N GLY G 131 26.23 -37.37 8.85
CA GLY G 131 27.24 -37.70 9.84
C GLY G 131 28.65 -37.61 9.28
N GLY G 132 28.76 -37.68 7.96
CA GLY G 132 30.05 -37.60 7.30
C GLY G 132 30.77 -38.94 7.17
N ASP G 133 30.02 -40.04 7.34
CA ASP G 133 30.59 -41.38 7.25
C ASP G 133 30.96 -41.89 5.88
N LEU G 134 30.10 -41.67 4.90
CA LEU G 134 30.37 -42.11 3.53
C LEU G 134 31.46 -41.23 2.92
N THR G 135 31.26 -39.92 2.97
CA THR G 135 32.20 -38.96 2.41
C THR G 135 33.59 -39.17 2.96
N ASN G 136 33.69 -39.75 4.15
CA ASN G 136 34.99 -39.99 4.75
C ASN G 136 35.58 -41.31 4.28
N LEU G 137 34.71 -42.31 4.13
CA LEU G 137 35.14 -43.63 3.68
C LEU G 137 35.84 -43.51 2.34
N ILE G 138 35.16 -42.89 1.38
CA ILE G 138 35.71 -42.69 0.04
C ILE G 138 36.99 -41.88 0.11
N HIS G 139 36.93 -40.77 0.86
CA HIS G 139 38.07 -39.88 1.02
C HIS G 139 39.31 -40.62 1.52
N THR G 140 39.10 -41.51 2.49
CA THR G 140 40.22 -42.24 3.08
C THR G 140 40.47 -43.64 2.50
N LYS G 141 39.47 -44.24 1.88
CA LYS G 141 39.65 -45.57 1.34
C LYS G 141 39.36 -45.64 -0.16
N HIS G 142 38.62 -44.67 -0.66
CA HIS G 142 38.31 -44.66 -2.08
C HIS G 142 38.66 -43.36 -2.78
N PRO G 143 39.86 -42.81 -2.52
CA PRO G 143 40.29 -41.56 -3.15
C PRO G 143 40.05 -41.54 -4.65
N GLN G 144 40.25 -42.68 -5.28
CA GLN G 144 40.08 -42.82 -6.72
C GLN G 144 38.67 -42.43 -7.18
N LEU G 145 37.67 -42.68 -6.34
CA LEU G 145 36.31 -42.37 -6.69
C LEU G 145 36.01 -40.87 -6.63
N LEU G 146 36.73 -40.17 -5.76
CA LEU G 146 36.59 -38.73 -5.54
C LEU G 146 36.37 -37.92 -6.80
N SER G 147 37.37 -37.93 -7.68
CA SER G 147 37.34 -37.18 -8.92
C SER G 147 36.05 -37.32 -9.73
N GLY G 148 35.28 -38.37 -9.48
CA GLY G 148 34.05 -38.57 -10.22
C GLY G 148 32.76 -38.22 -9.48
N ILE G 149 32.87 -38.04 -8.17
CA ILE G 149 31.71 -37.68 -7.36
C ILE G 149 31.43 -36.20 -7.60
N ARG G 150 30.29 -35.90 -8.22
CA ARG G 150 29.91 -34.52 -8.52
C ARG G 150 29.74 -33.64 -7.28
N GLY G 151 29.60 -34.25 -6.11
CA GLY G 151 29.45 -33.46 -4.91
C GLY G 151 28.79 -34.17 -3.75
N ILE G 152 29.01 -33.63 -2.55
CA ILE G 152 28.46 -34.15 -1.31
C ILE G 152 27.25 -33.31 -0.86
N SER G 153 26.42 -33.90 -0.01
CA SER G 153 25.22 -33.25 0.54
C SER G 153 25.16 -33.63 2.02
N GLU G 154 25.74 -32.80 2.89
CA GLU G 154 25.73 -33.10 4.33
C GLU G 154 24.51 -32.51 5.01
N GLU G 155 23.82 -33.36 5.75
CA GLU G 155 22.60 -32.93 6.39
C GLU G 155 22.61 -32.72 7.90
N THR G 156 23.56 -33.30 8.61
CA THR G 156 23.58 -33.13 10.05
C THR G 156 24.68 -32.18 10.48
N THR G 157 24.52 -31.61 11.68
CA THR G 157 25.49 -30.68 12.21
C THR G 157 26.88 -31.29 12.30
N THR G 158 27.08 -32.15 13.30
CA THR G 158 28.36 -32.81 13.51
C THR G 158 29.02 -33.21 12.20
N GLY G 159 28.22 -33.62 11.23
CA GLY G 159 28.79 -34.01 9.95
C GLY G 159 29.34 -32.81 9.20
N VAL G 160 28.58 -31.71 9.22
CA VAL G 160 28.96 -30.48 8.57
C VAL G 160 30.20 -29.90 9.26
N HIS G 161 30.36 -30.26 10.52
CA HIS G 161 31.48 -29.78 11.32
C HIS G 161 32.84 -30.29 10.81
N ASN G 162 32.91 -31.59 10.53
CA ASN G 162 34.15 -32.18 10.02
C ASN G 162 34.33 -31.78 8.56
N LEU G 163 33.21 -31.55 7.87
CA LEU G 163 33.28 -31.16 6.48
C LEU G 163 34.15 -29.92 6.40
N TYR G 164 33.90 -28.99 7.33
CA TYR G 164 34.67 -27.75 7.40
C TYR G 164 36.09 -28.07 7.86
N LYS G 165 36.21 -28.98 8.82
CA LYS G 165 37.51 -29.40 9.34
C LYS G 165 38.39 -29.88 8.18
N MET G 166 37.75 -30.50 7.20
CA MET G 166 38.45 -31.00 6.03
C MET G 166 39.02 -29.84 5.22
N MET G 167 38.12 -29.02 4.68
CA MET G 167 38.50 -27.88 3.84
C MET G 167 39.58 -27.01 4.48
N ALA G 168 39.51 -26.88 5.80
CA ALA G 168 40.47 -26.09 6.55
C ALA G 168 41.85 -26.70 6.46
N ASN G 169 41.90 -28.01 6.25
CA ASN G 169 43.17 -28.73 6.16
C ASN G 169 43.53 -29.06 4.72
N GLY G 170 42.77 -28.56 3.76
CA GLY G 170 43.07 -28.87 2.38
C GLY G 170 42.88 -30.36 2.13
N ILE G 171 41.85 -30.93 2.78
CA ILE G 171 41.52 -32.34 2.66
C ILE G 171 40.27 -32.59 1.82
N LEU G 172 39.21 -31.85 2.09
CA LEU G 172 37.96 -31.99 1.34
C LEU G 172 38.34 -32.04 -0.13
N LYS G 173 37.76 -32.98 -0.87
CA LYS G 173 38.08 -33.13 -2.29
C LYS G 173 36.91 -32.96 -3.24
N VAL G 174 35.71 -32.80 -2.69
CA VAL G 174 34.52 -32.63 -3.52
C VAL G 174 33.57 -31.56 -2.96
N PRO G 175 32.94 -30.78 -3.85
CA PRO G 175 32.04 -29.72 -3.42
C PRO G 175 30.87 -30.28 -2.62
N ALA G 176 30.80 -29.90 -1.35
CA ALA G 176 29.73 -30.37 -0.48
C ALA G 176 28.82 -29.19 -0.15
N ILE G 177 27.59 -29.49 0.23
CA ILE G 177 26.65 -28.44 0.58
C ILE G 177 26.22 -28.65 2.00
N ASN G 178 26.10 -27.54 2.71
CA ASN G 178 25.72 -27.55 4.11
C ASN G 178 24.20 -27.41 4.25
N VAL G 179 23.50 -28.54 4.26
CA VAL G 179 22.05 -28.52 4.37
C VAL G 179 21.60 -28.32 5.82
N ASN G 180 22.31 -28.93 6.75
CA ASN G 180 22.00 -28.83 8.18
C ASN G 180 21.82 -27.38 8.60
N ASP G 181 22.59 -26.50 7.97
CA ASP G 181 22.55 -25.09 8.32
C ASP G 181 21.59 -24.23 7.51
N SER G 182 20.48 -24.81 7.08
CA SER G 182 19.48 -24.04 6.37
C SER G 182 18.57 -23.57 7.49
N VAL G 183 17.96 -22.41 7.32
CA VAL G 183 17.05 -21.92 8.35
C VAL G 183 15.96 -22.97 8.51
N THR G 184 15.51 -23.52 7.40
CA THR G 184 14.47 -24.55 7.42
C THR G 184 14.98 -25.91 7.88
N LYS G 185 16.28 -26.00 8.16
CA LYS G 185 16.86 -27.25 8.63
C LYS G 185 17.06 -27.27 10.15
N SER G 186 18.10 -26.59 10.62
CA SER G 186 18.43 -26.55 12.04
C SER G 186 17.40 -25.89 12.94
N LYS G 187 16.89 -24.74 12.52
CA LYS G 187 15.90 -24.00 13.32
C LYS G 187 14.55 -24.73 13.40
N PHE G 188 14.34 -25.69 12.51
CA PHE G 188 13.10 -26.45 12.50
C PHE G 188 13.29 -27.93 12.86
N ASP G 189 14.20 -28.59 12.14
CA ASP G 189 14.50 -30.02 12.33
C ASP G 189 15.09 -30.32 13.70
N ASN G 190 16.34 -29.93 13.88
CA ASN G 190 17.04 -30.16 15.13
C ASN G 190 16.25 -29.61 16.32
N LEU G 191 15.49 -28.54 16.09
CA LEU G 191 14.74 -27.91 17.16
C LEU G 191 13.40 -28.55 17.50
N TYR G 192 12.48 -28.57 16.54
CA TYR G 192 11.17 -29.14 16.77
C TYR G 192 11.14 -30.66 16.70
N GLY G 193 11.97 -31.22 15.82
CA GLY G 193 12.03 -32.66 15.66
C GLY G 193 12.32 -33.35 16.97
N CYS G 194 13.42 -32.95 17.61
CA CYS G 194 13.83 -33.52 18.88
C CYS G 194 12.81 -33.23 19.99
N ARG G 195 12.17 -32.07 19.90
CA ARG G 195 11.18 -31.67 20.88
C ARG G 195 10.10 -32.75 20.99
N GLU G 196 9.68 -33.28 19.85
CA GLU G 196 8.67 -34.34 19.83
C GLU G 196 9.27 -35.75 19.87
N SER G 197 10.42 -35.92 19.24
CA SER G 197 11.09 -37.23 19.20
C SER G 197 11.96 -37.60 20.41
N LEU G 198 12.45 -36.64 21.17
CA LEU G 198 13.29 -37.00 22.30
C LEU G 198 12.51 -37.82 23.32
N ILE G 199 11.47 -37.21 23.88
CA ILE G 199 10.63 -37.86 24.89
C ILE G 199 10.15 -39.23 24.40
N ASP G 200 9.98 -39.34 23.08
CA ASP G 200 9.54 -40.59 22.46
C ASP G 200 10.50 -41.74 22.78
N GLY G 201 11.76 -41.56 22.38
CA GLY G 201 12.76 -42.58 22.62
C GLY G 201 12.92 -42.93 24.08
N ILE G 202 12.98 -41.90 24.92
CA ILE G 202 13.12 -42.12 26.36
C ILE G 202 11.93 -42.92 26.87
N LYS G 203 10.73 -42.40 26.61
CA LYS G 203 9.50 -43.04 27.05
C LYS G 203 9.34 -44.47 26.53
N ARG G 204 9.45 -44.66 25.22
CA ARG G 204 9.31 -46.00 24.68
C ARG G 204 10.29 -46.99 25.30
N ALA G 205 11.45 -46.48 25.74
CA ALA G 205 12.45 -47.34 26.35
C ALA G 205 12.19 -47.59 27.82
N THR G 206 12.07 -46.52 28.59
CA THR G 206 11.85 -46.62 30.03
C THR G 206 10.41 -46.48 30.45
N ASP G 207 9.63 -45.78 29.64
CA ASP G 207 8.23 -45.59 29.95
C ASP G 207 8.12 -44.81 31.27
N VAL G 208 9.17 -44.05 31.56
CA VAL G 208 9.24 -43.25 32.78
C VAL G 208 8.41 -41.98 32.68
N MET G 209 7.84 -41.57 33.81
CA MET G 209 7.03 -40.35 33.89
C MET G 209 8.02 -39.19 33.88
N ILE G 210 7.83 -38.23 33.00
CA ILE G 210 8.76 -37.11 32.94
C ILE G 210 8.45 -36.14 34.07
N ALA G 211 7.16 -35.84 34.25
CA ALA G 211 6.69 -34.92 35.28
C ALA G 211 7.30 -35.16 36.65
N GLY G 212 7.57 -34.06 37.35
CA GLY G 212 8.13 -34.15 38.69
C GLY G 212 9.56 -34.62 38.80
N LYS G 213 10.25 -34.71 37.66
CA LYS G 213 11.64 -35.15 37.63
C LYS G 213 12.59 -34.01 37.23
N VAL G 214 13.89 -34.19 37.52
CA VAL G 214 14.91 -33.21 37.15
C VAL G 214 15.70 -33.77 35.97
N ALA G 215 15.43 -33.27 34.77
CA ALA G 215 16.12 -33.75 33.59
C ALA G 215 17.32 -32.87 33.29
N VAL G 216 18.50 -33.49 33.15
CA VAL G 216 19.72 -32.74 32.87
C VAL G 216 20.10 -32.83 31.39
N VAL G 217 20.25 -31.67 30.75
CA VAL G 217 20.60 -31.60 29.33
C VAL G 217 21.93 -30.91 29.08
N ALA G 218 22.87 -31.66 28.49
CA ALA G 218 24.19 -31.13 28.17
C ALA G 218 24.16 -30.36 26.86
N GLY G 219 24.56 -29.10 26.91
CA GLY G 219 24.57 -28.28 25.71
C GLY G 219 23.21 -27.68 25.38
N TYR G 220 23.22 -26.44 24.91
CA TYR G 220 21.99 -25.74 24.56
C TYR G 220 21.86 -25.36 23.09
N GLY G 221 22.34 -26.23 22.21
CA GLY G 221 22.24 -25.95 20.79
C GLY G 221 20.79 -26.02 20.38
N ASP G 222 20.52 -26.13 19.08
CA ASP G 222 19.14 -26.20 18.60
C ASP G 222 18.45 -27.44 19.15
N VAL G 223 19.18 -28.56 19.21
CA VAL G 223 18.58 -29.78 19.72
C VAL G 223 18.34 -29.65 21.20
N GLY G 224 19.40 -29.43 21.97
CA GLY G 224 19.24 -29.28 23.41
C GLY G 224 18.06 -28.39 23.74
N LYS G 225 17.79 -27.42 22.87
CA LYS G 225 16.67 -26.50 23.05
C LYS G 225 15.35 -27.25 22.94
N GLY G 226 15.29 -28.17 21.96
CA GLY G 226 14.10 -28.95 21.73
C GLY G 226 13.89 -29.96 22.84
N CYS G 227 14.98 -30.49 23.38
CA CYS G 227 14.90 -31.47 24.46
C CYS G 227 14.47 -30.82 25.77
N ALA G 228 15.17 -29.75 26.14
CA ALA G 228 14.87 -29.02 27.36
C ALA G 228 13.40 -28.61 27.35
N GLN G 229 12.97 -28.04 26.25
CA GLN G 229 11.58 -27.60 26.10
C GLN G 229 10.64 -28.79 26.33
N ALA G 230 10.90 -29.90 25.66
CA ALA G 230 10.08 -31.11 25.77
C ALA G 230 9.99 -31.56 27.22
N LEU G 231 11.14 -31.76 27.85
CA LEU G 231 11.17 -32.17 29.25
C LEU G 231 10.41 -31.14 30.09
N ARG G 232 10.79 -29.88 29.93
CA ARG G 232 10.16 -28.78 30.63
C ARG G 232 8.63 -28.87 30.51
N GLY G 233 8.17 -29.02 29.27
CA GLY G 233 6.75 -29.10 29.00
C GLY G 233 6.01 -30.28 29.61
N PHE G 234 6.77 -31.25 30.11
CA PHE G 234 6.17 -32.43 30.71
C PHE G 234 6.30 -32.44 32.22
N GLY G 235 6.67 -31.30 32.79
CA GLY G 235 6.80 -31.20 34.23
C GLY G 235 8.15 -31.58 34.77
N ALA G 236 9.17 -31.53 33.93
CA ALA G 236 10.51 -31.86 34.39
C ALA G 236 11.23 -30.57 34.71
N ARG G 237 12.18 -30.65 35.63
CA ARG G 237 12.97 -29.49 36.01
C ARG G 237 14.25 -29.61 35.21
N VAL G 238 14.29 -28.95 34.06
CA VAL G 238 15.44 -29.02 33.19
C VAL G 238 16.59 -28.12 33.64
N ILE G 239 17.75 -28.72 33.80
CA ILE G 239 18.95 -28.00 34.18
C ILE G 239 19.87 -28.16 32.98
N ILE G 240 20.49 -27.07 32.56
CA ILE G 240 21.35 -27.13 31.40
C ILE G 240 22.82 -26.82 31.70
N THR G 241 23.72 -27.49 30.99
CA THR G 241 25.16 -27.28 31.15
C THR G 241 25.69 -26.80 29.81
N GLU G 242 26.46 -25.71 29.82
CA GLU G 242 27.00 -25.14 28.58
C GLU G 242 28.42 -24.65 28.71
N ILE G 243 29.11 -24.51 27.58
CA ILE G 243 30.49 -24.02 27.56
C ILE G 243 30.55 -22.67 26.83
N ASP G 244 29.45 -22.33 26.16
CA ASP G 244 29.34 -21.08 25.41
C ASP G 244 28.59 -20.08 26.28
N PRO G 245 29.16 -18.88 26.48
CA PRO G 245 28.49 -17.87 27.32
C PRO G 245 27.17 -17.38 26.73
N ILE G 246 27.14 -17.25 25.41
CA ILE G 246 25.94 -16.78 24.72
C ILE G 246 24.78 -17.76 24.90
N ASN G 247 24.98 -19.03 24.54
CA ASN G 247 23.93 -20.05 24.66
C ASN G 247 23.52 -20.25 26.12
N ALA G 248 24.50 -20.13 27.02
CA ALA G 248 24.24 -20.29 28.45
C ALA G 248 23.36 -19.16 28.97
N LEU G 249 23.40 -18.03 28.27
CA LEU G 249 22.60 -16.88 28.65
C LEU G 249 21.17 -17.07 28.18
N GLN G 250 20.99 -17.61 26.98
CA GLN G 250 19.66 -17.86 26.44
C GLN G 250 18.98 -18.85 27.39
N ALA G 251 19.72 -19.85 27.80
CA ALA G 251 19.18 -20.85 28.72
C ALA G 251 18.77 -20.13 30.01
N ALA G 252 19.72 -19.42 30.61
CA ALA G 252 19.45 -18.68 31.84
C ALA G 252 18.28 -17.76 31.65
N MET G 253 18.24 -17.11 30.50
CA MET G 253 17.16 -16.18 30.18
C MET G 253 15.80 -16.86 30.06
N GLU G 254 15.78 -18.18 29.90
CA GLU G 254 14.54 -18.93 29.77
C GLU G 254 14.15 -19.62 31.07
N GLY G 255 14.83 -19.27 32.16
CA GLY G 255 14.52 -19.86 33.45
C GLY G 255 15.09 -21.25 33.66
N TYR G 256 16.22 -21.53 33.01
CA TYR G 256 16.87 -22.83 33.14
C TYR G 256 18.15 -22.63 33.94
N GLU G 257 18.35 -23.42 34.99
CA GLU G 257 19.57 -23.27 35.76
C GLU G 257 20.70 -23.89 34.95
N VAL G 258 21.76 -23.12 34.74
CA VAL G 258 22.90 -23.60 34.00
C VAL G 258 24.06 -23.78 34.98
N THR G 259 24.59 -24.99 35.03
CA THR G 259 25.70 -25.34 35.89
C THR G 259 26.55 -26.40 35.20
N THR G 260 27.53 -26.92 35.94
CA THR G 260 28.43 -27.93 35.42
C THR G 260 27.93 -29.32 35.79
N MET G 261 28.15 -30.29 34.90
CA MET G 261 27.70 -31.66 35.13
C MET G 261 28.31 -32.28 36.38
N ASP G 262 29.41 -31.70 36.87
CA ASP G 262 30.04 -32.23 38.07
C ASP G 262 29.12 -32.04 39.26
N GLU G 263 28.29 -31.01 39.18
CA GLU G 263 27.35 -30.71 40.25
C GLU G 263 25.97 -31.27 39.94
N ALA G 264 25.48 -31.00 38.72
CA ALA G 264 24.16 -31.48 38.34
C ALA G 264 24.04 -33.00 38.46
N CYS G 265 25.14 -33.70 38.16
CA CYS G 265 25.13 -35.17 38.23
C CYS G 265 24.52 -35.71 39.52
N LYS G 266 24.64 -34.96 40.62
CA LYS G 266 24.09 -35.44 41.87
C LYS G 266 22.60 -35.11 42.03
N GLU G 267 22.01 -34.39 41.08
CA GLU G 267 20.60 -34.03 41.21
C GLU G 267 19.60 -34.55 40.16
N GLY G 268 20.01 -34.61 38.90
CA GLY G 268 19.11 -35.08 37.87
C GLY G 268 18.75 -36.54 37.94
N ASN G 269 17.68 -36.91 37.23
CA ASN G 269 17.20 -38.29 37.15
C ASN G 269 17.21 -38.72 35.70
N ILE G 270 17.09 -37.73 34.81
CA ILE G 270 17.10 -37.98 33.37
C ILE G 270 18.24 -37.15 32.82
N PHE G 271 19.24 -37.81 32.21
CA PHE G 271 20.39 -37.11 31.65
C PHE G 271 20.40 -37.18 30.13
N VAL G 272 20.44 -36.02 29.49
CA VAL G 272 20.46 -35.99 28.03
C VAL G 272 21.64 -35.17 27.53
N THR G 273 22.48 -35.82 26.72
CA THR G 273 23.64 -35.16 26.15
C THR G 273 23.33 -34.82 24.69
N THR G 274 23.34 -33.53 24.37
CA THR G 274 23.05 -33.06 23.04
C THR G 274 24.26 -32.39 22.39
N THR G 275 25.40 -32.46 23.06
CA THR G 275 26.62 -31.88 22.53
C THR G 275 27.04 -32.85 21.44
N GLY G 276 28.14 -32.55 20.76
CA GLY G 276 28.64 -33.46 19.75
C GLY G 276 30.08 -33.74 20.14
N CYS G 277 30.36 -33.43 21.41
CA CYS G 277 31.70 -33.56 21.98
C CYS G 277 31.87 -34.77 22.90
N VAL G 278 33.12 -35.19 23.07
CA VAL G 278 33.48 -36.34 23.91
C VAL G 278 33.62 -36.01 25.38
N ASP G 279 33.37 -37.01 26.22
CA ASP G 279 33.48 -36.90 27.66
C ASP G 279 32.49 -35.99 28.38
N ILE G 280 31.21 -36.12 28.08
CA ILE G 280 30.20 -35.31 28.76
C ILE G 280 29.80 -36.00 30.07
N ILE G 281 29.41 -37.28 29.98
CA ILE G 281 29.04 -38.04 31.16
C ILE G 281 30.08 -39.14 31.44
N LEU G 282 30.91 -38.93 32.46
CA LEU G 282 31.95 -39.88 32.83
C LEU G 282 31.63 -40.63 34.14
N GLY G 283 32.56 -41.50 34.54
CA GLY G 283 32.40 -42.29 35.75
C GLY G 283 32.35 -41.50 37.05
N ARG G 284 32.95 -40.32 37.07
CA ARG G 284 32.94 -39.50 38.27
C ARG G 284 31.53 -38.98 38.48
N HIS G 285 30.79 -38.87 37.37
CA HIS G 285 29.39 -38.40 37.39
C HIS G 285 28.49 -39.59 37.66
N PHE G 286 28.82 -40.72 37.03
CA PHE G 286 28.03 -41.92 37.19
C PHE G 286 28.00 -42.37 38.63
N GLU G 287 29.18 -42.48 39.22
CA GLU G 287 29.25 -42.89 40.62
C GLU G 287 28.59 -41.83 41.49
N GLN G 288 28.01 -40.82 40.85
CA GLN G 288 27.37 -39.71 41.55
C GLN G 288 25.86 -39.57 41.36
N MET G 289 25.30 -40.28 40.38
CA MET G 289 23.86 -40.20 40.10
C MET G 289 22.92 -40.96 41.05
N LYS G 290 21.68 -40.48 41.14
CA LYS G 290 20.66 -41.08 41.98
C LYS G 290 20.32 -42.47 41.47
N ASP G 291 19.53 -43.21 42.25
CA ASP G 291 19.13 -44.56 41.87
C ASP G 291 18.26 -44.57 40.60
N ASP G 292 18.51 -45.55 39.74
CA ASP G 292 17.77 -45.71 38.50
C ASP G 292 17.80 -44.50 37.58
N ALA G 293 18.91 -43.78 37.61
CA ALA G 293 19.08 -42.60 36.79
C ALA G 293 19.11 -43.01 35.33
N ILE G 294 18.38 -42.28 34.50
CA ILE G 294 18.29 -42.54 33.07
C ILE G 294 19.31 -41.72 32.27
N VAL G 295 20.29 -42.40 31.70
CA VAL G 295 21.31 -41.72 30.91
C VAL G 295 21.20 -42.10 29.42
N CYS G 296 21.03 -41.10 28.55
CA CYS G 296 20.90 -41.33 27.11
C CYS G 296 21.50 -40.20 26.30
N ASN G 297 21.73 -40.43 25.01
CA ASN G 297 22.28 -39.38 24.16
C ASN G 297 21.52 -39.23 22.85
N ILE G 298 21.33 -37.99 22.43
CA ILE G 298 20.63 -37.73 21.18
C ILE G 298 21.62 -37.11 20.18
N GLY G 299 22.85 -36.85 20.65
CA GLY G 299 23.87 -36.29 19.78
C GLY G 299 24.22 -37.33 18.73
N HIS G 300 24.53 -36.89 17.51
CA HIS G 300 24.84 -37.79 16.40
C HIS G 300 25.77 -38.96 16.70
N PHE G 301 27.03 -38.69 16.94
CA PHE G 301 27.94 -39.78 17.24
C PHE G 301 27.95 -40.04 18.74
N ASP G 302 28.00 -41.31 19.12
CA ASP G 302 27.99 -41.69 20.54
C ASP G 302 29.39 -41.53 21.10
N VAL G 303 29.77 -40.29 21.39
CA VAL G 303 31.09 -39.98 21.93
C VAL G 303 31.00 -39.21 23.25
N GLU G 304 29.78 -38.82 23.62
CA GLU G 304 29.54 -38.07 24.83
C GLU G 304 29.48 -38.89 26.11
N ILE G 305 28.64 -39.92 26.15
CA ILE G 305 28.53 -40.74 27.36
C ILE G 305 29.52 -41.89 27.35
N ASP G 306 30.24 -42.06 28.46
CA ASP G 306 31.24 -43.11 28.56
C ASP G 306 30.64 -44.44 28.99
N VAL G 307 29.97 -45.12 28.05
CA VAL G 307 29.33 -46.39 28.35
C VAL G 307 30.30 -47.42 28.92
N LYS G 308 31.50 -47.48 28.34
CA LYS G 308 32.54 -48.40 28.75
C LYS G 308 32.76 -48.44 30.26
N TRP G 309 33.10 -47.30 30.85
CA TRP G 309 33.33 -47.22 32.29
C TRP G 309 32.22 -47.96 32.99
N LEU G 310 30.98 -47.71 32.54
CA LEU G 310 29.80 -48.33 33.09
C LEU G 310 29.96 -49.83 32.96
N ASN G 311 30.43 -50.26 31.80
CA ASN G 311 30.61 -51.67 31.53
C ASN G 311 31.87 -52.24 32.16
N GLU G 312 32.78 -51.38 32.60
CA GLU G 312 34.02 -51.85 33.20
C GLU G 312 34.01 -51.77 34.71
N ASN G 313 33.06 -51.03 35.26
CA ASN G 313 32.97 -50.85 36.72
C ASN G 313 31.63 -51.22 37.37
N ALA G 314 30.63 -51.58 36.57
CA ALA G 314 29.34 -51.94 37.14
C ALA G 314 29.43 -53.28 37.83
N VAL G 315 28.72 -53.42 38.95
CA VAL G 315 28.74 -54.67 39.69
C VAL G 315 27.95 -55.70 38.90
N GLU G 316 26.91 -55.24 38.23
CA GLU G 316 26.05 -56.13 37.48
C GLU G 316 25.40 -55.38 36.33
N LYS G 317 25.14 -56.09 35.24
CA LYS G 317 24.48 -55.49 34.09
C LYS G 317 23.35 -56.43 33.73
N VAL G 318 22.15 -55.88 33.62
CA VAL G 318 20.99 -56.67 33.26
C VAL G 318 20.25 -55.96 32.14
N ASN G 319 20.02 -56.68 31.05
CA ASN G 319 19.34 -56.10 29.91
C ASN G 319 17.86 -56.14 30.18
N ILE G 320 17.20 -54.99 30.04
CA ILE G 320 15.77 -54.92 30.24
C ILE G 320 15.08 -55.36 28.94
N LYS G 321 15.43 -54.71 27.84
CA LYS G 321 14.88 -55.04 26.53
C LYS G 321 15.79 -54.44 25.46
N PRO G 322 15.58 -54.80 24.18
CA PRO G 322 16.47 -54.22 23.17
C PRO G 322 16.72 -52.73 23.39
N GLN G 323 18.00 -52.36 23.39
CA GLN G 323 18.42 -50.97 23.57
C GLN G 323 18.13 -50.42 24.96
N VAL G 324 17.94 -51.30 25.94
CA VAL G 324 17.66 -50.86 27.30
C VAL G 324 18.37 -51.74 28.31
N ASP G 325 19.40 -51.20 28.96
CA ASP G 325 20.16 -51.97 29.94
C ASP G 325 20.24 -51.26 31.28
N ARG G 326 20.14 -52.04 32.35
CA ARG G 326 20.17 -51.53 33.71
C ARG G 326 21.43 -51.97 34.45
N TYR G 327 22.32 -51.02 34.73
CA TYR G 327 23.56 -51.29 35.42
C TYR G 327 23.35 -51.29 36.92
N LEU G 328 24.34 -51.77 37.64
CA LEU G 328 24.29 -51.80 39.10
C LEU G 328 25.69 -51.43 39.58
N LEU G 329 25.85 -50.19 40.02
CA LEU G 329 27.14 -49.73 40.47
C LEU G 329 27.43 -50.28 41.85
N LYS G 330 28.72 -50.33 42.20
CA LYS G 330 29.17 -50.84 43.48
C LYS G 330 28.58 -50.12 44.68
N ASN G 331 28.01 -48.93 44.46
CA ASN G 331 27.43 -48.20 45.59
C ASN G 331 25.98 -48.61 45.83
N GLY G 332 25.53 -49.62 45.08
CA GLY G 332 24.18 -50.12 45.24
C GLY G 332 23.15 -49.46 44.34
N HIS G 333 23.50 -48.31 43.79
CA HIS G 333 22.59 -47.56 42.93
C HIS G 333 22.47 -48.17 41.56
N ARG G 334 21.30 -47.96 40.96
CA ARG G 334 21.01 -48.46 39.62
C ARG G 334 21.08 -47.32 38.61
N ILE G 335 21.34 -47.68 37.36
CA ILE G 335 21.43 -46.69 36.30
C ILE G 335 20.72 -47.25 35.07
N ILE G 336 20.04 -46.37 34.35
CA ILE G 336 19.31 -46.76 33.15
C ILE G 336 19.96 -46.13 31.94
N LEU G 337 20.70 -46.94 31.19
CA LEU G 337 21.39 -46.51 29.98
C LEU G 337 20.53 -46.77 28.75
N LEU G 338 20.40 -45.79 27.87
CA LEU G 338 19.59 -45.98 26.68
C LEU G 338 20.37 -46.12 25.37
N ALA G 339 19.88 -46.99 24.49
CA ALA G 339 20.49 -47.24 23.19
C ALA G 339 22.00 -47.37 23.25
N GLU G 340 22.52 -47.75 24.42
CA GLU G 340 23.94 -47.91 24.60
C GLU G 340 24.72 -46.64 24.30
N GLY G 341 24.01 -45.52 24.15
CA GLY G 341 24.70 -44.27 23.86
C GLY G 341 24.38 -43.64 22.52
N ARG G 342 24.06 -44.46 21.54
CA ARG G 342 23.73 -43.94 20.20
C ARG G 342 22.45 -43.10 20.30
N LEU G 343 22.11 -42.36 19.23
CA LEU G 343 20.91 -41.52 19.24
C LEU G 343 19.77 -42.24 19.95
N VAL G 344 19.03 -41.51 20.79
CA VAL G 344 17.94 -42.13 21.52
C VAL G 344 16.60 -42.10 20.79
N ASN G 345 16.26 -40.95 20.24
CA ASN G 345 14.99 -40.80 19.53
C ASN G 345 14.90 -41.82 18.41
N LEU G 346 16.01 -42.07 17.73
CA LEU G 346 16.03 -43.03 16.63
C LEU G 346 16.31 -44.44 17.16
N GLY G 347 17.27 -44.53 18.09
CA GLY G 347 17.63 -45.81 18.65
C GLY G 347 16.54 -46.51 19.45
N CYS G 348 15.65 -45.73 20.08
CA CYS G 348 14.58 -46.30 20.89
C CYS G 348 13.18 -45.97 20.38
N ALA G 349 13.08 -45.04 19.45
CA ALA G 349 11.80 -44.64 18.88
C ALA G 349 11.90 -44.58 17.36
N MET G 350 10.99 -43.86 16.71
CA MET G 350 11.03 -43.78 15.25
C MET G 350 11.61 -42.49 14.64
N GLY G 351 12.31 -41.68 15.42
CA GLY G 351 12.88 -40.45 14.89
C GLY G 351 11.87 -39.33 14.67
N HIS G 352 12.35 -38.11 14.42
CA HIS G 352 11.46 -36.96 14.22
C HIS G 352 10.34 -37.32 13.25
N PRO G 353 9.14 -36.74 13.45
CA PRO G 353 8.01 -37.03 12.57
C PRO G 353 8.22 -36.58 11.13
N SER G 354 7.63 -37.33 10.21
CA SER G 354 7.75 -37.07 8.79
C SER G 354 7.49 -35.62 8.39
N PHE G 355 6.62 -34.92 9.10
CA PHE G 355 6.37 -33.54 8.73
C PHE G 355 7.63 -32.69 8.82
N VAL G 356 8.29 -32.69 9.98
CA VAL G 356 9.50 -31.89 10.13
C VAL G 356 10.64 -32.40 9.27
N MET G 357 10.53 -33.65 8.83
CA MET G 357 11.58 -34.23 7.99
C MET G 357 11.42 -33.78 6.55
N SER G 358 10.19 -33.50 6.13
CA SER G 358 9.97 -33.05 4.76
C SER G 358 10.76 -31.77 4.51
N ASN G 359 10.87 -30.95 5.56
CA ASN G 359 11.61 -29.69 5.46
C ASN G 359 13.05 -30.02 5.07
N SER G 360 13.73 -30.75 5.95
CA SER G 360 15.11 -31.15 5.73
C SER G 360 15.30 -31.88 4.41
N PHE G 361 14.56 -32.96 4.24
CA PHE G 361 14.68 -33.74 3.03
C PHE G 361 14.47 -32.90 1.79
N THR G 362 13.62 -31.88 1.88
CA THR G 362 13.40 -31.05 0.72
C THR G 362 14.66 -30.23 0.45
N ASN G 363 15.37 -29.87 1.51
CA ASN G 363 16.63 -29.11 1.39
C ASN G 363 17.68 -30.01 0.74
N GLN G 364 17.47 -31.32 0.83
CA GLN G 364 18.38 -32.29 0.25
C GLN G 364 18.07 -32.50 -1.23
N VAL G 365 16.78 -32.55 -1.56
CA VAL G 365 16.39 -32.72 -2.95
C VAL G 365 16.87 -31.50 -3.69
N MET G 366 16.90 -30.36 -2.99
CA MET G 366 17.35 -29.11 -3.56
C MET G 366 18.87 -29.05 -3.68
N ALA G 367 19.56 -29.59 -2.68
CA ALA G 367 21.01 -29.61 -2.72
C ALA G 367 21.46 -30.57 -3.83
N GLN G 368 20.82 -31.73 -3.89
CA GLN G 368 21.15 -32.73 -4.89
C GLN G 368 20.97 -32.20 -6.31
N ILE G 369 19.88 -31.49 -6.54
CA ILE G 369 19.64 -30.92 -7.85
C ILE G 369 20.67 -29.83 -8.15
N GLU G 370 21.06 -29.09 -7.11
CA GLU G 370 22.03 -28.02 -7.27
C GLU G 370 23.36 -28.56 -7.74
N LEU G 371 24.10 -29.19 -6.83
CA LEU G 371 25.41 -29.77 -7.16
C LEU G 371 25.36 -30.44 -8.53
N TRP G 372 24.31 -31.21 -8.76
CA TRP G 372 24.14 -31.91 -10.02
C TRP G 372 23.83 -30.95 -11.18
N THR G 373 22.67 -30.32 -11.13
CA THR G 373 22.23 -29.41 -12.19
C THR G 373 23.22 -28.34 -12.60
N HIS G 374 23.73 -27.58 -11.62
CA HIS G 374 24.67 -26.50 -11.86
C HIS G 374 26.00 -26.82 -11.17
N PRO G 375 26.78 -27.72 -11.78
CA PRO G 375 28.08 -28.12 -11.20
C PRO G 375 29.08 -26.99 -11.05
N ASP G 376 29.45 -26.39 -12.19
CA ASP G 376 30.44 -25.32 -12.20
C ASP G 376 30.05 -24.10 -11.34
N LYS G 377 28.96 -24.23 -10.59
CA LYS G 377 28.50 -23.15 -9.71
C LYS G 377 28.92 -23.37 -8.25
N TYR G 378 29.53 -24.52 -7.96
CA TYR G 378 29.98 -24.84 -6.60
C TYR G 378 31.43 -25.33 -6.55
N PRO G 379 32.40 -24.45 -6.22
CA PRO G 379 33.80 -24.88 -6.16
C PRO G 379 34.00 -25.77 -4.95
N VAL G 380 35.11 -26.49 -4.89
CA VAL G 380 35.35 -27.34 -3.74
C VAL G 380 35.24 -26.49 -2.49
N GLY G 381 34.44 -26.95 -1.54
CA GLY G 381 34.25 -26.21 -0.31
C GLY G 381 32.79 -26.33 0.03
N VAL G 382 32.45 -26.15 1.30
CA VAL G 382 31.07 -26.26 1.71
C VAL G 382 30.30 -24.97 1.48
N HIS G 383 29.09 -25.12 0.95
CA HIS G 383 28.22 -23.99 0.64
C HIS G 383 26.86 -24.11 1.31
N PHE G 384 26.04 -23.08 1.13
CA PHE G 384 24.70 -23.06 1.68
C PHE G 384 23.73 -22.82 0.53
N LEU G 385 22.45 -23.10 0.75
CA LEU G 385 21.43 -22.94 -0.29
C LEU G 385 20.86 -21.52 -0.35
N PRO G 386 20.67 -20.99 -1.57
CA PRO G 386 20.12 -19.64 -1.78
C PRO G 386 18.88 -19.34 -0.95
N LYS G 387 18.95 -18.28 -0.16
CA LYS G 387 17.83 -17.89 0.71
C LYS G 387 16.47 -18.07 0.05
N LYS G 388 16.37 -17.81 -1.25
CA LYS G 388 15.11 -17.97 -1.94
C LYS G 388 14.64 -19.42 -1.90
N LEU G 389 15.62 -20.34 -1.92
CA LEU G 389 15.33 -21.76 -1.89
C LEU G 389 14.87 -22.19 -0.48
N ASP G 390 15.59 -21.70 0.53
CA ASP G 390 15.24 -22.01 1.91
C ASP G 390 13.79 -21.62 2.04
N GLU G 391 13.47 -20.40 1.64
CA GLU G 391 12.11 -19.89 1.71
C GLU G 391 11.15 -20.83 0.99
N ALA G 392 11.61 -21.36 -0.14
CA ALA G 392 10.83 -22.29 -0.95
C ALA G 392 10.47 -23.48 -0.09
N VAL G 393 11.47 -23.94 0.66
CA VAL G 393 11.33 -25.08 1.56
C VAL G 393 10.25 -24.86 2.60
N ALA G 394 10.26 -23.70 3.23
CA ALA G 394 9.26 -23.38 4.25
C ALA G 394 7.88 -23.26 3.64
N GLU G 395 7.78 -22.42 2.63
CA GLU G 395 6.51 -22.15 1.93
C GLU G 395 5.75 -23.40 1.48
N ALA G 396 6.48 -24.47 1.19
CA ALA G 396 5.86 -25.71 0.74
C ALA G 396 4.97 -26.35 1.81
N HIS G 397 5.35 -26.12 3.07
CA HIS G 397 4.63 -26.70 4.20
C HIS G 397 3.58 -25.78 4.79
N LEU G 398 3.60 -24.52 4.40
CA LEU G 398 2.63 -23.54 4.90
C LEU G 398 1.20 -23.97 4.62
N GLY G 399 0.96 -24.40 3.38
CA GLY G 399 -0.37 -24.81 2.94
C GLY G 399 -1.06 -25.91 3.70
N LYS G 400 -0.34 -27.01 3.95
CA LYS G 400 -0.89 -28.15 4.68
C LYS G 400 -1.36 -27.73 6.07
N LEU G 401 -0.51 -27.01 6.79
CA LEU G 401 -0.87 -26.55 8.13
C LEU G 401 -1.96 -25.51 7.97
N ASN G 402 -2.27 -25.19 6.72
CA ASN G 402 -3.32 -24.22 6.39
C ASN G 402 -2.97 -22.80 6.77
N VAL G 403 -1.67 -22.53 6.82
CA VAL G 403 -1.20 -21.19 7.18
C VAL G 403 -1.49 -20.20 6.06
N LYS G 404 -1.98 -19.03 6.44
CA LYS G 404 -2.30 -17.99 5.48
C LYS G 404 -1.24 -16.90 5.56
N LEU G 405 -0.31 -16.90 4.62
CA LEU G 405 0.76 -15.92 4.56
C LEU G 405 0.22 -14.62 3.98
N THR G 406 0.77 -13.51 4.43
CA THR G 406 0.33 -12.21 3.94
C THR G 406 1.04 -11.92 2.63
N LYS G 407 0.50 -10.97 1.88
CA LYS G 407 1.08 -10.62 0.59
C LYS G 407 1.54 -9.17 0.58
N LEU G 408 2.85 -8.97 0.55
CA LEU G 408 3.40 -7.64 0.54
C LEU G 408 2.86 -6.88 -0.67
N THR G 409 2.42 -5.64 -0.46
CA THR G 409 1.87 -4.81 -1.52
C THR G 409 3.00 -4.04 -2.20
N GLU G 410 2.76 -3.50 -3.40
CA GLU G 410 3.82 -2.76 -4.06
C GLU G 410 4.35 -1.66 -3.17
N LYS G 411 3.45 -0.87 -2.61
CA LYS G 411 3.83 0.24 -1.74
C LYS G 411 4.66 -0.24 -0.56
N GLN G 412 4.28 -1.39 -0.01
CA GLN G 412 4.99 -1.97 1.12
C GLN G 412 6.32 -2.52 0.63
N ALA G 413 6.29 -3.32 -0.42
CA ALA G 413 7.50 -3.88 -0.99
C ALA G 413 8.44 -2.71 -1.32
N GLN G 414 7.82 -1.58 -1.64
CA GLN G 414 8.52 -0.33 -1.97
C GLN G 414 9.27 0.21 -0.76
N TYR G 415 8.51 0.52 0.28
CA TYR G 415 9.04 1.06 1.54
C TYR G 415 10.15 0.19 2.14
N LEU G 416 9.94 -1.12 2.21
CA LEU G 416 10.95 -2.02 2.77
C LEU G 416 12.19 -2.12 1.88
N GLY G 417 11.99 -2.00 0.58
CA GLY G 417 13.09 -2.09 -0.38
C GLY G 417 13.44 -3.53 -0.67
N MET G 418 12.43 -4.36 -0.89
CA MET G 418 12.64 -5.80 -1.19
C MET G 418 11.62 -6.37 -2.17
N PRO G 419 12.01 -7.39 -2.95
CA PRO G 419 11.10 -8.00 -3.93
C PRO G 419 9.92 -8.67 -3.25
N ILE G 420 8.72 -8.34 -3.69
CA ILE G 420 7.52 -8.89 -3.08
C ILE G 420 7.65 -10.38 -2.76
N ASN G 421 8.37 -11.10 -3.61
CA ASN G 421 8.58 -12.53 -3.41
C ASN G 421 10.06 -12.75 -3.09
N GLY G 422 10.89 -11.78 -3.44
CA GLY G 422 12.32 -11.88 -3.17
C GLY G 422 12.54 -12.02 -1.67
N PRO G 423 13.67 -12.63 -1.26
CA PRO G 423 14.02 -12.85 0.15
C PRO G 423 13.65 -11.69 1.06
N PHE G 424 13.00 -12.03 2.17
CA PHE G 424 12.53 -11.03 3.12
C PHE G 424 13.50 -10.70 4.24
N LYS G 425 14.69 -11.28 4.20
CA LYS G 425 15.70 -11.03 5.23
C LYS G 425 17.10 -11.13 4.67
N PRO G 426 18.05 -10.41 5.29
CA PRO G 426 19.47 -10.39 4.87
C PRO G 426 20.08 -11.78 5.07
N ASP G 427 21.34 -11.94 4.68
CA ASP G 427 22.01 -13.22 4.85
C ASP G 427 22.28 -13.48 6.32
N HIS G 428 22.78 -12.46 7.01
CA HIS G 428 23.13 -12.58 8.43
C HIS G 428 21.96 -12.85 9.38
N TYR G 429 20.74 -12.66 8.91
CA TYR G 429 19.55 -12.89 9.72
C TYR G 429 19.53 -14.26 10.41
N ARG G 430 19.20 -14.26 11.70
CA ARG G 430 19.14 -15.49 12.48
C ARG G 430 17.73 -15.99 12.79
N TYR G 431 16.75 -15.49 12.03
CA TYR G 431 15.34 -15.87 12.19
C TYR G 431 14.98 -16.09 13.66
N ASP H 2 27.45 25.63 21.13
CA ASP H 2 26.02 25.73 20.72
C ASP H 2 25.18 26.72 21.58
N LYS H 3 23.94 26.30 21.88
CA LYS H 3 22.99 27.09 22.64
C LYS H 3 22.98 26.75 24.14
N LEU H 4 21.82 26.89 24.76
CA LEU H 4 21.63 26.59 26.17
C LEU H 4 22.36 25.31 26.55
N PRO H 5 22.75 25.19 27.84
CA PRO H 5 23.47 24.05 28.41
C PRO H 5 22.82 22.68 28.23
N TYR H 6 21.50 22.64 28.21
CA TYR H 6 20.77 21.39 28.05
C TYR H 6 19.32 21.78 28.18
N LYS H 7 18.42 20.82 28.02
CA LYS H 7 17.00 21.09 28.21
C LYS H 7 16.23 19.81 28.48
N VAL H 8 15.47 19.82 29.57
CA VAL H 8 14.67 18.68 29.95
C VAL H 8 13.36 19.18 30.52
N ALA H 9 12.41 18.27 30.70
CA ALA H 9 11.10 18.62 31.24
C ALA H 9 11.24 19.33 32.59
N ASP H 10 11.86 18.67 33.56
CA ASP H 10 12.04 19.26 34.89
C ASP H 10 13.31 18.75 35.60
N ILE H 11 14.30 19.63 35.76
CA ILE H 11 15.54 19.23 36.39
C ILE H 11 15.38 18.71 37.83
N GLY H 12 14.28 19.10 38.49
CA GLY H 12 14.04 18.65 39.85
C GLY H 12 13.90 17.15 39.99
N LEU H 13 13.76 16.48 38.85
CA LEU H 13 13.63 15.03 38.81
C LEU H 13 15.01 14.38 38.82
N ALA H 14 16.05 15.18 39.06
CA ALA H 14 17.42 14.69 39.08
C ALA H 14 17.67 13.74 40.24
N ALA H 15 17.24 14.13 41.43
CA ALA H 15 17.43 13.33 42.62
C ALA H 15 16.88 11.92 42.44
N TRP H 16 15.65 11.84 41.95
CA TRP H 16 15.00 10.55 41.71
C TRP H 16 15.72 9.79 40.58
N GLY H 17 15.99 10.46 39.47
CA GLY H 17 16.67 9.81 38.37
C GLY H 17 17.98 9.18 38.79
N ARG H 18 18.54 9.65 39.90
CA ARG H 18 19.81 9.12 40.39
C ARG H 18 19.61 7.80 41.14
N LYS H 19 18.54 7.72 41.91
CA LYS H 19 18.23 6.52 42.68
C LYS H 19 17.95 5.40 41.69
N ALA H 20 17.18 5.73 40.67
CA ALA H 20 16.83 4.80 39.62
C ALA H 20 18.09 4.45 38.83
N LEU H 21 18.96 5.44 38.62
CA LEU H 21 20.20 5.24 37.90
C LEU H 21 21.11 4.34 38.71
N ASP H 22 21.16 4.56 40.02
CA ASP H 22 21.98 3.76 40.90
C ASP H 22 21.52 2.31 40.88
N ILE H 23 20.21 2.12 40.95
CA ILE H 23 19.64 0.79 40.96
C ILE H 23 19.79 0.10 39.61
N ALA H 24 19.80 0.89 38.55
CA ALA H 24 19.95 0.34 37.20
C ALA H 24 21.36 -0.24 37.05
N GLU H 25 22.33 0.52 37.50
CA GLU H 25 23.74 0.14 37.42
C GLU H 25 23.97 -1.25 37.94
N ASN H 26 23.27 -1.60 39.03
CA ASN H 26 23.43 -2.93 39.62
C ASN H 26 22.79 -3.98 38.74
N GLU H 27 21.96 -3.55 37.81
CA GLU H 27 21.30 -4.47 36.91
C GLU H 27 21.95 -4.51 35.53
N MET H 28 23.08 -3.82 35.38
CA MET H 28 23.80 -3.80 34.11
C MET H 28 25.31 -4.04 34.27
N PRO H 29 25.71 -5.31 34.45
CA PRO H 29 27.12 -5.68 34.61
C PRO H 29 27.98 -5.33 33.41
N GLY H 30 27.49 -5.64 32.21
CA GLY H 30 28.23 -5.33 31.01
C GLY H 30 28.68 -3.88 30.96
N LEU H 31 27.78 -2.97 31.34
CA LEU H 31 28.09 -1.54 31.35
C LEU H 31 29.08 -1.22 32.46
N MET H 32 28.74 -1.66 33.67
CA MET H 32 29.60 -1.42 34.82
C MET H 32 30.93 -2.11 34.56
N ARG H 33 30.87 -3.15 33.73
CA ARG H 33 32.06 -3.91 33.40
C ARG H 33 32.93 -3.18 32.37
N MET H 34 32.37 -2.16 31.72
CA MET H 34 33.15 -1.39 30.76
C MET H 34 33.82 -0.32 31.63
N ARG H 35 33.07 0.13 32.63
CA ARG H 35 33.52 1.15 33.57
C ARG H 35 34.79 0.80 34.34
N GLU H 36 34.84 -0.39 34.95
CA GLU H 36 36.02 -0.77 35.72
C GLU H 36 37.28 -1.01 34.87
N MET H 37 37.17 -1.79 33.80
CA MET H 37 38.33 -2.09 32.97
C MET H 37 38.83 -0.94 32.07
N TYR H 38 38.07 0.12 31.91
CA TYR H 38 38.51 1.23 31.04
C TYR H 38 38.47 2.64 31.63
N SER H 39 37.94 2.77 32.85
CA SER H 39 37.85 4.06 33.53
C SER H 39 39.19 4.77 33.49
N ALA H 40 40.25 3.98 33.60
CA ALA H 40 41.61 4.51 33.56
C ALA H 40 42.11 4.77 32.15
N SER H 41 41.86 3.84 31.24
CA SER H 41 42.29 3.93 29.85
C SER H 41 41.72 5.11 29.05
N LYS H 42 40.44 5.41 29.24
CA LYS H 42 39.78 6.48 28.50
C LYS H 42 39.97 6.32 27.00
N PRO H 43 39.75 5.11 26.46
CA PRO H 43 39.93 4.90 25.02
C PRO H 43 38.97 5.76 24.19
N LEU H 44 37.94 6.30 24.84
CA LEU H 44 36.95 7.13 24.16
C LEU H 44 37.38 8.59 24.22
N LYS H 45 38.57 8.82 24.80
CA LYS H 45 39.12 10.17 24.91
C LYS H 45 39.28 10.79 23.53
N GLY H 46 38.91 12.06 23.41
CA GLY H 46 39.03 12.72 22.13
C GLY H 46 37.79 12.53 21.26
N ALA H 47 36.94 11.59 21.65
CA ALA H 47 35.72 11.32 20.90
C ALA H 47 34.62 12.23 21.42
N ARG H 48 33.81 12.74 20.51
CA ARG H 48 32.70 13.60 20.88
C ARG H 48 31.46 12.95 20.30
N ILE H 49 30.86 12.08 21.10
CA ILE H 49 29.69 11.32 20.68
C ILE H 49 28.40 12.11 20.74
N ALA H 50 27.74 12.24 19.59
CA ALA H 50 26.45 12.91 19.52
C ALA H 50 25.49 11.76 19.24
N GLY H 51 24.83 11.27 20.28
CA GLY H 51 23.91 10.15 20.13
C GLY H 51 22.43 10.50 20.11
N CYS H 52 21.65 9.62 19.50
CA CYS H 52 20.21 9.80 19.38
C CYS H 52 19.56 8.48 19.82
N LEU H 53 19.52 8.24 21.12
CA LEU H 53 18.93 7.02 21.66
C LEU H 53 17.98 7.39 22.78
N HIS H 54 16.84 6.70 22.86
CA HIS H 54 15.82 6.96 23.88
C HIS H 54 16.44 7.36 25.21
N MET H 55 16.01 8.50 25.75
CA MET H 55 16.57 8.98 27.00
C MET H 55 15.89 8.26 28.16
N THR H 56 16.50 7.15 28.58
CA THR H 56 15.97 6.32 29.65
C THR H 56 16.99 6.20 30.77
N VAL H 57 16.65 5.45 31.82
CA VAL H 57 17.59 5.24 32.92
C VAL H 57 18.75 4.39 32.36
N GLU H 58 18.39 3.42 31.52
CA GLU H 58 19.37 2.52 30.90
C GLU H 58 20.33 3.32 30.04
N THR H 59 19.78 4.23 29.24
CA THR H 59 20.62 5.06 28.37
C THR H 59 21.49 5.96 29.22
N ALA H 60 20.96 6.37 30.37
CA ALA H 60 21.68 7.25 31.28
C ALA H 60 22.93 6.55 31.79
N VAL H 61 22.84 5.22 31.91
CA VAL H 61 23.98 4.44 32.39
C VAL H 61 25.00 4.25 31.27
N LEU H 62 24.49 4.13 30.04
CA LEU H 62 25.37 3.94 28.88
C LEU H 62 26.08 5.25 28.60
N ILE H 63 25.36 6.36 28.82
CA ILE H 63 25.93 7.68 28.61
C ILE H 63 27.06 7.90 29.60
N GLU H 64 26.74 7.81 30.89
CA GLU H 64 27.70 8.02 31.96
C GLU H 64 28.93 7.14 31.86
N THR H 65 28.77 5.96 31.26
CA THR H 65 29.87 5.02 31.12
C THR H 65 30.70 5.52 29.95
N LEU H 66 30.00 6.03 28.94
CA LEU H 66 30.65 6.55 27.76
C LEU H 66 31.53 7.69 28.25
N VAL H 67 30.96 8.51 29.12
CA VAL H 67 31.69 9.65 29.68
C VAL H 67 32.86 9.13 30.50
N ALA H 68 32.62 8.09 31.28
CA ALA H 68 33.66 7.53 32.13
C ALA H 68 34.89 7.17 31.31
N LEU H 69 34.66 6.80 30.06
CA LEU H 69 35.73 6.40 29.16
C LEU H 69 36.39 7.52 28.35
N GLY H 70 36.17 8.77 28.77
CA GLY H 70 36.79 9.90 28.10
C GLY H 70 36.05 10.62 26.99
N ALA H 71 34.92 10.07 26.53
CA ALA H 71 34.16 10.68 25.45
C ALA H 71 33.48 11.99 25.87
N GLU H 72 33.17 12.83 24.89
CA GLU H 72 32.49 14.08 25.12
C GLU H 72 31.11 13.76 24.53
N VAL H 73 30.07 13.82 25.35
CA VAL H 73 28.74 13.47 24.88
C VAL H 73 27.77 14.64 24.75
N ARG H 74 26.78 14.42 23.90
CA ARG H 74 25.70 15.35 23.65
C ARG H 74 24.62 14.35 23.30
N TRP H 75 23.50 14.39 24.01
CA TRP H 75 22.44 13.44 23.77
C TRP H 75 21.08 14.03 23.45
N SER H 76 20.23 13.17 22.91
CA SER H 76 18.86 13.53 22.56
C SER H 76 18.16 12.19 22.39
N SER H 77 16.86 12.16 22.68
CA SER H 77 16.07 10.95 22.56
C SER H 77 15.70 10.74 21.10
N CYS H 78 15.43 9.50 20.73
CA CYS H 78 15.06 9.19 19.35
C CYS H 78 13.55 8.91 19.25
N ASN H 79 12.80 9.50 20.19
CA ASN H 79 11.36 9.37 20.24
C ASN H 79 10.79 10.44 21.16
N ILE H 80 9.76 11.11 20.69
CA ILE H 80 9.14 12.19 21.46
C ILE H 80 8.41 11.73 22.71
N PHE H 81 8.29 10.42 22.92
CA PHE H 81 7.59 9.89 24.10
C PHE H 81 8.43 8.91 24.91
N SER H 82 9.60 8.54 24.40
CA SER H 82 10.47 7.57 25.05
C SER H 82 11.36 8.07 26.19
N THR H 83 11.49 9.38 26.32
CA THR H 83 12.34 9.95 27.37
C THR H 83 11.80 9.87 28.80
N GLN H 84 12.65 9.40 29.71
CA GLN H 84 12.32 9.28 31.11
C GLN H 84 12.83 10.59 31.71
N ASP H 85 11.92 11.53 31.92
CA ASP H 85 12.25 12.86 32.42
C ASP H 85 13.05 12.96 33.73
N HIS H 86 13.12 11.88 34.51
CA HIS H 86 13.92 11.93 35.73
C HIS H 86 15.33 11.51 35.32
N ALA H 87 15.42 10.58 34.38
CA ALA H 87 16.69 10.09 33.88
C ALA H 87 17.37 11.21 33.10
N ALA H 88 16.57 11.95 32.34
CA ALA H 88 17.08 13.06 31.54
C ALA H 88 17.68 14.13 32.46
N ALA H 89 16.96 14.46 33.52
CA ALA H 89 17.40 15.46 34.48
C ALA H 89 18.67 15.00 35.20
N ALA H 90 18.70 13.73 35.59
CA ALA H 90 19.86 13.18 36.29
C ALA H 90 21.12 13.34 35.46
N ILE H 91 20.98 13.19 34.15
CA ILE H 91 22.13 13.31 33.25
C ILE H 91 22.50 14.78 33.13
N ALA H 92 21.49 15.63 32.95
CA ALA H 92 21.69 17.07 32.84
C ALA H 92 22.34 17.56 34.12
N LYS H 93 21.87 17.04 35.24
CA LYS H 93 22.39 17.39 36.57
C LYS H 93 23.86 17.02 36.73
N ALA H 94 24.32 16.07 35.93
CA ALA H 94 25.71 15.60 35.97
C ALA H 94 26.60 16.42 35.05
N GLY H 95 26.00 17.36 34.33
CA GLY H 95 26.79 18.20 33.44
C GLY H 95 26.82 17.73 32.01
N ILE H 96 26.12 16.64 31.72
CA ILE H 96 26.09 16.10 30.38
C ILE H 96 25.04 16.83 29.53
N PRO H 97 25.42 17.28 28.33
CA PRO H 97 24.43 17.98 27.50
C PRO H 97 23.36 17.00 27.03
N VAL H 98 22.15 17.17 27.55
CA VAL H 98 21.04 16.31 27.18
C VAL H 98 19.86 17.16 26.76
N PHE H 99 19.32 16.89 25.58
CA PHE H 99 18.18 17.65 25.09
C PHE H 99 16.99 16.75 24.81
N ALA H 100 16.33 16.30 25.88
CA ALA H 100 15.19 15.41 25.77
C ALA H 100 14.19 15.52 26.93
N TRP H 101 12.91 15.45 26.60
CA TRP H 101 11.81 15.51 27.57
C TRP H 101 10.64 14.73 26.97
N LYS H 102 9.82 14.10 27.80
CA LYS H 102 8.70 13.30 27.30
C LYS H 102 7.57 14.12 26.71
N GLY H 103 7.26 13.87 25.45
CA GLY H 103 6.19 14.59 24.77
C GLY H 103 6.63 15.78 23.94
N GLU H 104 7.68 15.63 23.14
CA GLU H 104 8.14 16.72 22.32
C GLU H 104 7.37 16.73 21.02
N THR H 105 7.49 17.84 20.30
CA THR H 105 6.82 18.02 19.02
C THR H 105 7.86 17.77 17.96
N ASP H 106 7.39 17.28 16.81
CA ASP H 106 8.27 16.97 15.70
C ASP H 106 9.32 18.06 15.57
N GLU H 107 8.89 19.30 15.75
CA GLU H 107 9.81 20.42 15.63
C GLU H 107 10.86 20.38 16.72
N GLU H 108 10.42 20.30 17.97
CA GLU H 108 11.34 20.25 19.11
C GLU H 108 12.26 19.02 19.02
N TYR H 109 11.70 17.92 18.53
CA TYR H 109 12.43 16.65 18.39
C TYR H 109 13.66 16.81 17.50
N LEU H 110 13.53 17.62 16.45
CA LEU H 110 14.63 17.88 15.52
C LEU H 110 15.70 18.79 16.15
N TRP H 111 15.22 19.83 16.82
CA TRP H 111 16.06 20.81 17.51
C TRP H 111 16.93 20.07 18.53
N CYS H 112 16.33 19.09 19.21
CA CYS H 112 17.04 18.29 20.19
C CYS H 112 18.19 17.56 19.50
N ILE H 113 17.95 17.11 18.27
CA ILE H 113 19.01 16.42 17.52
C ILE H 113 20.11 17.41 17.15
N GLU H 114 19.73 18.46 16.43
CA GLU H 114 20.67 19.48 15.98
C GLU H 114 21.54 20.07 17.10
N GLN H 115 21.05 20.03 18.33
CA GLN H 115 21.80 20.60 19.45
C GLN H 115 23.00 19.76 19.88
N THR H 116 23.03 18.51 19.41
CA THR H 116 24.10 17.58 19.78
C THR H 116 25.23 17.46 18.76
N LEU H 117 25.08 18.14 17.63
CA LEU H 117 26.09 18.08 16.56
C LEU H 117 27.40 18.82 16.81
N HIS H 118 27.35 19.87 17.63
CA HIS H 118 28.55 20.65 17.92
C HIS H 118 29.01 20.60 19.38
N PHE H 119 30.32 20.47 19.56
CA PHE H 119 30.95 20.42 20.89
C PHE H 119 31.90 21.60 21.06
N LYS H 120 32.31 21.84 22.30
CA LYS H 120 33.19 22.96 22.63
C LYS H 120 34.36 23.05 21.68
N ASP H 121 35.13 21.97 21.58
CA ASP H 121 36.30 21.94 20.71
C ASP H 121 35.98 21.54 19.27
N GLY H 122 34.71 21.57 18.89
CA GLY H 122 34.38 21.23 17.52
C GLY H 122 33.17 20.35 17.32
N PRO H 123 32.84 20.01 16.06
CA PRO H 123 31.69 19.17 15.76
C PRO H 123 31.93 17.70 16.10
N LEU H 124 30.86 16.91 16.04
CA LEU H 124 30.94 15.48 16.35
C LEU H 124 31.87 14.70 15.43
N ASN H 125 32.58 13.74 16.01
CA ASN H 125 33.48 12.90 15.24
C ASN H 125 32.97 11.47 15.40
N MET H 126 31.82 11.33 16.07
CA MET H 126 31.22 10.03 16.30
C MET H 126 29.71 10.14 16.47
N ILE H 127 29.01 9.07 16.11
CA ILE H 127 27.54 9.03 16.19
C ILE H 127 27.05 7.77 16.89
N LEU H 128 26.13 7.92 17.82
CA LEU H 128 25.53 6.78 18.49
C LEU H 128 24.05 6.99 18.22
N ASP H 129 23.60 6.45 17.11
CA ASP H 129 22.22 6.60 16.68
C ASP H 129 21.30 5.41 17.01
N ASP H 130 19.99 5.68 17.01
CA ASP H 130 18.96 4.68 17.25
C ASP H 130 17.80 5.01 16.33
N GLY H 131 17.68 4.27 15.22
CA GLY H 131 16.60 4.52 14.29
C GLY H 131 17.03 5.09 12.95
N GLY H 132 18.22 5.67 12.90
CA GLY H 132 18.73 6.24 11.67
C GLY H 132 18.48 7.73 11.45
N ASP H 133 17.91 8.40 12.44
CA ASP H 133 17.63 9.82 12.33
C ASP H 133 18.87 10.73 12.29
N LEU H 134 19.83 10.47 13.17
CA LEU H 134 21.07 11.24 13.24
C LEU H 134 21.96 10.99 12.03
N THR H 135 22.21 9.72 11.72
CA THR H 135 23.05 9.38 10.57
C THR H 135 22.45 9.99 9.32
N ASN H 136 21.12 10.09 9.29
CA ASN H 136 20.44 10.68 8.14
C ASN H 136 20.44 12.21 8.20
N LEU H 137 20.08 12.77 9.36
CA LEU H 137 20.07 14.22 9.52
C LEU H 137 21.41 14.79 9.10
N ILE H 138 22.49 14.12 9.51
CA ILE H 138 23.83 14.56 9.16
C ILE H 138 24.10 14.34 7.68
N HIS H 139 23.74 13.15 7.20
CA HIS H 139 23.94 12.77 5.81
C HIS H 139 23.24 13.67 4.79
N THR H 140 21.96 13.96 5.04
CA THR H 140 21.20 14.76 4.09
C THR H 140 21.06 16.25 4.39
N LYS H 141 21.46 16.67 5.58
CA LYS H 141 21.34 18.08 5.91
C LYS H 141 22.67 18.75 6.26
N HIS H 142 23.57 17.98 6.88
CA HIS H 142 24.88 18.49 7.31
C HIS H 142 26.04 17.74 6.67
N PRO H 143 26.02 17.56 5.34
CA PRO H 143 27.07 16.85 4.61
C PRO H 143 28.51 17.19 4.99
N GLN H 144 28.76 18.45 5.36
CA GLN H 144 30.11 18.87 5.75
C GLN H 144 30.59 18.14 7.00
N LEU H 145 29.63 17.76 7.85
CA LEU H 145 29.96 17.08 9.09
C LEU H 145 30.44 15.66 8.84
N LEU H 146 29.96 15.06 7.76
CA LEU H 146 30.29 13.68 7.40
C LEU H 146 31.79 13.36 7.57
N SER H 147 32.60 14.00 6.75
CA SER H 147 34.05 13.81 6.73
C SER H 147 34.70 13.89 8.10
N GLY H 148 34.07 14.59 9.03
CA GLY H 148 34.65 14.71 10.35
C GLY H 148 34.17 13.66 11.33
N ILE H 149 33.19 12.87 10.91
CA ILE H 149 32.60 11.80 11.72
C ILE H 149 33.42 10.53 11.49
N ARG H 150 33.96 9.93 12.54
CA ARG H 150 34.74 8.71 12.38
C ARG H 150 33.85 7.48 12.27
N GLY H 151 32.76 7.45 13.05
CA GLY H 151 31.90 6.29 12.98
C GLY H 151 30.45 6.43 13.40
N ILE H 152 29.66 5.46 12.96
CA ILE H 152 28.24 5.40 13.27
C ILE H 152 28.01 4.17 14.14
N SER H 153 26.95 4.20 14.94
CA SER H 153 26.63 3.06 15.79
C SER H 153 25.13 2.85 15.73
N GLU H 154 24.69 1.99 14.82
CA GLU H 154 23.27 1.73 14.67
C GLU H 154 22.84 0.69 15.69
N GLU H 155 21.79 1.01 16.42
CA GLU H 155 21.28 0.14 17.46
C GLU H 155 20.04 -0.70 17.17
N THR H 156 19.21 -0.27 16.22
CA THR H 156 17.99 -1.02 15.91
C THR H 156 17.89 -1.58 14.50
N THR H 157 17.02 -2.56 14.34
CA THR H 157 16.79 -3.22 13.05
C THR H 157 16.43 -2.19 11.97
N THR H 158 15.38 -1.42 12.23
CA THR H 158 14.94 -0.39 11.30
C THR H 158 16.11 0.52 10.93
N GLY H 159 16.88 0.93 11.92
CA GLY H 159 18.02 1.80 11.66
C GLY H 159 19.03 1.11 10.78
N VAL H 160 19.44 -0.09 11.18
CA VAL H 160 20.41 -0.88 10.44
C VAL H 160 19.95 -1.20 9.02
N HIS H 161 18.66 -1.44 8.85
CA HIS H 161 18.08 -1.75 7.55
C HIS H 161 18.39 -0.61 6.59
N ASN H 162 18.04 0.61 7.00
CA ASN H 162 18.28 1.81 6.18
C ASN H 162 19.78 2.01 5.94
N LEU H 163 20.59 1.50 6.86
CA LEU H 163 22.02 1.62 6.72
C LEU H 163 22.49 0.82 5.52
N TYR H 164 22.00 -0.40 5.39
CA TYR H 164 22.40 -1.24 4.26
C TYR H 164 21.83 -0.60 3.00
N LYS H 165 20.61 -0.11 3.12
CA LYS H 165 19.95 0.56 2.00
C LYS H 165 20.86 1.66 1.46
N MET H 166 21.48 2.40 2.38
CA MET H 166 22.38 3.49 2.00
C MET H 166 23.55 3.01 1.14
N MET H 167 24.37 2.11 1.68
CA MET H 167 25.51 1.61 0.92
C MET H 167 25.06 1.00 -0.41
N ALA H 168 23.91 0.35 -0.44
CA ALA H 168 23.40 -0.26 -1.66
C ALA H 168 23.30 0.77 -2.80
N ASN H 169 23.18 2.05 -2.44
CA ASN H 169 23.11 3.11 -3.43
C ASN H 169 24.32 4.04 -3.28
N GLY H 170 25.33 3.56 -2.57
CA GLY H 170 26.54 4.33 -2.39
C GLY H 170 26.33 5.59 -1.58
N ILE H 171 25.20 5.66 -0.89
CA ILE H 171 24.88 6.83 -0.08
C ILE H 171 25.67 6.84 1.22
N LEU H 172 25.74 5.72 1.92
CA LEU H 172 26.49 5.67 3.18
C LEU H 172 27.88 6.21 2.89
N LYS H 173 28.29 7.21 3.67
CA LYS H 173 29.59 7.84 3.48
C LYS H 173 30.49 7.77 4.70
N VAL H 174 30.10 6.98 5.71
CA VAL H 174 30.92 6.82 6.91
C VAL H 174 30.79 5.40 7.47
N PRO H 175 31.89 4.82 7.96
CA PRO H 175 31.88 3.46 8.51
C PRO H 175 30.86 3.26 9.63
N ALA H 176 30.01 2.26 9.44
CA ALA H 176 28.97 1.95 10.40
C ALA H 176 29.16 0.56 10.99
N ILE H 177 28.73 0.40 12.24
CA ILE H 177 28.83 -0.87 12.93
C ILE H 177 27.40 -1.25 13.26
N ASN H 178 27.06 -2.50 12.98
CA ASN H 178 25.72 -3.03 13.22
C ASN H 178 25.63 -3.57 14.65
N VAL H 179 25.09 -2.76 15.57
CA VAL H 179 24.97 -3.19 16.97
C VAL H 179 23.71 -4.02 17.15
N ASN H 180 22.62 -3.60 16.51
CA ASN H 180 21.36 -4.32 16.63
C ASN H 180 21.53 -5.79 16.27
N ASP H 181 22.42 -6.08 15.33
CA ASP H 181 22.62 -7.45 14.88
C ASP H 181 23.76 -8.25 15.48
N SER H 182 24.01 -8.03 16.78
CA SER H 182 25.01 -8.79 17.50
C SER H 182 24.12 -9.86 18.13
N VAL H 183 24.63 -11.08 18.28
CA VAL H 183 23.79 -12.13 18.85
C VAL H 183 23.28 -11.80 20.26
N THR H 184 24.07 -11.12 21.05
CA THR H 184 23.66 -10.76 22.41
C THR H 184 22.71 -9.57 22.34
N LYS H 185 22.60 -8.97 21.16
CA LYS H 185 21.74 -7.82 20.98
C LYS H 185 20.34 -8.24 20.55
N SER H 186 20.23 -8.79 19.35
CA SER H 186 18.93 -9.20 18.82
C SER H 186 18.30 -10.39 19.54
N LYS H 187 19.11 -11.43 19.75
CA LYS H 187 18.65 -12.65 20.40
C LYS H 187 18.20 -12.45 21.84
N PHE H 188 18.65 -11.37 22.48
CA PHE H 188 18.27 -11.14 23.87
C PHE H 188 17.44 -9.88 24.14
N ASP H 189 17.74 -8.80 23.43
CA ASP H 189 17.02 -7.54 23.63
C ASP H 189 15.68 -7.44 22.87
N ASN H 190 15.70 -7.67 21.56
CA ASN H 190 14.48 -7.58 20.78
C ASN H 190 13.46 -8.62 21.21
N LEU H 191 13.94 -9.82 21.52
CA LEU H 191 13.08 -10.92 21.89
C LEU H 191 12.69 -11.02 23.35
N TYR H 192 13.68 -11.02 24.24
CA TYR H 192 13.44 -11.13 25.68
C TYR H 192 12.94 -9.83 26.30
N GLY H 193 13.43 -8.70 25.78
CA GLY H 193 13.01 -7.41 26.30
C GLY H 193 11.55 -7.11 25.99
N CYS H 194 11.17 -7.26 24.72
CA CYS H 194 9.80 -7.00 24.27
C CYS H 194 8.79 -7.87 25.00
N ARG H 195 9.20 -9.08 25.35
CA ARG H 195 8.34 -10.02 26.06
C ARG H 195 7.81 -9.38 27.35
N GLU H 196 8.69 -8.78 28.13
CA GLU H 196 8.28 -8.15 29.38
C GLU H 196 7.81 -6.72 29.26
N SER H 197 8.46 -5.95 28.38
CA SER H 197 8.11 -4.55 28.22
C SER H 197 6.86 -4.24 27.41
N LEU H 198 6.42 -5.17 26.56
CA LEU H 198 5.23 -4.91 25.76
C LEU H 198 3.95 -4.80 26.60
N ILE H 199 3.63 -5.84 27.35
CA ILE H 199 2.44 -5.85 28.20
C ILE H 199 2.49 -4.71 29.24
N ASP H 200 3.69 -4.25 29.53
CA ASP H 200 3.92 -3.15 30.45
C ASP H 200 3.28 -1.91 29.81
N GLY H 201 3.56 -1.73 28.53
CA GLY H 201 3.03 -0.61 27.78
C GLY H 201 1.52 -0.67 27.74
N ILE H 202 0.99 -1.85 27.46
CA ILE H 202 -0.46 -2.06 27.41
C ILE H 202 -1.08 -1.87 28.79
N LYS H 203 -0.68 -2.73 29.72
CA LYS H 203 -1.18 -2.70 31.10
C LYS H 203 -1.15 -1.31 31.73
N ARG H 204 0.03 -0.71 31.81
CA ARG H 204 0.14 0.60 32.41
C ARG H 204 -0.85 1.57 31.78
N ALA H 205 -1.05 1.45 30.47
CA ALA H 205 -1.97 2.32 29.74
C ALA H 205 -3.45 1.97 29.88
N THR H 206 -3.83 0.76 29.49
CA THR H 206 -5.22 0.32 29.54
C THR H 206 -5.63 -0.47 30.76
N ASP H 207 -4.70 -1.23 31.34
CA ASP H 207 -5.02 -2.02 32.53
C ASP H 207 -5.93 -3.20 32.23
N VAL H 208 -5.94 -3.63 30.98
CA VAL H 208 -6.79 -4.75 30.55
C VAL H 208 -6.18 -6.12 30.88
N MET H 209 -7.05 -7.11 31.10
CA MET H 209 -6.59 -8.46 31.40
C MET H 209 -6.27 -9.12 30.08
N ILE H 210 -5.08 -9.68 29.96
CA ILE H 210 -4.69 -10.35 28.72
C ILE H 210 -5.35 -11.72 28.61
N ALA H 211 -5.70 -12.31 29.75
CA ALA H 211 -6.34 -13.62 29.78
C ALA H 211 -7.67 -13.70 29.02
N GLY H 212 -7.79 -14.72 28.17
CA GLY H 212 -9.01 -14.95 27.40
C GLY H 212 -9.28 -14.07 26.20
N LYS H 213 -8.33 -13.22 25.83
CA LYS H 213 -8.52 -12.34 24.68
C LYS H 213 -7.63 -12.74 23.51
N VAL H 214 -8.14 -12.61 22.29
CA VAL H 214 -7.35 -12.94 21.11
C VAL H 214 -6.49 -11.74 20.73
N ALA H 215 -5.18 -11.87 20.88
CA ALA H 215 -4.30 -10.77 20.53
C ALA H 215 -3.71 -11.03 19.15
N VAL H 216 -3.77 -10.03 18.28
CA VAL H 216 -3.23 -10.15 16.93
C VAL H 216 -1.84 -9.53 16.90
N VAL H 217 -0.86 -10.31 16.44
CA VAL H 217 0.51 -9.83 16.38
C VAL H 217 1.04 -9.87 14.94
N ALA H 218 1.35 -8.70 14.39
CA ALA H 218 1.87 -8.60 13.03
C ALA H 218 3.39 -8.68 13.03
N GLY H 219 3.93 -9.64 12.30
CA GLY H 219 5.37 -9.81 12.22
C GLY H 219 5.88 -10.80 13.24
N TYR H 220 6.64 -11.80 12.78
CA TYR H 220 7.18 -12.79 13.71
C TYR H 220 8.69 -12.72 13.91
N GLY H 221 9.25 -11.52 13.85
CA GLY H 221 10.68 -11.36 14.07
C GLY H 221 10.93 -11.43 15.57
N ASP H 222 12.18 -11.37 16.00
CA ASP H 222 12.48 -11.45 17.44
C ASP H 222 11.49 -10.66 18.29
N VAL H 223 11.05 -9.52 17.79
CA VAL H 223 10.10 -8.71 18.54
C VAL H 223 8.74 -9.41 18.56
N GLY H 224 8.17 -9.65 17.40
CA GLY H 224 6.89 -10.33 17.35
C GLY H 224 7.01 -11.64 18.09
N LYS H 225 8.20 -12.22 18.05
CA LYS H 225 8.46 -13.49 18.72
C LYS H 225 8.32 -13.29 20.22
N GLY H 226 8.71 -12.10 20.68
CA GLY H 226 8.64 -11.78 22.10
C GLY H 226 7.28 -11.34 22.60
N CYS H 227 6.56 -10.59 21.77
CA CYS H 227 5.23 -10.09 22.13
C CYS H 227 4.22 -11.23 22.13
N ALA H 228 4.38 -12.16 21.18
CA ALA H 228 3.49 -13.30 21.07
C ALA H 228 3.60 -14.12 22.35
N GLN H 229 4.81 -14.61 22.61
CA GLN H 229 5.12 -15.39 23.80
C GLN H 229 4.54 -14.73 25.05
N ALA H 230 4.69 -13.40 25.12
CA ALA H 230 4.21 -12.60 26.24
C ALA H 230 2.71 -12.70 26.44
N LEU H 231 1.95 -12.32 25.41
CA LEU H 231 0.49 -12.37 25.46
C LEU H 231 -0.01 -13.81 25.66
N ARG H 232 0.62 -14.74 24.96
CA ARG H 232 0.26 -16.15 25.03
C ARG H 232 0.38 -16.73 26.41
N GLY H 233 1.43 -16.37 27.12
CA GLY H 233 1.64 -16.90 28.46
C GLY H 233 0.70 -16.37 29.51
N PHE H 234 -0.11 -15.37 29.16
CA PHE H 234 -1.03 -14.79 30.12
C PHE H 234 -2.46 -15.26 29.88
N GLY H 235 -2.63 -16.15 28.90
CA GLY H 235 -3.96 -16.67 28.62
C GLY H 235 -4.63 -16.18 27.35
N ALA H 236 -3.90 -15.44 26.52
CA ALA H 236 -4.48 -14.94 25.29
C ALA H 236 -4.29 -15.91 24.13
N ARG H 237 -5.24 -15.90 23.19
CA ARG H 237 -5.16 -16.74 22.01
C ARG H 237 -4.51 -15.88 20.95
N VAL H 238 -3.20 -16.00 20.85
CA VAL H 238 -2.40 -15.21 19.92
C VAL H 238 -2.47 -15.66 18.47
N ILE H 239 -2.61 -14.69 17.58
CA ILE H 239 -2.64 -14.95 16.13
C ILE H 239 -1.53 -14.10 15.53
N ILE H 240 -0.73 -14.70 14.65
CA ILE H 240 0.37 -13.97 14.03
C ILE H 240 0.25 -13.83 12.51
N THR H 241 0.63 -12.68 11.98
CA THR H 241 0.56 -12.46 10.55
C THR H 241 1.96 -12.30 10.02
N GLU H 242 2.24 -12.90 8.86
CA GLU H 242 3.57 -12.82 8.31
C GLU H 242 3.63 -12.78 6.79
N ILE H 243 4.80 -12.42 6.28
CA ILE H 243 5.07 -12.34 4.84
C ILE H 243 6.22 -13.28 4.49
N ASP H 244 6.95 -13.72 5.52
CA ASP H 244 8.07 -14.63 5.33
C ASP H 244 7.64 -16.06 5.68
N PRO H 245 7.82 -17.00 4.72
CA PRO H 245 7.45 -18.40 4.92
C PRO H 245 8.18 -19.06 6.10
N ILE H 246 9.43 -18.69 6.30
CA ILE H 246 10.24 -19.24 7.37
C ILE H 246 9.74 -18.78 8.73
N ASN H 247 9.46 -17.50 8.87
CA ASN H 247 8.95 -16.98 10.14
C ASN H 247 7.53 -17.51 10.34
N ALA H 248 6.82 -17.68 9.22
CA ALA H 248 5.45 -18.17 9.20
C ALA H 248 5.39 -19.64 9.58
N LEU H 249 6.41 -20.39 9.21
CA LEU H 249 6.46 -21.80 9.54
C LEU H 249 6.81 -21.92 11.03
N GLN H 250 7.68 -21.04 11.50
CA GLN H 250 8.07 -21.03 12.91
C GLN H 250 6.86 -20.83 13.82
N ALA H 251 6.04 -19.83 13.50
CA ALA H 251 4.85 -19.51 14.28
C ALA H 251 3.91 -20.70 14.40
N ALA H 252 3.56 -21.29 13.26
CA ALA H 252 2.65 -22.45 13.24
C ALA H 252 3.28 -23.61 13.99
N MET H 253 4.61 -23.70 13.89
CA MET H 253 5.37 -24.75 14.56
C MET H 253 5.37 -24.52 16.06
N GLU H 254 5.08 -23.29 16.47
CA GLU H 254 5.05 -22.95 17.88
C GLU H 254 3.62 -23.05 18.41
N GLY H 255 2.66 -23.15 17.49
CA GLY H 255 1.28 -23.26 17.89
C GLY H 255 0.47 -21.99 17.71
N TYR H 256 0.98 -21.06 16.91
CA TYR H 256 0.28 -19.82 16.66
C TYR H 256 -0.44 -19.94 15.32
N GLU H 257 -1.66 -19.45 15.24
CA GLU H 257 -2.37 -19.48 13.99
C GLU H 257 -1.77 -18.31 13.25
N VAL H 258 -1.52 -18.49 11.96
CA VAL H 258 -0.96 -17.42 11.14
C VAL H 258 -1.92 -17.08 10.02
N THR H 259 -2.36 -15.83 9.97
CA THR H 259 -3.28 -15.39 8.93
C THR H 259 -3.09 -13.94 8.53
N THR H 260 -4.07 -13.43 7.81
CA THR H 260 -4.03 -12.06 7.36
C THR H 260 -4.76 -11.16 8.38
N MET H 261 -4.43 -9.88 8.34
CA MET H 261 -5.08 -8.93 9.24
C MET H 261 -6.50 -8.66 8.72
N ASP H 262 -6.74 -9.00 7.46
CA ASP H 262 -8.07 -8.81 6.87
C ASP H 262 -9.03 -9.75 7.56
N GLU H 263 -8.52 -10.92 7.95
CA GLU H 263 -9.30 -11.94 8.64
C GLU H 263 -9.15 -11.76 10.14
N ALA H 264 -8.01 -11.21 10.55
CA ALA H 264 -7.73 -10.99 11.95
C ALA H 264 -8.50 -9.83 12.56
N CYS H 265 -8.67 -8.74 11.81
CA CYS H 265 -9.38 -7.57 12.31
C CYS H 265 -10.79 -7.84 12.83
N LYS H 266 -11.43 -8.87 12.31
CA LYS H 266 -12.78 -9.22 12.73
C LYS H 266 -12.77 -10.05 14.01
N GLU H 267 -11.59 -10.44 14.45
CA GLU H 267 -11.50 -11.25 15.65
C GLU H 267 -10.58 -10.75 16.76
N GLY H 268 -9.51 -10.07 16.39
CA GLY H 268 -8.59 -9.57 17.39
C GLY H 268 -9.20 -8.75 18.51
N ASN H 269 -8.65 -8.92 19.71
CA ASN H 269 -9.11 -8.21 20.90
C ASN H 269 -8.06 -7.19 21.27
N ILE H 270 -6.81 -7.55 21.02
CA ILE H 270 -5.67 -6.68 21.31
C ILE H 270 -4.75 -6.77 20.10
N PHE H 271 -4.45 -5.63 19.48
CA PHE H 271 -3.59 -5.62 18.31
C PHE H 271 -2.21 -5.01 18.58
N VAL H 272 -1.17 -5.69 18.13
CA VAL H 272 0.21 -5.25 18.28
C VAL H 272 0.94 -5.37 16.94
N THR H 273 1.60 -4.30 16.51
CA THR H 273 2.32 -4.34 15.26
C THR H 273 3.81 -4.38 15.56
N THR H 274 4.46 -5.47 15.14
CA THR H 274 5.90 -5.64 15.39
C THR H 274 6.71 -5.56 14.12
N THR H 275 6.10 -5.15 13.02
CA THR H 275 6.80 -5.04 11.75
C THR H 275 7.45 -3.67 11.60
N GLY H 276 8.36 -3.54 10.64
CA GLY H 276 8.99 -2.25 10.40
C GLY H 276 8.33 -1.70 9.15
N CYS H 277 7.06 -2.06 8.96
CA CYS H 277 6.30 -1.69 7.79
C CYS H 277 5.15 -0.70 7.95
N VAL H 278 4.85 -0.03 6.86
CA VAL H 278 3.77 0.96 6.78
C VAL H 278 2.50 0.23 6.35
N ASP H 279 1.34 0.80 6.67
CA ASP H 279 0.06 0.21 6.29
C ASP H 279 -0.16 -1.20 6.82
N ILE H 280 -0.02 -1.39 8.14
CA ILE H 280 -0.24 -2.69 8.75
C ILE H 280 -1.69 -2.78 9.22
N ILE H 281 -2.15 -1.73 9.88
CA ILE H 281 -3.52 -1.65 10.37
C ILE H 281 -4.17 -0.48 9.65
N LEU H 282 -5.16 -0.78 8.80
CA LEU H 282 -5.84 0.25 8.01
C LEU H 282 -7.24 0.59 8.48
N GLY H 283 -7.93 1.39 7.68
CA GLY H 283 -9.29 1.77 8.01
C GLY H 283 -10.24 0.61 7.79
N ARG H 284 -10.08 -0.09 6.66
CA ARG H 284 -10.93 -1.23 6.35
C ARG H 284 -10.84 -2.29 7.46
N HIS H 285 -9.83 -2.16 8.33
CA HIS H 285 -9.65 -3.09 9.45
C HIS H 285 -10.35 -2.50 10.67
N PHE H 286 -10.11 -1.22 10.92
CA PHE H 286 -10.70 -0.54 12.06
C PHE H 286 -12.22 -0.71 12.08
N GLU H 287 -12.85 -0.53 10.93
CA GLU H 287 -14.32 -0.67 10.83
C GLU H 287 -14.72 -2.11 11.07
N GLN H 288 -13.72 -2.97 11.27
CA GLN H 288 -13.95 -4.40 11.47
C GLN H 288 -13.63 -4.85 12.88
N MET H 289 -12.93 -4.03 13.66
CA MET H 289 -12.54 -4.40 15.02
C MET H 289 -13.67 -4.44 16.04
N LYS H 290 -13.58 -5.39 16.95
CA LYS H 290 -14.59 -5.55 17.99
C LYS H 290 -14.55 -4.31 18.87
N ASP H 291 -15.61 -4.09 19.63
CA ASP H 291 -15.70 -2.95 20.53
C ASP H 291 -14.50 -2.92 21.46
N ASP H 292 -14.01 -1.72 21.75
CA ASP H 292 -12.91 -1.55 22.66
C ASP H 292 -11.64 -2.31 22.30
N ALA H 293 -11.38 -2.46 21.00
CA ALA H 293 -10.17 -3.15 20.58
C ALA H 293 -8.95 -2.29 20.94
N ILE H 294 -7.99 -2.89 21.64
CA ILE H 294 -6.78 -2.20 22.06
C ILE H 294 -5.76 -2.29 20.93
N VAL H 295 -5.43 -1.14 20.32
CA VAL H 295 -4.48 -1.11 19.22
C VAL H 295 -3.23 -0.30 19.54
N CYS H 296 -2.08 -0.92 19.35
CA CYS H 296 -0.80 -0.28 19.62
C CYS H 296 0.26 -0.81 18.67
N ASN H 297 1.39 -0.09 18.59
CA ASN H 297 2.51 -0.45 17.74
C ASN H 297 3.74 -0.54 18.63
N ILE H 298 4.71 -1.38 18.26
CA ILE H 298 5.92 -1.50 19.07
C ILE H 298 7.22 -1.37 18.28
N GLY H 299 7.11 -1.39 16.95
CA GLY H 299 8.30 -1.24 16.12
C GLY H 299 8.77 0.22 16.15
N HIS H 300 10.08 0.43 15.97
CA HIS H 300 10.69 1.76 16.01
C HIS H 300 9.86 2.94 15.47
N PHE H 301 9.65 2.99 14.15
CA PHE H 301 8.87 4.08 13.56
C PHE H 301 7.38 3.76 13.49
N ASP H 302 6.56 4.76 13.79
CA ASP H 302 5.11 4.61 13.80
C ASP H 302 4.51 4.79 12.43
N VAL H 303 4.53 3.74 11.62
CA VAL H 303 4.00 3.82 10.28
C VAL H 303 3.05 2.65 10.04
N GLU H 304 2.96 1.76 11.02
CA GLU H 304 2.12 0.57 10.93
C GLU H 304 0.63 0.80 11.14
N ILE H 305 0.27 1.65 12.10
CA ILE H 305 -1.15 1.91 12.30
C ILE H 305 -1.56 3.20 11.60
N ASP H 306 -2.66 3.16 10.87
CA ASP H 306 -3.16 4.33 10.19
C ASP H 306 -3.95 5.09 11.24
N VAL H 307 -3.24 5.90 12.03
CA VAL H 307 -3.84 6.69 13.11
C VAL H 307 -4.52 7.98 12.63
N LYS H 308 -4.08 8.49 11.48
CA LYS H 308 -4.66 9.69 10.90
C LYS H 308 -6.10 9.37 10.53
N TRP H 309 -6.30 8.15 10.05
CA TRP H 309 -7.62 7.67 9.63
C TRP H 309 -8.62 7.76 10.76
N LEU H 310 -8.25 7.19 11.90
CA LEU H 310 -9.10 7.21 13.08
C LEU H 310 -9.49 8.63 13.42
N ASN H 311 -8.50 9.52 13.42
CA ASN H 311 -8.72 10.93 13.74
C ASN H 311 -9.65 11.58 12.73
N GLU H 312 -9.77 10.98 11.55
CA GLU H 312 -10.61 11.52 10.49
C GLU H 312 -11.85 10.72 10.17
N ASN H 313 -11.97 9.53 10.76
CA ASN H 313 -13.12 8.71 10.48
C ASN H 313 -13.89 8.34 11.72
N ALA H 314 -13.34 8.71 12.88
CA ALA H 314 -14.00 8.41 14.13
C ALA H 314 -15.14 9.40 14.31
N VAL H 315 -16.25 8.91 14.84
CA VAL H 315 -17.42 9.74 15.10
C VAL H 315 -17.10 10.66 16.28
N GLU H 316 -16.31 10.13 17.22
CA GLU H 316 -15.93 10.85 18.43
C GLU H 316 -14.54 10.39 18.85
N LYS H 317 -13.72 11.31 19.36
CA LYS H 317 -12.38 10.96 19.82
C LYS H 317 -12.16 11.55 21.20
N VAL H 318 -11.89 10.70 22.18
CA VAL H 318 -11.70 11.14 23.56
C VAL H 318 -10.39 10.60 24.11
N ASN H 319 -9.64 11.46 24.79
CA ASN H 319 -8.37 11.05 25.38
C ASN H 319 -8.62 10.58 26.81
N ILE H 320 -8.32 9.32 27.08
CA ILE H 320 -8.52 8.79 28.42
C ILE H 320 -7.53 9.46 29.35
N LYS H 321 -6.26 9.33 29.00
CA LYS H 321 -5.15 9.89 29.78
C LYS H 321 -3.97 10.10 28.82
N PRO H 322 -2.88 10.71 29.30
CA PRO H 322 -1.76 10.88 28.35
C PRO H 322 -1.44 9.59 27.60
N GLN H 323 -1.31 9.72 26.28
CA GLN H 323 -0.99 8.61 25.40
C GLN H 323 -2.04 7.51 25.31
N VAL H 324 -3.29 7.84 25.63
CA VAL H 324 -4.37 6.86 25.56
C VAL H 324 -5.68 7.52 25.11
N ASP H 325 -6.19 7.07 23.97
CA ASP H 325 -7.42 7.61 23.40
C ASP H 325 -8.41 6.53 23.03
N ARG H 326 -9.68 6.85 23.17
CA ARG H 326 -10.75 5.93 22.83
C ARG H 326 -11.56 6.59 21.72
N TYR H 327 -11.45 6.04 20.51
CA TYR H 327 -12.18 6.56 19.37
C TYR H 327 -13.52 5.87 19.31
N LEU H 328 -14.50 6.55 18.73
CA LEU H 328 -15.83 5.98 18.59
C LEU H 328 -16.11 5.97 17.11
N LEU H 329 -16.25 4.78 16.54
CA LEU H 329 -16.54 4.68 15.13
C LEU H 329 -18.05 4.79 14.89
N LYS H 330 -18.42 5.21 13.69
CA LYS H 330 -19.81 5.39 13.31
C LYS H 330 -20.62 4.11 13.45
N ASN H 331 -19.92 2.99 13.59
CA ASN H 331 -20.55 1.68 13.75
C ASN H 331 -20.81 1.41 15.22
N GLY H 332 -20.61 2.42 16.05
CA GLY H 332 -20.87 2.26 17.47
C GLY H 332 -19.76 1.54 18.21
N HIS H 333 -18.83 0.94 17.49
CA HIS H 333 -17.73 0.24 18.12
C HIS H 333 -16.66 1.23 18.56
N ARG H 334 -16.00 0.92 19.67
CA ARG H 334 -14.94 1.77 20.20
C ARG H 334 -13.56 1.19 19.89
N ILE H 335 -12.58 2.08 19.71
CA ILE H 335 -11.21 1.67 19.44
C ILE H 335 -10.28 2.45 20.35
N ILE H 336 -9.38 1.73 21.01
CA ILE H 336 -8.43 2.34 21.94
C ILE H 336 -7.01 2.36 21.40
N LEU H 337 -6.62 3.46 20.77
CA LEU H 337 -5.28 3.59 20.20
C LEU H 337 -4.35 4.09 21.30
N LEU H 338 -3.29 3.34 21.55
CA LEU H 338 -2.34 3.70 22.60
C LEU H 338 -1.10 4.37 22.04
N ALA H 339 -0.46 5.20 22.87
CA ALA H 339 0.76 5.91 22.51
C ALA H 339 0.75 6.60 21.14
N GLU H 340 -0.43 6.98 20.67
CA GLU H 340 -0.60 7.66 19.38
C GLU H 340 0.04 6.94 18.20
N GLY H 341 0.21 5.62 18.31
CA GLY H 341 0.80 4.86 17.22
C GLY H 341 2.31 4.72 17.27
N ARG H 342 2.94 5.33 18.26
CA ARG H 342 4.38 5.24 18.43
C ARG H 342 4.73 4.01 19.28
N LEU H 343 6.02 3.83 19.55
CA LEU H 343 6.48 2.73 20.40
C LEU H 343 5.53 2.64 21.59
N VAL H 344 5.04 1.45 21.92
CA VAL H 344 4.13 1.36 23.06
C VAL H 344 4.80 1.05 24.38
N ASN H 345 5.76 0.13 24.38
CA ASN H 345 6.44 -0.23 25.61
C ASN H 345 7.23 0.93 26.20
N LEU H 346 7.80 1.75 25.31
CA LEU H 346 8.61 2.90 25.73
C LEU H 346 7.78 4.18 25.90
N GLY H 347 6.69 4.29 25.14
CA GLY H 347 5.84 5.46 25.21
C GLY H 347 4.78 5.42 26.30
N CYS H 348 4.36 4.20 26.70
CA CYS H 348 3.33 4.02 27.72
C CYS H 348 3.88 3.38 28.99
N ALA H 349 5.12 2.93 28.95
CA ALA H 349 5.76 2.32 30.10
C ALA H 349 7.21 2.74 30.07
N MET H 350 8.05 2.11 30.90
CA MET H 350 9.47 2.47 30.93
C MET H 350 10.33 1.67 29.95
N GLY H 351 9.69 0.90 29.08
CA GLY H 351 10.41 0.11 28.11
C GLY H 351 11.00 -1.16 28.70
N HIS H 352 12.10 -1.64 28.11
CA HIS H 352 12.78 -2.86 28.56
C HIS H 352 13.47 -2.66 29.91
N PRO H 353 13.71 -3.76 30.63
CA PRO H 353 14.37 -3.61 31.92
C PRO H 353 15.84 -3.32 31.69
N SER H 354 16.53 -2.90 32.74
CA SER H 354 17.94 -2.57 32.63
C SER H 354 18.87 -3.74 32.35
N PHE H 355 18.58 -4.91 32.91
CA PHE H 355 19.44 -6.07 32.69
C PHE H 355 19.60 -6.50 31.24
N VAL H 356 18.58 -6.32 30.42
CA VAL H 356 18.67 -6.71 29.02
C VAL H 356 19.33 -5.59 28.22
N MET H 357 19.16 -4.36 28.69
CA MET H 357 19.74 -3.19 28.03
C MET H 357 21.26 -3.22 28.20
N SER H 358 21.68 -3.88 29.28
CA SER H 358 23.10 -4.00 29.58
C SER H 358 23.74 -4.66 28.38
N ASN H 359 23.12 -5.71 27.87
CA ASN H 359 23.64 -6.43 26.72
C ASN H 359 23.94 -5.48 25.56
N SER H 360 22.87 -4.96 24.96
CA SER H 360 22.92 -4.05 23.82
C SER H 360 23.86 -2.88 24.03
N PHE H 361 23.73 -2.20 25.16
CA PHE H 361 24.57 -1.06 25.44
C PHE H 361 26.04 -1.46 25.54
N THR H 362 26.30 -2.61 26.14
CA THR H 362 27.68 -3.09 26.24
C THR H 362 28.20 -3.23 24.82
N ASN H 363 27.31 -3.66 23.91
CA ASN H 363 27.65 -3.85 22.52
C ASN H 363 28.01 -2.52 21.85
N GLN H 364 27.31 -1.45 22.26
CA GLN H 364 27.53 -0.12 21.71
C GLN H 364 28.85 0.49 22.16
N VAL H 365 29.08 0.48 23.47
CA VAL H 365 30.32 1.01 24.01
C VAL H 365 31.49 0.30 23.34
N MET H 366 31.26 -0.94 22.91
CA MET H 366 32.26 -1.73 22.22
C MET H 366 32.30 -1.25 20.77
N ALA H 367 31.13 -0.95 20.23
CA ALA H 367 31.01 -0.46 18.87
C ALA H 367 31.76 0.85 18.78
N GLN H 368 31.62 1.66 19.83
CA GLN H 368 32.29 2.94 19.91
C GLN H 368 33.81 2.77 19.99
N ILE H 369 34.28 2.02 20.99
CA ILE H 369 35.72 1.78 21.16
C ILE H 369 36.36 1.21 19.89
N GLU H 370 35.58 0.51 19.08
CA GLU H 370 36.09 -0.06 17.84
C GLU H 370 36.31 1.06 16.80
N LEU H 371 35.22 1.67 16.37
CA LEU H 371 35.24 2.76 15.38
C LEU H 371 36.19 3.88 15.79
N TRP H 372 36.20 4.21 17.08
CA TRP H 372 37.07 5.28 17.57
C TRP H 372 38.52 4.84 17.55
N THR H 373 38.83 3.79 18.32
CA THR H 373 40.19 3.28 18.41
C THR H 373 40.77 2.67 17.12
N HIS H 374 40.11 1.67 16.57
CA HIS H 374 40.60 1.03 15.35
C HIS H 374 39.75 1.39 14.14
N PRO H 375 39.94 2.60 13.61
CA PRO H 375 39.20 3.10 12.44
C PRO H 375 39.55 2.38 11.15
N ASP H 376 40.84 2.35 10.82
CA ASP H 376 41.29 1.71 9.59
C ASP H 376 40.85 0.25 9.44
N LYS H 377 40.23 -0.28 10.49
CA LYS H 377 39.72 -1.67 10.52
C LYS H 377 38.27 -1.77 10.00
N TYR H 378 37.61 -0.62 9.89
CA TYR H 378 36.23 -0.55 9.44
C TYR H 378 36.02 0.48 8.33
N PRO H 379 36.12 0.04 7.06
CA PRO H 379 35.93 0.97 5.95
C PRO H 379 34.52 1.54 5.91
N VAL H 380 34.28 2.51 5.02
CA VAL H 380 32.95 3.07 4.89
C VAL H 380 32.12 1.85 4.53
N GLY H 381 30.97 1.70 5.20
CA GLY H 381 30.11 0.56 4.96
C GLY H 381 29.82 0.01 6.32
N VAL H 382 28.69 -0.67 6.48
CA VAL H 382 28.32 -1.22 7.78
C VAL H 382 28.98 -2.56 8.10
N HIS H 383 29.49 -2.66 9.32
CA HIS H 383 30.18 -3.86 9.79
C HIS H 383 29.53 -4.45 11.04
N PHE H 384 30.04 -5.59 11.47
CA PHE H 384 29.53 -6.27 12.65
C PHE H 384 30.62 -6.25 13.71
N LEU H 385 30.30 -6.77 14.90
CA LEU H 385 31.26 -6.83 15.99
C LEU H 385 31.82 -8.25 16.11
N PRO H 386 33.16 -8.40 16.21
CA PRO H 386 33.76 -9.73 16.35
C PRO H 386 32.98 -10.63 17.30
N LYS H 387 32.75 -11.86 16.87
CA LYS H 387 32.02 -12.84 17.67
C LYS H 387 32.64 -12.95 19.06
N LYS H 388 33.96 -12.93 19.11
CA LYS H 388 34.66 -13.03 20.38
C LYS H 388 34.19 -11.94 21.33
N LEU H 389 33.87 -10.77 20.78
CA LEU H 389 33.39 -9.67 21.59
C LEU H 389 31.97 -10.03 22.05
N ASP H 390 31.17 -10.57 21.14
CA ASP H 390 29.80 -10.97 21.44
C ASP H 390 29.73 -11.92 22.62
N GLU H 391 30.60 -12.92 22.62
CA GLU H 391 30.62 -13.90 23.71
C GLU H 391 31.03 -13.20 24.99
N ALA H 392 31.85 -12.16 24.87
CA ALA H 392 32.30 -11.41 26.04
C ALA H 392 31.10 -10.73 26.68
N VAL H 393 30.22 -10.16 25.86
CA VAL H 393 29.02 -9.49 26.34
C VAL H 393 28.17 -10.47 27.15
N ALA H 394 28.07 -11.70 26.64
CA ALA H 394 27.31 -12.72 27.33
C ALA H 394 27.98 -12.99 28.67
N GLU H 395 29.16 -13.61 28.61
CA GLU H 395 29.92 -13.96 29.80
C GLU H 395 29.93 -12.91 30.90
N ALA H 396 29.81 -11.64 30.51
CA ALA H 396 29.82 -10.54 31.46
C ALA H 396 28.56 -10.53 32.32
N HIS H 397 27.48 -11.13 31.81
CA HIS H 397 26.23 -11.15 32.55
C HIS H 397 25.94 -12.50 33.20
N LEU H 398 26.65 -13.53 32.75
CA LEU H 398 26.46 -14.87 33.29
C LEU H 398 26.60 -14.93 34.80
N GLY H 399 27.64 -14.30 35.31
CA GLY H 399 27.85 -14.32 36.74
C GLY H 399 26.72 -13.76 37.56
N LYS H 400 26.20 -12.60 37.19
CA LYS H 400 25.11 -11.99 37.94
C LYS H 400 23.97 -12.97 38.10
N LEU H 401 23.75 -13.78 37.06
CA LEU H 401 22.70 -14.78 37.07
C LEU H 401 23.18 -16.00 37.82
N ASN H 402 24.45 -15.99 38.17
CA ASN H 402 25.06 -17.10 38.89
C ASN H 402 25.07 -18.34 38.01
N VAL H 403 25.12 -18.11 36.69
CA VAL H 403 25.17 -19.21 35.74
C VAL H 403 26.59 -19.76 35.76
N LYS H 404 26.73 -21.06 35.99
CA LYS H 404 28.04 -21.68 36.03
C LYS H 404 28.40 -22.30 34.69
N LEU H 405 29.07 -21.52 33.85
CA LEU H 405 29.47 -21.99 32.53
C LEU H 405 30.41 -23.16 32.73
N THR H 406 30.40 -24.08 31.77
CA THR H 406 31.27 -25.24 31.82
C THR H 406 32.48 -24.91 30.96
N LYS H 407 33.66 -25.31 31.39
CA LYS H 407 34.86 -25.03 30.63
C LYS H 407 35.38 -26.29 29.96
N LEU H 408 35.58 -26.20 28.65
CA LEU H 408 36.08 -27.29 27.84
C LEU H 408 37.44 -27.78 28.34
N THR H 409 37.69 -29.07 28.18
CA THR H 409 38.97 -29.66 28.58
C THR H 409 39.79 -29.61 27.32
N GLU H 410 41.11 -29.62 27.45
CA GLU H 410 41.99 -29.59 26.30
C GLU H 410 41.76 -30.81 25.42
N LYS H 411 41.10 -31.83 25.99
CA LYS H 411 40.78 -33.04 25.23
C LYS H 411 39.54 -32.77 24.38
N GLN H 412 38.57 -32.05 24.94
CA GLN H 412 37.33 -31.70 24.25
C GLN H 412 37.50 -30.52 23.28
N ALA H 413 38.34 -29.57 23.67
CA ALA H 413 38.64 -28.38 22.86
C ALA H 413 39.26 -28.82 21.54
N GLN H 414 40.14 -29.82 21.64
CA GLN H 414 40.83 -30.38 20.48
C GLN H 414 39.79 -31.16 19.67
N TYR H 415 39.10 -32.07 20.34
CA TYR H 415 38.07 -32.86 19.68
C TYR H 415 37.18 -31.89 18.90
N LEU H 416 36.50 -31.01 19.65
CA LEU H 416 35.61 -30.04 19.03
C LEU H 416 36.38 -29.30 17.95
N GLY H 417 37.64 -28.99 18.24
CA GLY H 417 38.47 -28.30 17.27
C GLY H 417 38.38 -26.81 17.45
N MET H 418 37.99 -26.38 18.63
CA MET H 418 37.85 -24.96 18.91
C MET H 418 38.58 -24.60 20.19
N PRO H 419 39.01 -23.33 20.31
CA PRO H 419 39.74 -22.86 21.49
C PRO H 419 38.88 -22.89 22.74
N ILE H 420 39.46 -23.35 23.85
CA ILE H 420 38.71 -23.40 25.11
C ILE H 420 38.03 -22.06 25.33
N ASN H 421 38.56 -21.02 24.71
CA ASN H 421 38.00 -19.68 24.82
C ASN H 421 37.50 -19.13 23.50
N GLY H 422 38.22 -19.45 22.42
CA GLY H 422 37.88 -18.97 21.10
C GLY H 422 36.42 -19.10 20.75
N PRO H 423 35.95 -18.43 19.68
CA PRO H 423 34.54 -18.50 19.28
C PRO H 423 34.10 -19.94 19.26
N PHE H 424 32.98 -20.22 19.93
CA PHE H 424 32.44 -21.58 20.01
C PHE H 424 31.43 -21.84 18.93
N LYS H 425 31.12 -20.82 18.13
CA LYS H 425 30.14 -21.00 17.07
C LYS H 425 30.58 -20.38 15.76
N PRO H 426 30.44 -21.11 14.65
CA PRO H 426 30.84 -20.50 13.38
C PRO H 426 30.03 -19.23 13.20
N ASP H 427 30.37 -18.42 12.21
CA ASP H 427 29.64 -17.18 12.01
C ASP H 427 28.22 -17.43 11.54
N HIS H 428 28.06 -18.31 10.57
CA HIS H 428 26.72 -18.58 10.05
C HIS H 428 25.78 -19.08 11.15
N TYR H 429 26.36 -19.49 12.28
CA TYR H 429 25.60 -20.01 13.42
C TYR H 429 24.50 -19.04 13.84
N ARG H 430 23.27 -19.53 13.90
CA ARG H 430 22.12 -18.72 14.25
C ARG H 430 21.67 -18.70 15.71
N TYR H 431 22.53 -19.17 16.61
CA TYR H 431 22.23 -19.19 18.03
C TYR H 431 20.76 -19.39 18.38
#